data_9N4L
#
_entry.id   9N4L
#
_cell.length_a   1.00
_cell.length_b   1.00
_cell.length_c   1.00
_cell.angle_alpha   90.00
_cell.angle_beta   90.00
_cell.angle_gamma   90.00
#
_symmetry.space_group_name_H-M   'P 1'
#
loop_
_entity.id
_entity.type
_entity.pdbx_description
1 polymer 'Glutamate receptor ionotropic, kainate 2'
2 branched 2-acetamido-2-deoxy-beta-D-glucopyranose-(1-4)-2-acetamido-2-deoxy-beta-D-glucopyranose
3 branched alpha-D-mannopyranose-(1-3)-[alpha-D-mannopyranose-(1-6)]beta-D-mannopyranose-(1-3)-2-acetamido-2-deoxy-beta-D-glucopyranose-(1-4)-2-acetamido-2-deoxy-beta-D-glucopyranose
4 branched alpha-D-mannopyranose-(1-3)-[alpha-D-mannopyranose-(1-6)]beta-D-mannopyranose-(1-4)-2-acetamido-2-deoxy-beta-D-glucopyranose-(1-4)-2-acetamido-2-deoxy-beta-D-glucopyranose
5 non-polymer 2-acetamido-2-deoxy-beta-D-glucopyranose
#
_entity_poly.entity_id   1
_entity_poly.type   'polypeptide(L)'
_entity_poly.pdbx_seq_one_letter_code
;MKIISPVLSNLVFSRSIKVLLCLLWIGYSQGTTHVLRFGGIFEYVESGPMGAEELAFRFAVNTINRNRTLLPNTTLTYDT
QKINLYDSFEASKKACDQLSLGVAAIFGPSHSSSANAVQSICNALGVPHIQTRWKHQVSDNKDSFYVSLYPDFSSLSRAI
LDLVQFFKWKTVTVVYDDSTGLIRLQELIKAPSRYNLRLKIRQLPADTKDAKPLLKEMKRGKEFHVIFDCSHEMAAGILK
QALAMGMMTEYYHYIFTTLDLFALDVEPYRYSGVNMTGFRILNTENTQVSSIIEKWSMERLQAPPKPDSGLLDGFMTTDA
ALMYDAVHVVSVAVQQFPQMTVSSLQCNRHKPWRFGTRFMSLIKEAHWEGLTGRITFNKTNGLRTDFDLDVISLKEEGLE
KIGTWDPASGLNMTESQKGKPANITDSLSNRSLIVTTILEEPYVLFKKSDKPLYGNDRFEGYCIDLLRELSTILGFTYEI
RLVEDGKYGAQDDVNGQWNGMVRELIDHKADLAVAPLAITYVREKVIDFSKPFMTLGISILYRKPNGTNPGVFSFLNPLS
PDIWMYVLLACLGVSCVLFVIARFSPYEWYNPHPCNPDSDVVENNFTLLNSFWFGVGALMQQGSELMPKALSTRIVGGIW
WFFTLIIISSYTANLAAFLTVERMESPIDSADDLAKQTKIEYGAVEDGATMTFFKKSKISTYDKMWAFMSSRRQSVLVKS
NEEGIQRVLTSDYAFLMESTTIEFVTQRNCNLTQIGGLIDSKGYGVGTPMGSPYRDKITIAILQLQEEGKLHMMKEKWWR
GNGCPEEESKEASALGVQNIGGIFIVLAAGLVLSVFVAVGEFLYKSKKNAQLEKRSFCSAMVEELRMSLKCQRRLKHKPQ
APVIVKTEEVINMHTFNDRRLPGKETMA
;
_entity_poly.pdbx_strand_id   A,B,C,D
#
loop_
_chem_comp.id
_chem_comp.type
_chem_comp.name
_chem_comp.formula
BMA D-saccharide, beta linking beta-D-mannopyranose 'C6 H12 O6'
MAN D-saccharide, alpha linking alpha-D-mannopyranose 'C6 H12 O6'
NAG D-saccharide, beta linking 2-acetamido-2-deoxy-beta-D-glucopyranose 'C8 H15 N O6'
#
# COMPACT_ATOMS: atom_id res chain seq x y z
N THR A 33 38.48 26.39 -79.08
CA THR A 33 37.78 27.53 -79.67
C THR A 33 36.45 27.79 -78.95
N HIS A 34 36.06 26.87 -78.08
CA HIS A 34 34.81 27.01 -77.33
C HIS A 34 35.06 27.58 -75.94
N VAL A 35 35.38 28.87 -75.86
CA VAL A 35 35.72 29.51 -74.60
C VAL A 35 34.48 29.65 -73.72
N LEU A 36 34.47 28.93 -72.59
CA LEU A 36 33.38 29.01 -71.62
C LEU A 36 33.64 30.15 -70.65
N ARG A 37 32.56 30.73 -70.12
CA ARG A 37 32.68 31.94 -69.31
C ARG A 37 31.79 31.82 -68.07
N PHE A 38 32.01 30.76 -67.28
CA PHE A 38 31.31 30.53 -66.01
C PHE A 38 31.39 31.74 -65.08
N GLY A 39 30.26 32.37 -64.82
CA GLY A 39 30.20 33.50 -63.92
C GLY A 39 30.28 33.08 -62.46
N GLY A 40 30.01 34.04 -61.59
CA GLY A 40 30.06 33.75 -60.17
C GLY A 40 29.84 35.00 -59.35
N ILE A 41 29.18 34.81 -58.21
CA ILE A 41 28.87 35.91 -57.29
C ILE A 41 29.31 35.50 -55.89
N PHE A 42 30.17 36.29 -55.26
CA PHE A 42 30.81 35.86 -54.03
C PHE A 42 30.85 36.98 -52.99
N GLU A 43 31.55 36.70 -51.89
CA GLU A 43 31.58 37.57 -50.72
C GLU A 43 32.48 38.77 -50.95
N TYR A 44 32.10 39.91 -50.38
CA TYR A 44 32.89 41.14 -50.43
C TYR A 44 33.19 41.55 -49.00
N VAL A 45 34.41 41.26 -48.53
CA VAL A 45 34.72 41.29 -47.11
C VAL A 45 35.55 42.52 -46.72
N GLU A 46 36.43 42.99 -47.61
CA GLU A 46 37.32 44.16 -47.48
C GLU A 46 38.38 44.06 -46.40
N SER A 47 38.41 42.96 -45.63
CA SER A 47 39.35 42.84 -44.53
C SER A 47 40.70 42.33 -45.00
N GLY A 48 40.73 41.11 -45.52
CA GLY A 48 41.96 40.49 -45.96
C GLY A 48 41.83 39.95 -47.37
N PRO A 49 42.09 38.65 -47.53
CA PRO A 49 41.94 38.02 -48.85
C PRO A 49 40.49 37.77 -49.21
N MET A 50 40.27 37.10 -50.34
CA MET A 50 38.93 36.75 -50.78
C MET A 50 38.37 35.63 -49.93
N GLY A 51 37.09 35.30 -50.14
CA GLY A 51 36.43 34.30 -49.32
C GLY A 51 36.94 32.89 -49.57
N ALA A 52 36.47 31.96 -48.73
CA ALA A 52 36.88 30.57 -48.88
C ALA A 52 36.21 29.94 -50.09
N GLU A 53 35.03 30.45 -50.48
CA GLU A 53 34.34 29.92 -51.65
C GLU A 53 34.98 30.42 -52.93
N GLU A 54 35.37 31.69 -52.97
CA GLU A 54 35.90 32.27 -54.21
C GLU A 54 37.29 31.76 -54.51
N LEU A 55 38.07 31.42 -53.47
CA LEU A 55 39.34 30.73 -53.68
C LEU A 55 39.11 29.33 -54.23
N ALA A 56 38.05 28.66 -53.77
CA ALA A 56 37.76 27.32 -54.27
C ALA A 56 37.27 27.36 -55.70
N PHE A 57 36.61 28.45 -56.08
CA PHE A 57 36.13 28.58 -57.46
C PHE A 57 37.26 28.92 -58.40
N ARG A 58 38.25 29.66 -57.93
CA ARG A 58 39.44 29.94 -58.75
C ARG A 58 40.33 28.71 -58.84
N PHE A 59 40.43 27.93 -57.76
CA PHE A 59 41.27 26.74 -57.75
C PHE A 59 40.68 25.64 -58.61
N ALA A 60 39.36 25.60 -58.74
CA ALA A 60 38.71 24.55 -59.51
C ALA A 60 38.87 24.78 -61.00
N VAL A 61 38.83 26.05 -61.44
CA VAL A 61 38.96 26.36 -62.85
C VAL A 61 40.41 26.22 -63.29
N ASN A 62 41.34 26.64 -62.42
CA ASN A 62 42.77 26.54 -62.73
C ASN A 62 43.23 25.08 -62.79
N THR A 63 42.58 24.21 -62.01
CA THR A 63 42.89 22.78 -62.10
C THR A 63 42.32 22.17 -63.37
N ILE A 64 41.11 22.58 -63.76
CA ILE A 64 40.41 21.88 -64.84
C ILE A 64 40.92 22.34 -66.20
N ASN A 65 41.61 23.48 -66.26
CA ASN A 65 42.31 23.84 -67.49
C ASN A 65 43.60 23.06 -67.63
N ARG A 66 44.12 22.56 -66.51
CA ARG A 66 45.43 21.92 -66.47
C ARG A 66 45.35 20.41 -66.64
N ASN A 67 44.31 19.79 -66.08
CA ASN A 67 44.23 18.34 -66.01
C ASN A 67 43.92 17.74 -67.38
N ARG A 68 43.11 18.43 -68.18
CA ARG A 68 42.76 18.10 -69.56
C ARG A 68 42.15 16.71 -69.71
N THR A 69 41.34 16.27 -68.75
CA THR A 69 40.70 14.96 -68.84
C THR A 69 39.19 15.09 -68.86
N LEU A 70 38.65 16.14 -68.25
CA LEU A 70 37.22 16.40 -68.30
C LEU A 70 36.88 17.12 -69.60
N LEU A 71 37.90 17.61 -70.29
CA LEU A 71 37.76 18.38 -71.51
C LEU A 71 39.02 18.24 -72.35
N PRO A 72 38.90 17.88 -73.62
CA PRO A 72 40.09 17.86 -74.48
C PRO A 72 40.65 19.25 -74.75
N ASN A 73 39.82 20.14 -75.30
CA ASN A 73 40.27 21.43 -75.78
C ASN A 73 39.25 22.54 -75.55
N THR A 74 38.63 22.55 -74.37
CA THR A 74 37.54 23.49 -74.09
C THR A 74 37.85 24.25 -72.81
N THR A 75 38.51 25.40 -72.94
CA THR A 75 39.00 26.16 -71.80
C THR A 75 37.87 26.94 -71.14
N LEU A 76 38.06 27.30 -69.87
CA LEU A 76 37.09 28.05 -69.09
C LEU A 76 37.69 29.38 -68.66
N THR A 77 36.83 30.37 -68.44
CA THR A 77 37.27 31.68 -68.00
C THR A 77 36.30 32.21 -66.95
N TYR A 78 36.76 32.23 -65.70
CA TYR A 78 35.92 32.63 -64.58
C TYR A 78 35.71 34.14 -64.60
N ASP A 79 34.52 34.56 -64.15
CA ASP A 79 34.13 35.96 -64.23
C ASP A 79 33.54 36.42 -62.90
N THR A 80 34.25 36.19 -61.80
CA THR A 80 33.76 36.42 -60.45
C THR A 80 33.47 37.89 -60.17
N GLN A 81 32.42 38.13 -59.38
CA GLN A 81 32.06 39.46 -58.89
C GLN A 81 31.63 39.34 -57.44
N LYS A 82 31.56 40.48 -56.76
CA LYS A 82 31.37 40.52 -55.31
C LYS A 82 30.19 41.42 -54.95
N ILE A 83 29.34 40.93 -54.06
CA ILE A 83 28.16 41.66 -53.59
C ILE A 83 28.21 41.74 -52.07
N ASN A 84 27.24 42.45 -51.47
CA ASN A 84 27.20 42.62 -50.03
C ASN A 84 26.71 41.40 -49.27
N LEU A 85 25.87 40.54 -49.89
CA LEU A 85 25.41 39.28 -49.29
C LEU A 85 24.71 39.48 -47.96
N TYR A 86 23.39 39.77 -47.95
CA TYR A 86 22.62 40.80 -47.23
C TYR A 86 22.21 41.96 -48.12
N ASP A 87 22.30 41.80 -49.44
CA ASP A 87 21.74 42.81 -50.36
C ASP A 87 21.22 42.10 -51.61
N SER A 88 19.89 42.03 -51.74
CA SER A 88 19.28 41.27 -52.83
C SER A 88 19.05 42.14 -54.06
N PHE A 89 19.55 43.38 -54.05
CA PHE A 89 19.44 44.21 -55.24
C PHE A 89 20.74 44.24 -56.01
N GLU A 90 21.86 44.35 -55.30
CA GLU A 90 23.16 44.24 -55.96
C GLU A 90 23.40 42.81 -56.42
N ALA A 91 22.81 41.84 -55.73
CA ALA A 91 22.76 40.47 -56.23
C ALA A 91 21.96 40.38 -57.52
N SER A 92 20.90 41.18 -57.62
CA SER A 92 20.09 41.16 -58.84
C SER A 92 20.58 42.16 -59.86
N LYS A 93 21.69 42.83 -59.59
CA LYS A 93 22.24 43.78 -60.56
C LYS A 93 23.60 43.30 -61.07
N LYS A 94 24.40 42.69 -60.19
CA LYS A 94 25.64 42.06 -60.64
C LYS A 94 25.35 40.80 -61.45
N ALA A 95 24.19 40.19 -61.25
CA ALA A 95 23.82 39.04 -62.08
C ALA A 95 23.32 39.47 -63.45
N CYS A 96 22.73 40.66 -63.56
CA CYS A 96 22.42 41.18 -64.88
C CYS A 96 23.66 41.66 -65.62
N ASP A 97 24.74 41.95 -64.89
CA ASP A 97 26.00 42.26 -65.55
C ASP A 97 26.60 41.03 -66.21
N GLN A 98 26.65 39.91 -65.48
CA GLN A 98 27.26 38.70 -66.01
C GLN A 98 26.39 38.07 -67.09
N LEU A 99 25.07 38.17 -66.95
CA LEU A 99 24.17 37.69 -67.99
C LEU A 99 24.28 38.49 -69.28
N SER A 100 24.47 39.81 -69.18
CA SER A 100 24.68 40.63 -70.37
C SER A 100 26.08 40.45 -70.94
N LEU A 101 27.05 40.15 -70.09
CA LEU A 101 28.42 39.94 -70.55
C LEU A 101 28.54 38.57 -71.18
N GLY A 102 27.66 37.64 -70.78
CA GLY A 102 27.63 36.33 -71.39
C GLY A 102 28.23 35.24 -70.52
N VAL A 103 27.38 34.41 -69.90
CA VAL A 103 27.85 33.28 -69.12
C VAL A 103 27.15 32.02 -69.60
N ALA A 104 27.44 30.90 -68.95
CA ALA A 104 26.71 29.66 -69.19
C ALA A 104 26.32 29.02 -67.87
N ALA A 105 26.63 29.72 -66.76
CA ALA A 105 26.27 29.30 -65.40
C ALA A 105 26.41 30.47 -64.46
N ILE A 106 25.70 30.44 -63.34
CA ILE A 106 25.83 31.41 -62.26
C ILE A 106 26.02 30.61 -60.98
N PHE A 107 27.21 30.67 -60.40
CA PHE A 107 27.52 29.77 -59.29
C PHE A 107 27.06 30.29 -57.94
N GLY A 108 26.21 31.31 -57.94
CA GLY A 108 25.28 31.52 -56.86
C GLY A 108 25.84 32.25 -55.66
N PRO A 109 25.08 33.21 -55.15
CA PRO A 109 25.37 33.75 -53.82
C PRO A 109 25.14 32.70 -52.73
N SER A 110 25.66 32.96 -51.55
CA SER A 110 25.64 31.99 -50.46
C SER A 110 24.86 32.53 -49.27
N HIS A 111 23.69 33.09 -49.53
CA HIS A 111 22.83 33.60 -48.49
C HIS A 111 21.38 33.36 -48.91
N SER A 112 20.49 33.24 -47.92
CA SER A 112 19.11 32.84 -48.15
C SER A 112 18.27 33.97 -48.74
N SER A 113 18.82 35.18 -48.83
CA SER A 113 18.06 36.30 -49.39
C SER A 113 18.62 36.70 -50.75
N SER A 114 19.89 36.41 -50.99
CA SER A 114 20.48 36.73 -52.28
C SER A 114 20.37 35.56 -53.25
N ALA A 115 20.03 34.38 -52.74
CA ALA A 115 19.79 33.24 -53.62
C ALA A 115 18.44 33.39 -54.32
N ASN A 116 17.43 33.88 -53.60
CA ASN A 116 16.09 33.99 -54.16
C ASN A 116 16.01 35.05 -55.25
N ALA A 117 16.95 35.99 -55.27
CA ALA A 117 16.89 37.05 -56.28
C ALA A 117 17.58 36.61 -57.57
N VAL A 118 18.68 35.86 -57.44
CA VAL A 118 19.44 35.48 -58.63
C VAL A 118 18.84 34.22 -59.26
N GLN A 119 18.14 33.39 -58.47
CA GLN A 119 17.48 32.22 -59.01
C GLN A 119 16.35 32.60 -59.96
N SER A 120 15.63 33.67 -59.64
CA SER A 120 14.53 34.08 -60.51
C SER A 120 15.03 34.78 -61.76
N ILE A 121 16.24 35.33 -61.72
CA ILE A 121 16.88 35.82 -62.95
C ILE A 121 17.26 34.65 -63.83
N CYS A 122 17.85 33.63 -63.23
CA CYS A 122 18.33 32.47 -63.97
C CYS A 122 17.17 31.62 -64.51
N ASN A 123 16.04 31.62 -63.83
CA ASN A 123 14.84 31.00 -64.41
C ASN A 123 14.32 31.77 -65.60
N ALA A 124 14.28 33.09 -65.53
CA ALA A 124 13.70 33.90 -66.60
C ALA A 124 14.61 34.02 -67.81
N LEU A 125 15.90 33.67 -67.67
CA LEU A 125 16.85 33.82 -68.76
C LEU A 125 17.50 32.51 -69.19
N GLY A 126 17.05 31.37 -68.67
CA GLY A 126 17.53 30.11 -69.18
C GLY A 126 18.74 29.51 -68.48
N VAL A 127 19.74 30.35 -68.23
CA VAL A 127 21.06 30.01 -67.68
C VAL A 127 20.92 29.31 -66.33
N PRO A 128 21.67 28.24 -66.05
CA PRO A 128 21.55 27.57 -64.74
C PRO A 128 22.05 28.39 -63.57
N HIS A 129 21.74 27.93 -62.36
CA HIS A 129 22.02 28.65 -61.11
C HIS A 129 22.58 27.71 -60.06
N ILE A 130 23.71 27.07 -60.36
CA ILE A 130 24.28 26.01 -59.54
C ILE A 130 24.71 26.54 -58.17
N GLN A 131 23.93 26.21 -57.14
CA GLN A 131 24.17 26.72 -55.78
C GLN A 131 25.07 25.79 -55.00
N THR A 132 25.55 26.23 -53.83
CA THR A 132 26.45 25.43 -53.02
C THR A 132 26.13 25.43 -51.53
N ARG A 133 25.07 26.12 -51.10
CA ARG A 133 24.71 26.04 -49.70
C ARG A 133 23.19 26.17 -49.59
N TRP A 134 22.64 25.58 -48.53
CA TRP A 134 21.21 25.36 -48.35
C TRP A 134 20.48 26.69 -48.21
N LYS A 135 19.60 26.98 -49.15
CA LYS A 135 18.61 28.03 -49.00
C LYS A 135 17.30 27.41 -48.55
N HIS A 136 16.39 28.23 -48.04
CA HIS A 136 15.06 27.74 -47.73
C HIS A 136 14.29 27.58 -49.04
N GLN A 137 13.94 26.35 -49.35
CA GLN A 137 13.09 26.11 -50.51
C GLN A 137 11.64 26.42 -50.12
N VAL A 138 10.95 27.18 -50.95
CA VAL A 138 9.68 27.78 -50.58
C VAL A 138 8.58 26.74 -50.77
N SER A 139 8.89 25.69 -51.56
CA SER A 139 8.05 24.53 -51.87
C SER A 139 6.80 24.89 -52.65
N ASP A 140 6.70 26.13 -53.10
CA ASP A 140 5.61 26.60 -53.95
C ASP A 140 6.17 27.46 -55.08
N ASN A 141 7.49 27.61 -55.13
CA ASN A 141 8.15 28.32 -56.21
C ASN A 141 8.48 27.33 -57.32
N LYS A 142 7.97 27.60 -58.51
CA LYS A 142 8.11 26.66 -59.63
C LYS A 142 9.30 27.03 -60.50
N ASP A 143 10.51 26.75 -59.99
CA ASP A 143 11.73 27.00 -60.71
C ASP A 143 12.38 25.69 -61.10
N SER A 144 12.92 25.63 -62.32
CA SER A 144 13.51 24.41 -62.84
C SER A 144 14.89 24.61 -63.45
N PHE A 145 15.57 25.70 -63.08
CA PHE A 145 16.90 26.02 -63.57
C PHE A 145 17.81 26.18 -62.36
N TYR A 146 17.76 25.18 -61.49
CA TYR A 146 18.15 25.30 -60.08
C TYR A 146 18.65 23.97 -59.53
N VAL A 147 19.95 23.89 -59.22
CA VAL A 147 20.50 22.74 -58.53
C VAL A 147 21.29 23.19 -57.31
N SER A 148 21.28 22.36 -56.27
CA SER A 148 21.89 22.69 -54.99
C SER A 148 22.76 21.53 -54.54
N LEU A 149 24.07 21.77 -54.44
CA LEU A 149 24.99 20.69 -54.07
C LEU A 149 25.13 20.52 -52.57
N TYR A 150 24.41 21.29 -51.76
CA TYR A 150 24.49 21.10 -50.32
C TYR A 150 23.54 19.97 -49.98
N PRO A 151 23.90 19.07 -49.05
CA PRO A 151 23.00 17.97 -48.68
C PRO A 151 21.70 18.45 -48.06
N ASP A 152 20.58 18.11 -48.70
CA ASP A 152 19.29 18.67 -48.33
C ASP A 152 18.86 18.16 -46.96
N PHE A 153 18.34 19.08 -46.14
CA PHE A 153 17.98 18.74 -44.77
C PHE A 153 16.65 17.99 -44.64
N SER A 154 16.06 17.54 -45.75
CA SER A 154 15.03 16.53 -45.66
C SER A 154 15.62 15.14 -45.80
N SER A 155 16.95 15.07 -45.97
CA SER A 155 17.63 13.78 -45.98
C SER A 155 18.73 13.74 -44.94
N LEU A 156 19.31 14.88 -44.61
CA LEU A 156 20.34 14.90 -43.57
C LEU A 156 19.71 14.88 -42.18
N SER A 157 18.43 15.23 -42.08
CA SER A 157 17.77 15.21 -40.78
C SER A 157 17.05 13.91 -40.52
N ARG A 158 17.20 12.92 -41.41
CA ARG A 158 16.94 11.54 -41.00
C ARG A 158 18.21 10.90 -40.48
N ALA A 159 19.36 11.46 -40.83
CA ALA A 159 20.62 10.93 -40.32
C ALA A 159 20.83 11.28 -38.86
N ILE A 160 20.47 12.51 -38.46
CA ILE A 160 20.47 12.85 -37.05
C ILE A 160 19.38 12.07 -36.32
N LEU A 161 18.28 11.77 -37.01
CA LEU A 161 17.21 10.99 -36.39
C LEU A 161 17.60 9.52 -36.27
N ASP A 162 18.47 9.01 -37.15
CA ASP A 162 18.89 7.62 -37.02
C ASP A 162 19.93 7.46 -35.94
N LEU A 163 20.68 8.52 -35.62
CA LEU A 163 21.63 8.44 -34.52
C LEU A 163 20.93 8.51 -33.17
N VAL A 164 19.82 9.24 -33.08
CA VAL A 164 19.10 9.31 -31.81
C VAL A 164 18.14 8.14 -31.66
N GLN A 165 18.09 7.25 -32.65
CA GLN A 165 17.40 5.97 -32.47
C GLN A 165 18.39 4.83 -32.37
N PHE A 166 19.65 5.06 -32.77
CA PHE A 166 20.70 4.08 -32.54
C PHE A 166 21.30 4.21 -31.14
N PHE A 167 21.42 5.43 -30.63
CA PHE A 167 21.91 5.66 -29.28
C PHE A 167 20.84 5.49 -28.22
N LYS A 168 19.60 5.24 -28.65
CA LYS A 168 18.44 4.98 -27.79
C LYS A 168 18.18 6.12 -26.81
N TRP A 169 17.97 7.31 -27.33
CA TRP A 169 17.75 8.49 -26.49
C TRP A 169 16.26 8.73 -26.26
N LYS A 170 15.96 9.46 -25.19
CA LYS A 170 14.59 9.89 -24.92
C LYS A 170 14.57 11.35 -24.48
N THR A 171 15.73 11.98 -24.35
CA THR A 171 15.79 13.35 -23.83
C THR A 171 16.65 14.28 -24.67
N VAL A 172 16.46 14.29 -25.99
CA VAL A 172 17.17 15.18 -26.90
C VAL A 172 16.86 16.65 -26.58
N THR A 173 17.84 17.53 -26.82
CA THR A 173 17.74 18.92 -26.41
C THR A 173 18.27 19.82 -27.51
N VAL A 174 17.66 19.75 -28.70
CA VAL A 174 18.02 20.50 -29.90
C VAL A 174 18.27 21.98 -29.65
N VAL A 175 19.47 22.45 -30.01
CA VAL A 175 19.86 23.85 -29.86
C VAL A 175 20.22 24.37 -31.24
N TYR A 176 19.38 25.25 -31.79
CA TYR A 176 19.67 25.81 -33.10
C TYR A 176 20.34 27.17 -32.94
N ASP A 177 20.54 27.88 -34.04
CA ASP A 177 21.28 29.14 -34.00
C ASP A 177 20.43 30.32 -34.42
N ASP A 178 19.76 30.21 -35.56
CA ASP A 178 18.88 31.27 -36.04
C ASP A 178 17.57 30.65 -36.47
N SER A 179 16.57 31.50 -36.72
CA SER A 179 15.21 31.09 -37.02
C SER A 179 15.10 30.27 -38.30
N THR A 180 16.00 30.49 -39.28
CA THR A 180 16.06 29.62 -40.45
C THR A 180 16.50 28.21 -40.07
N GLY A 181 17.30 28.06 -39.01
CA GLY A 181 17.79 26.75 -38.62
C GLY A 181 16.75 25.89 -37.91
N LEU A 182 15.53 26.41 -37.75
CA LEU A 182 14.46 25.59 -37.22
C LEU A 182 13.83 24.76 -38.33
N ILE A 183 14.14 25.10 -39.58
CA ILE A 183 13.64 24.36 -40.74
C ILE A 183 14.63 23.28 -41.17
N ARG A 184 15.92 23.49 -40.91
CA ARG A 184 16.93 22.47 -41.22
C ARG A 184 16.72 21.23 -40.36
N LEU A 185 16.25 21.41 -39.13
CA LEU A 185 15.85 20.27 -38.34
C LEU A 185 14.33 20.10 -38.36
N GLN A 186 13.73 20.02 -39.56
CA GLN A 186 12.28 19.94 -39.64
C GLN A 186 11.79 18.56 -39.23
N GLU A 187 12.30 17.51 -39.89
CA GLU A 187 11.79 16.17 -39.64
C GLU A 187 12.42 15.53 -38.41
N LEU A 188 13.23 16.28 -37.67
CA LEU A 188 13.62 15.91 -36.32
C LEU A 188 12.65 16.46 -35.29
N ILE A 189 12.05 17.63 -35.53
CA ILE A 189 11.07 18.19 -34.62
C ILE A 189 9.76 17.39 -34.65
N LYS A 190 9.42 16.82 -35.80
CA LYS A 190 8.19 16.05 -35.94
C LYS A 190 8.30 14.62 -35.41
N ALA A 191 9.46 14.24 -34.89
CA ALA A 191 9.75 12.88 -34.39
C ALA A 191 9.06 12.44 -33.10
N PRO A 192 8.77 13.32 -32.08
CA PRO A 192 7.95 12.85 -30.95
C PRO A 192 6.53 12.40 -31.29
N SER A 193 6.02 12.80 -32.46
CA SER A 193 4.78 12.24 -32.97
C SER A 193 4.92 10.75 -33.27
N ARG A 194 5.96 10.38 -34.01
CA ARG A 194 6.19 8.99 -34.36
C ARG A 194 6.91 8.22 -33.26
N TYR A 195 8.14 8.63 -32.94
CA TYR A 195 8.97 7.90 -31.98
C TYR A 195 8.69 8.33 -30.55
N ASN A 196 9.36 7.70 -29.59
CA ASN A 196 9.26 8.09 -28.19
C ASN A 196 10.41 8.99 -27.77
N LEU A 197 10.59 10.14 -28.43
CA LEU A 197 11.58 11.11 -28.00
C LEU A 197 10.90 12.15 -27.12
N ARG A 198 11.68 13.07 -26.56
CA ARG A 198 11.12 14.22 -25.86
C ARG A 198 12.05 15.41 -26.04
N LEU A 199 11.75 16.23 -27.05
CA LEU A 199 12.56 17.39 -27.41
C LEU A 199 12.43 18.49 -26.38
N LYS A 200 13.43 19.36 -26.31
CA LYS A 200 13.38 20.49 -25.38
C LYS A 200 14.03 21.71 -26.03
N ILE A 201 13.58 22.04 -27.26
CA ILE A 201 14.19 22.99 -28.19
C ILE A 201 14.58 24.32 -27.56
N ARG A 202 15.84 24.71 -27.73
CA ARG A 202 16.37 25.95 -27.18
C ARG A 202 17.04 26.73 -28.30
N GLN A 203 17.37 27.99 -28.01
CA GLN A 203 17.98 28.87 -28.99
C GLN A 203 19.18 29.57 -28.37
N LEU A 204 20.29 29.62 -29.11
CA LEU A 204 21.45 30.41 -28.70
C LEU A 204 21.07 31.89 -28.68
N PRO A 205 21.69 32.70 -27.78
CA PRO A 205 21.31 34.11 -27.70
C PRO A 205 21.63 34.92 -28.95
N ALA A 206 20.78 35.90 -29.26
CA ALA A 206 20.84 36.62 -30.52
C ALA A 206 22.00 37.61 -30.54
N ASP A 207 23.10 37.19 -31.19
CA ASP A 207 24.30 37.98 -31.45
C ASP A 207 24.93 38.51 -30.16
N THR A 208 25.31 37.61 -29.26
CA THR A 208 26.07 37.98 -28.08
C THR A 208 27.37 37.20 -27.98
N LYS A 209 27.47 36.09 -28.71
CA LYS A 209 28.60 35.15 -28.73
C LYS A 209 28.93 34.60 -27.36
N ASP A 210 27.93 34.50 -26.47
CA ASP A 210 28.15 34.08 -25.09
C ASP A 210 26.97 33.23 -24.63
N ALA A 211 27.14 31.91 -24.72
CA ALA A 211 26.06 30.98 -24.40
C ALA A 211 26.11 30.51 -22.95
N LYS A 212 26.67 31.32 -22.05
CA LYS A 212 26.69 30.94 -20.65
C LYS A 212 25.33 31.02 -19.94
N PRO A 213 24.43 32.00 -20.21
CA PRO A 213 23.08 31.86 -19.63
C PRO A 213 22.27 30.72 -20.21
N LEU A 214 22.64 30.24 -21.39
CA LEU A 214 21.95 29.07 -21.94
C LEU A 214 22.48 27.78 -21.33
N LEU A 215 23.80 27.60 -21.30
CA LEU A 215 24.40 26.36 -20.81
C LEU A 215 24.22 26.20 -19.30
N LYS A 216 23.99 27.29 -18.58
CA LYS A 216 23.67 27.18 -17.16
C LYS A 216 22.26 26.61 -16.97
N GLU A 217 21.35 26.91 -17.89
CA GLU A 217 20.02 26.32 -17.84
C GLU A 217 20.04 24.88 -18.36
N MET A 218 21.03 24.54 -19.17
CA MET A 218 21.12 23.18 -19.69
C MET A 218 21.70 22.22 -18.66
N LYS A 219 22.60 22.72 -17.80
CA LYS A 219 23.09 21.91 -16.69
C LYS A 219 22.04 21.73 -15.61
N ARG A 220 21.38 22.83 -15.21
CA ARG A 220 20.38 22.80 -14.17
C ARG A 220 19.15 21.98 -14.53
N GLY A 221 18.81 21.91 -15.82
CA GLY A 221 17.70 21.10 -16.26
C GLY A 221 18.01 19.64 -16.51
N LYS A 222 19.23 19.20 -16.19
CA LYS A 222 19.72 17.83 -16.36
C LYS A 222 19.61 17.35 -17.80
N GLU A 223 20.25 18.09 -18.71
CA GLU A 223 20.14 17.85 -20.15
C GLU A 223 21.48 17.33 -20.66
N PHE A 224 21.55 16.03 -20.92
CA PHE A 224 22.82 15.38 -21.20
C PHE A 224 23.03 15.11 -22.69
N HIS A 225 21.96 15.05 -23.47
CA HIS A 225 22.05 14.67 -24.87
C HIS A 225 21.64 15.85 -25.73
N VAL A 226 22.61 16.46 -26.40
CA VAL A 226 22.39 17.76 -27.06
C VAL A 226 22.64 17.66 -28.55
N ILE A 227 21.69 18.10 -29.36
CA ILE A 227 21.87 18.20 -30.81
C ILE A 227 22.05 19.66 -31.18
N PHE A 228 23.29 20.08 -31.44
CA PHE A 228 23.49 21.47 -31.87
C PHE A 228 23.17 21.64 -33.34
N ASP A 229 22.80 22.86 -33.74
CA ASP A 229 22.63 23.23 -35.13
C ASP A 229 23.30 24.59 -35.36
N CYS A 230 24.59 24.58 -35.67
CA CYS A 230 25.37 25.80 -35.78
C CYS A 230 26.16 25.81 -37.08
N SER A 231 27.09 26.75 -37.20
CA SER A 231 28.16 26.63 -38.17
C SER A 231 29.35 25.94 -37.51
N HIS A 232 30.47 25.89 -38.22
CA HIS A 232 31.68 25.33 -37.61
C HIS A 232 32.50 26.41 -36.93
N GLU A 233 32.00 27.66 -36.96
CA GLU A 233 32.69 28.74 -36.27
C GLU A 233 32.07 28.99 -34.91
N MET A 234 30.80 28.65 -34.75
CA MET A 234 30.17 28.82 -33.45
C MET A 234 30.12 27.52 -32.68
N ALA A 235 30.34 26.38 -33.35
CA ALA A 235 30.43 25.12 -32.63
C ALA A 235 31.77 24.98 -31.93
N ALA A 236 32.75 25.82 -32.29
CA ALA A 236 33.97 25.92 -31.53
C ALA A 236 33.84 26.97 -30.44
N GLY A 237 32.78 27.78 -30.51
CA GLY A 237 32.61 28.86 -29.55
C GLY A 237 31.69 28.48 -28.40
N ILE A 238 30.88 27.45 -28.59
CA ILE A 238 30.04 26.97 -27.49
C ILE A 238 30.50 25.59 -27.05
N LEU A 239 31.75 25.24 -27.32
CA LEU A 239 32.41 24.16 -26.59
C LEU A 239 33.51 24.73 -25.71
N LYS A 240 34.04 25.89 -26.09
CA LYS A 240 34.94 26.63 -25.20
C LYS A 240 34.18 27.21 -24.02
N GLN A 241 32.87 27.42 -24.18
CA GLN A 241 32.04 27.84 -23.07
C GLN A 241 31.30 26.67 -22.44
N ALA A 242 31.33 25.49 -23.08
CA ALA A 242 30.80 24.30 -22.42
C ALA A 242 31.88 23.59 -21.62
N LEU A 243 33.11 24.11 -21.69
CA LEU A 243 34.20 23.57 -20.89
C LEU A 243 34.42 24.41 -19.65
N ALA A 244 34.24 25.73 -19.77
CA ALA A 244 34.34 26.61 -18.61
C ALA A 244 33.16 26.42 -17.66
N MET A 245 32.03 25.95 -18.18
CA MET A 245 30.90 25.57 -17.35
C MET A 245 31.05 24.18 -16.75
N GLY A 246 32.06 23.44 -17.17
CA GLY A 246 32.27 22.11 -16.64
C GLY A 246 31.28 21.10 -17.18
N MET A 247 30.80 21.32 -18.40
CA MET A 247 29.88 20.41 -19.05
C MET A 247 30.55 19.46 -20.01
N MET A 248 31.87 19.37 -20.02
CA MET A 248 32.56 18.38 -20.84
C MET A 248 32.99 17.20 -19.97
N THR A 249 32.00 16.52 -19.40
CA THR A 249 32.24 15.38 -18.52
C THR A 249 32.19 14.09 -19.35
N GLU A 250 32.12 12.93 -18.69
CA GLU A 250 31.88 11.68 -19.40
C GLU A 250 30.39 11.36 -19.50
N TYR A 251 29.52 12.28 -19.11
CA TYR A 251 28.09 12.12 -19.24
C TYR A 251 27.53 12.73 -20.52
N TYR A 252 27.94 13.96 -20.84
CA TYR A 252 27.33 14.75 -21.89
C TYR A 252 27.69 14.21 -23.26
N HIS A 253 26.67 13.93 -24.07
CA HIS A 253 26.85 13.59 -25.48
C HIS A 253 26.59 14.86 -26.28
N TYR A 254 27.12 14.93 -27.50
CA TYR A 254 26.87 16.10 -28.34
C TYR A 254 26.82 15.75 -29.82
N ILE A 255 25.65 15.56 -30.39
CA ILE A 255 25.56 15.33 -31.83
C ILE A 255 25.57 16.67 -32.53
N PHE A 256 26.57 16.91 -33.37
CA PHE A 256 26.60 18.15 -34.14
C PHE A 256 25.92 17.95 -35.48
N THR A 257 25.54 19.05 -36.11
CA THR A 257 24.84 19.02 -37.39
C THR A 257 25.78 19.38 -38.53
N THR A 258 26.82 20.16 -38.22
CA THR A 258 27.79 20.70 -39.16
C THR A 258 28.51 19.58 -39.89
N LEU A 259 28.77 19.78 -41.18
CA LEU A 259 29.51 18.79 -41.96
C LEU A 259 31.00 19.12 -41.90
N ASP A 260 31.34 20.17 -41.15
CA ASP A 260 32.74 20.54 -40.92
C ASP A 260 33.17 20.26 -39.50
N LEU A 261 32.72 19.17 -38.89
CA LEU A 261 33.11 18.88 -37.51
C LEU A 261 34.56 18.40 -37.47
N PHE A 262 35.06 17.87 -38.59
CA PHE A 262 36.43 17.37 -38.66
C PHE A 262 37.44 18.50 -38.56
N ALA A 263 37.05 19.73 -38.88
CA ALA A 263 37.92 20.90 -38.72
C ALA A 263 37.68 21.57 -37.37
N LEU A 264 37.73 20.79 -36.28
CA LEU A 264 37.62 21.31 -34.92
C LEU A 264 38.93 21.06 -34.17
N ASP A 265 39.38 22.05 -33.41
CA ASP A 265 40.49 21.82 -32.50
C ASP A 265 39.96 21.02 -31.32
N VAL A 266 40.11 19.70 -31.40
CA VAL A 266 39.47 18.79 -30.46
C VAL A 266 40.49 18.25 -29.46
N GLU A 267 41.71 18.81 -29.49
CA GLU A 267 42.77 18.43 -28.57
C GLU A 267 42.48 18.72 -27.10
N PRO A 268 41.88 19.87 -26.67
CA PRO A 268 41.53 19.99 -25.25
C PRO A 268 40.38 19.09 -24.81
N TYR A 269 39.54 18.63 -25.75
CA TYR A 269 38.36 17.88 -25.41
C TYR A 269 38.57 16.38 -25.57
N ARG A 270 39.73 15.96 -26.07
CA ARG A 270 39.99 14.57 -26.42
C ARG A 270 40.05 13.66 -25.21
N TYR A 271 40.59 14.14 -24.09
CA TYR A 271 40.77 13.31 -22.90
C TYR A 271 39.62 13.42 -21.91
N SER A 272 38.62 14.28 -22.18
CA SER A 272 37.59 14.59 -21.20
C SER A 272 36.67 13.41 -20.92
N GLY A 273 36.12 12.81 -21.97
CA GLY A 273 35.15 11.75 -21.80
C GLY A 273 33.89 12.00 -22.59
N VAL A 274 33.81 13.13 -23.29
CA VAL A 274 32.67 13.46 -24.12
C VAL A 274 32.61 12.58 -25.35
N ASN A 275 31.50 12.67 -26.07
CA ASN A 275 31.14 11.74 -27.12
C ASN A 275 30.71 12.49 -28.37
N MET A 276 31.52 13.44 -28.85
CA MET A 276 31.11 14.39 -29.87
C MET A 276 30.92 13.70 -31.22
N THR A 277 29.69 13.26 -31.49
CA THR A 277 29.39 12.57 -32.73
C THR A 277 29.02 13.63 -33.76
N GLY A 278 29.09 13.32 -35.05
CA GLY A 278 28.72 14.27 -36.07
C GLY A 278 28.65 13.61 -37.43
N PHE A 279 28.78 14.41 -38.47
CA PHE A 279 28.76 13.87 -39.82
C PHE A 279 29.86 14.52 -40.65
N ARG A 280 30.24 13.87 -41.74
CA ARG A 280 31.33 14.34 -42.58
C ARG A 280 31.15 13.78 -43.97
N ILE A 281 30.80 14.63 -44.93
CA ILE A 281 30.60 14.19 -46.30
C ILE A 281 31.92 14.24 -47.09
N LEU A 282 32.87 15.06 -46.65
CA LEU A 282 34.16 15.19 -47.32
C LEU A 282 34.99 13.94 -47.07
N ASN A 283 35.24 13.16 -48.13
CA ASN A 283 35.96 11.90 -47.99
C ASN A 283 37.46 12.12 -47.81
N THR A 284 37.88 12.34 -46.57
CA THR A 284 39.29 12.58 -46.27
C THR A 284 40.09 11.28 -46.18
N GLU A 285 39.46 10.13 -46.43
CA GLU A 285 40.17 8.86 -46.41
C GLU A 285 40.42 8.35 -47.83
N ASN A 286 39.92 9.06 -48.84
CA ASN A 286 40.20 8.69 -50.22
C ASN A 286 41.58 9.20 -50.60
N THR A 287 42.21 8.57 -51.60
CA THR A 287 43.57 8.92 -51.96
C THR A 287 43.61 10.21 -52.78
N GLN A 288 42.74 10.33 -53.78
CA GLN A 288 42.76 11.49 -54.67
C GLN A 288 42.28 12.75 -53.95
N VAL A 289 41.36 12.59 -53.01
CA VAL A 289 40.78 13.73 -52.30
C VAL A 289 41.79 14.33 -51.33
N SER A 290 42.56 13.46 -50.67
CA SER A 290 43.52 13.94 -49.68
C SER A 290 44.70 14.64 -50.33
N SER A 291 44.95 14.36 -51.62
CA SER A 291 45.98 15.07 -52.35
C SER A 291 45.55 16.50 -52.66
N ILE A 292 44.25 16.70 -52.92
CA ILE A 292 43.75 18.02 -53.30
C ILE A 292 43.60 18.90 -52.06
N ILE A 293 43.26 18.30 -50.92
CA ILE A 293 43.18 19.05 -49.67
C ILE A 293 44.57 19.50 -49.24
N GLU A 294 45.59 18.69 -49.49
CA GLU A 294 46.97 19.12 -49.22
C GLU A 294 47.41 20.18 -50.22
N LYS A 295 46.91 20.14 -51.45
CA LYS A 295 47.17 21.23 -52.38
C LYS A 295 46.33 22.45 -52.07
N TRP A 296 45.22 22.27 -51.35
CA TRP A 296 44.42 23.42 -50.92
C TRP A 296 45.14 24.22 -49.85
N SER A 297 45.86 23.54 -48.95
CA SER A 297 46.53 24.24 -47.86
C SER A 297 47.77 24.99 -48.33
N MET A 298 48.23 24.72 -49.55
CA MET A 298 49.39 25.43 -50.08
C MET A 298 49.04 26.83 -50.57
N GLU A 299 47.88 27.00 -51.19
CA GLU A 299 47.52 28.30 -51.78
C GLU A 299 47.12 29.31 -50.71
N ARG A 300 46.16 28.95 -49.86
CA ARG A 300 45.85 29.84 -48.74
C ARG A 300 46.63 29.45 -47.49
N LEU A 301 47.93 29.25 -47.65
CA LEU A 301 48.85 29.09 -46.52
C LEU A 301 48.95 30.38 -45.71
N GLN A 302 48.80 31.53 -46.37
CA GLN A 302 48.78 32.82 -45.72
C GLN A 302 47.46 33.00 -44.99
N ALA A 303 47.42 33.98 -44.08
CA ALA A 303 46.28 34.40 -43.26
C ALA A 303 45.68 33.25 -42.46
N PRO A 304 46.35 32.79 -41.39
CA PRO A 304 45.77 31.73 -40.56
C PRO A 304 44.57 32.26 -39.78
N PRO A 305 43.39 31.65 -39.96
CA PRO A 305 42.18 32.21 -39.36
C PRO A 305 42.07 32.01 -37.85
N LYS A 306 42.36 33.09 -37.10
CA LYS A 306 42.17 33.30 -35.67
C LYS A 306 42.66 32.13 -34.82
N PRO A 307 43.98 32.00 -34.58
CA PRO A 307 44.47 30.85 -33.81
C PRO A 307 44.27 30.98 -32.30
N ASP A 308 43.08 31.42 -31.87
CA ASP A 308 42.67 31.38 -30.47
C ASP A 308 41.19 31.00 -30.44
N SER A 309 40.59 30.85 -31.62
CA SER A 309 39.16 30.58 -31.73
C SER A 309 38.85 29.12 -31.42
N GLY A 310 39.68 28.20 -31.91
CA GLY A 310 39.43 26.79 -31.71
C GLY A 310 39.24 26.02 -33.01
N LEU A 311 39.87 26.48 -34.09
CA LEU A 311 39.82 25.78 -35.36
C LEU A 311 41.23 25.33 -35.74
N LEU A 312 41.32 24.30 -36.59
CA LEU A 312 42.62 23.81 -37.03
C LEU A 312 43.17 24.69 -38.14
N ASP A 313 44.46 24.53 -38.45
CA ASP A 313 45.20 25.47 -39.27
C ASP A 313 44.80 25.36 -40.73
N GLY A 314 45.08 24.22 -41.36
CA GLY A 314 44.73 24.08 -42.76
C GLY A 314 43.82 22.90 -43.07
N PHE A 315 42.56 23.22 -43.37
CA PHE A 315 41.56 22.25 -43.81
C PHE A 315 40.57 22.96 -44.73
N MET A 316 39.99 22.20 -45.66
CA MET A 316 39.03 22.75 -46.60
C MET A 316 37.62 22.48 -46.09
N THR A 317 36.90 23.55 -45.76
CA THR A 317 35.54 23.46 -45.23
C THR A 317 34.57 22.94 -46.29
N THR A 318 33.41 22.42 -45.87
CA THR A 318 32.48 21.84 -46.82
C THR A 318 31.65 22.90 -47.54
N ASP A 319 31.80 24.18 -47.16
CA ASP A 319 31.19 25.24 -47.94
C ASP A 319 32.10 25.66 -49.08
N ALA A 320 33.34 25.14 -49.09
CA ALA A 320 34.24 25.39 -50.20
C ALA A 320 34.54 24.11 -50.96
N ALA A 321 34.33 22.95 -50.34
CA ALA A 321 34.48 21.70 -51.06
C ALA A 321 33.36 21.51 -52.07
N LEU A 322 32.18 22.03 -51.76
CA LEU A 322 31.05 21.93 -52.69
C LEU A 322 31.19 22.92 -53.84
N MET A 323 31.88 24.04 -53.61
CA MET A 323 32.15 24.96 -54.71
C MET A 323 33.22 24.41 -55.63
N TYR A 324 34.12 23.59 -55.10
CA TYR A 324 35.05 22.87 -55.96
C TYR A 324 34.32 21.80 -56.77
N ASP A 325 33.35 21.13 -56.15
CA ASP A 325 32.61 20.08 -56.85
C ASP A 325 31.63 20.67 -57.86
N ALA A 326 31.13 21.88 -57.62
CA ALA A 326 30.11 22.45 -58.50
C ALA A 326 30.70 22.85 -59.84
N VAL A 327 32.01 23.05 -59.91
CA VAL A 327 32.64 23.35 -61.18
C VAL A 327 32.84 22.06 -61.99
N HIS A 328 33.09 20.95 -61.29
CA HIS A 328 33.37 19.70 -61.99
C HIS A 328 32.09 19.04 -62.50
N VAL A 329 30.98 19.18 -61.77
CA VAL A 329 29.72 18.58 -62.20
C VAL A 329 29.23 19.23 -63.49
N VAL A 330 29.37 20.55 -63.59
CA VAL A 330 29.02 21.26 -64.81
C VAL A 330 30.06 20.99 -65.89
N SER A 331 31.30 20.71 -65.49
CA SER A 331 32.34 20.35 -66.47
C SER A 331 32.07 18.99 -67.10
N VAL A 332 31.36 18.11 -66.39
CA VAL A 332 30.87 16.88 -67.00
C VAL A 332 29.78 17.21 -68.01
N ALA A 333 28.95 18.21 -67.71
CA ALA A 333 27.80 18.51 -68.57
C ALA A 333 28.22 19.24 -69.84
N VAL A 334 29.32 19.99 -69.80
CA VAL A 334 29.80 20.64 -71.02
C VAL A 334 30.62 19.68 -71.85
N GLN A 335 31.06 18.57 -71.24
CA GLN A 335 31.77 17.53 -71.97
C GLN A 335 30.79 16.76 -72.86
N GLN A 336 29.56 16.59 -72.38
CA GLN A 336 28.54 15.85 -73.11
C GLN A 336 27.76 16.75 -74.07
N PHE A 337 28.16 18.02 -74.19
CA PHE A 337 27.48 18.95 -75.09
C PHE A 337 28.55 19.78 -75.80
N PRO A 338 29.12 19.25 -76.89
CA PRO A 338 30.32 19.89 -77.48
C PRO A 338 29.98 21.07 -78.37
N GLN A 339 28.69 21.28 -78.63
CA GLN A 339 28.26 22.32 -79.56
C GLN A 339 27.80 23.56 -78.81
N MET A 340 28.46 23.89 -77.71
CA MET A 340 28.03 25.01 -76.87
C MET A 340 28.75 26.29 -77.26
N THR A 341 27.96 27.33 -77.52
CA THR A 341 28.45 28.69 -77.61
C THR A 341 27.90 29.47 -76.42
N VAL A 342 28.36 30.71 -76.24
CA VAL A 342 27.88 31.55 -75.14
C VAL A 342 27.24 32.80 -75.72
N SER A 343 25.96 33.01 -75.43
CA SER A 343 25.22 34.15 -75.94
C SER A 343 25.14 35.26 -74.90
N SER A 344 24.92 36.49 -75.36
CA SER A 344 24.82 37.64 -74.48
C SER A 344 23.37 38.04 -74.26
N LEU A 345 22.83 37.78 -73.06
CA LEU A 345 21.41 37.99 -72.79
C LEU A 345 21.20 39.21 -71.92
N GLN A 346 20.58 40.23 -72.48
CA GLN A 346 20.14 41.39 -71.71
C GLN A 346 18.95 41.00 -70.84
N CYS A 347 18.97 41.39 -69.57
CA CYS A 347 17.89 41.01 -68.65
C CYS A 347 16.74 42.00 -68.69
N ASN A 348 16.80 43.01 -69.56
CA ASN A 348 15.67 43.90 -69.77
C ASN A 348 14.68 43.29 -70.76
N ARG A 349 15.18 42.72 -71.85
CA ARG A 349 14.36 41.94 -72.78
C ARG A 349 14.24 40.51 -72.28
N HIS A 350 13.01 40.06 -72.03
CA HIS A 350 12.76 38.73 -71.50
C HIS A 350 12.97 37.70 -72.60
N LYS A 351 14.23 37.29 -72.79
CA LYS A 351 14.61 36.33 -73.82
C LYS A 351 15.29 35.13 -73.17
N PRO A 352 14.72 33.93 -73.29
CA PRO A 352 15.41 32.74 -72.78
C PRO A 352 16.64 32.40 -73.60
N TRP A 353 17.70 31.94 -72.93
CA TRP A 353 18.92 31.51 -73.60
C TRP A 353 18.63 30.25 -74.41
N ARG A 354 19.32 30.12 -75.55
CA ARG A 354 18.91 29.28 -76.67
C ARG A 354 18.83 27.79 -76.31
N PHE A 355 19.97 27.17 -76.03
CA PHE A 355 19.98 25.81 -75.48
C PHE A 355 20.11 25.78 -73.96
N GLY A 356 19.28 26.54 -73.25
CA GLY A 356 19.32 26.49 -71.81
C GLY A 356 18.50 25.35 -71.24
N THR A 357 17.50 24.90 -72.00
CA THR A 357 16.63 23.81 -71.53
C THR A 357 17.36 22.47 -71.58
N ARG A 358 18.11 22.22 -72.65
CA ARG A 358 18.81 20.95 -72.80
C ARG A 358 20.00 20.86 -71.85
N PHE A 359 20.74 21.96 -71.71
CA PHE A 359 21.94 21.95 -70.87
C PHE A 359 21.59 21.85 -69.40
N MET A 360 20.38 22.27 -69.03
CA MET A 360 19.94 22.08 -67.65
C MET A 360 19.66 20.61 -67.37
N SER A 361 19.25 19.86 -68.40
CA SER A 361 18.97 18.44 -68.21
C SER A 361 20.26 17.62 -68.22
N LEU A 362 21.37 18.23 -68.62
CA LEU A 362 22.65 17.53 -68.59
C LEU A 362 23.36 17.73 -67.26
N ILE A 363 23.19 18.90 -66.64
CA ILE A 363 23.69 19.12 -65.29
C ILE A 363 22.94 18.27 -64.29
N LYS A 364 21.61 18.22 -64.40
CA LYS A 364 20.77 17.57 -63.42
C LYS A 364 20.81 16.05 -63.56
N GLU A 365 21.34 15.53 -64.67
CA GLU A 365 21.52 14.10 -64.87
C GLU A 365 22.99 13.73 -65.02
N ALA A 366 23.85 14.30 -64.19
CA ALA A 366 25.28 14.06 -64.26
C ALA A 366 25.76 13.38 -62.97
N HIS A 367 26.68 12.42 -63.15
CA HIS A 367 27.30 11.74 -62.03
C HIS A 367 28.78 12.10 -62.01
N TRP A 368 29.28 12.42 -60.81
CA TRP A 368 30.68 12.75 -60.63
C TRP A 368 31.09 12.51 -59.17
N GLU A 369 31.96 11.54 -58.95
CA GLU A 369 32.41 11.25 -57.59
C GLU A 369 33.51 12.22 -57.21
N GLY A 370 33.12 13.42 -56.79
CA GLY A 370 34.07 14.48 -56.46
C GLY A 370 34.66 14.32 -55.08
N LEU A 371 34.87 15.44 -54.39
CA LEU A 371 35.52 15.37 -53.08
C LEU A 371 34.51 15.12 -51.98
N THR A 372 33.23 15.27 -52.27
CA THR A 372 32.19 15.11 -51.27
C THR A 372 31.31 13.90 -51.56
N GLY A 373 31.95 12.79 -51.92
CA GLY A 373 31.23 11.58 -52.24
C GLY A 373 30.73 11.60 -53.67
N ARG A 374 29.79 10.70 -53.95
CA ARG A 374 29.17 10.64 -55.25
C ARG A 374 28.14 11.75 -55.34
N ILE A 375 28.02 12.36 -56.52
CA ILE A 375 27.14 13.50 -56.72
C ILE A 375 26.10 13.12 -57.76
N THR A 376 24.85 13.03 -57.34
CA THR A 376 23.74 12.81 -58.26
C THR A 376 22.54 13.60 -57.72
N PHE A 377 21.81 14.23 -58.63
CA PHE A 377 20.74 15.13 -58.22
C PHE A 377 19.40 14.44 -58.33
N ASN A 378 18.45 14.91 -57.53
CA ASN A 378 17.09 14.40 -57.57
C ASN A 378 16.42 14.98 -58.81
N LYS A 379 15.75 14.13 -59.58
CA LYS A 379 15.20 14.58 -60.85
C LYS A 379 13.87 15.30 -60.70
N THR A 380 13.24 15.19 -59.52
CA THR A 380 12.02 15.96 -59.26
C THR A 380 12.36 17.41 -59.01
N ASN A 381 13.13 17.68 -57.95
CA ASN A 381 13.66 19.01 -57.67
C ASN A 381 15.17 18.93 -57.51
N GLY A 382 15.87 19.97 -57.98
CA GLY A 382 17.32 19.92 -58.06
C GLY A 382 18.04 19.99 -56.73
N LEU A 383 17.95 18.92 -55.94
CA LEU A 383 18.61 18.85 -54.65
C LEU A 383 19.46 17.59 -54.59
N ARG A 384 20.37 17.52 -53.62
CA ARG A 384 21.07 16.27 -53.33
C ARG A 384 20.37 15.54 -52.21
N THR A 385 19.76 14.41 -52.52
CA THR A 385 19.19 13.52 -51.53
C THR A 385 19.71 12.10 -51.67
N ASP A 386 20.84 11.92 -52.34
CA ASP A 386 21.38 10.59 -52.60
C ASP A 386 22.88 10.60 -52.30
N PHE A 387 23.23 11.15 -51.15
CA PHE A 387 24.62 11.40 -50.77
C PHE A 387 25.07 10.38 -49.72
N ASP A 388 26.37 10.38 -49.40
CA ASP A 388 26.95 9.38 -48.51
C ASP A 388 27.76 10.09 -47.43
N LEU A 389 27.26 10.08 -46.20
CA LEU A 389 28.04 10.64 -45.11
C LEU A 389 29.11 9.65 -44.65
N ASP A 390 29.92 10.09 -43.69
CA ASP A 390 30.83 9.26 -42.93
C ASP A 390 30.72 9.74 -41.49
N VAL A 391 29.92 9.04 -40.68
CA VAL A 391 29.65 9.50 -39.32
C VAL A 391 30.88 9.31 -38.43
N ILE A 392 31.34 10.41 -37.84
CA ILE A 392 32.57 10.42 -37.06
C ILE A 392 32.23 10.69 -35.60
N SER A 393 33.14 10.34 -34.71
CA SER A 393 32.93 10.53 -33.28
C SER A 393 34.26 10.85 -32.61
N LEU A 394 34.21 11.25 -31.34
CA LEU A 394 35.40 11.61 -30.58
C LEU A 394 35.86 10.44 -29.74
N LYS A 395 37.01 9.90 -30.09
CA LYS A 395 37.71 8.90 -29.28
C LYS A 395 39.03 9.49 -28.83
N GLU A 396 39.79 8.75 -28.04
CA GLU A 396 40.98 9.30 -27.41
C GLU A 396 42.19 9.19 -28.33
N GLU A 397 42.02 9.57 -29.60
CA GLU A 397 43.10 9.89 -30.52
C GLU A 397 42.69 10.99 -31.49
N GLY A 398 41.48 11.52 -31.31
CA GLY A 398 40.92 12.51 -32.22
C GLY A 398 39.55 12.12 -32.74
N LEU A 399 39.22 12.55 -33.96
CA LEU A 399 37.94 12.26 -34.59
C LEU A 399 38.14 11.21 -35.67
N GLU A 400 37.56 10.03 -35.47
CA GLU A 400 37.69 8.94 -36.43
C GLU A 400 36.33 8.44 -36.89
N LYS A 401 36.29 8.02 -38.16
CA LYS A 401 35.12 7.40 -38.78
C LYS A 401 34.74 6.11 -38.08
N ILE A 402 33.46 6.01 -37.67
CA ILE A 402 32.99 4.82 -36.95
C ILE A 402 31.80 4.20 -37.68
N GLY A 403 31.44 4.74 -38.83
CA GLY A 403 30.30 4.19 -39.55
C GLY A 403 30.12 4.87 -40.90
N THR A 404 28.92 4.73 -41.44
CA THR A 404 28.57 5.23 -42.77
C THR A 404 27.05 5.38 -42.88
N TRP A 405 26.58 6.51 -43.38
CA TRP A 405 25.15 6.69 -43.64
C TRP A 405 24.89 6.48 -45.12
N ASP A 406 23.62 6.37 -45.50
CA ASP A 406 23.13 6.21 -46.87
C ASP A 406 21.62 6.42 -46.81
N PRO A 407 21.00 7.02 -47.84
CA PRO A 407 19.55 7.26 -47.79
C PRO A 407 18.75 5.98 -47.92
N ALA A 408 19.15 5.10 -48.84
CA ALA A 408 18.45 3.85 -49.05
C ALA A 408 18.73 2.85 -47.94
N SER A 409 19.98 2.81 -47.48
CA SER A 409 20.41 1.79 -46.52
C SER A 409 20.06 2.15 -45.09
N GLY A 410 20.49 3.32 -44.64
CA GLY A 410 20.43 3.62 -43.23
C GLY A 410 21.82 3.56 -42.64
N LEU A 411 21.90 3.47 -41.31
CA LEU A 411 23.19 3.40 -40.64
C LEU A 411 23.92 2.09 -40.91
N ASN A 412 25.13 2.22 -41.44
CA ASN A 412 26.05 1.11 -41.69
C ASN A 412 27.08 1.14 -40.57
N MET A 413 26.64 1.54 -39.37
CA MET A 413 27.50 1.96 -38.28
C MET A 413 28.11 0.73 -37.61
N THR A 414 28.97 0.95 -36.60
CA THR A 414 29.75 -0.08 -35.90
C THR A 414 30.64 -0.80 -36.91
N GLU A 415 31.68 -0.11 -37.36
CA GLU A 415 32.60 -0.50 -38.44
C GLU A 415 33.30 -1.85 -38.20
N SER A 416 33.46 -2.23 -36.92
CA SER A 416 34.23 -3.38 -36.49
C SER A 416 33.81 -3.70 -35.06
N GLN A 417 34.56 -4.58 -34.40
CA GLN A 417 34.12 -5.09 -33.10
C GLN A 417 34.23 -4.06 -31.98
N LYS A 418 35.46 -3.67 -31.63
CA LYS A 418 35.69 -2.84 -30.46
C LYS A 418 37.08 -2.22 -30.45
N GLY A 419 37.45 -1.57 -29.35
CA GLY A 419 38.79 -1.04 -29.16
C GLY A 419 39.39 -1.45 -27.84
N LYS A 420 40.71 -1.52 -27.77
CA LYS A 420 41.39 -1.98 -26.56
C LYS A 420 42.78 -1.36 -26.45
N PRO A 421 43.18 -0.90 -25.26
CA PRO A 421 44.52 -0.32 -25.12
C PRO A 421 45.58 -1.31 -24.65
N ALA A 422 46.84 -1.00 -24.94
CA ALA A 422 48.00 -1.72 -24.45
C ALA A 422 49.17 -0.75 -24.49
N ASN A 423 50.27 -1.14 -23.84
CA ASN A 423 51.39 -0.25 -23.49
C ASN A 423 50.84 0.98 -22.77
N ILE A 424 50.32 0.75 -21.57
CA ILE A 424 49.11 1.34 -21.00
C ILE A 424 48.92 2.85 -21.20
N THR A 425 49.86 3.66 -20.68
CA THR A 425 49.76 5.12 -20.72
C THR A 425 51.16 5.74 -20.71
N ASP A 426 51.23 7.03 -20.99
CA ASP A 426 52.37 7.87 -20.59
C ASP A 426 51.89 9.30 -20.37
N SER A 427 52.82 10.26 -20.37
CA SER A 427 52.54 11.66 -20.06
C SER A 427 51.55 12.32 -21.00
N LEU A 428 51.93 12.40 -22.29
CA LEU A 428 51.14 12.85 -23.44
C LEU A 428 50.86 14.34 -23.50
N SER A 429 51.11 15.08 -22.41
CA SER A 429 51.12 16.54 -22.49
C SER A 429 52.22 17.11 -21.60
N ASN A 430 52.78 16.27 -20.72
CA ASN A 430 53.76 16.65 -19.68
C ASN A 430 53.21 17.75 -18.77
N ARG A 431 52.01 17.52 -18.23
CA ARG A 431 51.36 18.46 -17.33
C ARG A 431 51.79 18.19 -15.90
N SER A 432 51.95 19.28 -15.13
CA SER A 432 52.52 19.18 -13.79
C SER A 432 51.53 18.60 -12.78
N LEU A 433 50.23 18.73 -13.07
CA LEU A 433 49.16 18.08 -12.29
C LEU A 433 49.15 18.52 -10.83
N ILE A 434 48.72 19.77 -10.60
CA ILE A 434 48.76 20.47 -9.31
C ILE A 434 48.19 19.64 -8.17
N VAL A 435 49.02 19.37 -7.16
CA VAL A 435 48.58 18.48 -6.09
C VAL A 435 48.22 19.31 -4.86
N THR A 436 46.96 19.22 -4.44
CA THR A 436 46.60 19.74 -3.13
C THR A 436 47.12 18.78 -2.07
N THR A 437 47.49 19.29 -0.90
CA THR A 437 48.13 18.43 0.08
C THR A 437 47.62 18.71 1.49
N ILE A 438 46.90 17.75 2.07
CA ILE A 438 46.36 17.85 3.41
C ILE A 438 47.47 17.51 4.40
N LEU A 439 47.37 18.07 5.61
CA LEU A 439 48.11 17.54 6.74
C LEU A 439 47.65 16.12 6.99
N GLU A 440 48.59 15.19 7.00
CA GLU A 440 48.24 13.78 6.87
C GLU A 440 49.05 12.91 7.82
N GLU A 441 48.39 11.93 8.43
CA GLU A 441 49.04 10.87 9.17
C GLU A 441 48.63 9.52 8.58
N PRO A 442 49.57 8.69 8.11
CA PRO A 442 50.99 8.99 7.97
C PRO A 442 51.41 9.12 6.51
N TYR A 443 50.42 9.19 5.63
CA TYR A 443 50.63 8.97 4.21
C TYR A 443 51.40 10.13 3.56
N VAL A 444 51.28 11.33 4.13
CA VAL A 444 52.09 12.48 3.75
C VAL A 444 52.55 13.18 5.02
N LEU A 445 53.83 13.01 5.34
CA LEU A 445 54.41 13.60 6.53
C LEU A 445 55.52 14.56 6.17
N PHE A 446 55.97 15.39 7.12
CA PHE A 446 57.05 16.33 6.88
C PHE A 446 58.39 15.61 6.79
N LYS A 447 59.44 16.34 6.43
CA LYS A 447 60.80 15.84 6.57
C LYS A 447 61.33 16.19 7.95
N LYS A 448 62.18 15.31 8.47
CA LYS A 448 62.65 15.38 9.85
C LYS A 448 63.92 16.20 10.03
N SER A 449 64.48 16.76 8.96
CA SER A 449 65.71 17.51 9.05
C SER A 449 65.44 19.02 9.01
N ASP A 450 66.51 19.80 9.19
CA ASP A 450 66.44 21.25 9.24
C ASP A 450 67.43 21.90 8.28
N LYS A 451 67.76 21.21 7.20
CA LYS A 451 68.57 21.77 6.13
C LYS A 451 67.76 22.82 5.37
N PRO A 452 68.42 23.71 4.55
CA PRO A 452 67.65 24.70 3.77
C PRO A 452 66.71 24.11 2.73
N LEU A 453 66.00 25.00 2.02
CA LEU A 453 64.62 24.79 1.58
C LEU A 453 64.41 23.51 0.78
N TYR A 454 63.23 22.93 0.94
CA TYR A 454 62.87 21.64 0.38
C TYR A 454 61.74 21.83 -0.61
N GLY A 455 61.88 22.78 -1.52
CA GLY A 455 60.93 23.02 -2.60
C GLY A 455 60.64 21.78 -3.42
N ASN A 456 59.40 21.29 -3.29
CA ASN A 456 58.97 19.96 -3.76
C ASN A 456 59.84 18.85 -3.18
N ASP A 457 60.27 19.01 -1.93
CA ASP A 457 61.02 17.97 -1.24
C ASP A 457 60.64 17.90 0.24
N ARG A 458 59.62 18.66 0.67
CA ARG A 458 59.30 18.76 2.11
C ARG A 458 58.60 17.52 2.67
N PHE A 459 58.29 16.52 1.85
CA PHE A 459 57.31 15.54 2.26
C PHE A 459 57.74 14.10 2.02
N GLU A 460 57.43 13.25 3.00
CA GLU A 460 57.61 11.81 2.91
C GLU A 460 56.33 11.15 3.41
N GLY A 461 56.25 9.82 3.27
CA GLY A 461 55.06 9.10 3.63
C GLY A 461 54.70 8.09 2.58
N TYR A 462 53.46 7.58 2.67
CA TYR A 462 53.05 6.52 1.73
C TYR A 462 52.50 7.10 0.44
N CYS A 463 51.43 7.90 0.52
CA CYS A 463 50.73 8.34 -0.67
C CYS A 463 51.52 9.32 -1.53
N ILE A 464 52.56 9.94 -0.97
CA ILE A 464 53.51 10.67 -1.81
C ILE A 464 54.39 9.69 -2.58
N ASP A 465 54.75 8.56 -1.97
CA ASP A 465 55.49 7.55 -2.71
C ASP A 465 54.59 6.78 -3.66
N LEU A 466 53.29 6.72 -3.36
CA LEU A 466 52.32 6.35 -4.38
C LEU A 466 52.36 7.37 -5.52
N LEU A 467 52.38 8.66 -5.16
CA LEU A 467 52.46 9.73 -6.14
C LEU A 467 53.78 9.71 -6.90
N ARG A 468 54.87 9.36 -6.21
CA ARG A 468 56.17 9.30 -6.87
C ARG A 468 56.24 8.12 -7.84
N GLU A 469 55.46 7.07 -7.57
CA GLU A 469 55.31 6.02 -8.56
C GLU A 469 54.33 6.44 -9.65
N LEU A 470 53.35 7.29 -9.29
CA LEU A 470 52.47 7.85 -10.31
C LEU A 470 53.20 8.86 -11.18
N SER A 471 54.23 9.51 -10.63
CA SER A 471 55.02 10.46 -11.42
C SER A 471 56.05 9.73 -12.28
N THR A 472 56.09 8.40 -12.19
CA THR A 472 56.92 7.62 -13.10
C THR A 472 56.08 6.97 -14.20
N ILE A 473 54.98 6.31 -13.82
CA ILE A 473 54.14 5.61 -14.77
C ILE A 473 53.33 6.55 -15.66
N LEU A 474 53.13 7.79 -15.23
CA LEU A 474 52.41 8.79 -16.01
C LEU A 474 53.35 9.95 -16.36
N GLY A 475 54.63 9.58 -16.50
CA GLY A 475 55.79 10.36 -16.10
C GLY A 475 55.79 11.87 -16.22
N PHE A 476 55.93 12.53 -15.08
CA PHE A 476 55.79 13.97 -14.96
C PHE A 476 56.46 14.41 -13.68
N THR A 477 56.53 15.73 -13.48
CA THR A 477 56.98 16.31 -12.22
C THR A 477 55.76 16.88 -11.51
N TYR A 478 55.75 16.79 -10.19
CA TYR A 478 54.53 17.09 -9.45
C TYR A 478 54.48 18.55 -9.00
N GLU A 479 53.38 18.89 -8.34
CA GLU A 479 53.17 20.19 -7.71
C GLU A 479 52.50 19.98 -6.35
N ILE A 480 53.17 19.23 -5.45
CA ILE A 480 52.76 19.18 -4.05
C ILE A 480 52.65 20.58 -3.49
N ARG A 481 51.44 20.93 -3.07
CA ARG A 481 51.09 22.27 -2.64
C ARG A 481 50.09 22.11 -1.51
N LEU A 482 50.39 22.69 -0.35
CA LEU A 482 49.56 22.49 0.82
C LEU A 482 48.21 23.19 0.67
N VAL A 483 47.16 22.49 1.06
CA VAL A 483 45.83 23.06 1.07
C VAL A 483 45.75 24.12 2.16
N GLU A 484 45.03 25.20 1.87
CA GLU A 484 44.86 26.28 2.83
C GLU A 484 44.07 25.83 4.04
N ASP A 485 43.12 24.93 3.85
CA ASP A 485 42.20 24.56 4.92
C ASP A 485 42.83 23.55 5.88
N GLY A 486 43.47 22.51 5.34
CA GLY A 486 43.83 21.35 6.14
C GLY A 486 42.72 20.36 6.33
N LYS A 487 41.56 20.60 5.71
CA LYS A 487 40.40 19.74 5.79
C LYS A 487 40.11 19.15 4.41
N TYR A 488 39.69 17.89 4.40
CA TYR A 488 39.20 17.21 3.21
C TYR A 488 38.01 17.93 2.59
N GLY A 489 37.14 18.51 3.42
CA GLY A 489 35.98 19.21 2.93
C GLY A 489 34.66 18.56 3.28
N ALA A 490 33.93 19.15 4.23
CA ALA A 490 32.55 18.83 4.49
C ALA A 490 31.67 19.94 3.89
N GLN A 491 30.46 19.57 3.49
CA GLN A 491 29.54 20.50 2.85
C GLN A 491 29.01 21.48 3.89
N ASP A 492 29.33 22.75 3.71
CA ASP A 492 28.85 23.78 4.62
C ASP A 492 27.36 24.03 4.39
N ASP A 493 26.63 24.31 5.47
CA ASP A 493 25.18 24.32 5.39
C ASP A 493 24.65 25.62 4.78
N VAL A 494 25.17 26.77 5.20
CA VAL A 494 24.52 28.03 4.89
C VAL A 494 24.84 28.54 3.48
N ASN A 495 25.73 27.87 2.75
CA ASN A 495 25.98 28.23 1.36
C ASN A 495 26.09 27.06 0.39
N GLY A 496 26.22 25.83 0.88
CA GLY A 496 26.48 24.68 0.03
C GLY A 496 27.86 24.64 -0.57
N GLN A 497 28.78 25.45 -0.08
CA GLN A 497 30.11 25.58 -0.66
C GLN A 497 31.10 24.74 0.13
N TRP A 498 31.68 23.74 -0.52
CA TRP A 498 32.70 22.89 0.09
C TRP A 498 33.96 23.70 0.39
N ASN A 499 34.72 23.25 1.38
CA ASN A 499 35.86 24.01 1.87
C ASN A 499 37.13 23.16 1.90
N GLY A 500 38.10 23.53 1.07
CA GLY A 500 39.41 22.88 1.14
C GLY A 500 39.88 22.23 -0.14
N MET A 501 40.25 20.96 -0.06
CA MET A 501 40.72 20.24 -1.24
C MET A 501 39.61 20.03 -2.25
N VAL A 502 38.44 19.57 -1.79
CA VAL A 502 37.32 19.30 -2.68
C VAL A 502 36.78 20.58 -3.32
N ARG A 503 36.98 21.73 -2.67
CA ARG A 503 36.69 23.01 -3.33
C ARG A 503 37.67 23.29 -4.46
N GLU A 504 38.97 23.05 -4.22
CA GLU A 504 39.99 23.32 -5.21
C GLU A 504 39.91 22.35 -6.39
N LEU A 505 39.32 21.17 -6.17
CA LEU A 505 39.19 20.19 -7.24
C LEU A 505 37.95 20.46 -8.08
N ILE A 506 36.91 21.04 -7.49
CA ILE A 506 35.80 21.56 -8.29
C ILE A 506 36.25 22.77 -9.10
N ASP A 507 36.98 23.69 -8.45
CA ASP A 507 37.41 24.93 -9.10
C ASP A 507 38.61 24.75 -10.01
N HIS A 508 39.16 23.53 -10.10
CA HIS A 508 40.24 23.15 -11.01
C HIS A 508 41.53 23.93 -10.78
N LYS A 509 41.75 24.47 -9.58
CA LYS A 509 43.06 25.07 -9.28
C LYS A 509 44.03 24.05 -8.72
N ALA A 510 43.52 22.83 -8.56
CA ALA A 510 44.34 21.66 -8.24
C ALA A 510 43.79 20.50 -9.07
N ASP A 511 44.70 19.71 -9.64
CA ASP A 511 44.28 18.64 -10.54
C ASP A 511 44.47 17.27 -9.89
N LEU A 512 45.69 16.97 -9.47
CA LEU A 512 45.94 15.71 -8.79
C LEU A 512 45.58 15.89 -7.33
N ALA A 513 44.94 14.89 -6.71
CA ALA A 513 44.64 14.98 -5.29
C ALA A 513 44.78 13.66 -4.55
N VAL A 514 45.90 12.94 -4.77
CA VAL A 514 46.16 11.73 -4.00
C VAL A 514 46.30 12.09 -2.53
N ALA A 515 45.34 11.60 -1.74
CA ALA A 515 45.16 11.86 -0.32
C ALA A 515 44.12 10.85 0.14
N PRO A 516 43.90 10.65 1.45
CA PRO A 516 42.73 9.87 1.85
C PRO A 516 41.44 10.60 1.54
N LEU A 517 40.74 10.12 0.52
CA LEU A 517 39.44 10.65 0.11
C LEU A 517 38.39 9.60 0.48
N ALA A 518 37.53 9.94 1.43
CA ALA A 518 36.46 9.04 1.81
C ALA A 518 35.44 8.94 0.68
N ILE A 519 35.46 7.80 -0.03
CA ILE A 519 34.53 7.57 -1.13
C ILE A 519 33.13 7.40 -0.55
N THR A 520 32.28 8.40 -0.75
CA THR A 520 30.94 8.40 -0.19
C THR A 520 29.99 9.06 -1.17
N TYR A 521 28.71 9.12 -0.78
CA TYR A 521 27.66 9.51 -1.72
C TYR A 521 27.55 11.02 -1.87
N VAL A 522 27.68 11.76 -0.76
CA VAL A 522 27.39 13.19 -0.78
C VAL A 522 28.46 14.00 -1.50
N ARG A 523 29.63 13.42 -1.76
CA ARG A 523 30.65 14.12 -2.52
C ARG A 523 30.97 13.41 -3.83
N GLU A 524 30.29 12.29 -4.11
CA GLU A 524 30.35 11.64 -5.42
C GLU A 524 29.89 12.57 -6.53
N LYS A 525 28.89 13.40 -6.26
CA LYS A 525 28.30 14.26 -7.26
C LYS A 525 29.01 15.60 -7.43
N VAL A 526 30.10 15.85 -6.71
CA VAL A 526 30.83 17.12 -6.84
C VAL A 526 32.24 16.93 -7.36
N ILE A 527 32.86 15.78 -7.08
CA ILE A 527 34.20 15.48 -7.59
C ILE A 527 34.26 14.06 -8.12
N ASP A 528 35.43 13.67 -8.62
CA ASP A 528 35.62 12.44 -9.37
C ASP A 528 36.65 11.58 -8.64
N PHE A 529 36.24 10.36 -8.28
CA PHE A 529 37.11 9.46 -7.54
C PHE A 529 37.94 8.56 -8.44
N SER A 530 38.54 7.54 -7.84
CA SER A 530 39.20 6.46 -8.57
C SER A 530 38.65 5.12 -8.08
N LYS A 531 39.27 4.04 -8.52
CA LYS A 531 39.01 2.73 -7.92
C LYS A 531 39.88 2.58 -6.69
N PRO A 532 39.38 1.94 -5.61
CA PRO A 532 40.04 2.05 -4.30
C PRO A 532 41.43 1.41 -4.20
N PHE A 533 42.36 2.15 -3.61
CA PHE A 533 43.70 1.65 -3.36
C PHE A 533 43.90 1.22 -1.92
N MET A 534 42.99 1.58 -1.01
CA MET A 534 43.13 1.21 0.40
C MET A 534 41.75 0.84 0.92
N THR A 535 41.43 -0.45 0.88
CA THR A 535 40.12 -0.92 1.33
C THR A 535 40.11 -1.03 2.86
N LEU A 536 39.05 -0.49 3.47
CA LEU A 536 38.94 -0.47 4.92
C LEU A 536 37.48 -0.50 5.38
N GLY A 537 37.27 -0.73 6.67
CA GLY A 537 35.93 -0.69 7.25
C GLY A 537 35.78 0.58 8.07
N ILE A 538 35.43 0.49 9.36
CA ILE A 538 35.85 1.62 10.16
C ILE A 538 36.98 1.15 11.06
N SER A 539 36.68 0.58 12.26
CA SER A 539 37.32 -0.49 13.05
C SER A 539 36.83 -0.34 14.49
N ILE A 540 37.25 -1.22 15.40
CA ILE A 540 37.23 -0.93 16.83
C ILE A 540 38.60 -1.26 17.41
N LEU A 541 39.16 -0.33 18.19
CA LEU A 541 40.44 -0.51 18.88
C LEU A 541 40.25 -0.38 20.38
N TYR A 542 41.07 -1.10 21.15
CA TYR A 542 41.05 -1.06 22.60
C TYR A 542 42.42 -1.53 23.11
N ARG A 543 42.69 -1.27 24.39
CA ARG A 543 43.89 -1.78 25.05
C ARG A 543 43.84 -3.30 25.12
N LYS A 544 45.00 -3.97 25.05
CA LYS A 544 45.06 -5.38 25.40
C LYS A 544 44.67 -5.56 26.86
N PRO A 545 43.71 -6.43 27.16
CA PRO A 545 43.26 -6.61 28.55
C PRO A 545 44.33 -7.22 29.45
N ASN A 546 44.60 -6.55 30.57
CA ASN A 546 45.73 -6.90 31.43
C ASN A 546 45.35 -7.14 32.88
N GLY A 547 46.35 -7.31 33.73
CA GLY A 547 46.18 -7.24 35.16
C GLY A 547 45.62 -8.49 35.79
N THR A 548 44.30 -8.66 35.69
CA THR A 548 43.50 -9.67 36.40
C THR A 548 43.87 -9.72 37.87
N ASN A 549 43.61 -8.63 38.60
CA ASN A 549 44.18 -8.43 39.92
C ASN A 549 43.10 -8.30 40.99
N PRO A 550 42.76 -9.38 41.70
CA PRO A 550 41.97 -9.25 42.93
C PRO A 550 42.78 -9.22 44.21
N GLY A 551 44.11 -9.10 44.14
CA GLY A 551 44.94 -9.15 45.33
C GLY A 551 45.25 -10.58 45.75
N VAL A 552 46.21 -10.70 46.67
CA VAL A 552 46.61 -12.05 47.06
C VAL A 552 45.72 -12.43 48.24
N PHE A 553 45.07 -11.43 48.85
CA PHE A 553 44.17 -11.65 49.97
C PHE A 553 42.71 -11.70 49.54
N SER A 554 42.42 -12.34 48.40
CA SER A 554 41.10 -12.39 47.79
C SER A 554 40.03 -12.99 48.70
N PHE A 555 40.19 -14.26 49.08
CA PHE A 555 39.12 -15.16 49.55
C PHE A 555 38.24 -14.64 50.69
N LEU A 556 38.67 -13.60 51.40
CA LEU A 556 37.78 -12.93 52.35
C LEU A 556 36.72 -12.08 51.67
N ASN A 557 36.88 -11.77 50.37
CA ASN A 557 36.02 -10.88 49.59
C ASN A 557 34.51 -11.20 49.59
N PRO A 558 34.03 -12.49 49.58
CA PRO A 558 32.58 -12.68 49.61
C PRO A 558 31.87 -12.31 50.90
N LEU A 559 32.61 -11.91 51.94
CA LEU A 559 32.00 -11.40 53.16
C LEU A 559 32.67 -10.09 53.55
N SER A 560 31.90 -9.22 54.21
CA SER A 560 32.46 -7.97 54.69
C SER A 560 33.36 -8.24 55.89
N PRO A 561 34.44 -7.47 56.07
CA PRO A 561 35.34 -7.71 57.21
C PRO A 561 34.74 -7.39 58.56
N ASP A 562 33.60 -6.69 58.60
CA ASP A 562 32.88 -6.50 59.85
C ASP A 562 32.29 -7.83 60.33
N ILE A 563 31.94 -8.70 59.39
CA ILE A 563 31.47 -10.03 59.78
C ILE A 563 32.63 -10.88 60.27
N TRP A 564 33.77 -10.81 59.57
CA TRP A 564 34.95 -11.61 59.93
C TRP A 564 35.50 -11.21 61.30
N MET A 565 35.42 -9.93 61.65
CA MET A 565 36.04 -9.48 62.90
C MET A 565 35.16 -9.86 64.10
N TYR A 566 33.89 -10.20 63.86
CA TYR A 566 33.03 -10.61 64.96
C TYR A 566 32.94 -12.13 65.06
N VAL A 567 33.00 -12.83 63.92
CA VAL A 567 32.66 -14.25 63.91
C VAL A 567 33.76 -15.08 64.55
N LEU A 568 35.02 -14.65 64.45
CA LEU A 568 36.08 -15.35 65.18
C LEU A 568 36.06 -14.95 66.64
N LEU A 569 35.62 -13.72 66.93
CA LEU A 569 35.34 -13.32 68.30
C LEU A 569 34.08 -14.00 68.83
N ALA A 570 33.12 -14.29 67.94
CA ALA A 570 31.94 -15.06 68.35
C ALA A 570 32.32 -16.50 68.65
N CYS A 571 33.30 -17.03 67.92
CA CYS A 571 33.85 -18.34 68.25
C CYS A 571 34.61 -18.28 69.57
N LEU A 572 35.28 -17.15 69.82
CA LEU A 572 35.81 -16.90 71.15
C LEU A 572 34.69 -16.63 72.14
N GLY A 573 33.57 -16.08 71.67
CA GLY A 573 32.43 -15.82 72.51
C GLY A 573 31.72 -17.08 72.95
N VAL A 574 31.47 -17.99 72.01
CA VAL A 574 30.77 -19.23 72.34
C VAL A 574 31.71 -20.19 73.07
N SER A 575 33.02 -19.95 72.99
CA SER A 575 33.96 -20.77 73.75
C SER A 575 33.87 -20.46 75.24
N CYS A 576 33.83 -19.18 75.58
CA CYS A 576 33.84 -18.79 76.99
C CYS A 576 32.49 -19.06 77.66
N VAL A 577 31.40 -18.96 76.90
CA VAL A 577 30.07 -19.16 77.46
C VAL A 577 29.82 -20.65 77.74
N LEU A 578 30.17 -21.51 76.78
CA LEU A 578 29.97 -22.94 76.95
C LEU A 578 30.89 -23.51 78.03
N PHE A 579 32.06 -22.88 78.23
CA PHE A 579 32.98 -23.34 79.26
C PHE A 579 32.45 -23.05 80.66
N VAL A 580 31.66 -21.99 80.80
CA VAL A 580 31.06 -21.68 82.10
C VAL A 580 29.98 -22.69 82.43
N ILE A 581 29.08 -22.94 81.48
CA ILE A 581 27.90 -23.79 81.69
C ILE A 581 28.31 -25.24 81.93
N ALA A 582 29.40 -25.67 81.29
CA ALA A 582 29.94 -27.01 81.50
C ALA A 582 30.46 -27.19 82.92
N ARG A 583 31.13 -26.17 83.46
CA ARG A 583 31.49 -26.19 84.87
C ARG A 583 30.28 -26.01 85.76
N PHE A 584 29.22 -25.38 85.24
CA PHE A 584 28.03 -25.06 86.02
C PHE A 584 27.05 -26.23 86.10
N SER A 585 27.02 -27.10 85.10
CA SER A 585 25.99 -28.12 85.04
C SER A 585 26.43 -29.40 85.74
N PRO A 586 25.51 -30.12 86.37
CA PRO A 586 25.87 -31.41 86.99
C PRO A 586 25.81 -32.58 86.03
N TYR A 587 25.09 -32.45 84.90
CA TYR A 587 25.03 -33.55 83.95
C TYR A 587 26.19 -33.54 82.96
N GLU A 588 27.42 -33.36 83.41
CA GLU A 588 28.59 -33.52 82.56
C GLU A 588 29.72 -34.19 83.32
N TRP A 589 29.38 -35.16 84.18
CA TRP A 589 30.36 -35.69 85.11
C TRP A 589 30.29 -37.22 85.17
N TYR A 590 30.21 -37.87 84.02
CA TYR A 590 30.10 -39.33 84.01
C TYR A 590 31.47 -39.98 84.18
N ASN A 591 31.55 -41.29 83.93
CA ASN A 591 32.77 -42.06 84.16
C ASN A 591 33.65 -42.08 82.91
N PRO A 592 34.88 -41.58 82.99
CA PRO A 592 35.88 -41.93 81.97
C PRO A 592 36.50 -43.27 82.31
N HIS A 593 36.79 -44.10 81.27
CA HIS A 593 37.13 -45.51 81.39
C HIS A 593 36.04 -46.20 82.21
N PRO A 594 34.86 -46.49 81.61
CA PRO A 594 33.66 -46.81 82.40
C PRO A 594 33.68 -48.11 83.21
N CYS A 595 34.80 -48.82 83.23
CA CYS A 595 34.96 -50.02 84.05
C CYS A 595 35.26 -49.63 85.50
N ASN A 596 35.55 -48.34 85.73
CA ASN A 596 36.00 -47.77 87.00
C ASN A 596 34.92 -47.86 88.07
N PRO A 597 35.13 -48.68 89.11
CA PRO A 597 34.05 -48.90 90.09
C PRO A 597 34.05 -47.97 91.29
N ASP A 598 34.06 -46.66 91.08
CA ASP A 598 34.06 -45.74 92.20
C ASP A 598 33.41 -44.39 91.90
N SER A 599 33.54 -43.44 92.82
CA SER A 599 32.81 -42.18 92.75
C SER A 599 33.73 -40.99 92.54
N ASP A 600 34.96 -41.06 93.06
CA ASP A 600 35.88 -39.93 92.97
C ASP A 600 36.67 -39.94 91.66
N VAL A 601 35.99 -40.12 90.53
CA VAL A 601 36.63 -40.19 89.23
C VAL A 601 35.89 -39.36 88.19
N VAL A 602 35.06 -38.43 88.65
CA VAL A 602 34.17 -37.66 87.77
C VAL A 602 35.00 -36.79 86.82
N GLU A 603 34.56 -36.71 85.57
CA GLU A 603 35.33 -36.04 84.53
C GLU A 603 34.68 -34.71 84.16
N ASN A 604 35.51 -33.77 83.75
CA ASN A 604 35.04 -32.55 83.10
C ASN A 604 35.91 -32.19 81.90
N ASN A 605 36.05 -33.09 80.93
CA ASN A 605 36.89 -32.97 79.74
C ASN A 605 36.84 -31.64 78.99
N PHE A 606 35.74 -30.90 79.15
CA PHE A 606 35.67 -29.48 78.85
C PHE A 606 36.81 -28.70 79.49
N THR A 607 37.72 -28.17 78.68
CA THR A 607 38.69 -27.20 79.16
C THR A 607 38.48 -25.90 78.39
N LEU A 608 39.16 -24.84 78.85
CA LEU A 608 39.21 -23.61 78.08
C LEU A 608 39.93 -23.85 76.75
N LEU A 609 40.88 -24.78 76.75
CA LEU A 609 41.45 -25.31 75.52
C LEU A 609 40.39 -26.05 74.69
N ASN A 610 39.57 -26.88 75.35
CA ASN A 610 38.63 -27.71 74.59
C ASN A 610 37.39 -26.92 74.17
N SER A 611 36.97 -25.95 74.97
CA SER A 611 35.83 -25.13 74.60
C SER A 611 36.17 -24.20 73.44
N PHE A 612 37.44 -23.80 73.37
CA PHE A 612 37.94 -23.13 72.17
C PHE A 612 38.00 -24.09 71.00
N TRP A 613 38.24 -25.37 71.29
CA TRP A 613 38.45 -26.35 70.25
C TRP A 613 37.13 -26.81 69.64
N PHE A 614 36.09 -26.93 70.47
CA PHE A 614 34.78 -27.34 69.96
C PHE A 614 34.17 -26.26 69.09
N GLY A 615 34.52 -25.00 69.35
CA GLY A 615 34.03 -23.91 68.52
C GLY A 615 34.61 -23.94 67.12
N VAL A 616 35.94 -23.95 67.02
CA VAL A 616 36.61 -23.92 65.73
C VAL A 616 36.45 -25.25 65.01
N GLY A 617 36.26 -26.34 65.76
CA GLY A 617 36.07 -27.63 65.15
C GLY A 617 34.70 -27.79 64.53
N ALA A 618 33.69 -27.17 65.14
CA ALA A 618 32.35 -27.25 64.58
C ALA A 618 32.14 -26.22 63.49
N LEU A 619 32.84 -25.09 63.59
CA LEU A 619 32.67 -23.97 62.66
C LEU A 619 33.19 -24.35 61.28
N MET A 620 34.23 -25.17 61.24
CA MET A 620 34.81 -25.54 59.95
C MET A 620 34.18 -26.81 59.40
N GLN A 621 33.06 -27.23 60.02
CA GLN A 621 32.20 -28.31 59.55
C GLN A 621 32.98 -29.63 59.50
N GLN A 622 33.63 -29.96 60.62
CA GLN A 622 34.49 -31.14 60.68
C GLN A 622 34.15 -32.06 61.84
N GLY A 623 33.78 -31.50 62.99
CA GLY A 623 33.57 -32.29 64.18
C GLY A 623 34.74 -32.20 65.14
N SER A 624 34.58 -32.82 66.30
CA SER A 624 35.62 -32.84 67.32
C SER A 624 35.49 -34.15 68.10
N GLU A 625 36.12 -34.19 69.26
CA GLU A 625 35.70 -35.16 70.27
C GLU A 625 35.40 -34.42 71.57
N LEU A 626 34.22 -33.81 71.59
CA LEU A 626 33.74 -33.10 72.76
C LEU A 626 32.45 -33.71 73.30
N MET A 627 31.40 -33.68 72.46
CA MET A 627 30.17 -34.48 72.61
C MET A 627 29.52 -34.36 73.99
N PRO A 628 28.85 -33.25 74.29
CA PRO A 628 28.34 -33.04 75.66
C PRO A 628 27.13 -33.91 75.97
N LYS A 629 26.65 -33.87 77.22
CA LYS A 629 25.54 -34.71 77.63
C LYS A 629 24.44 -33.86 78.23
N ALA A 630 24.82 -32.80 78.96
CA ALA A 630 23.84 -31.92 79.57
C ALA A 630 23.13 -31.08 78.51
N LEU A 631 21.81 -30.97 78.66
CA LEU A 631 20.96 -30.21 77.75
C LEU A 631 21.38 -28.75 77.67
N SER A 632 21.81 -28.18 78.81
CA SER A 632 22.24 -26.79 78.86
C SER A 632 23.58 -26.60 78.16
N THR A 633 24.33 -27.69 77.98
CA THR A 633 25.53 -27.63 77.15
C THR A 633 25.23 -28.09 75.72
N ARG A 634 24.05 -28.68 75.52
CA ARG A 634 23.70 -29.16 74.19
C ARG A 634 22.99 -28.07 73.37
N ILE A 635 22.23 -27.20 74.04
CA ILE A 635 21.56 -26.11 73.33
C ILE A 635 22.57 -25.08 72.86
N VAL A 636 23.68 -24.93 73.58
CA VAL A 636 24.75 -24.03 73.16
C VAL A 636 25.38 -24.51 71.86
N GLY A 637 25.75 -25.79 71.80
CA GLY A 637 26.27 -26.34 70.56
C GLY A 637 25.21 -26.51 69.49
N GLY A 638 23.94 -26.58 69.89
CA GLY A 638 22.87 -26.74 68.91
C GLY A 638 22.65 -25.49 68.08
N ILE A 639 22.58 -24.34 68.73
CA ILE A 639 22.41 -23.08 68.01
C ILE A 639 23.70 -22.71 67.28
N TRP A 640 24.84 -23.07 67.86
CA TRP A 640 26.13 -22.80 67.20
C TRP A 640 26.28 -23.65 65.95
N TRP A 641 25.67 -24.83 65.92
CA TRP A 641 25.60 -25.59 64.68
C TRP A 641 24.65 -24.94 63.68
N PHE A 642 23.61 -24.27 64.18
CA PHE A 642 22.70 -23.57 63.28
C PHE A 642 23.30 -22.25 62.81
N PHE A 643 24.28 -21.73 63.55
CA PHE A 643 24.98 -20.54 63.10
C PHE A 643 26.08 -20.89 62.10
N THR A 644 26.67 -22.09 62.24
CA THR A 644 27.72 -22.52 61.34
C THR A 644 27.18 -22.79 59.94
N LEU A 645 26.01 -23.42 59.87
CA LEU A 645 25.44 -23.84 58.59
C LEU A 645 25.03 -22.65 57.75
N ILE A 646 24.70 -21.53 58.40
CA ILE A 646 24.31 -20.33 57.67
C ILE A 646 25.54 -19.61 57.13
N ILE A 647 26.56 -19.42 57.97
CA ILE A 647 27.68 -18.56 57.63
C ILE A 647 28.57 -19.22 56.57
N ILE A 648 28.52 -20.55 56.47
CA ILE A 648 29.31 -21.23 55.45
C ILE A 648 28.55 -21.35 54.15
N SER A 649 27.24 -21.65 54.22
CA SER A 649 26.45 -21.72 53.00
C SER A 649 26.22 -20.33 52.40
N SER A 650 26.24 -19.29 53.23
CA SER A 650 26.25 -17.94 52.68
C SER A 650 27.59 -17.61 52.05
N TYR A 651 28.67 -18.15 52.62
CA TYR A 651 29.99 -17.94 52.03
C TYR A 651 30.12 -18.67 50.70
N THR A 652 29.43 -19.80 50.57
CA THR A 652 29.41 -20.49 49.30
C THR A 652 28.52 -19.75 48.31
N ALA A 653 27.52 -19.04 48.82
CA ALA A 653 26.59 -18.32 47.96
C ALA A 653 27.24 -17.09 47.34
N ASN A 654 27.90 -16.27 48.16
CA ASN A 654 28.46 -15.03 47.62
C ASN A 654 29.72 -15.28 46.82
N LEU A 655 30.44 -16.37 47.12
CA LEU A 655 31.59 -16.73 46.30
C LEU A 655 31.14 -17.33 44.98
N ALA A 656 29.93 -17.88 44.95
CA ALA A 656 29.30 -18.19 43.68
C ALA A 656 28.87 -16.91 42.97
N ALA A 657 28.52 -15.89 43.75
CA ALA A 657 27.92 -14.68 43.18
C ALA A 657 28.97 -13.83 42.46
N PHE A 658 30.19 -13.78 42.99
CA PHE A 658 31.26 -13.07 42.30
C PHE A 658 31.62 -13.74 40.99
N LEU A 659 31.63 -15.07 40.98
CA LEU A 659 32.15 -15.77 39.82
C LEU A 659 31.06 -15.99 38.77
N THR A 660 29.82 -15.64 39.10
CA THR A 660 28.76 -15.78 38.10
C THR A 660 28.42 -14.44 37.48
N VAL A 661 29.05 -13.36 37.95
CA VAL A 661 28.88 -12.08 37.29
C VAL A 661 30.14 -11.70 36.52
N GLU A 662 31.28 -12.27 36.92
CA GLU A 662 32.52 -11.98 36.21
C GLU A 662 32.69 -12.86 34.98
N ARG A 663 31.83 -13.86 34.82
CA ARG A 663 31.94 -14.77 33.68
C ARG A 663 30.82 -14.60 32.67
N MET A 664 29.67 -14.07 33.08
CA MET A 664 28.64 -13.66 32.14
C MET A 664 29.17 -12.48 31.35
N GLU A 665 29.78 -11.53 32.05
CA GLU A 665 30.35 -10.36 31.40
C GLU A 665 31.67 -10.73 30.73
N SER A 666 31.58 -11.13 29.47
CA SER A 666 32.72 -11.46 28.64
C SER A 666 33.54 -10.21 28.35
N PRO A 667 34.82 -10.35 28.00
CA PRO A 667 35.58 -9.18 27.54
C PRO A 667 35.10 -8.71 26.17
N ILE A 668 35.66 -7.58 25.76
CA ILE A 668 35.21 -6.87 24.57
C ILE A 668 35.64 -7.63 23.33
N ASP A 669 34.67 -8.21 22.61
CA ASP A 669 34.97 -9.12 21.52
C ASP A 669 34.69 -8.38 20.22
N SER A 670 33.49 -7.85 20.01
CA SER A 670 33.15 -7.08 18.82
C SER A 670 32.04 -6.10 19.16
N ALA A 671 31.50 -5.47 18.11
CA ALA A 671 30.49 -4.43 18.27
C ALA A 671 29.18 -4.97 18.82
N ASP A 672 28.93 -6.27 18.71
CA ASP A 672 27.75 -6.86 19.34
C ASP A 672 27.90 -6.88 20.86
N ASP A 673 28.97 -7.49 21.37
CA ASP A 673 29.19 -7.58 22.80
C ASP A 673 29.51 -6.22 23.42
N LEU A 674 30.11 -5.31 22.66
CA LEU A 674 30.39 -3.98 23.15
C LEU A 674 29.16 -3.07 23.12
N ALA A 675 28.08 -3.50 22.45
CA ALA A 675 26.85 -2.71 22.45
C ALA A 675 26.03 -2.89 23.72
N LYS A 676 26.01 -4.09 24.29
CA LYS A 676 25.11 -4.42 25.39
C LYS A 676 25.50 -3.71 26.69
N GLN A 677 26.71 -3.99 27.18
CA GLN A 677 27.21 -3.33 28.39
C GLN A 677 27.69 -1.92 28.04
N THR A 678 27.50 -0.99 28.97
CA THR A 678 27.92 0.39 28.79
C THR A 678 28.98 0.82 29.81
N LYS A 679 29.54 -0.13 30.56
CA LYS A 679 30.60 0.21 31.51
C LYS A 679 31.89 0.59 30.80
N ILE A 680 32.14 -0.01 29.64
CA ILE A 680 33.30 0.32 28.81
C ILE A 680 32.88 1.46 27.88
N GLU A 681 33.69 2.53 27.86
CA GLU A 681 33.31 3.78 27.22
C GLU A 681 33.44 3.65 25.71
N TYR A 682 32.35 3.93 25.01
CA TYR A 682 32.29 3.95 23.55
C TYR A 682 33.18 5.06 23.01
N GLY A 683 33.74 4.84 21.82
CA GLY A 683 34.71 5.75 21.26
C GLY A 683 34.23 6.48 20.01
N ALA A 684 34.34 7.80 20.04
CA ALA A 684 33.91 8.64 18.91
C ALA A 684 34.56 10.01 19.02
N VAL A 685 35.22 10.46 17.96
CA VAL A 685 35.58 11.86 17.78
C VAL A 685 34.32 12.59 17.35
N GLU A 686 34.00 13.69 18.03
CA GLU A 686 32.82 14.50 17.71
C GLU A 686 32.93 15.10 16.31
N ASP A 687 31.85 14.95 15.54
CA ASP A 687 31.66 15.50 14.21
C ASP A 687 32.73 15.03 13.22
N GLY A 688 32.80 13.71 13.03
CA GLY A 688 33.71 13.14 12.05
C GLY A 688 32.94 12.32 11.04
N ALA A 689 33.65 11.84 10.02
CA ALA A 689 33.02 10.99 9.02
C ALA A 689 32.65 9.63 9.61
N THR A 690 33.37 9.19 10.65
CA THR A 690 32.98 8.00 11.40
C THR A 690 31.66 8.22 12.13
N MET A 691 31.55 9.32 12.88
CA MET A 691 30.32 9.65 13.59
C MET A 691 29.19 9.95 12.61
N THR A 692 29.53 10.39 11.40
CA THR A 692 28.54 10.60 10.35
C THR A 692 27.88 9.28 9.95
N PHE A 693 28.64 8.18 10.00
CA PHE A 693 28.09 6.88 9.66
C PHE A 693 27.14 6.38 10.74
N PHE A 694 27.51 6.55 12.00
CA PHE A 694 26.70 5.99 13.08
C PHE A 694 25.46 6.81 13.41
N LYS A 695 25.44 8.09 13.08
CA LYS A 695 24.21 8.86 13.29
C LYS A 695 23.14 8.53 12.26
N LYS A 696 23.54 8.05 11.08
CA LYS A 696 22.58 7.76 10.02
C LYS A 696 22.44 6.27 9.74
N SER A 697 23.04 5.41 10.56
CA SER A 697 22.96 3.97 10.34
C SER A 697 21.55 3.46 10.66
N LYS A 698 21.18 2.33 10.08
CA LYS A 698 19.83 1.80 10.24
C LYS A 698 19.80 0.49 11.01
N ILE A 699 20.93 -0.20 11.10
CA ILE A 699 21.05 -1.37 11.96
C ILE A 699 20.99 -0.89 13.40
N SER A 700 20.06 -1.46 14.18
CA SER A 700 19.84 -1.00 15.55
C SER A 700 21.03 -1.33 16.46
N THR A 701 21.77 -2.38 16.13
CA THR A 701 23.01 -2.74 16.82
C THR A 701 24.00 -1.60 16.75
N TYR A 702 24.13 -0.99 15.58
CA TYR A 702 24.90 0.25 15.44
C TYR A 702 24.16 1.48 15.95
N ASP A 703 22.83 1.43 16.09
CA ASP A 703 22.09 2.57 16.60
C ASP A 703 21.98 2.54 18.12
N LYS A 704 22.06 1.37 18.74
CA LYS A 704 22.21 1.30 20.19
C LYS A 704 23.54 1.88 20.63
N MET A 705 24.56 1.80 19.78
CA MET A 705 25.77 2.59 19.98
C MET A 705 25.48 4.08 19.88
N TRP A 706 24.67 4.48 18.90
CA TRP A 706 24.30 5.89 18.76
C TRP A 706 23.32 6.34 19.83
N ALA A 707 22.43 5.47 20.30
CA ALA A 707 21.49 5.84 21.36
C ALA A 707 22.21 6.10 22.68
N PHE A 708 23.37 5.48 22.87
CA PHE A 708 24.21 5.84 24.01
C PHE A 708 24.87 7.19 23.81
N MET A 709 25.46 7.40 22.63
CA MET A 709 26.27 8.60 22.38
C MET A 709 25.44 9.86 22.29
N SER A 710 24.18 9.77 21.83
CA SER A 710 23.30 10.93 21.91
C SER A 710 22.88 11.20 23.35
N SER A 711 22.80 10.16 24.18
CA SER A 711 22.54 10.33 25.59
C SER A 711 23.77 10.75 26.38
N ARG A 712 24.95 10.67 25.77
CA ARG A 712 26.21 11.03 26.41
C ARG A 712 26.99 12.04 25.56
N ARG A 713 26.32 13.11 25.12
CA ARG A 713 26.98 14.14 24.33
C ARG A 713 27.98 14.91 25.17
N GLN A 714 29.24 14.92 24.70
CA GLN A 714 30.42 15.50 25.35
C GLN A 714 30.71 14.89 26.73
N SER A 715 30.14 13.71 26.99
CA SER A 715 30.50 12.90 28.14
C SER A 715 31.42 11.79 27.67
N VAL A 716 31.17 11.30 26.46
CA VAL A 716 32.03 10.30 25.83
C VAL A 716 32.60 10.89 24.56
N LEU A 717 32.04 12.03 24.12
CA LEU A 717 32.44 12.64 22.85
C LEU A 717 33.71 13.42 23.06
N VAL A 718 34.83 12.85 22.61
CA VAL A 718 36.06 13.61 22.41
C VAL A 718 35.91 14.24 21.03
N LYS A 719 36.75 15.22 20.69
CA LYS A 719 36.66 15.81 19.36
C LYS A 719 38.02 15.85 18.67
N SER A 720 38.98 15.07 19.18
CA SER A 720 40.31 15.02 18.60
C SER A 720 40.84 13.60 18.73
N ASN A 721 41.64 13.18 17.75
CA ASN A 721 42.00 11.77 17.64
C ASN A 721 43.09 11.38 18.63
N GLU A 722 44.15 12.19 18.75
CA GLU A 722 45.28 11.81 19.59
C GLU A 722 44.96 11.90 21.07
N GLU A 723 44.05 12.79 21.45
CA GLU A 723 43.52 12.79 22.81
C GLU A 723 42.61 11.62 23.08
N GLY A 724 41.92 11.10 22.07
CA GLY A 724 41.14 9.89 22.21
C GLY A 724 42.05 8.70 22.46
N ILE A 725 43.19 8.68 21.79
CA ILE A 725 44.24 7.72 22.08
C ILE A 725 44.73 7.89 23.52
N GLN A 726 44.89 9.14 23.95
CA GLN A 726 45.17 9.43 25.35
C GLN A 726 44.00 9.05 26.25
N ARG A 727 42.76 9.18 25.74
CA ARG A 727 41.60 8.83 26.54
C ARG A 727 41.47 7.32 26.71
N VAL A 728 41.90 6.53 25.72
CA VAL A 728 42.06 5.09 25.92
C VAL A 728 43.14 4.84 26.97
N LEU A 729 44.23 5.62 26.91
CA LEU A 729 45.37 5.43 27.80
C LEU A 729 45.05 5.76 29.25
N THR A 730 43.99 6.51 29.52
CA THR A 730 43.62 6.84 30.88
C THR A 730 42.53 5.93 31.44
N SER A 731 41.57 5.55 30.60
CA SER A 731 40.30 5.04 31.11
C SER A 731 39.77 3.84 30.33
N ASP A 732 38.46 3.58 30.48
CA ASP A 732 37.76 2.48 29.84
C ASP A 732 37.31 2.84 28.42
N TYR A 733 38.01 3.78 27.80
CA TYR A 733 37.66 4.29 26.48
C TYR A 733 38.19 3.33 25.41
N ALA A 734 37.39 3.15 24.36
CA ALA A 734 37.58 2.07 23.39
C ALA A 734 37.47 2.58 21.96
N PHE A 735 38.23 3.62 21.64
CA PHE A 735 38.06 4.51 20.49
C PHE A 735 37.90 3.85 19.12
N LEU A 736 37.00 4.41 18.32
CA LEU A 736 36.74 3.94 16.96
C LEU A 736 37.16 5.01 15.95
N MET A 737 38.02 4.59 15.03
CA MET A 737 38.37 5.42 13.87
C MET A 737 38.68 4.47 12.73
N GLU A 738 39.33 4.99 11.69
CA GLU A 738 39.69 4.20 10.52
C GLU A 738 40.66 3.08 10.89
N SER A 739 40.48 1.92 10.24
CA SER A 739 41.31 0.75 10.53
C SER A 739 42.75 0.97 10.11
N THR A 740 42.95 1.77 9.06
CA THR A 740 44.29 2.10 8.59
C THR A 740 45.08 2.84 9.66
N THR A 741 44.42 3.74 10.39
CA THR A 741 45.08 4.39 11.51
C THR A 741 45.04 3.50 12.75
N ILE A 742 44.07 2.59 12.83
CA ILE A 742 44.02 1.67 13.97
C ILE A 742 45.04 0.55 13.79
N GLU A 743 45.28 0.10 12.56
CA GLU A 743 46.40 -0.83 12.35
C GLU A 743 47.73 -0.09 12.36
N PHE A 744 47.69 1.24 12.23
CA PHE A 744 48.90 2.04 12.41
C PHE A 744 49.34 2.05 13.87
N VAL A 745 48.47 2.57 14.76
CA VAL A 745 48.86 2.86 16.14
C VAL A 745 49.12 1.57 16.90
N THR A 746 48.41 0.49 16.52
CA THR A 746 48.70 -0.82 17.10
C THR A 746 50.09 -1.31 16.72
N GLN A 747 50.54 -0.99 15.51
CA GLN A 747 51.90 -1.35 15.11
C GLN A 747 52.94 -0.32 15.52
N ARG A 748 52.59 0.68 16.34
CA ARG A 748 53.57 1.59 16.89
C ARG A 748 53.45 1.51 18.40
N ASN A 749 52.24 1.48 18.94
CA ASN A 749 52.04 1.29 20.37
C ASN A 749 51.65 -0.16 20.65
N CYS A 750 52.44 -0.84 21.47
CA CYS A 750 52.16 -2.21 21.87
C CYS A 750 51.40 -2.27 23.19
N ASN A 751 50.54 -1.29 23.45
CA ASN A 751 49.66 -1.30 24.60
C ASN A 751 48.21 -1.20 24.16
N LEU A 752 47.92 -1.69 22.95
CA LEU A 752 46.62 -1.54 22.31
C LEU A 752 46.37 -2.79 21.48
N THR A 753 45.12 -2.96 21.05
CA THR A 753 44.77 -4.06 20.14
C THR A 753 43.53 -3.71 19.32
N GLN A 754 43.24 -4.53 18.31
CA GLN A 754 42.05 -4.34 17.50
C GLN A 754 41.10 -5.50 17.66
N ILE A 755 39.83 -5.19 17.95
CA ILE A 755 38.79 -6.21 18.07
C ILE A 755 37.74 -5.93 17.00
N GLY A 756 37.04 -6.99 16.61
CA GLY A 756 36.04 -6.88 15.55
C GLY A 756 36.67 -6.91 14.18
N GLY A 757 35.94 -7.41 13.18
CA GLY A 757 36.47 -7.42 11.83
C GLY A 757 36.53 -6.03 11.25
N LEU A 758 35.37 -5.50 10.89
CA LEU A 758 35.22 -4.14 10.38
C LEU A 758 33.80 -3.71 10.71
N ILE A 759 33.43 -2.49 10.29
CA ILE A 759 32.06 -2.03 10.43
C ILE A 759 31.47 -1.67 9.07
N ASP A 760 32.29 -1.23 8.12
CA ASP A 760 31.78 -0.84 6.81
C ASP A 760 32.72 -1.43 5.74
N SER A 761 32.63 -0.96 4.51
CA SER A 761 33.52 -1.41 3.45
C SER A 761 34.07 -0.24 2.65
N LYS A 762 34.60 0.78 3.33
CA LYS A 762 35.12 1.96 2.66
C LYS A 762 36.35 1.68 1.82
N GLY A 763 36.76 2.68 1.04
CA GLY A 763 37.99 2.65 0.30
C GLY A 763 38.40 4.07 0.03
N TYR A 764 39.70 4.33 -0.15
CA TYR A 764 40.09 5.67 -0.53
C TYR A 764 40.32 5.76 -2.03
N GLY A 765 39.97 6.90 -2.59
CA GLY A 765 40.09 7.11 -4.02
C GLY A 765 41.04 8.25 -4.32
N VAL A 766 41.61 8.20 -5.52
CA VAL A 766 42.45 9.30 -5.99
C VAL A 766 41.55 10.47 -6.34
N GLY A 767 41.81 11.61 -5.70
CA GLY A 767 41.02 12.80 -5.97
C GLY A 767 41.35 13.39 -7.33
N THR A 768 40.31 13.52 -8.15
CA THR A 768 40.41 14.06 -9.51
C THR A 768 39.25 15.02 -9.70
N PRO A 769 39.39 16.03 -10.56
CA PRO A 769 38.27 16.95 -10.79
C PRO A 769 37.14 16.23 -11.54
N MET A 770 35.91 16.70 -11.33
CA MET A 770 34.72 16.14 -11.99
C MET A 770 34.83 16.23 -13.50
N GLY A 771 34.88 15.07 -14.15
CA GLY A 771 35.25 15.03 -15.56
C GLY A 771 36.73 15.28 -15.71
N SER A 772 37.55 14.40 -15.12
CA SER A 772 39.00 14.57 -15.12
C SER A 772 39.57 14.31 -16.51
N PRO A 773 40.52 15.15 -16.94
CA PRO A 773 41.21 14.88 -18.20
C PRO A 773 42.06 13.62 -18.12
N TYR A 774 42.67 13.40 -16.96
CA TYR A 774 43.53 12.24 -16.79
C TYR A 774 42.86 11.22 -15.90
N ARG A 775 41.57 10.99 -16.07
CA ARG A 775 40.88 10.00 -15.27
C ARG A 775 41.32 8.60 -15.64
N ASP A 776 41.16 8.21 -16.90
CA ASP A 776 41.61 6.90 -17.37
C ASP A 776 43.13 6.78 -17.36
N LYS A 777 43.83 7.91 -17.39
CA LYS A 777 45.28 7.90 -17.23
C LYS A 777 45.68 7.46 -15.82
N ILE A 778 44.76 7.65 -14.86
CA ILE A 778 44.96 7.21 -13.48
C ILE A 778 44.05 6.05 -13.11
N THR A 779 42.94 5.86 -13.82
CA THR A 779 42.01 4.75 -13.53
C THR A 779 42.67 3.40 -13.78
N ILE A 780 43.12 3.15 -15.01
CA ILE A 780 43.74 1.87 -15.31
C ILE A 780 45.16 1.84 -14.72
N ALA A 781 45.69 3.01 -14.34
CA ALA A 781 46.93 3.05 -13.57
C ALA A 781 46.72 2.56 -12.15
N ILE A 782 45.50 2.71 -11.60
CA ILE A 782 45.28 2.12 -10.29
C ILE A 782 44.83 0.67 -10.45
N LEU A 783 44.37 0.29 -11.64
CA LEU A 783 44.13 -1.11 -11.96
C LEU A 783 45.44 -1.90 -12.06
N GLN A 784 46.51 -1.26 -12.55
CA GLN A 784 47.74 -2.01 -12.77
C GLN A 784 48.59 -2.11 -11.51
N LEU A 785 48.22 -1.40 -10.45
CA LEU A 785 49.03 -1.46 -9.23
C LEU A 785 48.64 -2.66 -8.37
N GLN A 786 47.61 -3.41 -8.77
CA GLN A 786 47.37 -4.70 -8.13
C GLN A 786 48.01 -5.83 -8.92
N GLU A 787 48.53 -5.54 -10.11
CA GLU A 787 49.05 -6.59 -10.98
C GLU A 787 50.40 -7.09 -10.48
N GLU A 788 51.40 -6.21 -10.44
CA GLU A 788 52.66 -6.56 -9.80
C GLU A 788 52.52 -6.37 -8.30
N GLY A 789 51.58 -5.52 -7.89
CA GLY A 789 51.29 -5.34 -6.48
C GLY A 789 52.09 -4.25 -5.81
N LYS A 790 52.22 -3.08 -6.45
CA LYS A 790 52.91 -1.96 -5.82
C LYS A 790 52.11 -1.42 -4.64
N LEU A 791 50.79 -1.64 -4.66
CA LEU A 791 49.99 -1.40 -3.46
C LEU A 791 50.34 -2.41 -2.38
N HIS A 792 50.67 -3.64 -2.77
CA HIS A 792 50.91 -4.70 -1.81
C HIS A 792 52.38 -4.79 -1.42
N MET A 793 53.29 -4.47 -2.36
CA MET A 793 54.72 -4.53 -2.06
C MET A 793 55.16 -3.27 -1.30
N MET A 794 54.34 -2.23 -1.30
CA MET A 794 54.59 -1.08 -0.44
C MET A 794 53.69 -1.10 0.79
N LYS A 795 52.94 -2.19 0.97
CA LYS A 795 52.06 -2.29 2.12
C LYS A 795 52.83 -2.74 3.36
N GLU A 796 53.87 -3.54 3.17
CA GLU A 796 54.58 -4.10 4.32
C GLU A 796 55.47 -3.07 5.00
N LYS A 797 55.83 -2.00 4.30
CA LYS A 797 56.78 -1.04 4.87
C LYS A 797 56.08 -0.04 5.77
N TRP A 798 55.16 0.74 5.20
CA TRP A 798 54.64 1.93 5.86
C TRP A 798 53.65 1.64 6.97
N TRP A 799 53.03 0.45 6.99
CA TRP A 799 52.08 0.09 8.04
C TRP A 799 52.69 -0.65 9.21
N ARG A 800 53.97 -1.04 9.14
CA ARG A 800 54.58 -1.94 10.11
C ARG A 800 55.79 -1.32 10.79
N GLY A 801 55.67 -0.10 11.30
CA GLY A 801 56.76 0.62 11.95
C GLY A 801 57.44 -0.09 13.10
N ASN A 802 56.67 -0.88 13.86
CA ASN A 802 57.22 -1.76 14.88
C ASN A 802 56.58 -3.13 14.72
N GLY A 803 57.42 -4.17 14.68
CA GLY A 803 56.94 -5.53 14.59
C GLY A 803 56.51 -6.04 15.95
N CYS A 804 55.32 -5.62 16.39
CA CYS A 804 54.82 -5.78 17.76
C CYS A 804 54.63 -7.25 18.13
N PRO A 805 55.39 -7.75 19.10
CA PRO A 805 55.35 -9.19 19.42
C PRO A 805 54.18 -9.61 20.30
N GLU A 806 53.04 -9.91 19.69
CA GLU A 806 51.89 -10.41 20.43
C GLU A 806 52.15 -11.83 20.93
N GLU A 807 51.90 -12.03 22.22
CA GLU A 807 52.02 -13.35 22.85
C GLU A 807 50.83 -13.63 23.76
N GLU A 808 50.01 -12.62 24.01
CA GLU A 808 48.96 -12.68 25.02
C GLU A 808 47.59 -12.80 24.38
N SER A 809 47.09 -14.03 24.30
CA SER A 809 45.71 -14.25 23.85
C SER A 809 45.06 -15.38 24.62
N LYS A 810 45.75 -15.91 25.63
CA LYS A 810 45.31 -17.13 26.29
C LYS A 810 44.42 -16.83 27.48
N GLU A 811 43.58 -17.81 27.83
CA GLU A 811 42.75 -17.78 29.02
C GLU A 811 42.44 -19.21 29.45
N ALA A 812 42.31 -19.43 30.75
CA ALA A 812 42.04 -20.78 31.24
C ALA A 812 40.64 -20.87 31.82
N SER A 813 40.06 -19.70 32.13
CA SER A 813 38.73 -19.49 32.69
C SER A 813 38.53 -20.13 34.06
N ALA A 814 39.62 -20.53 34.72
CA ALA A 814 39.56 -21.21 36.00
C ALA A 814 40.25 -20.37 37.08
N LEU A 815 40.15 -20.84 38.31
CA LEU A 815 40.71 -20.11 39.42
C LEU A 815 42.19 -20.47 39.59
N GLY A 816 43.01 -19.45 39.87
CA GLY A 816 44.39 -19.78 40.17
C GLY A 816 44.96 -19.00 41.34
N VAL A 817 46.29 -18.89 41.35
CA VAL A 817 47.08 -18.32 42.43
C VAL A 817 46.76 -16.83 42.58
N GLN A 818 46.37 -16.19 41.48
CA GLN A 818 45.89 -14.81 41.52
C GLN A 818 44.60 -14.69 42.34
N ASN A 819 43.80 -15.74 42.35
CA ASN A 819 42.50 -15.71 43.03
C ASN A 819 42.57 -16.44 44.37
N ILE A 820 43.50 -17.39 44.50
CA ILE A 820 43.45 -18.29 45.66
C ILE A 820 44.77 -18.29 46.42
N GLY A 821 45.86 -17.79 45.82
CA GLY A 821 47.20 -18.01 46.35
C GLY A 821 47.57 -17.45 47.71
N GLY A 822 46.66 -16.73 48.35
CA GLY A 822 46.87 -16.30 49.72
C GLY A 822 46.38 -17.31 50.73
N ILE A 823 45.61 -18.31 50.27
CA ILE A 823 45.19 -19.36 51.18
C ILE A 823 46.36 -20.27 51.50
N PHE A 824 47.36 -20.35 50.62
CA PHE A 824 48.56 -21.13 50.94
C PHE A 824 49.48 -20.36 51.87
N ILE A 825 49.48 -19.03 51.75
CA ILE A 825 50.29 -18.19 52.62
C ILE A 825 49.78 -18.25 54.05
N VAL A 826 48.47 -18.24 54.24
CA VAL A 826 47.92 -18.36 55.59
C VAL A 826 47.99 -19.80 56.07
N LEU A 827 48.09 -20.75 55.13
CA LEU A 827 48.36 -22.14 55.50
C LEU A 827 49.81 -22.29 55.92
N ALA A 828 50.72 -21.58 55.24
CA ALA A 828 52.11 -21.55 55.68
C ALA A 828 52.25 -20.76 56.97
N ALA A 829 51.35 -19.81 57.22
CA ALA A 829 51.38 -19.05 58.46
C ALA A 829 50.99 -19.93 59.64
N GLY A 830 50.12 -20.92 59.40
CA GLY A 830 49.74 -21.84 60.47
C GLY A 830 50.87 -22.78 60.85
N LEU A 831 51.72 -23.11 59.88
CA LEU A 831 52.84 -24.02 60.17
C LEU A 831 53.93 -23.31 60.94
N VAL A 832 54.08 -22.00 60.75
CA VAL A 832 55.09 -21.23 61.46
C VAL A 832 54.64 -20.96 62.89
N LEU A 833 53.33 -20.74 63.07
CA LEU A 833 52.81 -20.45 64.40
C LEU A 833 52.85 -21.67 65.31
N SER A 834 52.63 -22.86 64.75
CA SER A 834 52.55 -24.05 65.57
C SER A 834 53.91 -24.53 66.04
N VAL A 835 54.96 -24.34 65.23
CA VAL A 835 56.28 -24.82 65.62
C VAL A 835 56.88 -23.90 66.68
N PHE A 836 56.40 -22.66 66.76
CA PHE A 836 56.81 -21.79 67.86
C PHE A 836 56.17 -22.23 69.17
N VAL A 837 54.94 -22.73 69.09
CA VAL A 837 54.29 -23.33 70.26
C VAL A 837 54.92 -24.69 70.57
N ALA A 838 55.43 -25.37 69.53
CA ALA A 838 56.09 -26.66 69.71
C ALA A 838 57.38 -26.52 70.51
N VAL A 839 58.12 -25.42 70.30
CA VAL A 839 59.26 -25.12 71.17
C VAL A 839 58.76 -24.62 72.52
N GLY A 840 57.63 -23.90 72.52
CA GLY A 840 57.12 -23.34 73.77
C GLY A 840 56.53 -24.39 74.69
N GLU A 841 55.83 -25.38 74.13
CA GLU A 841 55.28 -26.45 74.96
C GLU A 841 56.34 -27.51 75.26
N PHE A 842 57.44 -27.48 74.51
CA PHE A 842 58.61 -28.28 74.87
C PHE A 842 59.24 -27.77 76.16
N LEU A 843 59.25 -26.45 76.33
CA LEU A 843 59.78 -25.85 77.55
C LEU A 843 58.82 -26.07 78.72
N TYR A 844 57.52 -25.91 78.47
CA TYR A 844 56.54 -26.05 79.55
C TYR A 844 56.35 -27.50 79.94
N LYS A 845 56.69 -28.44 79.05
CA LYS A 845 56.85 -29.83 79.47
C LYS A 845 58.06 -29.98 80.38
N SER A 846 59.19 -29.37 80.00
CA SER A 846 60.41 -29.49 80.78
C SER A 846 60.32 -28.66 82.05
N LYS A 847 59.49 -27.61 82.05
CA LYS A 847 59.26 -26.83 83.26
C LYS A 847 58.48 -27.65 84.29
N LYS A 848 57.53 -28.46 83.82
CA LYS A 848 56.83 -29.38 84.72
C LYS A 848 57.62 -30.66 84.91
N ASN A 849 58.72 -30.81 84.19
CA ASN A 849 59.71 -31.83 84.50
C ASN A 849 60.70 -31.26 85.52
N ALA A 850 60.85 -29.95 85.53
CA ALA A 850 61.77 -29.28 86.44
C ALA A 850 61.24 -29.26 87.87
N GLN A 851 59.92 -29.43 88.04
CA GLN A 851 59.33 -29.50 89.36
C GLN A 851 59.45 -30.92 89.91
N LEU A 852 59.77 -31.87 89.04
CA LEU A 852 59.98 -33.26 89.43
C LEU A 852 61.44 -33.66 89.34
N GLU A 853 62.19 -33.13 88.37
CA GLU A 853 63.61 -33.42 88.19
C GLU A 853 64.31 -32.10 87.93
N LYS A 854 65.13 -31.67 88.89
CA LYS A 854 65.71 -30.33 88.92
C LYS A 854 66.85 -30.17 87.90
N ARG A 855 67.20 -31.26 87.20
CA ARG A 855 68.20 -31.24 86.14
C ARG A 855 67.83 -30.24 85.03
N SER A 856 66.67 -30.44 84.40
CA SER A 856 65.89 -29.43 83.67
C SER A 856 66.52 -28.94 82.37
N PHE A 857 67.77 -29.31 82.11
CA PHE A 857 68.41 -29.00 80.83
C PHE A 857 68.69 -30.29 80.07
N CYS A 858 69.27 -31.26 80.77
CA CYS A 858 69.49 -32.58 80.19
C CYS A 858 68.32 -33.51 80.44
N SER A 859 67.59 -33.34 81.54
CA SER A 859 66.32 -34.06 81.71
C SER A 859 65.26 -33.48 80.79
N ALA A 860 65.44 -32.21 80.40
CA ALA A 860 64.74 -31.70 79.23
C ALA A 860 65.14 -32.45 77.96
N MET A 861 66.43 -32.77 77.82
CA MET A 861 66.94 -33.42 76.62
C MET A 861 66.54 -34.89 76.57
N VAL A 862 66.50 -35.56 77.73
CA VAL A 862 66.15 -36.98 77.83
C VAL A 862 64.71 -37.23 77.37
N GLU A 863 63.86 -36.20 77.47
CA GLU A 863 62.50 -36.26 76.95
C GLU A 863 62.47 -36.53 75.45
N GLU A 864 63.46 -36.02 74.70
CA GLU A 864 63.60 -36.41 73.30
C GLU A 864 64.76 -37.36 73.08
N LEU A 865 65.30 -37.96 74.14
CA LEU A 865 65.99 -39.25 73.98
C LEU A 865 64.97 -40.39 73.92
N ARG A 866 63.69 -40.06 73.99
CA ARG A 866 62.64 -41.01 73.63
C ARG A 866 61.93 -40.55 72.35
N MET A 867 62.02 -39.27 71.99
CA MET A 867 61.29 -38.80 70.81
C MET A 867 62.07 -39.07 69.53
N SER A 868 63.31 -39.55 69.65
CA SER A 868 64.04 -40.02 68.48
C SER A 868 63.83 -41.52 68.32
N LEU A 869 62.76 -42.02 68.92
CA LEU A 869 62.30 -43.40 68.74
C LEU A 869 60.97 -43.45 68.01
N LYS A 870 60.98 -43.86 66.75
CA LYS A 870 59.91 -43.73 65.75
C LYS A 870 58.84 -44.80 66.01
N CYS A 871 58.12 -45.21 64.96
CA CYS A 871 56.89 -45.99 65.08
C CYS A 871 57.16 -47.37 65.70
N GLN A 872 57.41 -47.33 67.00
CA GLN A 872 57.83 -48.42 67.87
C GLN A 872 57.03 -48.20 69.14
N ARG A 873 56.09 -47.25 69.05
CA ARG A 873 55.38 -46.71 70.19
C ARG A 873 54.48 -47.76 70.85
N ARG A 874 54.12 -47.50 72.09
CA ARG A 874 53.56 -48.53 72.95
C ARG A 874 52.63 -47.93 74.00
N THR B 33 -2.96 70.19 -55.00
CA THR B 33 -1.76 70.61 -55.70
C THR B 33 -0.63 69.62 -55.45
N HIS B 34 -0.40 69.28 -54.18
CA HIS B 34 0.56 68.27 -53.79
C HIS B 34 0.05 66.86 -54.10
N VAL B 35 0.01 66.51 -55.38
CA VAL B 35 -0.55 65.22 -55.80
C VAL B 35 0.38 64.08 -55.39
N LEU B 36 -0.11 63.22 -54.48
CA LEU B 36 0.65 62.06 -54.05
C LEU B 36 0.37 60.88 -54.97
N ARG B 37 1.34 59.98 -55.08
CA ARG B 37 1.25 58.91 -56.07
C ARG B 37 1.68 57.58 -55.45
N PHE B 38 1.02 57.20 -54.36
CA PHE B 38 1.24 55.92 -53.67
C PHE B 38 1.15 54.74 -54.62
N GLY B 39 2.27 54.04 -54.83
CA GLY B 39 2.31 52.88 -55.68
C GLY B 39 1.72 51.66 -55.00
N GLY B 40 1.91 50.52 -55.63
CA GLY B 40 1.40 49.29 -55.08
C GLY B 40 1.63 48.11 -56.00
N ILE B 41 1.86 46.96 -55.40
CA ILE B 41 2.12 45.73 -56.14
C ILE B 41 1.21 44.64 -55.58
N PHE B 42 0.40 44.02 -56.45
CA PHE B 42 -0.66 43.15 -55.97
C PHE B 42 -0.75 41.88 -56.80
N GLU B 43 -1.79 41.08 -56.50
CA GLU B 43 -1.97 39.76 -57.08
C GLU B 43 -2.47 39.84 -58.51
N TYR B 44 -2.04 38.89 -59.35
CA TYR B 44 -2.49 38.78 -60.72
C TYR B 44 -3.10 37.39 -60.89
N VAL B 45 -4.44 37.32 -60.88
CA VAL B 45 -5.13 36.06 -60.70
C VAL B 45 -5.75 35.53 -62.00
N GLU B 46 -6.21 36.43 -62.88
CA GLU B 46 -6.81 36.18 -64.20
C GLU B 46 -8.15 35.46 -64.18
N SER B 47 -8.64 35.06 -63.00
CA SER B 47 -9.86 34.28 -62.93
C SER B 47 -11.10 35.18 -62.94
N GLY B 48 -11.24 36.01 -61.92
CA GLY B 48 -12.38 36.88 -61.79
C GLY B 48 -11.97 38.31 -61.55
N PRO B 49 -12.46 38.89 -60.44
CA PRO B 49 -12.06 40.26 -60.10
C PRO B 49 -10.66 40.34 -59.52
N MET B 50 -10.27 41.52 -59.07
CA MET B 50 -8.97 41.72 -58.46
C MET B 50 -8.94 41.12 -57.05
N GLY B 51 -7.76 41.10 -56.42
CA GLY B 51 -7.61 40.48 -55.13
C GLY B 51 -8.32 41.22 -54.01
N ALA B 52 -8.34 40.61 -52.83
CA ALA B 52 -8.98 41.23 -51.68
C ALA B 52 -8.14 42.38 -51.15
N GLU B 53 -6.83 42.33 -51.38
CA GLU B 53 -5.95 43.40 -50.94
C GLU B 53 -6.06 44.62 -51.85
N GLU B 54 -6.12 44.38 -53.17
CA GLU B 54 -6.12 45.49 -54.12
C GLU B 54 -7.45 46.24 -54.10
N LEU B 55 -8.55 45.54 -53.80
CA LEU B 55 -9.81 46.21 -53.56
C LEU B 55 -9.75 47.07 -52.30
N ALA B 56 -9.05 46.60 -51.28
CA ALA B 56 -8.92 47.36 -50.04
C ALA B 56 -8.04 48.58 -50.24
N PHE B 57 -7.07 48.48 -51.15
CA PHE B 57 -6.19 49.60 -51.42
C PHE B 57 -6.88 50.66 -52.28
N ARG B 58 -7.79 50.23 -53.15
CA ARG B 58 -8.58 51.18 -53.91
C ARG B 58 -9.67 51.82 -53.05
N PHE B 59 -10.24 51.05 -52.12
CA PHE B 59 -11.29 51.58 -51.26
C PHE B 59 -10.73 52.56 -50.23
N ALA B 60 -9.46 52.37 -49.85
CA ALA B 60 -8.86 53.25 -48.84
C ALA B 60 -8.53 54.61 -49.42
N VAL B 61 -8.08 54.64 -50.68
CA VAL B 61 -7.71 55.91 -51.31
C VAL B 61 -8.98 56.69 -51.69
N ASN B 62 -10.00 55.98 -52.17
CA ASN B 62 -11.25 56.62 -52.55
C ASN B 62 -11.99 57.19 -51.33
N THR B 63 -11.80 56.57 -50.17
CA THR B 63 -12.38 57.11 -48.95
C THR B 63 -11.61 58.35 -48.48
N ILE B 64 -10.28 58.31 -48.59
CA ILE B 64 -9.46 59.35 -47.97
C ILE B 64 -9.43 60.61 -48.83
N ASN B 65 -9.81 60.51 -50.11
CA ASN B 65 -10.01 61.71 -50.91
C ASN B 65 -11.36 62.36 -50.59
N ARG B 66 -12.27 61.58 -50.02
CA ARG B 66 -13.64 62.02 -49.81
C ARG B 66 -13.85 62.58 -48.40
N ASN B 67 -13.18 61.99 -47.40
CA ASN B 67 -13.45 62.32 -46.01
C ASN B 67 -12.90 63.70 -45.64
N ARG B 68 -11.75 64.06 -46.24
CA ARG B 68 -11.09 65.36 -46.12
C ARG B 68 -10.78 65.76 -44.67
N THR B 69 -10.41 64.79 -43.83
CA THR B 69 -10.08 65.10 -42.44
C THR B 69 -8.64 64.74 -42.13
N LEU B 70 -8.09 63.75 -42.83
CA LEU B 70 -6.69 63.40 -42.67
C LEU B 70 -5.83 64.33 -43.51
N LEU B 71 -6.47 65.06 -44.40
CA LEU B 71 -5.80 65.95 -45.35
C LEU B 71 -6.76 67.06 -45.75
N PRO B 72 -6.35 68.32 -45.66
CA PRO B 72 -7.21 69.40 -46.16
C PRO B 72 -7.33 69.39 -47.68
N ASN B 73 -6.21 69.46 -48.39
CA ASN B 73 -6.21 69.65 -49.83
C ASN B 73 -5.07 68.89 -50.52
N THR B 74 -4.84 67.64 -50.10
CA THR B 74 -3.72 66.86 -50.61
C THR B 74 -4.21 65.53 -51.13
N THR B 75 -4.53 65.47 -52.42
CA THR B 75 -5.16 64.31 -53.02
C THR B 75 -4.13 63.22 -53.29
N LEU B 76 -4.61 61.99 -53.42
CA LEU B 76 -3.76 60.82 -53.67
C LEU B 76 -4.16 60.19 -55.00
N THR B 77 -3.20 59.50 -55.63
CA THR B 77 -3.44 58.81 -56.89
C THR B 77 -2.74 57.47 -56.88
N TYR B 78 -3.54 56.41 -56.76
CA TYR B 78 -2.99 55.05 -56.65
C TYR B 78 -2.46 54.60 -58.01
N ASP B 79 -1.40 53.80 -57.96
CA ASP B 79 -0.70 53.38 -59.18
C ASP B 79 -0.44 51.87 -59.14
N THR B 80 -1.49 51.07 -58.91
CA THR B 80 -1.37 49.64 -58.70
C THR B 80 -0.87 48.90 -59.93
N GLN B 81 -0.07 47.86 -59.68
CA GLN B 81 0.42 46.94 -60.71
C GLN B 81 0.35 45.52 -60.18
N LYS B 82 0.47 44.55 -61.07
CA LYS B 82 0.23 43.15 -60.76
C LYS B 82 1.42 42.30 -61.16
N ILE B 83 1.84 41.40 -60.28
CA ILE B 83 2.95 40.49 -60.52
C ILE B 83 2.48 39.05 -60.28
N ASN B 84 3.36 38.09 -60.53
CA ASN B 84 3.00 36.69 -60.38
C ASN B 84 2.96 36.21 -58.95
N LEU B 85 3.74 36.83 -58.04
CA LEU B 85 3.71 36.52 -56.60
C LEU B 85 4.02 35.06 -56.29
N TYR B 86 5.31 34.67 -56.19
CA TYR B 86 6.03 33.54 -56.77
C TYR B 86 6.93 33.95 -57.93
N ASP B 87 7.21 35.24 -58.09
CA ASP B 87 8.22 35.69 -59.06
C ASP B 87 8.92 36.93 -58.51
N SER B 88 10.17 36.76 -58.09
CA SER B 88 10.91 37.85 -57.44
C SER B 88 11.66 38.71 -58.44
N PHE B 89 11.47 38.46 -59.73
CA PHE B 89 12.12 39.31 -60.74
C PHE B 89 11.14 40.31 -61.31
N GLU B 90 9.90 39.88 -61.57
CA GLU B 90 8.88 40.83 -61.99
C GLU B 90 8.47 41.72 -60.82
N ALA B 91 8.60 41.21 -59.60
CA ALA B 91 8.48 42.05 -58.41
C ALA B 91 9.60 43.08 -58.38
N SER B 92 10.79 42.72 -58.84
CA SER B 92 11.91 43.67 -58.83
C SER B 92 11.97 44.46 -60.13
N LYS B 93 10.99 44.26 -61.02
CA LYS B 93 10.98 45.03 -62.27
C LYS B 93 9.77 45.95 -62.32
N LYS B 94 8.63 45.49 -61.80
CA LYS B 94 7.47 46.37 -61.66
C LYS B 94 7.70 47.42 -60.58
N ALA B 95 8.59 47.14 -59.62
CA ALA B 95 8.93 48.13 -58.61
C ALA B 95 9.88 49.18 -59.17
N CYS B 96 10.71 48.82 -60.14
CA CYS B 96 11.52 49.83 -60.82
C CYS B 96 10.69 50.66 -61.77
N ASP B 97 9.53 50.16 -62.20
CA ASP B 97 8.63 50.96 -63.00
C ASP B 97 7.99 52.06 -62.16
N GLN B 98 7.49 51.71 -60.97
CA GLN B 98 6.81 52.68 -60.13
C GLN B 98 7.80 53.67 -59.52
N LEU B 99 9.00 53.21 -59.20
CA LEU B 99 10.05 54.11 -58.72
C LEU B 99 10.50 55.10 -59.77
N SER B 100 10.58 54.69 -61.04
CA SER B 100 10.92 55.61 -62.12
C SER B 100 9.76 56.51 -62.47
N LEU B 101 8.53 56.03 -62.28
CA LEU B 101 7.35 56.83 -62.59
C LEU B 101 7.12 57.84 -61.47
N GLY B 102 7.62 57.53 -60.27
CA GLY B 102 7.54 58.45 -59.16
C GLY B 102 6.47 58.09 -58.14
N VAL B 103 6.90 57.55 -56.99
CA VAL B 103 5.99 57.24 -55.90
C VAL B 103 6.50 57.89 -54.63
N ALA B 104 5.79 57.68 -53.52
CA ALA B 104 6.26 58.07 -52.20
C ALA B 104 6.10 56.93 -51.22
N ALA B 105 5.64 55.78 -51.71
CA ALA B 105 5.48 54.56 -50.94
C ALA B 105 5.33 53.37 -51.88
N ILE B 106 5.66 52.18 -51.39
CA ILE B 106 5.42 50.93 -52.12
C ILE B 106 4.70 50.01 -51.15
N PHE B 107 3.43 49.72 -51.43
CA PHE B 107 2.62 49.01 -50.45
C PHE B 107 2.77 47.50 -50.51
N GLY B 108 3.78 47.02 -51.22
CA GLY B 108 4.37 45.74 -50.92
C GLY B 108 3.65 44.54 -51.51
N PRO B 109 4.42 43.62 -52.07
CA PRO B 109 3.88 42.29 -52.37
C PRO B 109 3.54 41.53 -51.11
N SER B 110 2.76 40.47 -51.24
CA SER B 110 2.24 39.72 -50.10
C SER B 110 2.73 38.29 -50.13
N HIS B 111 4.02 38.11 -50.37
CA HIS B 111 4.64 36.79 -50.38
C HIS B 111 6.05 36.91 -49.82
N SER B 112 6.56 35.82 -49.25
CA SER B 112 7.83 35.84 -48.52
C SER B 112 9.03 35.87 -49.47
N SER B 113 8.81 35.74 -50.77
CA SER B 113 9.92 35.78 -51.72
C SER B 113 9.90 37.05 -52.54
N SER B 114 8.72 37.66 -52.67
CA SER B 114 8.62 38.91 -53.43
C SER B 114 8.76 40.11 -52.51
N ALA B 115 8.66 39.89 -51.20
CA ALA B 115 8.90 40.97 -50.25
C ALA B 115 10.38 41.28 -50.15
N ASN B 116 11.21 40.24 -50.16
CA ASN B 116 12.65 40.42 -50.00
C ASN B 116 13.30 41.12 -51.20
N ALA B 117 12.63 41.09 -52.35
CA ALA B 117 13.21 41.72 -53.53
C ALA B 117 12.85 43.19 -53.60
N VAL B 118 11.63 43.55 -53.18
CA VAL B 118 11.20 44.93 -53.30
C VAL B 118 11.66 45.74 -52.08
N GLN B 119 11.89 45.07 -50.95
CA GLN B 119 12.41 45.76 -49.77
C GLN B 119 13.82 46.27 -50.00
N SER B 120 14.64 45.51 -50.73
CA SER B 120 16.00 45.95 -50.98
C SER B 120 16.06 47.03 -52.04
N ILE B 121 15.04 47.13 -52.90
CA ILE B 121 14.93 48.27 -53.80
C ILE B 121 14.58 49.52 -53.00
N CYS B 122 13.62 49.38 -52.09
CA CYS B 122 13.15 50.50 -51.30
C CYS B 122 14.18 50.97 -50.29
N ASN B 123 15.05 50.08 -49.82
CA ASN B 123 16.18 50.53 -49.01
C ASN B 123 17.19 51.30 -49.84
N ALA B 124 17.51 50.85 -51.06
CA ALA B 124 18.54 51.49 -51.86
C ALA B 124 18.06 52.79 -52.49
N LEU B 125 16.76 53.05 -52.51
CA LEU B 125 16.24 54.24 -53.15
C LEU B 125 15.47 55.16 -52.21
N GLY B 126 15.48 54.89 -50.91
CA GLY B 126 14.90 55.84 -49.98
C GLY B 126 13.44 55.63 -49.62
N VAL B 127 12.61 55.39 -50.64
CA VAL B 127 11.15 55.28 -50.57
C VAL B 127 10.73 54.18 -49.60
N PRO B 128 9.72 54.39 -48.76
CA PRO B 128 9.28 53.34 -47.82
C PRO B 128 8.66 52.12 -48.49
N HIS B 129 8.50 51.06 -47.71
CA HIS B 129 8.02 49.76 -48.19
C HIS B 129 6.97 49.17 -47.26
N ILE B 130 5.87 49.89 -47.05
CA ILE B 130 4.87 49.56 -46.05
C ILE B 130 4.19 48.23 -46.39
N GLN B 131 4.53 47.18 -45.64
CA GLN B 131 4.03 45.84 -45.88
C GLN B 131 2.75 45.57 -45.11
N THR B 132 2.06 44.46 -45.42
CA THR B 132 0.80 44.15 -44.75
C THR B 132 0.66 42.69 -44.35
N ARG B 133 1.67 41.85 -44.60
CA ARG B 133 1.58 40.48 -44.12
C ARG B 133 2.99 40.00 -43.78
N TRP B 134 3.05 39.04 -42.85
CA TRP B 134 4.28 38.61 -42.19
C TRP B 134 5.22 37.93 -43.19
N LYS B 135 6.38 38.54 -43.40
CA LYS B 135 7.47 37.87 -44.07
C LYS B 135 8.42 37.33 -43.02
N HIS B 136 9.30 36.41 -43.41
CA HIS B 136 10.35 35.95 -42.51
C HIS B 136 11.40 37.04 -42.41
N GLN B 137 11.56 37.60 -41.21
CA GLN B 137 12.65 38.55 -41.01
C GLN B 137 13.93 37.78 -40.79
N VAL B 138 14.99 38.18 -41.48
CA VAL B 138 16.20 37.38 -41.60
C VAL B 138 17.04 37.58 -40.33
N SER B 139 16.75 38.68 -39.62
CA SER B 139 17.37 39.11 -38.36
C SER B 139 18.85 39.45 -38.49
N ASP B 140 19.35 39.49 -39.72
CA ASP B 140 20.71 39.91 -40.03
C ASP B 140 20.72 40.85 -41.23
N ASN B 141 19.54 41.16 -41.76
CA ASN B 141 19.40 42.11 -42.85
C ASN B 141 19.20 43.50 -42.25
N LYS B 142 20.08 44.42 -42.60
CA LYS B 142 20.08 45.76 -42.00
C LYS B 142 19.29 46.73 -42.88
N ASP B 143 17.98 46.61 -42.86
CA ASP B 143 17.11 47.50 -43.61
C ASP B 143 16.33 48.38 -42.64
N SER B 144 16.17 49.65 -43.01
CA SER B 144 15.51 50.62 -42.14
C SER B 144 14.46 51.45 -42.87
N PHE B 145 13.94 50.96 -44.00
CA PHE B 145 12.92 51.63 -44.80
C PHE B 145 11.76 50.66 -44.94
N TYR B 146 11.32 50.11 -43.81
CA TYR B 146 10.58 48.86 -43.74
C TYR B 146 9.66 48.84 -42.53
N VAL B 147 8.34 48.86 -42.76
CA VAL B 147 7.37 48.68 -41.69
C VAL B 147 6.38 47.59 -42.08
N SER B 148 5.90 46.85 -41.08
CA SER B 148 5.02 45.71 -41.30
C SER B 148 3.82 45.82 -40.37
N LEU B 149 2.63 45.96 -40.95
CA LEU B 149 1.43 46.13 -40.14
C LEU B 149 0.82 44.81 -39.69
N TYR B 150 1.42 43.68 -40.02
CA TYR B 150 0.88 42.40 -39.57
C TYR B 150 1.40 42.19 -38.17
N PRO B 151 0.61 41.65 -37.24
CA PRO B 151 1.10 41.42 -35.87
C PRO B 151 2.22 40.41 -35.82
N ASP B 152 3.37 40.84 -35.32
CA ASP B 152 4.58 40.05 -35.38
C ASP B 152 4.48 38.81 -34.49
N PHE B 153 4.92 37.67 -35.02
CA PHE B 153 4.78 36.40 -34.31
C PHE B 153 5.80 36.20 -33.20
N SER B 154 6.58 37.22 -32.85
CA SER B 154 7.29 37.18 -31.58
C SER B 154 6.47 37.84 -30.49
N SER B 155 5.27 38.32 -30.84
CA SER B 155 4.36 38.85 -29.84
C SER B 155 3.02 38.15 -29.89
N LEU B 156 2.63 37.65 -31.06
CA LEU B 156 1.38 36.91 -31.16
C LEU B 156 1.55 35.49 -30.66
N SER B 157 2.79 34.99 -30.60
CA SER B 157 3.01 33.64 -30.12
C SER B 157 3.32 33.60 -28.63
N ARG B 158 3.22 34.73 -27.94
CA ARG B 158 3.04 34.69 -26.49
C ARG B 158 1.56 34.68 -26.15
N ALA B 159 0.72 35.11 -27.08
CA ALA B 159 -0.72 35.08 -26.84
C ALA B 159 -1.26 33.66 -26.92
N ILE B 160 -0.78 32.86 -27.87
CA ILE B 160 -1.12 31.45 -27.89
C ILE B 160 -0.50 30.74 -26.70
N LEU B 161 0.66 31.21 -26.25
CA LEU B 161 1.30 30.61 -25.09
C LEU B 161 0.59 30.99 -23.79
N ASP B 162 -0.07 32.16 -23.76
CA ASP B 162 -0.80 32.54 -22.55
C ASP B 162 -2.14 31.81 -22.47
N LEU B 163 -2.69 31.39 -23.61
CA LEU B 163 -3.92 30.60 -23.57
C LEU B 163 -3.66 29.16 -23.15
N VAL B 164 -2.48 28.62 -23.49
CA VAL B 164 -2.18 27.25 -23.08
C VAL B 164 -1.58 27.22 -21.68
N GLN B 165 -1.44 28.38 -21.04
CA GLN B 165 -1.13 28.42 -19.62
C GLN B 165 -2.35 28.88 -18.81
N PHE B 166 -3.34 29.46 -19.47
CA PHE B 166 -4.60 29.78 -18.81
C PHE B 166 -5.54 28.58 -18.82
N PHE B 167 -5.53 27.78 -19.87
CA PHE B 167 -6.35 26.58 -19.96
C PHE B 167 -5.69 25.39 -19.27
N LYS B 168 -4.47 25.57 -18.77
CA LYS B 168 -3.71 24.57 -18.00
C LYS B 168 -3.50 23.28 -18.78
N TRP B 169 -2.89 23.37 -19.95
CA TRP B 169 -2.68 22.22 -20.80
C TRP B 169 -1.31 21.61 -20.55
N LYS B 170 -1.18 20.33 -20.92
CA LYS B 170 0.10 19.63 -20.87
C LYS B 170 0.33 18.81 -22.13
N THR B 171 -0.66 18.78 -23.03
CA THR B 171 -0.56 17.91 -24.22
C THR B 171 -0.91 18.64 -25.51
N VAL B 172 -0.34 19.82 -25.75
CA VAL B 172 -0.54 20.58 -26.97
C VAL B 172 -0.03 19.80 -28.19
N THR B 173 -0.67 19.99 -29.33
CA THR B 173 -0.39 19.19 -30.53
C THR B 173 -0.36 20.09 -31.76
N VAL B 174 0.54 21.08 -31.76
CA VAL B 174 0.72 22.07 -32.81
C VAL B 174 0.74 21.48 -34.22
N VAL B 175 -0.15 21.95 -35.07
CA VAL B 175 -0.26 21.50 -36.46
C VAL B 175 -0.07 22.73 -37.35
N TYR B 176 1.07 22.80 -38.04
CA TYR B 176 1.31 23.93 -38.93
C TYR B 176 0.94 23.55 -40.36
N ASP B 177 1.24 24.42 -41.32
CA ASP B 177 0.80 24.19 -42.69
C ASP B 177 1.98 24.06 -43.64
N ASP B 178 2.92 24.99 -43.58
CA ASP B 178 4.11 24.94 -44.42
C ASP B 178 5.33 25.22 -43.55
N SER B 179 6.51 24.99 -44.12
CA SER B 179 7.78 25.08 -43.40
C SER B 179 8.07 26.48 -42.88
N THR B 180 7.58 27.52 -43.55
CA THR B 180 7.66 28.87 -43.01
C THR B 180 6.84 29.01 -41.74
N GLY B 181 5.76 28.25 -41.60
CA GLY B 181 4.90 28.37 -40.43
C GLY B 181 5.46 27.71 -39.19
N LEU B 182 6.65 27.15 -39.28
CA LEU B 182 7.33 26.63 -38.10
C LEU B 182 8.05 27.76 -37.38
N ILE B 183 8.21 28.91 -38.05
CA ILE B 183 8.86 30.07 -37.46
C ILE B 183 7.82 31.00 -36.84
N ARG B 184 6.58 31.00 -37.34
CA ARG B 184 5.53 31.81 -36.75
C ARG B 184 5.19 31.31 -35.35
N LEU B 185 5.30 30.01 -35.12
CA LEU B 185 5.20 29.49 -33.77
C LEU B 185 6.57 29.22 -33.17
N GLN B 186 7.46 30.21 -33.19
CA GLN B 186 8.82 29.98 -32.70
C GLN B 186 8.85 29.88 -31.19
N GLU B 187 8.34 30.91 -30.50
CA GLU B 187 8.44 30.93 -29.04
C GLU B 187 7.35 30.11 -28.37
N LEU B 188 6.54 29.40 -29.15
CA LEU B 188 5.70 28.33 -28.63
C LEU B 188 6.43 26.99 -28.63
N ILE B 189 7.30 26.76 -29.61
CA ILE B 189 8.08 25.52 -29.66
C ILE B 189 9.12 25.48 -28.54
N LYS B 190 9.66 26.63 -28.15
CA LYS B 190 10.68 26.70 -27.11
C LYS B 190 10.09 26.63 -25.69
N ALA B 191 8.78 26.52 -25.56
CA ALA B 191 8.07 26.50 -24.27
C ALA B 191 8.22 25.26 -23.38
N PRO B 192 8.39 24.00 -23.90
CA PRO B 192 8.72 22.90 -22.99
C PRO B 192 10.03 23.02 -22.23
N SER B 193 10.94 23.87 -22.70
CA SER B 193 12.13 24.22 -21.93
C SER B 193 11.76 24.96 -20.65
N ARG B 194 10.92 25.99 -20.77
CA ARG B 194 10.51 26.76 -19.59
C ARG B 194 9.34 26.12 -18.86
N TYR B 195 8.19 25.99 -19.53
CA TYR B 195 6.98 25.49 -18.87
C TYR B 195 6.92 23.97 -18.90
N ASN B 196 5.87 23.40 -18.31
CA ASN B 196 5.64 21.97 -18.34
C ASN B 196 4.64 21.59 -19.43
N LEU B 197 4.91 21.93 -20.68
CA LEU B 197 4.08 21.47 -21.79
C LEU B 197 4.68 20.20 -22.38
N ARG B 198 4.00 19.60 -23.35
CA ARG B 198 4.57 18.49 -24.11
C ARG B 198 4.02 18.55 -25.52
N LEU B 199 4.76 19.19 -26.42
CA LEU B 199 4.38 19.38 -27.81
C LEU B 199 4.45 18.07 -28.58
N LYS B 200 3.68 17.98 -29.67
CA LYS B 200 3.71 16.80 -30.50
C LYS B 200 3.57 17.20 -31.98
N ILE B 201 4.41 18.16 -32.41
CA ILE B 201 4.34 18.90 -33.68
C ILE B 201 4.08 18.02 -34.90
N ARG B 202 3.04 18.36 -35.66
CA ARG B 202 2.66 17.62 -36.85
C ARG B 202 2.53 18.59 -38.01
N GLN B 203 2.42 18.04 -39.23
CA GLN B 203 2.34 18.85 -40.44
C GLN B 203 1.19 18.34 -41.30
N LEU B 204 0.39 19.27 -41.83
CA LEU B 204 -0.63 18.95 -42.81
C LEU B 204 0.02 18.41 -44.07
N PRO B 205 -0.62 17.50 -44.82
CA PRO B 205 0.02 16.92 -46.02
C PRO B 205 0.27 17.94 -47.12
N ALA B 206 1.36 17.76 -47.86
CA ALA B 206 1.84 18.74 -48.81
C ALA B 206 0.99 18.75 -50.08
N ASP B 207 0.06 19.72 -50.13
CA ASP B 207 -0.81 20.02 -51.28
C ASP B 207 -1.64 18.81 -51.68
N THR B 208 -2.47 18.31 -50.77
CA THR B 208 -3.44 17.28 -51.08
C THR B 208 -4.86 17.70 -50.70
N LYS B 209 -4.98 18.73 -49.84
CA LYS B 209 -6.22 19.28 -49.30
C LYS B 209 -7.06 18.21 -48.59
N ASP B 210 -6.42 17.20 -48.01
CA ASP B 210 -7.11 16.07 -47.41
C ASP B 210 -6.34 15.62 -46.17
N ALA B 211 -6.76 16.11 -45.01
CA ALA B 211 -6.07 15.83 -43.75
C ALA B 211 -6.64 14.63 -43.03
N LYS B 212 -7.25 13.69 -43.75
CA LYS B 212 -7.77 12.49 -43.11
C LYS B 212 -6.70 11.50 -42.64
N PRO B 213 -5.56 11.26 -43.35
CA PRO B 213 -4.51 10.45 -42.71
C PRO B 213 -3.83 11.13 -41.53
N LEU B 214 -3.93 12.46 -41.44
CA LEU B 214 -3.40 13.14 -40.27
C LEU B 214 -4.35 13.04 -39.08
N LEU B 215 -5.63 13.37 -39.30
CA LEU B 215 -6.59 13.40 -38.21
C LEU B 215 -6.90 12.01 -37.68
N LYS B 216 -6.67 10.96 -38.49
CA LYS B 216 -6.81 9.60 -37.98
C LYS B 216 -5.69 9.27 -37.00
N GLU B 217 -4.51 9.84 -37.22
CA GLU B 217 -3.41 9.65 -36.27
C GLU B 217 -3.60 10.53 -35.05
N MET B 218 -4.36 11.62 -35.18
CA MET B 218 -4.58 12.51 -34.05
C MET B 218 -5.63 11.95 -33.11
N LYS B 219 -6.62 11.22 -33.65
CA LYS B 219 -7.58 10.53 -32.80
C LYS B 219 -6.96 9.33 -32.11
N ARG B 220 -6.22 8.50 -32.85
CA ARG B 220 -5.61 7.30 -32.31
C ARG B 220 -4.53 7.60 -31.27
N GLY B 221 -3.86 8.73 -31.37
CA GLY B 221 -2.86 9.13 -30.40
C GLY B 221 -3.40 9.83 -29.18
N LYS B 222 -4.74 9.95 -29.05
CA LYS B 222 -5.44 10.60 -27.94
C LYS B 222 -5.02 12.06 -27.77
N GLU B 223 -5.18 12.84 -28.84
CA GLU B 223 -4.70 14.21 -28.90
C GLU B 223 -5.91 15.14 -28.90
N PHE B 224 -6.19 15.78 -27.76
CA PHE B 224 -7.43 16.51 -27.57
C PHE B 224 -7.25 18.02 -27.70
N HIS B 225 -6.03 18.52 -27.50
CA HIS B 225 -5.79 19.95 -27.47
C HIS B 225 -4.88 20.33 -28.64
N VAL B 226 -5.45 21.00 -29.64
CA VAL B 226 -4.78 21.19 -30.92
C VAL B 226 -4.60 22.68 -31.21
N ILE B 227 -3.37 23.07 -31.52
CA ILE B 227 -3.08 24.44 -31.97
C ILE B 227 -2.82 24.42 -33.48
N PHE B 228 -3.81 24.82 -34.28
CA PHE B 228 -3.56 24.87 -35.71
C PHE B 228 -2.80 26.14 -36.09
N ASP B 229 -2.06 26.07 -37.20
CA ASP B 229 -1.41 27.23 -37.81
C ASP B 229 -1.66 27.21 -39.31
N CYS B 230 -2.77 27.80 -39.74
CA CYS B 230 -3.19 27.73 -41.14
C CYS B 230 -3.55 29.12 -41.64
N SER B 231 -4.17 29.18 -42.81
CA SER B 231 -4.91 30.36 -43.21
C SER B 231 -6.36 30.22 -42.77
N HIS B 232 -7.21 31.15 -43.21
CA HIS B 232 -8.63 31.02 -42.91
C HIS B 232 -9.35 30.26 -44.00
N GLU B 233 -8.61 29.83 -45.03
CA GLU B 233 -9.21 29.05 -46.10
C GLU B 233 -8.99 27.56 -45.87
N MET B 234 -7.92 27.22 -45.15
CA MET B 234 -7.68 25.81 -44.84
C MET B 234 -8.15 25.45 -43.44
N ALA B 235 -8.41 26.44 -42.59
CA ALA B 235 -8.99 26.16 -41.29
C ALA B 235 -10.48 25.84 -41.39
N ALA B 236 -11.08 26.17 -42.54
CA ALA B 236 -12.43 25.71 -42.82
C ALA B 236 -12.40 24.36 -43.54
N GLY B 237 -11.22 23.96 -44.00
CA GLY B 237 -11.10 22.72 -44.75
C GLY B 237 -10.68 21.55 -43.90
N ILE B 238 -10.08 21.84 -42.73
CA ILE B 238 -9.74 20.75 -41.82
C ILE B 238 -10.59 20.83 -40.56
N LEU B 239 -11.76 21.49 -40.66
CA LEU B 239 -12.82 21.25 -39.70
C LEU B 239 -13.98 20.52 -40.35
N LYS B 240 -14.11 20.66 -41.66
CA LYS B 240 -15.04 19.85 -42.43
C LYS B 240 -14.55 18.40 -42.49
N GLN B 241 -13.24 18.20 -42.35
CA GLN B 241 -12.71 16.84 -42.27
C GLN B 241 -12.47 16.42 -40.83
N ALA B 242 -12.56 17.35 -39.87
CA ALA B 242 -12.53 16.96 -38.47
C ALA B 242 -13.92 16.66 -37.95
N LEU B 243 -14.93 16.87 -38.80
CA LEU B 243 -16.30 16.52 -38.45
C LEU B 243 -16.69 15.17 -39.04
N ALA B 244 -16.19 14.87 -40.23
CA ALA B 244 -16.43 13.56 -40.84
C ALA B 244 -15.65 12.47 -40.12
N MET B 245 -14.55 12.82 -39.46
CA MET B 245 -13.83 11.90 -38.60
C MET B 245 -14.46 11.77 -37.22
N GLY B 246 -15.45 12.60 -36.91
CA GLY B 246 -16.09 12.53 -35.62
C GLY B 246 -15.23 13.09 -34.51
N MET B 247 -14.37 14.05 -34.84
CA MET B 247 -13.52 14.69 -33.86
C MET B 247 -14.07 16.02 -33.37
N MET B 248 -15.32 16.36 -33.66
CA MET B 248 -15.94 17.56 -33.11
C MET B 248 -16.85 17.18 -31.95
N THR B 249 -16.25 16.61 -30.91
CA THR B 249 -16.98 16.16 -29.73
C THR B 249 -16.98 17.29 -28.69
N GLU B 250 -17.36 17.00 -27.44
CA GLU B 250 -17.20 17.96 -26.36
C GLU B 250 -15.86 17.80 -25.65
N TYR B 251 -14.97 16.96 -26.17
CA TYR B 251 -13.62 16.81 -25.64
C TYR B 251 -12.60 17.70 -26.32
N TYR B 252 -12.61 17.75 -27.65
CA TYR B 252 -11.56 18.37 -28.43
C TYR B 252 -11.62 19.88 -28.33
N HIS B 253 -10.49 20.48 -27.94
CA HIS B 253 -10.30 21.91 -27.97
C HIS B 253 -9.56 22.25 -29.25
N TYR B 254 -9.67 23.49 -29.73
CA TYR B 254 -8.93 23.89 -30.93
C TYR B 254 -8.53 25.35 -30.91
N ILE B 255 -7.30 25.67 -30.50
CA ILE B 255 -6.85 27.05 -30.57
C ILE B 255 -6.35 27.34 -31.98
N PHE B 256 -6.99 28.27 -32.67
CA PHE B 256 -6.51 28.65 -33.99
C PHE B 256 -5.53 29.80 -33.90
N THR B 257 -4.74 29.99 -34.95
CA THR B 257 -3.72 31.02 -34.99
C THR B 257 -4.19 32.20 -35.84
N THR B 258 -5.07 31.92 -36.80
CA THR B 258 -5.57 32.89 -37.78
C THR B 258 -6.28 34.04 -37.10
N LEU B 259 -6.10 35.24 -37.63
CA LEU B 259 -6.77 36.41 -37.10
C LEU B 259 -8.09 36.61 -37.83
N ASP B 260 -8.40 35.69 -38.74
CA ASP B 260 -9.68 35.70 -39.43
C ASP B 260 -10.58 34.55 -39.00
N LEU B 261 -10.58 34.18 -37.72
CA LEU B 261 -11.42 33.07 -37.28
C LEU B 261 -12.88 33.50 -37.23
N PHE B 262 -13.12 34.82 -37.12
CA PHE B 262 -14.48 35.33 -37.06
C PHE B 262 -15.23 35.14 -38.39
N ALA B 263 -14.48 35.02 -39.49
CA ALA B 263 -15.08 34.73 -40.79
C ALA B 263 -15.11 33.23 -41.07
N LEU B 264 -15.64 32.45 -40.13
CA LEU B 264 -15.84 31.01 -40.30
C LEU B 264 -17.32 30.69 -40.27
N ASP B 265 -17.75 29.80 -41.17
CA ASP B 265 -19.10 29.26 -41.09
C ASP B 265 -19.14 28.28 -39.94
N VAL B 266 -19.54 28.75 -38.76
CA VAL B 266 -19.43 27.98 -37.53
C VAL B 266 -20.79 27.44 -37.11
N GLU B 267 -21.79 27.59 -37.99
CA GLU B 267 -23.13 27.08 -37.75
C GLU B 267 -23.23 25.56 -37.63
N PRO B 268 -22.56 24.71 -38.43
CA PRO B 268 -22.61 23.26 -38.13
C PRO B 268 -21.88 22.86 -36.87
N TYR B 269 -20.91 23.66 -36.40
CA TYR B 269 -20.08 23.28 -35.27
C TYR B 269 -20.56 23.91 -33.97
N ARG B 270 -21.59 24.75 -34.03
CA ARG B 270 -22.03 25.53 -32.88
C ARG B 270 -22.64 24.67 -31.79
N TYR B 271 -23.38 23.62 -32.16
CA TYR B 271 -24.07 22.78 -31.19
C TYR B 271 -23.27 21.57 -30.75
N SER B 272 -22.08 21.36 -31.30
CA SER B 272 -21.34 20.11 -31.10
C SER B 272 -20.82 19.98 -29.68
N GLY B 273 -20.14 21.00 -29.18
CA GLY B 273 -19.52 20.92 -27.88
C GLY B 273 -18.05 21.29 -27.91
N VAL B 274 -17.53 21.61 -29.10
CA VAL B 274 -16.14 22.03 -29.26
C VAL B 274 -15.92 23.41 -28.67
N ASN B 275 -14.66 23.79 -28.59
CA ASN B 275 -14.22 24.96 -27.83
C ASN B 275 -13.27 25.81 -28.68
N MET B 276 -13.69 26.17 -29.89
CA MET B 276 -12.80 26.77 -30.88
C MET B 276 -12.37 28.17 -30.46
N THR B 277 -11.25 28.26 -29.76
CA THR B 277 -10.75 29.55 -29.30
C THR B 277 -9.88 30.12 -30.40
N GLY B 278 -9.62 31.42 -30.39
CA GLY B 278 -8.78 32.03 -31.40
C GLY B 278 -8.45 33.46 -31.05
N PHE B 279 -8.08 34.24 -32.06
CA PHE B 279 -7.78 35.65 -31.82
C PHE B 279 -8.43 36.48 -32.93
N ARG B 280 -8.60 37.77 -32.65
CA ARG B 280 -9.26 38.67 -33.59
C ARG B 280 -8.80 40.08 -33.30
N ILE B 281 -8.01 40.65 -34.21
CA ILE B 281 -7.52 42.01 -34.05
C ILE B 281 -8.49 43.03 -34.62
N LEU B 282 -9.33 42.61 -35.57
CA LEU B 282 -10.31 43.50 -36.21
C LEU B 282 -11.42 43.81 -35.23
N ASN B 283 -11.51 45.07 -34.80
CA ASN B 283 -12.50 45.46 -33.79
C ASN B 283 -13.89 45.57 -34.40
N THR B 284 -14.61 44.45 -34.46
CA THR B 284 -15.95 44.43 -35.03
C THR B 284 -17.01 44.89 -34.03
N GLU B 285 -16.61 45.31 -32.82
CA GLU B 285 -17.54 45.81 -31.83
C GLU B 285 -17.47 47.33 -31.73
N ASN B 286 -16.56 47.96 -32.47
CA ASN B 286 -16.49 49.41 -32.49
C ASN B 286 -17.55 49.94 -33.45
N THR B 287 -17.97 51.20 -33.25
CA THR B 287 -19.06 51.75 -34.05
C THR B 287 -18.58 52.15 -35.44
N GLN B 288 -17.45 52.84 -35.51
CA GLN B 288 -16.94 53.35 -36.78
C GLN B 288 -16.43 52.22 -37.68
N VAL B 289 -15.88 51.17 -37.06
CA VAL B 289 -15.30 50.07 -37.81
C VAL B 289 -16.40 49.23 -38.45
N SER B 290 -17.50 49.03 -37.73
CA SER B 290 -18.59 48.19 -38.23
C SER B 290 -19.34 48.88 -39.37
N SER B 291 -19.24 50.21 -39.45
CA SER B 291 -19.84 50.92 -40.57
C SER B 291 -19.02 50.71 -41.85
N ILE B 292 -17.70 50.60 -41.71
CA ILE B 292 -16.83 50.46 -42.88
C ILE B 292 -16.86 49.03 -43.40
N ILE B 293 -17.01 48.06 -42.49
CA ILE B 293 -17.14 46.66 -42.90
C ILE B 293 -18.47 46.44 -43.64
N GLU B 294 -19.52 47.15 -43.23
CA GLU B 294 -20.78 47.10 -43.96
C GLU B 294 -20.67 47.82 -45.31
N LYS B 295 -19.85 48.87 -45.38
CA LYS B 295 -19.58 49.49 -46.67
C LYS B 295 -18.61 48.66 -47.51
N TRP B 296 -17.84 47.78 -46.86
CA TRP B 296 -16.97 46.87 -47.61
C TRP B 296 -17.78 45.82 -48.34
N SER B 297 -18.85 45.33 -47.72
CA SER B 297 -19.66 44.28 -48.34
C SER B 297 -20.50 44.79 -49.49
N MET B 298 -20.63 46.12 -49.64
CA MET B 298 -21.39 46.68 -50.75
C MET B 298 -20.62 46.65 -52.06
N GLU B 299 -19.31 46.91 -52.01
CA GLU B 299 -18.52 47.01 -53.24
C GLU B 299 -18.24 45.64 -53.83
N ARG B 300 -17.68 44.72 -53.05
CA ARG B 300 -17.53 43.37 -53.56
C ARG B 300 -18.70 42.48 -53.15
N LEU B 301 -19.92 42.99 -53.38
CA LEU B 301 -21.14 42.20 -53.25
C LEU B 301 -21.19 41.10 -54.31
N GLN B 302 -20.59 41.36 -55.48
CA GLN B 302 -20.48 40.38 -56.55
C GLN B 302 -19.43 39.34 -56.18
N ALA B 303 -19.46 38.21 -56.89
CA ALA B 303 -18.54 37.07 -56.78
C ALA B 303 -18.48 36.50 -55.37
N PRO B 304 -19.52 35.80 -54.90
CA PRO B 304 -19.45 35.18 -53.57
C PRO B 304 -18.44 34.03 -53.54
N PRO B 305 -17.44 34.11 -52.67
CA PRO B 305 -16.36 33.11 -52.72
C PRO B 305 -16.75 31.74 -52.19
N LYS B 306 -17.00 30.80 -53.13
CA LYS B 306 -17.20 29.37 -52.95
C LYS B 306 -18.17 29.02 -51.82
N PRO B 307 -19.49 29.14 -52.03
CA PRO B 307 -20.43 28.84 -50.93
C PRO B 307 -20.66 27.36 -50.67
N ASP B 308 -19.59 26.56 -50.67
CA ASP B 308 -19.62 25.18 -50.21
C ASP B 308 -18.34 24.92 -49.42
N SER B 309 -17.47 25.92 -49.36
CA SER B 309 -16.17 25.77 -48.71
C SER B 309 -16.29 25.82 -47.20
N GLY B 310 -17.12 26.72 -46.68
CA GLY B 310 -17.25 26.89 -45.25
C GLY B 310 -16.87 28.27 -44.76
N LEU B 311 -17.04 29.29 -45.60
CA LEU B 311 -16.78 30.65 -45.19
C LEU B 311 -18.07 31.47 -45.26
N LEU B 312 -18.11 32.57 -44.51
CA LEU B 312 -19.31 33.41 -44.51
C LEU B 312 -19.30 34.33 -45.73
N ASP B 313 -20.44 34.95 -46.01
CA ASP B 313 -20.68 35.63 -47.29
C ASP B 313 -19.90 36.93 -47.38
N GLY B 314 -20.23 37.90 -46.52
CA GLY B 314 -19.51 39.15 -46.59
C GLY B 314 -18.83 39.57 -45.30
N PHE B 315 -17.50 39.47 -45.29
CA PHE B 315 -16.66 39.93 -44.19
C PHE B 315 -15.31 40.36 -44.76
N MET B 316 -14.67 41.31 -44.07
CA MET B 316 -13.37 41.80 -44.52
C MET B 316 -12.27 41.09 -43.74
N THR B 317 -11.47 40.30 -44.47
CA THR B 317 -10.38 39.53 -43.88
C THR B 317 -9.28 40.44 -43.34
N THR B 318 -8.45 39.93 -42.43
CA THR B 318 -7.42 40.77 -41.83
C THR B 318 -6.20 40.94 -42.72
N ASP B 319 -6.17 40.26 -43.88
CA ASP B 319 -5.14 40.56 -44.87
C ASP B 319 -5.57 41.70 -45.76
N ALA B 320 -6.82 42.15 -45.63
CA ALA B 320 -7.28 43.32 -46.36
C ALA B 320 -7.62 44.46 -45.43
N ALA B 321 -7.85 44.16 -44.14
CA ALA B 321 -8.06 45.22 -43.16
C ALA B 321 -6.76 45.96 -42.88
N LEU B 322 -5.64 45.24 -42.97
CA LEU B 322 -4.35 45.88 -42.74
C LEU B 322 -3.91 46.69 -43.95
N MET B 323 -4.38 46.33 -45.15
CA MET B 323 -4.10 47.15 -46.32
C MET B 323 -4.94 48.42 -46.30
N TYR B 324 -6.11 48.37 -45.68
CA TYR B 324 -6.89 49.58 -45.45
C TYR B 324 -6.21 50.47 -44.43
N ASP B 325 -5.63 49.86 -43.38
CA ASP B 325 -4.96 50.64 -42.35
C ASP B 325 -3.63 51.18 -42.82
N ALA B 326 -2.96 50.50 -43.76
CA ALA B 326 -1.64 50.93 -44.18
C ALA B 326 -1.69 52.20 -45.02
N VAL B 327 -2.85 52.51 -45.60
CA VAL B 327 -3.00 53.76 -46.32
C VAL B 327 -3.22 54.91 -45.35
N HIS B 328 -3.92 54.64 -44.24
CA HIS B 328 -4.24 55.70 -43.30
C HIS B 328 -3.06 56.07 -42.42
N VAL B 329 -2.20 55.10 -42.08
CA VAL B 329 -1.03 55.39 -41.25
C VAL B 329 -0.05 56.29 -41.99
N VAL B 330 0.14 56.03 -43.28
CA VAL B 330 0.99 56.89 -44.09
C VAL B 330 0.27 58.22 -44.38
N SER B 331 -1.06 58.22 -44.39
CA SER B 331 -1.82 59.45 -44.56
C SER B 331 -1.68 60.37 -43.34
N VAL B 332 -1.42 59.79 -42.17
CA VAL B 332 -1.05 60.60 -41.01
C VAL B 332 0.34 61.19 -41.21
N ALA B 333 1.24 60.44 -41.84
CA ALA B 333 2.61 60.90 -41.97
C ALA B 333 2.77 61.97 -43.04
N VAL B 334 1.89 61.96 -44.06
CA VAL B 334 1.95 63.03 -45.06
C VAL B 334 1.21 64.27 -44.57
N GLN B 335 0.38 64.11 -43.54
CA GLN B 335 -0.29 65.25 -42.92
C GLN B 335 0.71 66.07 -42.12
N GLN B 336 1.68 65.39 -41.50
CA GLN B 336 2.69 66.04 -40.68
C GLN B 336 3.89 66.51 -41.48
N PHE B 337 3.84 66.35 -42.80
CA PHE B 337 4.94 66.77 -43.68
C PHE B 337 4.33 67.44 -44.91
N PRO B 338 4.02 68.73 -44.82
CA PRO B 338 3.21 69.38 -45.87
C PRO B 338 4.05 69.80 -47.08
N GLN B 339 5.37 69.70 -46.94
CA GLN B 339 6.27 70.16 -48.00
C GLN B 339 6.75 69.01 -48.86
N MET B 340 5.89 68.04 -49.13
CA MET B 340 6.29 66.85 -49.87
C MET B 340 6.02 67.02 -51.35
N THR B 341 7.06 66.78 -52.15
CA THR B 341 6.92 66.60 -53.59
C THR B 341 7.25 65.14 -53.91
N VAL B 342 7.04 64.72 -55.15
CA VAL B 342 7.36 63.36 -55.56
C VAL B 342 8.40 63.40 -56.67
N SER B 343 9.55 62.77 -56.44
CA SER B 343 10.64 62.76 -57.40
C SER B 343 10.65 61.46 -58.19
N SER B 344 11.26 61.50 -59.37
CA SER B 344 11.35 60.32 -60.23
C SER B 344 12.72 59.67 -60.13
N LEU B 345 12.81 58.51 -59.49
CA LEU B 345 14.09 57.87 -59.21
C LEU B 345 14.30 56.65 -60.11
N GLN B 346 15.28 56.75 -61.01
CA GLN B 346 15.70 55.60 -61.79
C GLN B 346 16.47 54.64 -60.90
N CYS B 347 16.17 53.34 -61.01
CA CYS B 347 16.81 52.35 -60.14
C CYS B 347 18.11 51.83 -60.75
N ASN B 348 18.53 52.38 -61.88
CA ASN B 348 19.84 52.08 -62.44
C ASN B 348 20.92 52.93 -61.79
N ARG B 349 20.65 54.23 -61.64
CA ARG B 349 21.51 55.12 -60.87
C ARG B 349 21.17 55.04 -59.39
N HIS B 350 22.14 54.65 -58.57
CA HIS B 350 21.92 54.47 -57.14
C HIS B 350 21.82 55.84 -56.47
N LYS B 351 20.62 56.41 -56.49
CA LYS B 351 20.35 57.73 -55.92
C LYS B 351 19.26 57.62 -54.87
N PRO B 352 19.57 57.94 -53.60
CA PRO B 352 18.51 57.96 -52.58
C PRO B 352 17.53 59.11 -52.78
N TRP B 353 16.25 58.85 -52.53
CA TRP B 353 15.23 59.88 -52.62
C TRP B 353 15.45 60.93 -51.53
N ARG B 354 15.12 62.19 -51.86
CA ARG B 354 15.64 63.37 -51.18
C ARG B 354 15.28 63.43 -49.70
N PHE B 355 14.00 63.61 -49.39
CA PHE B 355 13.55 63.48 -48.01
C PHE B 355 12.96 62.11 -47.69
N GLY B 356 13.69 61.04 -48.01
CA GLY B 356 13.22 59.71 -47.67
C GLY B 356 13.56 59.32 -46.25
N THR B 357 14.61 59.92 -45.70
CA THR B 357 15.04 59.60 -44.34
C THR B 357 14.09 60.18 -43.31
N ARG B 358 13.66 61.43 -43.51
CA ARG B 358 12.77 62.09 -42.56
C ARG B 358 11.36 61.50 -42.62
N PHE B 359 10.86 61.23 -43.83
CA PHE B 359 9.50 60.72 -43.99
C PHE B 359 9.37 59.30 -43.48
N MET B 360 10.48 58.55 -43.45
CA MET B 360 10.44 57.23 -42.84
C MET B 360 10.30 57.32 -41.33
N SER B 361 10.82 58.39 -40.74
CA SER B 361 10.71 58.56 -39.29
C SER B 361 9.33 59.09 -38.90
N LEU B 362 8.55 59.55 -39.88
CA LEU B 362 7.20 60.01 -39.58
C LEU B 362 6.19 58.88 -39.69
N ILE B 363 6.42 57.93 -40.61
CA ILE B 363 5.62 56.73 -40.67
C ILE B 363 5.83 55.87 -39.43
N LYS B 364 7.09 55.68 -39.05
CA LYS B 364 7.43 54.76 -37.97
C LYS B 364 7.10 55.32 -36.60
N GLU B 365 6.82 56.63 -36.50
CA GLU B 365 6.40 57.25 -35.27
C GLU B 365 4.99 57.84 -35.37
N ALA B 366 4.07 57.10 -35.98
CA ALA B 366 2.71 57.56 -36.18
C ALA B 366 1.73 56.66 -35.41
N HIS B 367 0.72 57.31 -34.83
CA HIS B 367 -0.35 56.60 -34.12
C HIS B 367 -1.65 56.81 -34.88
N TRP B 368 -2.38 55.72 -35.08
CA TRP B 368 -3.67 55.78 -35.74
C TRP B 368 -4.53 54.59 -35.33
N GLU B 369 -5.62 54.85 -34.62
CA GLU B 369 -6.51 53.77 -34.20
C GLU B 369 -7.43 53.40 -35.34
N GLY B 370 -6.92 52.58 -36.27
CA GLY B 370 -7.67 52.19 -37.45
C GLY B 370 -8.66 51.08 -37.18
N LEU B 371 -8.82 50.17 -38.14
CA LEU B 371 -9.82 49.12 -37.99
C LEU B 371 -9.27 47.93 -37.23
N THR B 372 -7.95 47.86 -37.06
CA THR B 372 -7.31 46.74 -36.40
C THR B 372 -6.69 47.16 -35.08
N GLY B 373 -7.42 47.94 -34.30
CA GLY B 373 -6.92 48.43 -33.04
C GLY B 373 -6.03 49.63 -33.20
N ARG B 374 -5.27 49.94 -32.16
CA ARG B 374 -4.31 51.03 -32.20
C ARG B 374 -3.09 50.55 -32.96
N ILE B 375 -2.50 51.46 -33.74
CA ILE B 375 -1.36 51.11 -34.60
C ILE B 375 -0.19 51.96 -34.16
N THR B 376 0.84 51.31 -33.63
CA THR B 376 2.10 51.96 -33.30
C THR B 376 3.22 50.97 -33.56
N PHE B 377 4.30 51.47 -34.15
CA PHE B 377 5.37 50.59 -34.60
C PHE B 377 6.51 50.57 -33.58
N ASN B 378 7.26 49.48 -33.58
CA ASN B 378 8.42 49.36 -32.72
C ASN B 378 9.54 50.19 -33.33
N LYS B 379 10.20 51.00 -32.51
CA LYS B 379 11.19 51.93 -33.04
C LYS B 379 12.55 51.27 -33.28
N THR B 380 12.76 50.07 -32.75
CA THR B 380 13.97 49.32 -33.06
C THR B 380 13.91 48.76 -34.48
N ASN B 381 12.94 47.87 -34.72
CA ASN B 381 12.66 47.35 -36.06
C ASN B 381 11.18 47.58 -36.39
N GLY B 382 10.90 47.87 -37.65
CA GLY B 382 9.57 48.30 -38.04
C GLY B 382 8.52 47.22 -38.03
N LEU B 383 8.15 46.75 -36.84
CA LEU B 383 7.13 45.73 -36.69
C LEU B 383 6.05 46.22 -35.75
N ARG B 384 4.90 45.54 -35.74
CA ARG B 384 3.89 45.79 -34.72
C ARG B 384 4.03 44.78 -33.59
N THR B 385 4.46 45.26 -32.42
CA THR B 385 4.50 44.45 -31.22
C THR B 385 3.74 45.11 -30.07
N ASP B 386 2.84 46.04 -30.37
CA ASP B 386 2.12 46.78 -29.34
C ASP B 386 0.65 46.85 -29.72
N PHE B 387 0.10 45.70 -30.10
CA PHE B 387 -1.25 45.59 -30.65
C PHE B 387 -2.20 45.00 -29.61
N ASP B 388 -3.49 45.00 -29.90
CA ASP B 388 -4.52 44.59 -28.95
C ASP B 388 -5.44 43.57 -29.62
N LEU B 389 -5.34 42.31 -29.20
CA LEU B 389 -6.27 41.32 -29.73
C LEU B 389 -7.61 41.42 -29.01
N ASP B 390 -8.55 40.58 -29.45
CA ASP B 390 -9.81 40.31 -28.78
C ASP B 390 -10.03 38.81 -28.88
N VAL B 391 -9.68 38.08 -27.83
CA VAL B 391 -9.72 36.61 -27.90
C VAL B 391 -11.17 36.12 -27.89
N ILE B 392 -11.54 35.36 -28.92
CA ILE B 392 -12.91 34.91 -29.12
C ILE B 392 -12.95 33.40 -28.96
N SER B 393 -14.15 32.88 -28.71
CA SER B 393 -14.33 31.45 -28.53
C SER B 393 -15.70 31.03 -29.06
N LEU B 394 -15.94 29.73 -29.15
CA LEU B 394 -17.18 29.20 -29.69
C LEU B 394 -18.11 28.84 -28.53
N LYS B 395 -19.21 29.59 -28.44
CA LYS B 395 -20.31 29.29 -27.54
C LYS B 395 -21.54 29.00 -28.38
N GLU B 396 -22.65 28.64 -27.72
CA GLU B 396 -23.83 28.17 -28.46
C GLU B 396 -24.70 29.34 -28.89
N GLU B 397 -24.08 30.37 -29.48
CA GLU B 397 -24.74 31.39 -30.27
C GLU B 397 -23.83 31.88 -31.39
N GLY B 398 -22.64 31.29 -31.50
CA GLY B 398 -21.64 31.72 -32.45
C GLY B 398 -20.30 32.01 -31.81
N LEU B 399 -19.54 32.95 -32.37
CA LEU B 399 -18.22 33.32 -31.86
C LEU B 399 -18.33 34.67 -31.16
N GLU B 400 -18.10 34.70 -29.86
CA GLU B 400 -18.18 35.92 -29.07
C GLU B 400 -16.88 36.18 -28.32
N LYS B 401 -16.57 37.46 -28.18
CA LYS B 401 -15.43 37.95 -27.40
C LYS B 401 -15.56 37.57 -25.93
N ILE B 402 -14.53 36.93 -25.39
CA ILE B 402 -14.56 36.50 -23.99
C ILE B 402 -13.37 37.06 -23.22
N GLY B 403 -12.58 37.91 -23.86
CA GLY B 403 -11.43 38.47 -23.18
C GLY B 403 -10.72 39.50 -24.05
N THR B 404 -9.46 39.77 -23.67
CA THR B 404 -8.65 40.78 -24.32
C THR B 404 -7.17 40.50 -24.05
N TRP B 405 -6.32 40.53 -25.08
CA TRP B 405 -4.88 40.39 -24.89
C TRP B 405 -4.25 41.78 -24.93
N ASP B 406 -2.99 41.87 -24.54
CA ASP B 406 -2.16 43.08 -24.54
C ASP B 406 -0.72 42.63 -24.29
N PRO B 407 0.29 43.27 -24.90
CA PRO B 407 1.68 42.83 -24.69
C PRO B 407 2.18 43.12 -23.29
N ALA B 408 1.88 44.32 -22.78
CA ALA B 408 2.33 44.71 -21.45
C ALA B 408 1.51 44.03 -20.37
N SER B 409 0.21 43.89 -20.59
CA SER B 409 -0.70 43.38 -19.57
C SER B 409 -0.72 41.87 -19.50
N GLY B 410 -0.99 41.21 -20.61
CA GLY B 410 -1.29 39.79 -20.58
C GLY B 410 -2.78 39.59 -20.79
N LEU B 411 -3.25 38.40 -20.45
CA LEU B 411 -4.67 38.08 -20.61
C LEU B 411 -5.56 38.87 -19.66
N ASN B 412 -6.49 39.61 -20.24
CA ASN B 412 -7.52 40.36 -19.53
C ASN B 412 -8.81 39.56 -19.62
N MET B 413 -8.66 38.22 -19.60
CA MET B 413 -9.69 37.27 -20.01
C MET B 413 -10.74 37.14 -18.90
N THR B 414 -11.78 36.33 -19.13
CA THR B 414 -12.94 36.16 -18.26
C THR B 414 -13.63 37.51 -18.05
N GLU B 415 -14.31 37.96 -19.09
CA GLU B 415 -14.93 39.29 -19.22
C GLU B 415 -15.95 39.60 -18.12
N SER B 416 -16.52 38.56 -17.53
CA SER B 416 -17.30 38.62 -16.31
C SER B 416 -17.07 37.27 -15.64
N GLN B 417 -16.51 37.31 -14.43
CA GLN B 417 -16.48 36.15 -13.56
C GLN B 417 -17.92 35.75 -13.31
N LYS B 418 -18.31 34.52 -13.66
CA LYS B 418 -19.73 34.19 -13.79
C LYS B 418 -20.39 33.93 -12.42
N GLY B 419 -20.19 34.86 -11.49
CA GLY B 419 -20.63 34.71 -10.13
C GLY B 419 -19.51 34.27 -9.22
N LYS B 420 -19.12 35.14 -8.28
CA LYS B 420 -18.27 34.69 -7.19
C LYS B 420 -18.94 35.04 -5.85
N PRO B 421 -19.94 34.24 -5.38
CA PRO B 421 -20.30 34.31 -3.97
C PRO B 421 -19.56 33.28 -3.15
N ALA B 422 -19.19 33.61 -1.92
CA ALA B 422 -18.49 32.67 -1.07
C ALA B 422 -18.76 32.93 0.40
N ASN B 423 -19.24 31.92 1.12
CA ASN B 423 -19.46 32.01 2.55
C ASN B 423 -19.00 30.72 3.18
N ILE B 424 -18.12 30.85 4.17
CA ILE B 424 -17.59 29.72 4.92
C ILE B 424 -18.20 29.75 6.32
N THR B 425 -17.92 28.71 7.10
CA THR B 425 -18.60 28.48 8.37
C THR B 425 -17.99 29.23 9.55
N ASP B 426 -17.20 30.27 9.28
CA ASP B 426 -16.50 30.96 10.35
C ASP B 426 -17.37 31.99 11.07
N SER B 427 -18.54 32.30 10.49
CA SER B 427 -19.29 33.56 10.56
C SER B 427 -19.25 34.32 11.90
N LEU B 428 -19.25 33.58 13.02
CA LEU B 428 -19.12 34.20 14.33
C LEU B 428 -17.66 34.32 14.77
N SER B 429 -16.73 34.47 13.82
CA SER B 429 -15.31 34.56 14.13
C SER B 429 -14.87 35.95 14.58
N ASN B 430 -15.81 36.87 14.77
CA ASN B 430 -15.51 38.24 15.19
C ASN B 430 -14.98 38.33 16.62
N ARG B 431 -15.16 37.27 17.41
CA ARG B 431 -14.69 37.23 18.79
C ARG B 431 -13.49 36.28 18.86
N SER B 432 -13.24 35.59 17.75
CA SER B 432 -12.27 34.54 17.51
C SER B 432 -12.32 33.41 18.55
N LEU B 433 -13.49 33.17 19.15
CA LEU B 433 -13.74 32.07 20.09
C LEU B 433 -12.80 32.10 21.29
N ILE B 434 -13.03 33.06 22.19
CA ILE B 434 -12.20 33.32 23.38
C ILE B 434 -12.02 32.05 24.19
N VAL B 435 -10.76 31.66 24.39
CA VAL B 435 -10.42 30.47 25.17
C VAL B 435 -9.76 30.90 26.47
N THR B 436 -10.26 30.39 27.59
CA THR B 436 -9.57 30.55 28.86
C THR B 436 -8.88 29.25 29.24
N THR B 437 -7.70 29.36 29.86
CA THR B 437 -6.92 28.20 30.26
C THR B 437 -6.50 28.35 31.72
N ILE B 438 -5.69 27.42 32.21
CA ILE B 438 -5.18 27.46 33.58
C ILE B 438 -3.67 27.25 33.47
N LEU B 439 -2.94 27.48 34.56
CA LEU B 439 -1.49 27.29 34.51
C LEU B 439 -1.04 26.19 35.48
N GLU B 440 -1.13 24.93 35.01
CA GLU B 440 -0.48 23.80 35.65
C GLU B 440 0.09 22.91 34.55
N GLU B 441 1.38 23.07 34.26
CA GLU B 441 1.92 22.47 33.05
C GLU B 441 2.37 21.03 33.27
N PRO B 442 2.00 20.11 32.38
CA PRO B 442 2.56 20.02 31.02
C PRO B 442 1.58 20.55 29.99
N TYR B 443 0.39 20.92 30.45
CA TYR B 443 -0.71 21.26 29.56
C TYR B 443 -0.53 22.65 28.95
N VAL B 444 -0.54 23.67 29.79
CA VAL B 444 -0.46 25.05 29.34
C VAL B 444 0.73 25.71 30.02
N LEU B 445 1.63 26.23 29.21
CA LEU B 445 2.90 26.75 29.70
C LEU B 445 3.22 28.05 28.98
N PHE B 446 3.42 29.12 29.76
CA PHE B 446 3.90 30.36 29.16
C PHE B 446 5.36 30.15 28.76
N LYS B 447 5.67 30.45 27.50
CA LYS B 447 6.89 30.00 26.83
C LYS B 447 8.15 30.55 27.50
N LYS B 448 9.13 29.68 27.70
CA LYS B 448 10.27 29.96 28.55
C LYS B 448 11.40 30.70 27.83
N SER B 449 11.07 31.37 26.73
CA SER B 449 12.02 32.24 26.05
C SER B 449 12.15 33.55 26.81
N ASP B 450 13.08 34.41 26.38
CA ASP B 450 13.33 35.64 27.11
C ASP B 450 12.90 36.86 26.31
N LYS B 451 12.78 36.69 24.99
CA LYS B 451 12.48 37.81 24.10
C LYS B 451 11.02 38.22 24.22
N PRO B 452 10.74 39.47 24.64
CA PRO B 452 9.36 39.87 24.99
C PRO B 452 8.44 40.09 23.81
N LEU B 453 7.26 40.66 24.10
CA LEU B 453 6.14 40.87 23.18
C LEU B 453 5.64 39.53 22.66
N TYR B 454 5.06 38.74 23.57
CA TYR B 454 4.64 37.38 23.28
C TYR B 454 3.22 37.28 22.75
N GLY B 455 2.72 38.27 22.01
CA GLY B 455 1.33 38.37 21.59
C GLY B 455 0.74 37.17 20.88
N ASN B 456 -0.18 36.49 21.59
CA ASN B 456 -0.85 35.22 21.25
C ASN B 456 0.10 34.02 21.20
N ASP B 457 1.37 34.21 21.54
CA ASP B 457 2.28 33.10 21.73
C ASP B 457 2.70 33.11 23.20
N ARG B 458 1.90 33.81 24.02
CA ARG B 458 2.23 33.99 25.43
C ARG B 458 1.92 32.75 26.26
N PHE B 459 1.24 31.77 25.67
CA PHE B 459 1.03 30.49 26.32
C PHE B 459 1.15 29.40 25.27
N GLU B 460 1.70 28.26 25.68
CA GLU B 460 1.89 27.13 24.77
C GLU B 460 1.89 25.86 25.62
N GLY B 461 2.19 24.72 24.99
CA GLY B 461 2.22 23.46 25.70
C GLY B 461 1.41 22.38 25.01
N TYR B 462 0.69 21.60 25.80
CA TYR B 462 -0.05 20.47 25.25
C TYR B 462 -1.38 20.89 24.64
N CYS B 463 -2.23 21.54 25.45
CA CYS B 463 -3.58 21.85 25.00
C CYS B 463 -3.57 22.92 23.91
N ILE B 464 -2.56 23.78 23.92
CA ILE B 464 -2.39 24.77 22.87
C ILE B 464 -2.07 24.09 21.54
N ASP B 465 -1.30 22.99 21.58
CA ASP B 465 -1.08 22.20 20.37
C ASP B 465 -2.36 21.55 19.88
N LEU B 466 -3.23 21.14 20.82
CA LEU B 466 -4.57 20.69 20.43
C LEU B 466 -5.39 21.85 19.86
N LEU B 467 -5.18 23.04 20.42
CA LEU B 467 -5.93 24.21 19.99
C LEU B 467 -5.55 24.65 18.58
N ARG B 468 -4.30 24.41 18.18
CA ARG B 468 -3.87 24.80 16.83
C ARG B 468 -4.49 23.88 15.78
N GLU B 469 -4.54 22.58 16.08
CA GLU B 469 -5.16 21.65 15.13
C GLU B 469 -6.68 21.76 15.14
N LEU B 470 -7.25 22.18 16.27
CA LEU B 470 -8.66 22.54 16.31
C LEU B 470 -8.97 23.75 15.43
N SER B 471 -8.01 24.65 15.31
CA SER B 471 -8.18 25.84 14.47
C SER B 471 -8.16 25.48 12.99
N THR B 472 -7.58 24.33 12.64
CA THR B 472 -7.53 23.90 11.25
C THR B 472 -8.90 23.36 10.81
N ILE B 473 -9.47 22.47 11.61
CA ILE B 473 -10.68 21.75 11.22
C ILE B 473 -11.91 22.39 11.86
N LEU B 474 -11.78 23.64 12.29
CA LEU B 474 -12.92 24.43 12.74
C LEU B 474 -12.55 25.89 12.57
N GLY B 475 -13.50 26.69 12.09
CA GLY B 475 -13.16 28.02 11.61
C GLY B 475 -13.07 29.10 12.67
N PHE B 476 -11.83 29.38 13.08
CA PHE B 476 -11.44 30.41 14.04
C PHE B 476 -9.92 30.39 14.10
N THR B 477 -9.28 31.48 14.52
CA THR B 477 -7.86 31.37 14.79
C THR B 477 -7.65 30.87 16.22
N TYR B 478 -7.82 31.79 17.17
CA TYR B 478 -8.13 31.65 18.60
C TYR B 478 -8.12 33.00 19.28
N GLU B 479 -8.45 33.04 20.57
CA GLU B 479 -8.10 34.20 21.39
C GLU B 479 -7.83 33.78 22.83
N ILE B 480 -6.57 33.73 23.22
CA ILE B 480 -6.21 33.35 24.58
C ILE B 480 -6.42 34.55 25.51
N ARG B 481 -7.38 34.43 26.41
CA ARG B 481 -7.46 35.35 27.54
C ARG B 481 -7.48 34.54 28.84
N LEU B 482 -6.39 34.65 29.59
CA LEU B 482 -6.12 33.78 30.72
C LEU B 482 -7.06 34.13 31.87
N VAL B 483 -7.35 33.13 32.71
CA VAL B 483 -8.35 33.21 33.76
C VAL B 483 -7.92 34.20 34.85
N GLU B 484 -8.88 34.86 35.49
CA GLU B 484 -8.58 35.89 36.48
C GLU B 484 -8.41 35.23 37.85
N ASP B 485 -9.26 34.28 38.21
CA ASP B 485 -9.35 33.74 39.55
C ASP B 485 -8.72 32.35 39.60
N GLY B 486 -7.51 32.23 39.02
CA GLY B 486 -6.92 30.97 38.59
C GLY B 486 -6.96 29.78 39.51
N LYS B 487 -7.80 28.84 39.12
CA LYS B 487 -8.29 27.73 39.93
C LYS B 487 -9.18 26.93 39.00
N TYR B 488 -9.37 25.64 39.25
CA TYR B 488 -10.19 24.83 38.35
C TYR B 488 -11.67 25.12 38.49
N GLY B 489 -12.07 25.81 39.54
CA GLY B 489 -13.45 26.23 39.71
C GLY B 489 -14.32 25.13 40.27
N ALA B 490 -15.14 25.49 41.25
CA ALA B 490 -16.06 24.55 41.88
C ALA B 490 -17.27 25.30 42.39
N GLN B 491 -18.25 24.57 42.91
CA GLN B 491 -19.44 25.22 43.45
C GLN B 491 -19.16 25.71 44.86
N ASP B 492 -19.13 27.03 45.05
CA ASP B 492 -18.99 27.60 46.38
C ASP B 492 -20.28 27.36 47.15
N ASP B 493 -20.17 27.00 48.42
CA ASP B 493 -21.31 26.56 49.22
C ASP B 493 -22.21 27.74 49.50
N VAL B 494 -21.62 28.91 49.72
CA VAL B 494 -22.39 30.14 49.83
C VAL B 494 -22.78 30.57 48.42
N ASN B 495 -24.04 31.04 48.29
CA ASN B 495 -24.69 31.71 47.16
C ASN B 495 -24.45 31.14 45.76
N GLY B 496 -24.08 29.85 45.69
CA GLY B 496 -23.97 29.11 44.44
C GLY B 496 -23.04 29.61 43.35
N GLN B 497 -22.21 30.62 43.66
CA GLN B 497 -21.39 31.24 42.62
C GLN B 497 -20.18 30.37 42.31
N TRP B 498 -19.80 30.28 41.04
CA TRP B 498 -18.76 29.37 40.62
C TRP B 498 -17.41 30.08 40.68
N ASN B 499 -16.34 29.30 40.87
CA ASN B 499 -15.07 29.81 41.38
C ASN B 499 -14.13 30.29 40.27
N GLY B 500 -14.64 30.42 39.05
CA GLY B 500 -13.95 31.25 38.09
C GLY B 500 -13.69 30.60 36.75
N MET B 501 -13.27 29.33 36.78
CA MET B 501 -12.93 28.66 35.52
C MET B 501 -14.18 28.28 34.74
N VAL B 502 -15.09 27.54 35.37
CA VAL B 502 -16.38 27.24 34.77
C VAL B 502 -17.23 28.51 34.63
N ARG B 503 -16.99 29.50 35.49
CA ARG B 503 -17.74 30.76 35.48
C ARG B 503 -17.51 31.56 34.20
N GLU B 504 -16.33 31.42 33.57
CA GLU B 504 -16.07 32.08 32.30
C GLU B 504 -16.99 31.57 31.20
N LEU B 505 -17.40 30.31 31.29
CA LEU B 505 -18.35 29.78 30.32
C LEU B 505 -19.78 30.12 30.73
N ILE B 506 -20.06 30.20 32.04
CA ILE B 506 -21.41 30.45 32.52
C ILE B 506 -21.80 31.90 32.26
N ASP B 507 -20.89 32.83 32.56
CA ASP B 507 -21.19 34.24 32.36
C ASP B 507 -20.78 34.70 30.96
N HIS B 508 -20.50 33.74 30.08
CA HIS B 508 -20.31 33.92 28.63
C HIS B 508 -19.14 34.83 28.29
N LYS B 509 -18.19 35.00 29.22
CA LYS B 509 -17.04 35.84 28.95
C LYS B 509 -16.01 35.13 28.08
N ALA B 510 -16.07 33.80 28.03
CA ALA B 510 -15.21 33.02 27.16
C ALA B 510 -16.10 32.18 26.24
N ASP B 511 -15.47 31.40 25.37
CA ASP B 511 -16.22 30.58 24.44
C ASP B 511 -15.82 29.12 24.55
N LEU B 512 -14.54 28.86 24.85
CA LEU B 512 -14.06 27.51 25.07
C LEU B 512 -13.22 27.46 26.34
N ALA B 513 -12.97 26.27 26.86
CA ALA B 513 -11.96 26.10 27.90
C ALA B 513 -11.01 24.96 27.56
N VAL B 514 -10.01 25.22 26.73
CA VAL B 514 -9.09 24.17 26.31
C VAL B 514 -8.12 23.97 27.45
N ALA B 515 -8.46 23.06 28.35
CA ALA B 515 -7.92 23.11 29.69
C ALA B 515 -7.72 21.71 30.26
N PRO B 516 -7.13 21.57 31.44
CA PRO B 516 -7.20 20.29 32.16
C PRO B 516 -8.46 20.12 32.97
N LEU B 517 -9.53 20.86 32.65
CA LEU B 517 -10.81 20.81 33.35
C LEU B 517 -11.40 19.41 33.48
N ALA B 518 -11.82 19.05 34.69
CA ALA B 518 -12.28 17.70 35.01
C ALA B 518 -13.79 17.62 34.87
N ILE B 519 -14.26 16.58 34.20
CA ILE B 519 -15.69 16.41 33.94
C ILE B 519 -16.31 15.58 35.05
N THR B 520 -17.33 16.14 35.71
CA THR B 520 -18.04 15.44 36.78
C THR B 520 -19.48 15.94 36.81
N TYR B 521 -20.21 15.49 37.84
CA TYR B 521 -21.65 15.72 37.92
C TYR B 521 -21.98 17.19 38.14
N VAL B 522 -21.21 17.87 39.00
CA VAL B 522 -21.58 19.22 39.39
C VAL B 522 -21.24 20.22 38.30
N ARG B 523 -20.29 19.88 37.43
CA ARG B 523 -19.95 20.79 36.35
C ARG B 523 -20.83 20.56 35.13
N GLU B 524 -21.35 19.34 34.97
CA GLU B 524 -22.15 19.01 33.81
C GLU B 524 -23.54 19.62 33.86
N LYS B 525 -24.02 20.00 35.04
CA LYS B 525 -25.37 20.54 35.13
C LYS B 525 -25.43 21.98 34.63
N VAL B 526 -24.31 22.70 34.64
CA VAL B 526 -24.34 24.11 34.26
C VAL B 526 -23.64 24.37 32.92
N ILE B 527 -22.54 23.65 32.64
CA ILE B 527 -21.93 23.73 31.32
C ILE B 527 -21.90 22.34 30.73
N ASP B 528 -21.44 22.24 29.48
CA ASP B 528 -21.36 20.94 28.82
C ASP B 528 -19.92 20.69 28.40
N PHE B 529 -19.72 19.57 27.70
CA PHE B 529 -18.40 19.14 27.28
C PHE B 529 -18.49 18.42 25.96
N SER B 530 -17.34 18.27 25.30
CA SER B 530 -17.18 17.30 24.24
C SER B 530 -16.84 15.95 24.86
N LYS B 531 -16.59 14.98 24.00
CA LYS B 531 -16.13 13.69 24.48
C LYS B 531 -14.71 13.88 25.01
N PRO B 532 -14.34 13.18 26.08
CA PRO B 532 -13.04 13.44 26.70
C PRO B 532 -11.87 12.99 25.86
N PHE B 533 -10.99 13.94 25.55
CA PHE B 533 -9.82 13.69 24.71
C PHE B 533 -8.77 12.95 25.52
N MET B 534 -8.59 13.29 26.80
CA MET B 534 -7.57 12.62 27.59
C MET B 534 -8.20 11.88 28.76
N THR B 535 -8.15 10.56 28.71
CA THR B 535 -8.73 9.74 29.76
C THR B 535 -7.69 9.42 30.81
N LEU B 536 -8.06 9.58 32.08
CA LEU B 536 -7.12 9.42 33.18
C LEU B 536 -7.76 8.58 34.26
N GLY B 537 -7.00 8.42 35.34
CA GLY B 537 -7.53 7.79 36.54
C GLY B 537 -6.92 8.41 37.78
N ILE B 538 -7.00 7.68 38.88
CA ILE B 538 -6.31 8.06 40.10
C ILE B 538 -5.38 6.92 40.49
N SER B 539 -4.07 7.17 40.37
CA SER B 539 -3.10 6.10 40.56
C SER B 539 -2.21 6.41 41.75
N ILE B 540 -1.40 5.41 42.14
CA ILE B 540 -0.62 5.49 43.37
C ILE B 540 0.83 5.77 43.01
N LEU B 541 1.34 6.93 43.42
CA LEU B 541 2.73 7.30 43.19
C LEU B 541 3.55 6.88 44.41
N TYR B 542 4.59 6.11 44.17
CA TYR B 542 5.43 5.54 45.22
C TYR B 542 6.88 5.60 44.78
N ARG B 543 7.79 5.62 45.77
CA ARG B 543 9.22 5.67 45.52
C ARG B 543 9.66 4.39 44.81
N LYS B 544 10.48 4.53 43.77
CA LYS B 544 11.00 3.42 42.98
C LYS B 544 11.79 2.50 43.90
N PRO B 545 11.53 1.18 43.83
CA PRO B 545 12.21 0.22 44.71
C PRO B 545 13.70 0.15 44.50
N ASN B 546 14.45 0.54 45.53
CA ASN B 546 15.89 0.67 45.45
C ASN B 546 16.53 -0.66 45.77
N GLY B 547 17.80 -0.85 45.41
CA GLY B 547 18.50 -2.01 45.93
C GLY B 547 19.12 -1.64 47.26
N THR B 548 18.31 -1.83 48.30
CA THR B 548 18.55 -1.46 49.69
C THR B 548 17.56 -2.22 50.55
N ASN B 549 17.99 -2.60 51.76
CA ASN B 549 17.15 -3.23 52.78
C ASN B 549 16.40 -4.48 52.32
N PRO B 550 17.08 -5.61 52.14
CA PRO B 550 16.34 -6.87 51.97
C PRO B 550 15.70 -7.35 53.25
N GLY B 551 16.20 -6.90 54.40
CA GLY B 551 15.67 -7.32 55.68
C GLY B 551 16.76 -7.80 56.62
N VAL B 552 16.49 -7.74 57.93
CA VAL B 552 17.41 -8.27 58.93
C VAL B 552 17.36 -9.79 58.90
N PHE B 553 16.28 -10.37 58.37
CA PHE B 553 16.15 -11.80 58.19
C PHE B 553 16.44 -12.22 56.75
N SER B 554 17.43 -11.60 56.11
CA SER B 554 17.65 -11.83 54.68
C SER B 554 18.24 -13.21 54.39
N PHE B 555 18.79 -13.87 55.41
CA PHE B 555 19.19 -15.27 55.26
C PHE B 555 17.95 -16.14 55.19
N LEU B 556 16.83 -15.65 55.75
CA LEU B 556 15.57 -16.36 55.67
C LEU B 556 14.77 -15.91 54.46
N ASN B 557 15.27 -14.94 53.69
CA ASN B 557 14.66 -14.61 52.40
C ASN B 557 14.73 -15.71 51.34
N PRO B 558 15.72 -16.64 51.35
CA PRO B 558 15.53 -17.89 50.57
C PRO B 558 14.49 -18.80 51.19
N LEU B 559 14.41 -20.04 50.70
CA LEU B 559 13.22 -20.88 50.53
C LEU B 559 12.08 -20.69 51.53
N SER B 560 10.86 -20.55 50.96
CA SER B 560 9.65 -19.95 51.51
C SER B 560 9.38 -20.31 52.98
N PRO B 561 8.89 -19.35 53.79
CA PRO B 561 8.87 -19.55 55.25
C PRO B 561 7.93 -20.64 55.76
N ASP B 562 7.08 -21.21 54.91
CA ASP B 562 6.33 -22.38 55.30
C ASP B 562 7.25 -23.60 55.39
N ILE B 563 8.30 -23.64 54.58
CA ILE B 563 9.22 -24.78 54.54
C ILE B 563 10.01 -24.86 55.84
N TRP B 564 10.35 -23.70 56.41
CA TRP B 564 11.04 -23.66 57.69
C TRP B 564 10.14 -24.15 58.82
N MET B 565 8.82 -24.01 58.65
CA MET B 565 7.89 -24.67 59.54
C MET B 565 7.72 -26.14 59.18
N TYR B 566 7.94 -26.48 57.90
CA TYR B 566 7.74 -27.85 57.45
C TYR B 566 8.92 -28.74 57.84
N VAL B 567 10.13 -28.22 57.73
CA VAL B 567 11.32 -28.98 58.08
C VAL B 567 11.39 -29.18 59.60
N LEU B 568 11.06 -28.14 60.35
CA LEU B 568 11.05 -28.22 61.81
C LEU B 568 9.96 -29.15 62.31
N LEU B 569 8.83 -29.22 61.59
CA LEU B 569 7.80 -30.22 61.91
C LEU B 569 8.31 -31.61 61.58
N ALA B 570 9.08 -31.74 60.51
CA ALA B 570 9.71 -33.02 60.19
C ALA B 570 10.91 -33.27 61.07
N CYS B 571 11.49 -32.22 61.66
CA CYS B 571 12.61 -32.39 62.58
C CYS B 571 12.14 -33.05 63.87
N LEU B 572 11.11 -32.47 64.50
CA LEU B 572 10.50 -33.10 65.67
C LEU B 572 9.80 -34.40 65.29
N GLY B 573 9.19 -34.44 64.10
CA GLY B 573 8.35 -35.55 63.69
C GLY B 573 9.10 -36.83 63.42
N VAL B 574 10.14 -36.79 62.60
CA VAL B 574 10.93 -37.99 62.29
C VAL B 574 11.67 -38.48 63.54
N SER B 575 12.22 -37.54 64.32
CA SER B 575 12.94 -37.88 65.56
C SER B 575 12.02 -38.51 66.59
N CYS B 576 10.75 -38.11 66.63
CA CYS B 576 9.78 -38.80 67.47
C CYS B 576 9.52 -40.22 66.96
N VAL B 577 9.40 -40.36 65.65
CA VAL B 577 9.27 -41.69 65.04
C VAL B 577 10.56 -42.48 65.22
N LEU B 578 11.70 -41.78 65.17
CA LEU B 578 12.99 -42.41 65.43
C LEU B 578 13.09 -42.88 66.88
N PHE B 579 12.44 -42.16 67.80
CA PHE B 579 12.49 -42.52 69.21
C PHE B 579 11.54 -43.67 69.54
N VAL B 580 10.37 -43.67 68.91
CA VAL B 580 9.39 -44.75 69.10
C VAL B 580 9.95 -46.06 68.56
N ILE B 581 10.62 -45.98 67.40
CA ILE B 581 11.22 -47.18 66.82
C ILE B 581 12.51 -47.53 67.55
N ALA B 582 13.03 -46.59 68.36
CA ALA B 582 14.13 -46.90 69.24
C ALA B 582 13.65 -47.61 70.50
N ARG B 583 12.47 -47.24 71.01
CA ARG B 583 11.94 -47.88 72.20
C ARG B 583 11.48 -49.30 71.93
N PHE B 584 11.21 -49.63 70.66
CA PHE B 584 10.89 -50.99 70.26
C PHE B 584 12.13 -51.87 70.40
N SER B 585 13.30 -51.29 70.09
CA SER B 585 14.66 -51.79 70.33
C SER B 585 14.90 -53.24 69.97
N PRO B 586 14.94 -53.61 68.68
CA PRO B 586 15.24 -55.01 68.35
C PRO B 586 16.68 -55.42 68.68
N TYR B 587 17.66 -54.66 68.18
CA TYR B 587 19.06 -55.05 68.21
C TYR B 587 19.94 -53.90 68.68
N GLU B 588 19.35 -52.92 69.36
CA GLU B 588 20.03 -51.66 69.64
C GLU B 588 20.61 -51.65 71.05
N TRP B 589 21.08 -52.79 71.52
CA TRP B 589 21.68 -52.88 72.85
C TRP B 589 23.15 -53.29 72.73
N TYR B 590 24.06 -52.35 73.01
CA TYR B 590 25.48 -52.64 73.05
C TYR B 590 26.12 -51.94 74.24
N ASN B 591 26.49 -52.73 75.22
CA ASN B 591 26.98 -52.29 76.52
C ASN B 591 28.34 -51.61 76.43
N PRO B 592 28.65 -50.70 77.35
CA PRO B 592 30.05 -50.32 77.55
C PRO B 592 30.85 -51.37 78.31
N HIS B 593 30.18 -52.36 78.90
CA HIS B 593 30.83 -53.44 79.62
C HIS B 593 30.54 -54.78 78.95
N PRO B 594 31.30 -55.19 77.94
CA PRO B 594 31.17 -56.57 77.46
C PRO B 594 32.00 -57.56 78.28
N CYS B 595 32.71 -57.07 79.29
CA CYS B 595 33.39 -57.94 80.25
C CYS B 595 32.35 -58.71 81.07
N ASN B 596 31.21 -58.08 81.32
CA ASN B 596 30.06 -58.77 81.90
C ASN B 596 29.02 -59.00 80.80
N PRO B 597 28.97 -60.20 80.21
CA PRO B 597 28.10 -60.40 79.05
C PRO B 597 26.64 -60.69 79.39
N ASP B 598 26.22 -60.43 80.63
CA ASP B 598 24.85 -60.67 81.05
C ASP B 598 23.92 -59.54 80.60
N SER B 599 22.72 -59.52 81.17
CA SER B 599 21.80 -58.41 80.97
C SER B 599 22.20 -57.24 81.87
N ASP B 600 21.36 -56.20 81.88
CA ASP B 600 21.43 -54.99 82.71
C ASP B 600 22.62 -54.09 82.39
N VAL B 601 23.45 -54.44 81.41
CA VAL B 601 24.52 -53.56 80.96
C VAL B 601 24.25 -53.18 79.50
N VAL B 602 23.70 -54.12 78.72
CA VAL B 602 23.26 -53.82 77.37
C VAL B 602 22.01 -52.96 77.47
N GLU B 603 22.01 -51.84 76.75
CA GLU B 603 20.97 -50.84 76.96
C GLU B 603 20.67 -50.10 75.67
N ASN B 604 19.46 -49.58 75.59
CA ASN B 604 19.02 -48.79 74.43
C ASN B 604 19.69 -47.43 74.54
N ASN B 605 20.67 -47.19 73.68
CA ASN B 605 21.54 -46.01 73.76
C ASN B 605 20.79 -44.71 73.49
N PHE B 606 19.62 -44.80 72.86
CA PHE B 606 18.76 -43.65 72.62
C PHE B 606 18.11 -43.19 73.92
N THR B 607 17.64 -41.95 73.91
CA THR B 607 16.63 -41.45 74.83
C THR B 607 15.88 -40.34 74.10
N LEU B 608 14.90 -39.74 74.79
CA LEU B 608 14.08 -38.71 74.16
C LEU B 608 14.89 -37.44 73.91
N LEU B 609 15.92 -37.21 74.72
CA LEU B 609 16.81 -36.09 74.46
C LEU B 609 17.78 -36.41 73.33
N ASN B 610 18.31 -37.63 73.31
CA ASN B 610 19.31 -37.99 72.32
C ASN B 610 18.70 -38.16 70.92
N SER B 611 17.47 -38.66 70.86
CA SER B 611 16.79 -38.80 69.58
C SER B 611 16.49 -37.44 68.96
N PHE B 612 16.12 -36.47 69.79
CA PHE B 612 16.10 -35.08 69.35
C PHE B 612 17.50 -34.58 69.01
N TRP B 613 18.52 -35.06 69.71
CA TRP B 613 19.88 -34.58 69.47
C TRP B 613 20.45 -35.16 68.18
N PHE B 614 19.99 -36.34 67.77
CA PHE B 614 20.36 -36.84 66.45
C PHE B 614 19.58 -36.13 65.36
N GLY B 615 18.41 -35.59 65.70
CA GLY B 615 17.59 -34.93 64.72
C GLY B 615 18.05 -33.52 64.38
N VAL B 616 19.05 -33.03 65.10
CA VAL B 616 19.58 -31.70 64.81
C VAL B 616 20.98 -31.78 64.24
N GLY B 617 21.86 -32.57 64.88
CA GLY B 617 23.25 -32.62 64.47
C GLY B 617 23.45 -33.29 63.13
N ALA B 618 22.55 -34.19 62.76
CA ALA B 618 22.60 -34.78 61.43
C ALA B 618 22.15 -33.77 60.38
N LEU B 619 21.21 -32.90 60.74
CA LEU B 619 20.73 -31.86 59.84
C LEU B 619 21.79 -30.78 59.69
N MET B 620 22.56 -30.54 60.75
CA MET B 620 23.54 -29.45 60.75
C MET B 620 24.90 -29.87 60.19
N GLN B 621 24.99 -31.03 59.54
CA GLN B 621 26.19 -31.59 58.93
C GLN B 621 27.32 -31.73 59.94
N GLN B 622 27.02 -32.31 61.11
CA GLN B 622 27.99 -32.41 62.19
C GLN B 622 28.18 -33.83 62.67
N GLY B 623 27.10 -34.61 62.67
CA GLY B 623 27.15 -35.95 63.21
C GLY B 623 26.97 -35.98 64.71
N SER B 624 26.97 -37.17 65.30
CA SER B 624 26.74 -37.37 66.73
C SER B 624 27.37 -38.70 67.12
N GLU B 625 27.00 -39.21 68.30
CA GLU B 625 27.44 -40.53 68.71
C GLU B 625 26.21 -41.36 69.07
N LEU B 626 25.45 -41.72 68.04
CA LEU B 626 24.21 -42.44 68.30
C LEU B 626 24.01 -43.49 67.22
N MET B 627 24.87 -43.43 66.18
CA MET B 627 24.77 -44.07 64.87
C MET B 627 24.46 -45.55 64.97
N PRO B 628 23.24 -45.95 64.60
CA PRO B 628 22.67 -47.20 65.09
C PRO B 628 23.19 -48.47 64.41
N LYS B 629 22.64 -49.62 64.78
CA LYS B 629 23.04 -50.88 64.18
C LYS B 629 21.86 -51.71 63.69
N ALA B 630 20.72 -51.64 64.38
CA ALA B 630 19.53 -52.34 63.92
C ALA B 630 18.93 -51.63 62.72
N LEU B 631 18.47 -52.43 61.74
CA LEU B 631 17.93 -51.96 60.47
C LEU B 631 16.79 -50.97 60.61
N SER B 632 15.97 -51.13 61.66
CA SER B 632 14.78 -50.31 61.84
C SER B 632 15.14 -48.87 62.17
N THR B 633 16.30 -48.68 62.79
CA THR B 633 16.77 -47.33 63.10
C THR B 633 17.84 -46.86 62.14
N ARG B 634 18.36 -47.74 61.30
CA ARG B 634 19.33 -47.35 60.27
C ARG B 634 18.67 -46.57 59.15
N ILE B 635 17.54 -47.08 58.65
CA ILE B 635 16.87 -46.52 57.47
C ILE B 635 16.28 -45.15 57.80
N VAL B 636 15.82 -44.98 59.04
CA VAL B 636 15.34 -43.67 59.49
C VAL B 636 16.49 -42.68 59.50
N GLY B 637 17.67 -43.12 59.94
CA GLY B 637 18.85 -42.31 59.80
C GLY B 637 19.34 -42.18 58.38
N GLY B 638 19.02 -43.18 57.54
CA GLY B 638 19.45 -43.14 56.15
C GLY B 638 18.67 -42.13 55.33
N ILE B 639 17.33 -42.18 55.43
CA ILE B 639 16.50 -41.28 54.63
C ILE B 639 16.58 -39.85 55.14
N TRP B 640 16.96 -39.67 56.40
CA TRP B 640 17.21 -38.32 56.91
C TRP B 640 18.49 -37.74 56.33
N TRP B 641 19.48 -38.60 56.08
CA TRP B 641 20.74 -38.14 55.49
C TRP B 641 20.58 -37.79 54.02
N PHE B 642 19.68 -38.47 53.31
CA PHE B 642 19.35 -38.04 51.96
C PHE B 642 18.50 -36.78 51.99
N PHE B 643 17.77 -36.57 53.08
CA PHE B 643 16.92 -35.39 53.20
C PHE B 643 17.75 -34.13 53.42
N THR B 644 18.93 -34.27 54.04
CA THR B 644 19.62 -33.10 54.55
C THR B 644 20.57 -32.50 53.51
N LEU B 645 20.77 -33.20 52.39
CA LEU B 645 21.53 -32.56 51.31
C LEU B 645 20.61 -31.84 50.36
N ILE B 646 19.36 -32.28 50.27
CA ILE B 646 18.40 -31.64 49.37
C ILE B 646 17.92 -30.32 49.98
N ILE B 647 17.97 -30.22 51.30
CA ILE B 647 17.62 -28.96 51.96
C ILE B 647 18.76 -27.95 51.83
N ILE B 648 19.95 -28.30 52.31
CA ILE B 648 21.03 -27.34 52.49
C ILE B 648 21.60 -26.87 51.15
N SER B 649 21.83 -27.80 50.23
CA SER B 649 22.41 -27.43 48.93
C SER B 649 21.45 -26.58 48.11
N SER B 650 20.15 -26.85 48.20
CA SER B 650 19.17 -25.97 47.57
C SER B 650 19.13 -24.62 48.26
N TYR B 651 19.32 -24.60 49.59
CA TYR B 651 19.42 -23.33 50.29
C TYR B 651 20.69 -22.60 49.90
N THR B 652 21.76 -23.34 49.63
CA THR B 652 22.97 -22.74 49.09
C THR B 652 22.75 -22.30 47.65
N ALA B 653 21.98 -23.07 46.90
CA ALA B 653 21.71 -22.73 45.50
C ALA B 653 20.84 -21.48 45.41
N ASN B 654 19.79 -21.41 46.23
CA ASN B 654 18.84 -20.31 46.15
C ASN B 654 19.47 -19.01 46.65
N LEU B 655 20.32 -19.10 47.67
CA LEU B 655 20.98 -17.89 48.17
C LEU B 655 22.08 -17.46 47.21
N ALA B 656 22.63 -18.40 46.44
CA ALA B 656 23.49 -18.02 45.33
C ALA B 656 22.67 -17.52 44.15
N ALA B 657 21.39 -17.87 44.13
CA ALA B 657 20.52 -17.43 43.04
C ALA B 657 19.98 -16.03 43.29
N PHE B 658 19.94 -15.59 44.55
CA PHE B 658 19.56 -14.22 44.82
C PHE B 658 20.66 -13.25 44.48
N LEU B 659 21.91 -13.59 44.84
CA LEU B 659 22.99 -12.61 44.84
C LEU B 659 23.61 -12.42 43.45
N THR B 660 22.94 -12.88 42.40
CA THR B 660 23.46 -12.72 41.05
C THR B 660 22.60 -11.79 40.20
N VAL B 661 21.29 -12.02 40.10
CA VAL B 661 20.51 -11.49 38.98
C VAL B 661 19.31 -10.69 39.45
N GLU B 662 19.50 -9.91 40.52
CA GLU B 662 18.51 -9.40 41.47
C GLU B 662 17.15 -9.05 40.90
N ARG B 663 16.10 -9.70 41.40
CA ARG B 663 14.74 -9.44 40.94
C ARG B 663 14.16 -8.37 41.85
N MET B 664 14.16 -7.13 41.35
CA MET B 664 13.67 -6.01 42.13
C MET B 664 12.15 -6.06 42.25
N GLU B 665 11.66 -5.93 43.48
CA GLU B 665 10.22 -5.98 43.72
C GLU B 665 9.80 -4.79 44.57
N SER B 666 8.57 -4.36 44.35
CA SER B 666 7.95 -3.31 45.13
C SER B 666 7.24 -3.93 46.32
N PRO B 667 7.13 -3.22 47.46
CA PRO B 667 6.38 -3.77 48.61
C PRO B 667 4.91 -3.99 48.31
N ILE B 668 4.23 -2.94 47.86
CA ILE B 668 2.86 -3.06 47.39
C ILE B 668 2.87 -3.27 45.89
N ASP B 669 1.78 -3.81 45.34
CA ASP B 669 1.63 -3.83 43.90
C ASP B 669 0.29 -3.24 43.49
N SER B 670 -0.74 -3.50 44.26
CA SER B 670 -2.07 -2.98 44.00
C SER B 670 -2.49 -2.05 45.11
N ALA B 671 -3.67 -1.44 44.92
CA ALA B 671 -4.30 -0.68 45.99
C ALA B 671 -4.67 -1.58 47.16
N ASP B 672 -5.05 -2.83 46.87
CA ASP B 672 -5.33 -3.81 47.92
C ASP B 672 -4.08 -4.18 48.71
N ASP B 673 -2.89 -4.08 48.09
CA ASP B 673 -1.66 -4.37 48.81
C ASP B 673 -1.31 -3.25 49.78
N LEU B 674 -1.77 -2.03 49.50
CA LEU B 674 -1.58 -0.93 50.42
C LEU B 674 -2.72 -0.84 51.44
N ALA B 675 -3.73 -1.70 51.30
CA ALA B 675 -4.88 -1.67 52.20
C ALA B 675 -4.54 -2.14 53.61
N LYS B 676 -3.47 -2.93 53.76
CA LYS B 676 -3.14 -3.51 55.04
C LYS B 676 -1.93 -2.83 55.66
N GLN B 677 -1.00 -2.38 54.82
CA GLN B 677 0.24 -1.80 55.31
C GLN B 677 0.04 -0.41 55.88
N THR B 678 -0.07 -0.31 57.21
CA THR B 678 -0.11 0.98 57.86
C THR B 678 1.30 1.46 58.17
N LYS B 679 2.29 0.62 57.87
CA LYS B 679 3.69 1.05 57.90
C LYS B 679 3.95 2.09 56.82
N ILE B 680 3.46 1.84 55.62
CA ILE B 680 3.54 2.80 54.53
C ILE B 680 2.29 3.67 54.58
N GLU B 681 2.47 4.98 54.67
CA GLU B 681 1.36 5.89 54.90
C GLU B 681 0.82 6.39 53.56
N TYR B 682 -0.51 6.44 53.43
CA TYR B 682 -1.13 6.93 52.20
C TYR B 682 -0.88 8.40 51.92
N GLY B 683 -1.56 9.25 52.70
CA GLY B 683 -1.73 10.65 52.36
C GLY B 683 -2.47 10.86 51.05
N ALA B 684 -2.56 12.13 50.65
CA ALA B 684 -3.08 12.53 49.35
C ALA B 684 -2.68 13.96 49.04
N VAL B 685 -3.29 14.52 47.99
CA VAL B 685 -3.15 15.93 47.66
C VAL B 685 -4.14 16.71 48.54
N GLU B 686 -4.06 18.04 48.48
CA GLU B 686 -4.99 18.99 49.10
C GLU B 686 -6.46 18.62 48.89
N ASP B 687 -7.31 19.01 49.84
CA ASP B 687 -8.73 18.68 49.90
C ASP B 687 -9.46 19.12 48.63
N GLY B 688 -9.91 18.15 47.83
CA GLY B 688 -10.36 18.46 46.49
C GLY B 688 -10.61 17.22 45.66
N ALA B 689 -9.98 17.19 44.47
CA ALA B 689 -10.36 16.24 43.43
C ALA B 689 -10.03 14.80 43.80
N THR B 690 -8.79 14.54 44.25
CA THR B 690 -8.39 13.17 44.57
C THR B 690 -9.02 12.73 45.89
N MET B 691 -9.11 13.66 46.86
CA MET B 691 -9.60 13.33 48.19
C MET B 691 -11.06 12.94 48.20
N THR B 692 -11.94 13.78 47.65
CA THR B 692 -13.37 13.64 47.88
C THR B 692 -13.97 12.46 47.14
N PHE B 693 -13.20 11.85 46.23
CA PHE B 693 -13.59 10.55 45.70
C PHE B 693 -13.57 9.49 46.79
N PHE B 694 -12.56 9.53 47.67
CA PHE B 694 -12.46 8.56 48.75
C PHE B 694 -13.55 8.75 49.79
N LYS B 695 -13.90 10.01 50.06
CA LYS B 695 -14.91 10.30 51.07
C LYS B 695 -16.30 9.91 50.59
N LYS B 696 -16.60 10.19 49.33
CA LYS B 696 -17.93 9.91 48.79
C LYS B 696 -18.08 8.47 48.31
N SER B 697 -17.03 7.66 48.42
CA SER B 697 -17.08 6.29 47.94
C SER B 697 -17.82 5.40 48.94
N LYS B 698 -18.29 4.27 48.44
CA LYS B 698 -18.80 3.18 49.25
C LYS B 698 -18.05 1.89 48.98
N ILE B 699 -16.92 1.95 48.29
CA ILE B 699 -16.11 0.77 48.02
C ILE B 699 -15.40 0.38 49.30
N SER B 700 -15.49 -0.90 49.66
CA SER B 700 -15.01 -1.37 50.95
C SER B 700 -13.49 -1.26 51.09
N THR B 701 -12.77 -1.38 49.97
CA THR B 701 -11.32 -1.15 49.99
C THR B 701 -11.01 0.31 50.29
N TYR B 702 -11.65 1.21 49.55
CA TYR B 702 -11.30 2.62 49.60
C TYR B 702 -11.86 3.30 50.83
N ASP B 703 -12.91 2.74 51.42
CA ASP B 703 -13.42 3.22 52.69
C ASP B 703 -12.41 3.01 53.80
N LYS B 704 -11.72 1.86 53.79
CA LYS B 704 -10.68 1.60 54.79
C LYS B 704 -9.47 2.48 54.57
N MET B 705 -9.25 2.94 53.33
CA MET B 705 -8.20 3.91 53.08
C MET B 705 -8.54 5.26 53.68
N TRP B 706 -9.83 5.62 53.64
CA TRP B 706 -10.27 6.89 54.20
C TRP B 706 -10.17 6.89 55.72
N ALA B 707 -10.27 5.71 56.33
CA ALA B 707 -10.16 5.60 57.78
C ALA B 707 -8.73 5.85 58.24
N PHE B 708 -7.75 5.46 57.41
CA PHE B 708 -6.36 5.74 57.72
C PHE B 708 -6.08 7.23 57.61
N MET B 709 -6.71 7.90 56.65
CA MET B 709 -6.48 9.32 56.45
C MET B 709 -7.26 10.14 57.47
N SER B 710 -8.31 9.54 58.05
CA SER B 710 -9.11 10.25 59.05
C SER B 710 -8.34 10.41 60.36
N SER B 711 -7.51 9.42 60.69
CA SER B 711 -6.78 9.44 61.95
C SER B 711 -5.50 10.26 61.84
N ARG B 712 -5.13 10.66 60.63
CA ARG B 712 -3.80 11.22 60.40
C ARG B 712 -3.85 12.51 59.61
N ARG B 713 -4.66 13.47 60.04
CA ARG B 713 -4.54 14.84 59.54
C ARG B 713 -3.24 15.48 60.01
N GLN B 714 -2.98 16.72 59.57
CA GLN B 714 -1.76 17.48 59.88
C GLN B 714 -0.50 16.75 59.43
N SER B 715 -0.29 16.74 58.12
CA SER B 715 0.95 16.37 57.43
C SER B 715 1.26 14.87 57.41
N VAL B 716 0.27 14.05 57.10
CA VAL B 716 0.55 12.98 56.16
C VAL B 716 -0.28 13.38 54.95
N LEU B 717 -1.26 14.26 55.18
CA LEU B 717 -2.11 14.81 54.13
C LEU B 717 -1.55 16.18 53.76
N VAL B 718 -0.73 16.22 52.72
CA VAL B 718 -0.05 17.45 52.33
C VAL B 718 -1.00 18.28 51.47
N LYS B 719 -0.66 19.54 51.22
CA LYS B 719 -1.58 20.44 50.53
C LYS B 719 -1.13 20.83 49.12
N SER B 720 -0.12 20.17 48.56
CA SER B 720 0.34 20.55 47.23
C SER B 720 0.96 19.35 46.53
N ASN B 721 1.03 19.43 45.20
CA ASN B 721 1.56 18.34 44.38
C ASN B 721 3.05 18.14 44.60
N GLU B 722 3.85 19.17 44.34
CA GLU B 722 5.30 19.06 44.46
C GLU B 722 5.74 18.89 45.91
N GLU B 723 4.93 19.33 46.87
CA GLU B 723 5.18 18.99 48.26
C GLU B 723 4.96 17.51 48.50
N GLY B 724 3.93 16.93 47.87
CA GLY B 724 3.72 15.50 47.95
C GLY B 724 4.77 14.70 47.20
N ILE B 725 5.29 15.26 46.10
CA ILE B 725 6.45 14.66 45.43
C ILE B 725 7.66 14.69 46.36
N GLN B 726 7.80 15.78 47.13
CA GLN B 726 8.91 15.90 48.06
C GLN B 726 8.77 14.93 49.23
N ARG B 727 7.52 14.63 49.62
CA ARG B 727 7.33 13.76 50.78
C ARG B 727 7.59 12.29 50.43
N VAL B 728 7.35 11.91 49.17
CA VAL B 728 7.70 10.56 48.72
C VAL B 728 9.21 10.41 48.65
N LEU B 729 9.89 11.42 48.12
CA LEU B 729 11.33 11.35 47.88
C LEU B 729 12.14 11.31 49.18
N THR B 730 11.57 11.77 50.30
CA THR B 730 12.27 11.68 51.58
C THR B 730 11.87 10.42 52.36
N SER B 731 10.60 10.31 52.72
CA SER B 731 10.15 9.21 53.57
C SER B 731 9.65 8.02 52.75
N ASP B 732 8.95 7.10 53.39
CA ASP B 732 8.30 5.97 52.72
C ASP B 732 6.87 6.31 52.29
N TYR B 733 6.60 7.59 52.03
CA TYR B 733 5.28 8.10 51.69
C TYR B 733 4.86 7.67 50.29
N ALA B 734 3.57 7.40 50.12
CA ALA B 734 3.04 6.84 48.87
C ALA B 734 1.89 7.72 48.37
N PHE B 735 2.23 8.70 47.53
CA PHE B 735 1.30 9.78 47.18
C PHE B 735 0.19 9.30 46.26
N LEU B 736 -1.03 9.77 46.52
CA LEU B 736 -2.19 9.54 45.66
C LEU B 736 -2.36 10.79 44.80
N MET B 737 -2.65 10.59 43.51
CA MET B 737 -2.55 11.67 42.55
C MET B 737 -3.34 11.35 41.30
N GLU B 738 -3.66 12.39 40.52
CA GLU B 738 -4.25 12.19 39.21
C GLU B 738 -3.25 11.50 38.29
N SER B 739 -3.74 10.52 37.52
CA SER B 739 -2.86 9.58 36.82
C SER B 739 -2.10 10.22 35.66
N THR B 740 -2.51 11.42 35.23
CA THR B 740 -1.74 12.12 34.21
C THR B 740 -0.44 12.66 34.79
N THR B 741 -0.52 13.44 35.86
CA THR B 741 0.64 14.17 36.34
C THR B 741 1.65 13.22 37.00
N ILE B 742 1.21 12.00 37.34
CA ILE B 742 2.16 10.94 37.71
C ILE B 742 3.05 10.60 36.52
N GLU B 743 2.47 10.52 35.32
CA GLU B 743 3.24 10.21 34.12
C GLU B 743 4.21 11.32 33.76
N PHE B 744 3.95 12.54 34.22
CA PHE B 744 4.84 13.65 33.93
C PHE B 744 6.03 13.67 34.88
N VAL B 745 5.82 13.21 36.12
CA VAL B 745 6.89 13.25 37.12
C VAL B 745 7.74 11.98 37.04
N THR B 746 7.10 10.82 36.87
CA THR B 746 7.82 9.55 36.81
C THR B 746 8.73 9.48 35.58
N GLN B 747 8.30 10.09 34.48
CA GLN B 747 9.14 10.18 33.30
C GLN B 747 10.37 11.05 33.53
N ARG B 748 10.25 12.09 34.36
CA ARG B 748 11.29 13.11 34.48
C ARG B 748 11.86 13.13 35.91
N ASN B 749 11.85 11.97 36.56
CA ASN B 749 12.58 11.85 37.82
C ASN B 749 13.49 10.63 37.80
N CYS B 750 12.99 9.53 37.22
CA CYS B 750 13.59 8.20 37.24
C CYS B 750 13.92 7.70 38.64
N ASN B 751 13.18 8.19 39.64
CA ASN B 751 13.26 7.71 41.01
C ASN B 751 11.88 7.36 41.53
N LEU B 752 10.89 7.37 40.64
CA LEU B 752 9.50 7.12 41.02
C LEU B 752 8.92 6.06 40.11
N THR B 753 7.76 5.52 40.48
CA THR B 753 7.09 4.53 39.65
C THR B 753 5.58 4.53 39.88
N GLN B 754 4.82 4.37 38.82
CA GLN B 754 3.38 4.23 38.94
C GLN B 754 3.03 2.85 39.45
N ILE B 755 2.84 2.71 40.74
CA ILE B 755 2.43 1.42 41.28
C ILE B 755 0.89 1.39 41.30
N GLY B 756 0.31 0.23 41.05
CA GLY B 756 -1.13 0.11 40.94
C GLY B 756 -1.63 0.44 39.55
N GLY B 757 -2.91 0.20 39.33
CA GLY B 757 -3.51 0.49 38.05
C GLY B 757 -4.20 1.84 38.01
N LEU B 758 -5.49 1.83 37.65
CA LEU B 758 -6.29 3.04 37.58
C LEU B 758 -7.55 2.83 38.39
N ILE B 759 -7.75 3.68 39.39
CA ILE B 759 -8.92 3.57 40.28
C ILE B 759 -10.14 4.15 39.61
N ASP B 760 -10.07 5.42 39.22
CA ASP B 760 -11.22 6.10 38.63
C ASP B 760 -11.05 6.13 37.11
N SER B 761 -12.06 6.60 36.37
CA SER B 761 -11.96 6.64 34.91
C SER B 761 -12.56 7.91 34.33
N LYS B 762 -12.47 9.03 35.05
CA LYS B 762 -12.97 10.29 34.53
C LYS B 762 -11.98 10.86 33.51
N GLY B 763 -12.44 11.88 32.77
CA GLY B 763 -11.60 12.41 31.71
C GLY B 763 -11.70 13.91 31.53
N TYR B 764 -10.66 14.49 30.93
CA TYR B 764 -10.63 15.92 30.66
C TYR B 764 -11.21 16.21 29.28
N GLY B 765 -11.95 17.31 29.16
CA GLY B 765 -12.62 17.64 27.92
C GLY B 765 -12.40 19.06 27.46
N VAL B 766 -12.93 19.40 26.29
CA VAL B 766 -12.79 20.74 25.74
C VAL B 766 -13.78 21.66 26.43
N GLY B 767 -15.06 21.32 26.38
CA GLY B 767 -16.07 22.05 27.12
C GLY B 767 -16.50 23.34 26.45
N THR B 768 -17.79 23.63 26.60
CA THR B 768 -18.47 24.78 26.03
C THR B 768 -19.39 25.37 27.09
N PRO B 769 -19.95 26.56 26.86
CA PRO B 769 -21.12 26.96 27.66
C PRO B 769 -22.35 26.14 27.31
N MET B 770 -23.41 26.33 28.10
CA MET B 770 -24.63 25.57 27.95
C MET B 770 -25.34 25.91 26.64
N GLY B 771 -25.62 24.89 25.84
CA GLY B 771 -26.35 25.05 24.60
C GLY B 771 -25.54 25.60 23.45
N SER B 772 -24.22 25.65 23.60
CA SER B 772 -23.33 26.20 22.59
C SER B 772 -23.24 25.26 21.39
N PRO B 773 -23.30 25.80 20.18
CA PRO B 773 -23.37 24.94 18.99
C PRO B 773 -22.01 24.52 18.48
N TYR B 774 -20.94 24.87 19.20
CA TYR B 774 -19.60 24.49 18.78
C TYR B 774 -19.27 23.10 19.30
N ARG B 775 -20.05 22.66 20.28
CA ARG B 775 -19.78 21.44 21.04
C ARG B 775 -19.79 20.18 20.17
N ASP B 776 -20.82 20.01 19.35
CA ASP B 776 -20.85 18.88 18.44
C ASP B 776 -19.79 19.01 17.35
N LYS B 777 -19.46 20.25 16.96
CA LYS B 777 -18.39 20.46 15.98
C LYS B 777 -17.04 20.09 16.58
N ILE B 778 -16.91 20.18 17.89
CA ILE B 778 -15.70 19.74 18.58
C ILE B 778 -15.81 18.26 18.96
N THR B 779 -17.03 17.75 19.08
CA THR B 779 -17.23 16.31 19.30
C THR B 779 -16.83 15.52 18.06
N ILE B 780 -17.08 16.09 16.88
CA ILE B 780 -16.59 15.51 15.64
C ILE B 780 -15.08 15.71 15.52
N ALA B 781 -14.54 16.71 16.21
CA ALA B 781 -13.12 17.04 16.08
C ALA B 781 -12.22 16.02 16.76
N ILE B 782 -12.37 15.83 18.09
CA ILE B 782 -11.55 14.87 18.83
C ILE B 782 -11.74 13.46 18.31
N LEU B 783 -12.98 13.09 17.97
CA LEU B 783 -13.25 11.76 17.44
C LEU B 783 -12.67 11.55 16.05
N GLN B 784 -12.18 12.60 15.39
CA GLN B 784 -11.33 12.42 14.21
C GLN B 784 -9.87 12.23 14.60
N LEU B 785 -9.43 12.86 15.70
CA LEU B 785 -8.01 12.94 16.02
C LEU B 785 -7.43 11.59 16.45
N GLN B 786 -8.28 10.65 16.85
CA GLN B 786 -7.76 9.39 17.37
C GLN B 786 -7.44 8.39 16.28
N GLU B 787 -8.08 8.48 15.12
CA GLU B 787 -7.75 7.55 14.03
C GLU B 787 -6.47 7.95 13.35
N GLU B 788 -6.33 9.23 12.97
CA GLU B 788 -5.11 9.71 12.33
C GLU B 788 -3.98 9.96 13.34
N GLY B 789 -4.24 9.76 14.63
CA GLY B 789 -3.20 9.56 15.60
C GLY B 789 -2.43 10.79 16.05
N LYS B 790 -2.86 11.99 15.63
CA LYS B 790 -2.19 13.21 16.07
C LYS B 790 -2.47 13.49 17.54
N LEU B 791 -3.58 12.98 18.08
CA LEU B 791 -3.85 13.13 19.50
C LEU B 791 -2.88 12.30 20.33
N HIS B 792 -2.63 11.05 19.90
CA HIS B 792 -1.69 10.21 20.61
C HIS B 792 -0.25 10.62 20.32
N MET B 793 -0.01 11.26 19.18
CA MET B 793 1.31 11.80 18.88
C MET B 793 1.68 12.94 19.81
N MET B 794 0.67 13.76 20.20
CA MET B 794 0.92 14.81 21.15
C MET B 794 1.06 14.28 22.57
N LYS B 795 0.59 13.05 22.82
CA LYS B 795 0.88 12.38 24.08
C LYS B 795 2.35 11.95 24.12
N GLU B 796 2.96 11.77 22.96
CA GLU B 796 4.38 11.47 22.95
C GLU B 796 5.21 12.75 22.79
N LYS B 797 4.54 13.89 22.57
CA LYS B 797 5.22 15.16 22.42
C LYS B 797 5.61 15.76 23.76
N TRP B 798 4.63 16.00 24.63
CA TRP B 798 4.85 16.76 25.85
C TRP B 798 5.02 15.90 27.09
N TRP B 799 5.28 14.61 26.95
CA TRP B 799 5.36 13.77 28.14
C TRP B 799 6.74 13.13 28.27
N ARG B 800 7.22 12.49 27.20
CA ARG B 800 8.55 11.92 27.24
C ARG B 800 9.62 12.99 27.04
N GLY B 801 10.51 13.15 28.03
CA GLY B 801 11.61 14.05 27.86
C GLY B 801 12.99 13.47 28.08
N ASN B 802 13.10 12.44 28.92
CA ASN B 802 14.41 11.90 29.26
C ASN B 802 14.51 10.42 28.93
N GLY B 803 13.59 9.64 29.48
CA GLY B 803 13.74 8.20 29.52
C GLY B 803 14.49 7.77 30.76
N CYS B 804 14.28 6.52 31.17
CA CYS B 804 14.89 6.03 32.39
C CYS B 804 15.76 4.80 32.14
N PRO B 805 16.94 4.71 32.76
CA PRO B 805 17.81 3.54 32.52
C PRO B 805 17.67 2.46 33.58
N GLU B 806 18.05 1.23 33.21
CA GLU B 806 18.15 0.11 34.14
C GLU B 806 19.13 -0.91 33.56
N GLU B 807 20.24 -1.15 34.26
CA GLU B 807 21.30 -1.96 33.68
C GLU B 807 22.19 -2.64 34.70
N GLU B 808 23.29 -3.24 34.21
CA GLU B 808 24.61 -3.51 34.78
C GLU B 808 24.67 -4.63 35.81
N SER B 809 23.52 -5.13 36.30
CA SER B 809 23.35 -6.30 37.17
C SER B 809 24.39 -6.46 38.29
N LYS B 810 24.52 -5.45 39.16
CA LYS B 810 25.64 -5.36 40.08
C LYS B 810 25.58 -6.44 41.17
N GLU B 811 26.71 -7.07 41.41
CA GLU B 811 26.80 -8.13 42.40
C GLU B 811 26.70 -7.56 43.81
N ALA B 812 26.16 -8.36 44.72
CA ALA B 812 26.05 -7.97 46.12
C ALA B 812 27.37 -8.25 46.83
N SER B 813 28.32 -7.33 46.69
CA SER B 813 29.68 -7.54 47.17
C SER B 813 29.77 -7.52 48.69
N ALA B 814 30.29 -8.61 49.26
CA ALA B 814 30.74 -8.68 50.66
C ALA B 814 29.64 -8.37 51.66
N LEU B 815 28.67 -9.29 51.81
CA LEU B 815 27.50 -9.18 52.70
C LEU B 815 27.81 -8.59 54.07
N GLY B 816 27.19 -7.47 54.39
CA GLY B 816 27.38 -6.87 55.70
C GLY B 816 26.28 -7.25 56.67
N VAL B 817 26.18 -6.45 57.74
CA VAL B 817 25.19 -6.63 58.79
C VAL B 817 23.80 -6.34 58.22
N GLN B 818 23.75 -5.39 57.28
CA GLN B 818 22.52 -5.05 56.56
C GLN B 818 22.00 -6.24 55.78
N ASN B 819 22.90 -7.10 55.31
CA ASN B 819 22.48 -8.35 54.70
C ASN B 819 22.32 -9.47 55.72
N ILE B 820 23.40 -9.87 56.38
CA ILE B 820 23.44 -11.15 57.07
C ILE B 820 23.34 -10.99 58.59
N GLY B 821 23.45 -9.76 59.10
CA GLY B 821 23.60 -9.50 60.53
C GLY B 821 22.53 -10.00 61.48
N GLY B 822 21.37 -10.37 60.97
CA GLY B 822 20.32 -10.94 61.79
C GLY B 822 20.59 -12.36 62.24
N ILE B 823 21.58 -13.01 61.64
CA ILE B 823 21.98 -14.34 62.11
C ILE B 823 22.69 -14.24 63.45
N PHE B 824 23.25 -13.07 63.77
CA PHE B 824 23.87 -12.87 65.07
C PHE B 824 22.82 -12.66 66.15
N ILE B 825 21.64 -12.15 65.75
CA ILE B 825 20.54 -11.94 66.69
C ILE B 825 19.98 -13.27 67.15
N VAL B 826 19.77 -14.21 66.22
CA VAL B 826 19.28 -15.53 66.61
C VAL B 826 20.41 -16.33 67.28
N LEU B 827 21.66 -15.92 67.04
CA LEU B 827 22.76 -16.43 67.85
C LEU B 827 22.70 -15.83 69.25
N ALA B 828 22.39 -14.54 69.34
CA ALA B 828 22.26 -13.88 70.65
C ALA B 828 21.03 -14.39 71.40
N ALA B 829 19.99 -14.80 70.66
CA ALA B 829 18.81 -15.38 71.28
C ALA B 829 19.12 -16.77 71.82
N GLY B 830 20.10 -17.45 71.23
CA GLY B 830 20.48 -18.78 71.66
C GLY B 830 21.25 -18.79 72.96
N LEU B 831 22.24 -17.90 73.08
CA LEU B 831 23.08 -17.84 74.27
C LEU B 831 22.32 -17.39 75.51
N VAL B 832 21.38 -16.45 75.33
CA VAL B 832 20.59 -15.96 76.46
C VAL B 832 19.61 -17.04 76.93
N LEU B 833 19.03 -17.79 75.99
CA LEU B 833 18.13 -18.88 76.36
C LEU B 833 18.90 -20.04 76.98
N SER B 834 20.19 -20.17 76.65
CA SER B 834 20.98 -21.28 77.17
C SER B 834 21.32 -21.07 78.64
N VAL B 835 21.60 -19.82 79.03
CA VAL B 835 21.92 -19.52 80.43
C VAL B 835 20.65 -19.61 81.27
N PHE B 836 19.50 -19.29 80.68
CA PHE B 836 18.24 -19.37 81.41
C PHE B 836 17.83 -20.80 81.68
N VAL B 837 18.19 -21.73 80.77
CA VAL B 837 17.92 -23.13 81.04
C VAL B 837 19.09 -23.78 81.76
N ALA B 838 20.21 -23.05 81.91
CA ALA B 838 21.30 -23.55 82.73
C ALA B 838 20.94 -23.53 84.19
N VAL B 839 20.27 -22.47 84.64
CA VAL B 839 19.82 -22.39 86.03
C VAL B 839 18.52 -23.17 86.19
N GLY B 840 17.85 -23.48 85.08
CA GLY B 840 16.61 -24.23 85.10
C GLY B 840 16.79 -25.68 85.52
N GLU B 841 17.87 -26.30 85.05
CA GLU B 841 18.17 -27.67 85.47
C GLU B 841 19.09 -27.69 86.69
N PHE B 842 19.68 -26.55 87.03
CA PHE B 842 20.60 -26.46 88.16
C PHE B 842 19.86 -26.64 89.48
N LEU B 843 18.77 -25.88 89.66
CA LEU B 843 17.96 -26.03 90.86
C LEU B 843 17.05 -27.26 90.76
N TYR B 844 16.89 -27.80 89.55
CA TYR B 844 16.19 -29.07 89.40
C TYR B 844 17.00 -30.21 90.01
N LYS B 845 18.29 -30.30 89.67
CA LYS B 845 19.17 -31.29 90.27
C LYS B 845 19.36 -31.03 91.76
N SER B 846 19.34 -29.75 92.15
CA SER B 846 19.35 -29.41 93.57
C SER B 846 18.08 -29.87 94.27
N LYS B 847 16.98 -29.98 93.52
CA LYS B 847 15.79 -30.63 94.06
C LYS B 847 15.88 -32.14 93.92
N LYS B 848 16.55 -32.62 92.87
CA LYS B 848 16.81 -34.06 92.75
C LYS B 848 17.80 -34.52 93.81
N ASN B 849 18.68 -33.62 94.25
CA ASN B 849 19.48 -33.91 95.43
C ASN B 849 18.64 -33.86 96.70
N ALA B 850 17.57 -33.05 96.70
CA ALA B 850 16.87 -32.73 97.95
C ALA B 850 15.90 -33.82 98.37
N GLN B 851 15.93 -35.00 97.77
CA GLN B 851 15.24 -36.13 98.37
C GLN B 851 16.19 -36.88 99.30
N LEU B 852 17.38 -36.33 99.48
CA LEU B 852 18.40 -36.86 100.38
C LEU B 852 18.99 -35.70 101.18
N GLU B 853 18.67 -34.47 100.76
CA GLU B 853 19.38 -33.28 101.19
C GLU B 853 18.40 -32.31 101.84
N LYS B 854 18.92 -31.52 102.77
CA LYS B 854 18.15 -30.52 103.52
C LYS B 854 18.86 -29.18 103.40
N ARG B 855 18.09 -28.10 103.47
CA ARG B 855 18.56 -26.72 103.24
C ARG B 855 19.18 -26.62 101.85
N SER B 856 18.32 -26.57 100.82
CA SER B 856 18.75 -26.71 99.43
C SER B 856 19.64 -25.55 98.94
N PHE B 857 19.86 -24.53 99.76
CA PHE B 857 20.94 -23.59 99.50
C PHE B 857 22.30 -24.26 99.66
N CYS B 858 22.38 -25.31 100.48
CA CYS B 858 23.63 -26.04 100.64
C CYS B 858 23.90 -26.94 99.43
N SER B 859 22.87 -27.21 98.63
CA SER B 859 23.10 -27.86 97.33
C SER B 859 23.85 -26.93 96.39
N ALA B 860 23.66 -25.62 96.53
CA ALA B 860 24.34 -24.67 95.65
C ALA B 860 25.82 -24.57 95.98
N MET B 861 26.15 -24.24 97.23
CA MET B 861 27.52 -23.87 97.57
C MET B 861 28.47 -25.06 97.57
N VAL B 862 27.95 -26.28 97.70
CA VAL B 862 28.77 -27.47 97.46
C VAL B 862 29.06 -27.60 95.97
N GLU B 863 28.05 -27.33 95.14
CA GLU B 863 28.26 -27.33 93.70
C GLU B 863 29.02 -26.08 93.23
N GLU B 864 28.93 -24.98 93.99
CA GLU B 864 29.70 -23.79 93.65
C GLU B 864 31.20 -24.02 93.81
N LEU B 865 31.61 -24.72 94.86
CA LEU B 865 33.02 -25.07 95.00
C LEU B 865 33.39 -26.22 94.07
N ARG B 866 32.42 -27.07 93.73
CA ARG B 866 32.61 -28.06 92.67
C ARG B 866 32.90 -27.39 91.33
N MET B 867 32.26 -26.25 91.09
CA MET B 867 32.54 -25.47 89.89
C MET B 867 33.87 -24.73 90.03
N SER B 868 34.23 -24.36 91.27
CA SER B 868 35.32 -23.41 91.50
C SER B 868 36.70 -24.02 91.33
N LEU B 869 36.90 -25.26 91.77
CA LEU B 869 38.21 -25.88 91.72
C LEU B 869 38.64 -26.28 90.32
N LYS B 870 37.68 -26.61 89.45
CA LYS B 870 37.82 -26.79 88.00
C LYS B 870 38.63 -28.01 87.58
N CYS B 871 39.18 -28.74 88.55
CA CYS B 871 39.86 -30.02 88.33
C CYS B 871 39.53 -30.96 89.48
N GLN B 872 38.30 -30.82 90.01
CA GLN B 872 37.83 -31.37 91.28
C GLN B 872 38.01 -32.88 91.45
N ARG B 873 37.47 -33.65 90.49
CA ARG B 873 37.52 -35.11 90.46
C ARG B 873 36.87 -35.76 91.69
N ARG B 874 35.83 -35.13 92.23
CA ARG B 874 35.11 -35.69 93.38
C ARG B 874 34.07 -36.69 92.85
N THR C 33 -92.03 23.56 -33.63
CA THR C 33 -91.92 22.14 -33.34
C THR C 33 -90.48 21.66 -33.46
N HIS C 34 -89.98 21.63 -34.71
CA HIS C 34 -88.61 21.33 -35.10
C HIS C 34 -88.19 19.95 -34.61
N VAL C 35 -88.72 18.90 -35.23
CA VAL C 35 -88.45 17.53 -34.80
C VAL C 35 -87.01 17.14 -35.10
N LEU C 36 -86.22 16.92 -34.06
CA LEU C 36 -84.84 16.47 -34.21
C LEU C 36 -84.78 14.95 -34.30
N ARG C 37 -83.77 14.44 -34.99
CA ARG C 37 -83.71 13.01 -35.29
C ARG C 37 -82.31 12.48 -35.06
N PHE C 38 -81.79 12.67 -33.84
CA PHE C 38 -80.48 12.18 -33.41
C PHE C 38 -80.33 10.68 -33.67
N GLY C 39 -79.42 10.31 -34.56
CA GLY C 39 -79.17 8.93 -34.86
C GLY C 39 -78.33 8.25 -33.79
N GLY C 40 -77.87 7.04 -34.10
CA GLY C 40 -77.06 6.31 -33.15
C GLY C 40 -76.74 4.94 -33.66
N ILE C 41 -75.55 4.46 -33.30
CA ILE C 41 -75.07 3.15 -33.71
C ILE C 41 -74.55 2.43 -32.47
N PHE C 42 -75.09 1.24 -32.18
CA PHE C 42 -74.83 0.60 -30.90
C PHE C 42 -74.57 -0.89 -31.06
N GLU C 43 -74.46 -1.57 -29.92
CA GLU C 43 -74.05 -2.96 -29.87
C GLU C 43 -75.20 -3.89 -30.28
N TYR C 44 -74.85 -5.01 -30.93
CA TYR C 44 -75.81 -6.03 -31.32
C TYR C 44 -75.36 -7.34 -30.67
N VAL C 45 -76.02 -7.71 -29.57
CA VAL C 45 -75.50 -8.74 -28.68
C VAL C 45 -76.25 -10.07 -28.82
N GLU C 46 -77.56 -10.03 -29.10
CA GLU C 46 -78.48 -11.16 -29.31
C GLU C 46 -78.72 -12.03 -28.08
N SER C 47 -78.06 -11.75 -26.96
CA SER C 47 -78.19 -12.61 -25.79
C SER C 47 -79.41 -12.24 -24.96
N GLY C 48 -79.41 -11.03 -24.41
CA GLY C 48 -80.50 -10.57 -23.57
C GLY C 48 -81.03 -9.24 -24.01
N PRO C 49 -81.01 -8.25 -23.11
CA PRO C 49 -81.46 -6.90 -23.47
C PRO C 49 -80.43 -6.15 -24.30
N MET C 50 -80.70 -4.88 -24.57
CA MET C 50 -79.79 -4.03 -25.32
C MET C 50 -78.60 -3.65 -24.45
N GLY C 51 -77.61 -2.99 -25.05
CA GLY C 51 -76.39 -2.65 -24.33
C GLY C 51 -76.59 -1.59 -23.26
N ALA C 52 -75.54 -1.37 -22.47
CA ALA C 52 -75.61 -0.36 -21.42
C ALA C 52 -75.57 1.05 -22.02
N GLU C 53 -74.97 1.19 -23.20
CA GLU C 53 -74.92 2.50 -23.85
C GLU C 53 -76.26 2.84 -24.48
N GLU C 54 -76.91 1.86 -25.13
CA GLU C 54 -78.14 2.13 -25.86
C GLU C 54 -79.31 2.38 -24.90
N LEU C 55 -79.28 1.76 -23.72
CA LEU C 55 -80.24 2.11 -22.68
C LEU C 55 -80.02 3.52 -22.18
N ALA C 56 -78.76 3.96 -22.09
CA ALA C 56 -78.47 5.31 -21.64
C ALA C 56 -78.88 6.33 -22.69
N PHE C 57 -78.81 5.95 -23.95
CA PHE C 57 -79.20 6.87 -25.02
C PHE C 57 -80.71 6.99 -25.12
N ARG C 58 -81.44 5.91 -24.79
CA ARG C 58 -82.89 5.98 -24.75
C ARG C 58 -83.37 6.72 -23.51
N PHE C 59 -82.66 6.55 -22.38
CA PHE C 59 -83.05 7.20 -21.14
C PHE C 59 -82.77 8.70 -21.19
N ALA C 60 -81.77 9.11 -21.97
CA ALA C 60 -81.42 10.52 -22.05
C ALA C 60 -82.42 11.29 -22.89
N VAL C 61 -82.92 10.68 -23.96
CA VAL C 61 -83.89 11.36 -24.83
C VAL C 61 -85.25 11.40 -24.16
N ASN C 62 -85.63 10.32 -23.47
CA ASN C 62 -86.92 10.28 -22.78
C ASN C 62 -86.96 11.25 -21.61
N THR C 63 -85.81 11.52 -21.00
CA THR C 63 -85.76 12.53 -19.94
C THR C 63 -85.85 13.93 -20.52
N ILE C 64 -85.19 14.17 -21.66
CA ILE C 64 -85.04 15.54 -22.15
C ILE C 64 -86.31 15.99 -22.88
N ASN C 65 -87.18 15.06 -23.27
CA ASN C 65 -88.49 15.45 -23.77
C ASN C 65 -89.43 15.80 -22.61
N ARG C 66 -89.10 15.31 -21.42
CA ARG C 66 -89.98 15.43 -20.26
C ARG C 66 -89.64 16.66 -19.41
N ASN C 67 -88.34 16.97 -19.29
CA ASN C 67 -87.89 18.00 -18.35
C ASN C 67 -88.25 19.39 -18.84
N ARG C 68 -88.21 19.60 -20.16
CA ARG C 68 -88.60 20.83 -20.85
C ARG C 68 -87.84 22.06 -20.37
N THR C 69 -86.57 21.93 -20.03
CA THR C 69 -85.80 23.08 -19.57
C THR C 69 -84.62 23.36 -20.50
N LEU C 70 -84.11 22.31 -21.16
CA LEU C 70 -83.06 22.49 -22.14
C LEU C 70 -83.66 22.91 -23.48
N LEU C 71 -84.97 22.77 -23.59
CA LEU C 71 -85.71 23.04 -24.81
C LEU C 71 -87.15 23.40 -24.46
N PRO C 72 -87.66 24.53 -24.95
CA PRO C 72 -89.08 24.83 -24.73
C PRO C 72 -90.01 23.88 -25.47
N ASN C 73 -89.87 23.80 -26.80
CA ASN C 73 -90.80 23.07 -27.64
C ASN C 73 -90.12 22.38 -28.81
N THR C 74 -88.98 21.73 -28.54
CA THR C 74 -88.19 21.11 -29.61
C THR C 74 -87.92 19.65 -29.26
N THR C 75 -88.79 18.76 -29.71
CA THR C 75 -88.75 17.36 -29.34
C THR C 75 -87.67 16.62 -30.13
N LEU C 76 -87.22 15.49 -29.60
CA LEU C 76 -86.19 14.66 -30.21
C LEU C 76 -86.77 13.28 -30.52
N THR C 77 -86.19 12.63 -31.53
CA THR C 77 -86.62 11.29 -31.92
C THR C 77 -85.40 10.44 -32.25
N TYR C 78 -85.09 9.51 -31.35
CA TYR C 78 -83.90 8.68 -31.49
C TYR C 78 -84.10 7.64 -32.60
N ASP C 79 -83.02 7.33 -33.30
CA ASP C 79 -83.07 6.46 -34.46
C ASP C 79 -81.98 5.40 -34.40
N THR C 80 -81.91 4.67 -33.28
CA THR C 80 -80.83 3.73 -33.00
C THR C 80 -80.80 2.55 -33.97
N GLN C 81 -79.59 2.10 -34.28
CA GLN C 81 -79.35 0.91 -35.10
C GLN C 81 -78.19 0.14 -34.50
N LYS C 82 -78.03 -1.10 -34.93
CA LYS C 82 -77.11 -2.04 -34.30
C LYS C 82 -76.18 -2.65 -35.34
N ILE C 83 -74.88 -2.69 -35.03
CA ILE C 83 -73.86 -3.25 -35.90
C ILE C 83 -73.09 -4.31 -35.14
N ASN C 84 -72.16 -4.99 -35.82
CA ASN C 84 -71.39 -6.05 -35.20
C ASN C 84 -70.29 -5.56 -34.28
N LEU C 85 -69.74 -4.35 -34.52
CA LEU C 85 -68.74 -3.74 -33.64
C LEU C 85 -67.49 -4.58 -33.45
N TYR C 86 -66.51 -4.51 -34.37
CA TYR C 86 -65.74 -5.54 -35.08
C TYR C 86 -66.18 -5.69 -36.53
N ASP C 87 -66.94 -4.73 -37.08
CA ASP C 87 -67.23 -4.73 -38.51
C ASP C 87 -67.32 -3.28 -38.98
N SER C 88 -66.31 -2.84 -39.75
CA SER C 88 -66.23 -1.44 -40.16
C SER C 88 -66.93 -1.20 -41.48
N PHE C 89 -67.63 -2.21 -42.01
CA PHE C 89 -68.38 -2.01 -43.24
C PHE C 89 -69.85 -1.82 -42.94
N GLU C 90 -70.40 -2.62 -42.02
CA GLU C 90 -71.77 -2.41 -41.59
C GLU C 90 -71.87 -1.12 -40.77
N ALA C 91 -70.78 -0.75 -40.08
CA ALA C 91 -70.69 0.57 -39.49
C ALA C 91 -70.73 1.66 -40.55
N SER C 92 -70.13 1.40 -41.71
CA SER C 92 -70.13 2.40 -42.77
C SER C 92 -71.33 2.24 -43.68
N LYS C 93 -72.23 1.31 -43.36
CA LYS C 93 -73.43 1.15 -44.19
C LYS C 93 -74.68 1.52 -43.39
N LYS C 94 -74.70 1.20 -42.09
CA LYS C 94 -75.78 1.67 -41.25
C LYS C 94 -75.69 3.17 -41.00
N ALA C 95 -74.50 3.75 -41.14
CA ALA C 95 -74.37 5.19 -41.03
C ALA C 95 -74.84 5.89 -42.29
N CYS C 96 -74.71 5.24 -43.45
CA CYS C 96 -75.30 5.81 -44.65
C CYS C 96 -76.82 5.66 -44.67
N ASP C 97 -77.36 4.73 -43.87
CA ASP C 97 -78.80 4.66 -43.73
C ASP C 97 -79.34 5.84 -42.94
N GLN C 98 -78.72 6.15 -41.81
CA GLN C 98 -79.20 7.23 -40.96
C GLN C 98 -78.94 8.60 -41.59
N LEU C 99 -77.83 8.73 -42.31
CA LEU C 99 -77.56 9.96 -43.04
C LEU C 99 -78.55 10.20 -44.17
N SER C 100 -78.96 9.15 -44.88
CA SER C 100 -79.97 9.29 -45.92
C SER C 100 -81.37 9.47 -45.33
N LEU C 101 -81.60 8.91 -44.14
CA LEU C 101 -82.91 9.05 -43.50
C LEU C 101 -83.02 10.42 -42.87
N GLY C 102 -81.88 11.03 -42.54
CA GLY C 102 -81.86 12.38 -42.01
C GLY C 102 -81.61 12.45 -40.53
N VAL C 103 -80.39 12.84 -40.13
CA VAL C 103 -80.06 13.03 -38.74
C VAL C 103 -79.46 14.41 -38.55
N ALA C 104 -79.06 14.73 -37.32
CA ALA C 104 -78.31 15.94 -37.03
C ALA C 104 -77.12 15.62 -36.15
N ALA C 105 -76.93 14.32 -35.85
CA ALA C 105 -75.81 13.82 -35.07
C ALA C 105 -75.68 12.32 -35.27
N ILE C 106 -74.49 11.78 -35.05
CA ILE C 106 -74.25 10.34 -35.04
C ILE C 106 -73.51 10.03 -33.76
N PHE C 107 -74.16 9.34 -32.82
CA PHE C 107 -73.59 9.18 -31.50
C PHE C 107 -72.61 8.03 -31.39
N GLY C 108 -72.17 7.50 -32.52
CA GLY C 108 -70.89 6.84 -32.61
C GLY C 108 -70.86 5.40 -32.14
N PRO C 109 -70.20 4.56 -32.92
CA PRO C 109 -69.83 3.23 -32.42
C PRO C 109 -68.80 3.33 -31.30
N SER C 110 -68.64 2.25 -30.55
CA SER C 110 -67.79 2.23 -29.36
C SER C 110 -66.66 1.23 -29.53
N HIS C 111 -66.00 1.28 -30.67
CA HIS C 111 -64.86 0.43 -30.95
C HIS C 111 -63.86 1.20 -31.80
N SER C 112 -62.58 0.84 -31.70
CA SER C 112 -61.50 1.60 -32.32
C SER C 112 -61.42 1.36 -33.82
N SER C 113 -62.20 0.43 -34.36
CA SER C 113 -62.18 0.17 -35.79
C SER C 113 -63.46 0.64 -36.46
N SER C 114 -64.54 0.72 -35.69
CA SER C 114 -65.80 1.20 -36.25
C SER C 114 -65.95 2.69 -36.06
N ALA C 115 -65.12 3.29 -35.21
CA ALA C 115 -65.13 4.74 -35.06
C ALA C 115 -64.47 5.41 -36.26
N ASN C 116 -63.38 4.81 -36.76
CA ASN C 116 -62.63 5.40 -37.87
C ASN C 116 -63.41 5.38 -39.17
N ALA C 117 -64.42 4.50 -39.27
CA ALA C 117 -65.18 4.41 -40.52
C ALA C 117 -66.32 5.41 -40.53
N VAL C 118 -66.95 5.62 -39.37
CA VAL C 118 -68.12 6.51 -39.32
C VAL C 118 -67.68 7.95 -39.17
N GLN C 119 -66.50 8.19 -38.59
CA GLN C 119 -65.96 9.55 -38.48
C GLN C 119 -65.67 10.15 -39.85
N SER C 120 -65.17 9.34 -40.77
CA SER C 120 -64.86 9.86 -42.10
C SER C 120 -66.13 10.07 -42.93
N ILE C 121 -67.21 9.36 -42.60
CA ILE C 121 -68.51 9.67 -43.21
C ILE C 121 -69.01 11.01 -42.70
N CYS C 122 -68.91 11.21 -41.39
CA CYS C 122 -69.42 12.43 -40.77
C CYS C 122 -68.58 13.65 -41.12
N ASN C 123 -67.29 13.46 -41.40
CA ASN C 123 -66.50 14.57 -41.95
C ASN C 123 -66.93 14.91 -43.36
N ALA C 124 -67.16 13.92 -44.21
CA ALA C 124 -67.49 14.17 -45.61
C ALA C 124 -68.91 14.68 -45.82
N LEU C 125 -69.78 14.53 -44.81
CA LEU C 125 -71.17 14.93 -44.96
C LEU C 125 -71.60 16.00 -43.97
N GLY C 126 -70.69 16.58 -43.20
CA GLY C 126 -71.06 17.72 -42.37
C GLY C 126 -71.50 17.41 -40.96
N VAL C 127 -72.37 16.41 -40.82
CA VAL C 127 -73.04 16.00 -39.58
C VAL C 127 -72.02 15.64 -38.51
N PRO C 128 -72.21 16.06 -37.25
CA PRO C 128 -71.24 15.71 -36.20
C PRO C 128 -71.20 14.23 -35.85
N HIS C 129 -70.17 13.85 -35.08
CA HIS C 129 -69.90 12.46 -34.74
C HIS C 129 -69.54 12.30 -33.26
N ILE C 130 -70.47 12.69 -32.40
CA ILE C 130 -70.22 12.80 -30.95
C ILE C 130 -69.95 11.42 -30.36
N GLN C 131 -68.67 11.16 -30.03
CA GLN C 131 -68.24 9.85 -29.53
C GLN C 131 -68.32 9.79 -28.01
N THR C 132 -68.17 8.60 -27.43
CA THR C 132 -68.25 8.44 -25.99
C THR C 132 -67.19 7.54 -25.40
N ARG C 133 -66.27 7.00 -26.19
CA ARG C 133 -65.19 6.22 -25.61
C ARG C 133 -63.95 6.41 -26.48
N TRP C 134 -62.79 6.25 -25.84
CA TRP C 134 -61.49 6.62 -26.40
C TRP C 134 -61.14 5.75 -27.59
N LYS C 135 -61.03 6.37 -28.76
CA LYS C 135 -60.40 5.73 -29.91
C LYS C 135 -58.95 6.18 -29.99
N HIS C 136 -58.15 5.46 -30.75
CA HIS C 136 -56.78 5.92 -31.02
C HIS C 136 -56.84 7.07 -32.01
N GLN C 137 -56.43 8.25 -31.57
CA GLN C 137 -56.33 9.37 -32.50
C GLN C 137 -55.03 9.23 -33.27
N VAL C 138 -55.12 9.38 -34.59
CA VAL C 138 -54.04 8.99 -35.49
C VAL C 138 -53.01 10.11 -35.51
N SER C 139 -53.43 11.31 -35.07
CA SER C 139 -52.65 12.55 -34.93
C SER C 139 -52.15 13.09 -36.27
N ASP C 140 -52.61 12.51 -37.37
CA ASP C 140 -52.33 12.98 -38.72
C ASP C 140 -53.59 12.99 -39.56
N ASN C 141 -54.72 12.61 -38.96
CA ASN C 141 -56.02 12.64 -39.62
C ASN C 141 -56.64 14.00 -39.36
N LYS C 142 -56.95 14.73 -40.44
CA LYS C 142 -57.44 16.09 -40.34
C LYS C 142 -58.97 16.13 -40.38
N ASP C 143 -59.59 15.72 -39.27
CA ASP C 143 -61.03 15.72 -39.15
C ASP C 143 -61.44 16.78 -38.13
N SER C 144 -62.52 17.50 -38.42
CA SER C 144 -62.99 18.58 -37.58
C SER C 144 -64.47 18.52 -37.27
N PHE C 145 -65.08 17.34 -37.40
CA PHE C 145 -66.51 17.12 -37.13
C PHE C 145 -66.60 16.00 -36.12
N TYR C 146 -65.84 16.16 -35.03
CA TYR C 146 -65.42 15.06 -34.17
C TYR C 146 -65.20 15.54 -32.73
N VAL C 147 -66.06 15.10 -31.81
CA VAL C 147 -65.83 15.36 -30.39
C VAL C 147 -65.91 14.05 -29.61
N SER C 148 -65.13 13.96 -28.54
CA SER C 148 -65.01 12.75 -27.74
C SER C 148 -65.18 13.09 -26.27
N LEU C 149 -66.23 12.55 -25.66
CA LEU C 149 -66.52 12.88 -24.25
C LEU C 149 -65.76 11.98 -23.29
N TYR C 150 -64.93 11.07 -23.76
CA TYR C 150 -64.16 10.24 -22.84
C TYR C 150 -62.94 11.03 -22.44
N PRO C 151 -62.50 10.99 -21.18
CA PRO C 151 -61.32 11.75 -20.77
C PRO C 151 -60.05 11.29 -21.47
N ASP C 152 -59.42 12.21 -22.21
CA ASP C 152 -58.32 11.87 -23.08
C ASP C 152 -57.10 11.44 -22.28
N PHE C 153 -56.46 10.36 -22.73
CA PHE C 153 -55.34 9.79 -22.00
C PHE C 153 -54.03 10.54 -22.18
N SER C 154 -54.05 11.73 -22.78
CA SER C 154 -52.92 12.64 -22.65
C SER C 154 -53.14 13.59 -21.48
N SER C 155 -54.28 13.44 -20.80
CA SER C 155 -54.53 14.23 -19.59
C SER C 155 -54.83 13.32 -18.42
N LEU C 156 -55.40 12.15 -18.67
CA LEU C 156 -55.65 11.22 -17.57
C LEU C 156 -54.38 10.47 -17.18
N SER C 157 -53.39 10.44 -18.05
CA SER C 157 -52.14 9.75 -17.72
C SER C 157 -51.11 10.69 -17.14
N ARG C 158 -51.47 11.95 -16.88
CA ARG C 158 -50.71 12.73 -15.91
C ARG C 158 -51.28 12.56 -14.52
N ALA C 159 -52.54 12.12 -14.43
CA ALA C 159 -53.14 11.89 -13.13
C ALA C 159 -52.60 10.63 -12.49
N ILE C 160 -52.39 9.56 -13.27
CA ILE C 160 -51.70 8.39 -12.75
C ILE C 160 -50.24 8.72 -12.47
N LEU C 161 -49.66 9.64 -13.24
CA LEU C 161 -48.27 10.04 -13.00
C LEU C 161 -48.17 10.93 -11.76
N ASP C 162 -49.22 11.67 -11.42
CA ASP C 162 -49.15 12.49 -10.22
C ASP C 162 -49.36 11.66 -8.96
N LEU C 163 -50.05 10.52 -9.07
CA LEU C 163 -50.19 9.64 -7.92
C LEU C 163 -48.91 8.87 -7.65
N VAL C 164 -48.14 8.53 -8.70
CA VAL C 164 -46.88 7.81 -8.47
C VAL C 164 -45.74 8.77 -8.17
N GLN C 165 -46.03 10.08 -8.12
CA GLN C 165 -45.08 11.04 -7.57
C GLN C 165 -45.54 11.57 -6.23
N PHE C 166 -46.82 11.37 -5.90
CA PHE C 166 -47.30 11.68 -4.56
C PHE C 166 -47.06 10.55 -3.59
N PHE C 167 -47.16 9.29 -4.05
CA PHE C 167 -46.89 8.14 -3.23
C PHE C 167 -45.41 7.81 -3.15
N LYS C 168 -44.58 8.55 -3.90
CA LYS C 168 -43.12 8.44 -3.92
C LYS C 168 -42.65 7.03 -4.28
N TRP C 169 -43.06 6.57 -5.46
CA TRP C 169 -42.71 5.22 -5.90
C TRP C 169 -41.45 5.25 -6.76
N LYS C 170 -40.80 4.09 -6.84
CA LYS C 170 -39.66 3.90 -7.73
C LYS C 170 -39.75 2.58 -8.47
N THR C 171 -40.76 1.77 -8.17
CA THR C 171 -40.85 0.43 -8.77
C THR C 171 -42.24 0.12 -9.33
N VAL C 172 -42.80 1.02 -10.13
CA VAL C 172 -44.08 0.81 -10.80
C VAL C 172 -44.01 -0.38 -11.75
N THR C 173 -45.14 -1.08 -11.91
CA THR C 173 -45.18 -2.33 -12.66
C THR C 173 -46.43 -2.38 -13.54
N VAL C 174 -46.56 -1.41 -14.44
CA VAL C 174 -47.69 -1.23 -15.35
C VAL C 174 -48.11 -2.53 -16.05
N VAL C 175 -49.37 -2.91 -15.89
CA VAL C 175 -49.94 -4.10 -16.50
C VAL C 175 -51.12 -3.65 -17.37
N TYR C 176 -50.96 -3.72 -18.69
CA TYR C 176 -52.04 -3.34 -19.58
C TYR C 176 -52.82 -4.57 -20.01
N ASP C 177 -53.76 -4.41 -20.94
CA ASP C 177 -54.62 -5.51 -21.32
C ASP C 177 -54.46 -5.90 -22.78
N ASP C 178 -54.52 -4.91 -23.68
CA ASP C 178 -54.33 -5.16 -25.10
C ASP C 178 -53.36 -4.13 -25.65
N SER C 179 -52.91 -4.36 -26.87
CA SER C 179 -51.88 -3.54 -27.51
C SER C 179 -52.30 -2.09 -27.71
N THR C 180 -53.59 -1.81 -27.87
CA THR C 180 -54.08 -0.44 -27.87
C THR C 180 -53.88 0.23 -26.53
N GLY C 181 -53.90 -0.55 -25.43
CA GLY C 181 -53.77 0.04 -24.11
C GLY C 181 -52.35 0.42 -23.75
N LEU C 182 -51.42 0.22 -24.67
CA LEU C 182 -50.06 0.71 -24.45
C LEU C 182 -49.95 2.18 -24.84
N ILE C 183 -50.97 2.69 -25.54
CA ILE C 183 -51.02 4.09 -25.95
C ILE C 183 -51.79 4.92 -24.92
N ARG C 184 -52.73 4.30 -24.21
CA ARG C 184 -53.46 5.02 -23.16
C ARG C 184 -52.53 5.40 -22.02
N LEU C 185 -51.53 4.57 -21.74
CA LEU C 185 -50.48 4.96 -20.82
C LEU C 185 -49.24 5.45 -21.55
N GLN C 186 -49.40 6.41 -22.45
CA GLN C 186 -48.26 6.86 -23.24
C GLN C 186 -47.31 7.70 -22.39
N GLU C 187 -47.82 8.77 -21.77
CA GLU C 187 -46.95 9.68 -21.06
C GLU C 187 -46.63 9.19 -19.65
N LEU C 188 -47.07 7.98 -19.31
CA LEU C 188 -46.55 7.27 -18.15
C LEU C 188 -45.34 6.42 -18.50
N ILE C 189 -45.28 5.88 -19.71
CA ILE C 189 -44.12 5.11 -20.15
C ILE C 189 -42.91 6.00 -20.36
N LYS C 190 -43.11 7.24 -20.78
CA LYS C 190 -42.02 8.17 -21.03
C LYS C 190 -41.48 8.83 -19.76
N ALA C 191 -42.03 8.49 -18.60
CA ALA C 191 -41.66 9.07 -17.31
C ALA C 191 -40.29 8.70 -16.71
N PRO C 192 -39.72 7.47 -16.92
CA PRO C 192 -38.33 7.25 -16.47
C PRO C 192 -37.28 8.13 -17.14
N SER C 193 -37.59 8.73 -18.28
CA SER C 193 -36.73 9.75 -18.88
C SER C 193 -36.66 10.98 -17.98
N ARG C 194 -37.81 11.50 -17.55
CA ARG C 194 -37.84 12.68 -16.71
C ARG C 194 -37.64 12.34 -15.23
N TYR C 195 -38.55 11.56 -14.66
CA TYR C 195 -38.51 11.27 -13.22
C TYR C 195 -37.61 10.08 -12.92
N ASN C 196 -37.48 9.74 -11.63
CA ASN C 196 -36.73 8.57 -11.21
C ASN C 196 -37.64 7.38 -10.95
N LEU C 197 -38.43 6.96 -11.94
CA LEU C 197 -39.21 5.74 -11.80
C LEU C 197 -38.44 4.57 -12.39
N ARG C 198 -38.98 3.37 -12.27
CA ARG C 198 -38.43 2.21 -12.97
C ARG C 198 -39.56 1.26 -13.32
N LEU C 199 -40.07 1.40 -14.54
CA LEU C 199 -41.20 0.61 -15.04
C LEU C 199 -40.80 -0.83 -15.29
N LYS C 200 -41.76 -1.73 -15.27
CA LYS C 200 -41.49 -3.13 -15.55
C LYS C 200 -42.66 -3.73 -16.33
N ILE C 201 -43.06 -3.06 -17.43
CA ILE C 201 -44.28 -3.27 -18.21
C ILE C 201 -44.58 -4.73 -18.52
N ARG C 202 -45.77 -5.20 -18.16
CA ARG C 202 -46.20 -6.57 -18.40
C ARG C 202 -47.54 -6.56 -19.12
N GLN C 203 -47.95 -7.72 -19.60
CA GLN C 203 -49.19 -7.85 -20.36
C GLN C 203 -49.97 -9.04 -19.83
N LEU C 204 -51.28 -8.84 -19.63
CA LEU C 204 -52.18 -9.93 -19.30
C LEU C 204 -52.23 -10.94 -20.45
N PRO C 205 -52.42 -12.24 -20.18
CA PRO C 205 -52.42 -13.23 -21.26
C PRO C 205 -53.55 -13.06 -22.26
N ALA C 206 -53.27 -13.37 -23.53
CA ALA C 206 -54.18 -13.08 -24.62
C ALA C 206 -55.37 -14.04 -24.64
N ASP C 207 -56.49 -13.57 -24.09
CA ASP C 207 -57.80 -14.24 -24.08
C ASP C 207 -57.73 -15.61 -23.42
N THR C 208 -57.33 -15.64 -22.15
CA THR C 208 -57.38 -16.85 -21.36
C THR C 208 -58.18 -16.67 -20.07
N LYS C 209 -58.39 -15.40 -19.68
CA LYS C 209 -59.08 -14.97 -18.47
C LYS C 209 -58.45 -15.56 -17.20
N ASP C 210 -57.15 -15.82 -17.22
CA ASP C 210 -56.48 -16.49 -16.12
C ASP C 210 -55.07 -15.90 -15.96
N ALA C 211 -54.93 -14.93 -15.06
CA ALA C 211 -53.67 -14.23 -14.88
C ALA C 211 -52.81 -14.85 -13.79
N LYS C 212 -52.96 -16.15 -13.54
CA LYS C 212 -52.12 -16.81 -12.55
C LYS C 212 -50.66 -17.02 -12.98
N PRO C 213 -50.32 -17.34 -14.26
CA PRO C 213 -48.89 -17.31 -14.60
C PRO C 213 -48.27 -15.92 -14.61
N LEU C 214 -49.10 -14.88 -14.72
CA LEU C 214 -48.58 -13.52 -14.62
C LEU C 214 -48.34 -13.12 -13.17
N LEU C 215 -49.36 -13.32 -12.31
CA LEU C 215 -49.26 -12.88 -10.91
C LEU C 215 -48.25 -13.71 -10.12
N LYS C 216 -47.94 -14.92 -10.59
CA LYS C 216 -46.88 -15.70 -9.95
C LYS C 216 -45.51 -15.09 -10.25
N GLU C 217 -45.36 -14.48 -11.43
CA GLU C 217 -44.12 -13.80 -11.75
C GLU C 217 -44.06 -12.43 -11.07
N MET C 218 -45.22 -11.88 -10.73
CA MET C 218 -45.25 -10.58 -10.07
C MET C 218 -44.92 -10.70 -8.58
N LYS C 219 -45.30 -11.82 -7.96
CA LYS C 219 -44.89 -12.08 -6.59
C LYS C 219 -43.42 -12.43 -6.49
N ARG C 220 -42.93 -13.32 -7.36
CA ARG C 220 -41.55 -13.76 -7.35
C ARG C 220 -40.57 -12.64 -7.68
N GLY C 221 -40.97 -11.67 -8.50
CA GLY C 221 -40.13 -10.54 -8.81
C GLY C 221 -40.17 -9.40 -7.83
N LYS C 222 -40.87 -9.58 -6.70
CA LYS C 222 -41.01 -8.59 -5.61
C LYS C 222 -41.61 -7.27 -6.12
N GLU C 223 -42.79 -7.35 -6.72
CA GLU C 223 -43.43 -6.22 -7.38
C GLU C 223 -44.65 -5.82 -6.56
N PHE C 224 -44.54 -4.73 -5.82
CA PHE C 224 -45.56 -4.36 -4.84
C PHE C 224 -46.46 -3.24 -5.32
N HIS C 225 -46.02 -2.44 -6.28
CA HIS C 225 -46.77 -1.28 -6.71
C HIS C 225 -47.19 -1.46 -8.16
N VAL C 226 -48.49 -1.69 -8.38
CA VAL C 226 -48.98 -2.14 -9.68
C VAL C 226 -49.97 -1.13 -10.26
N ILE C 227 -49.76 -0.71 -11.50
CA ILE C 227 -50.70 0.12 -12.22
C ILE C 227 -51.42 -0.73 -13.26
N PHE C 228 -52.65 -1.15 -12.99
CA PHE C 228 -53.38 -1.91 -14.00
C PHE C 228 -53.98 -0.98 -15.06
N ASP C 229 -54.18 -1.51 -16.26
CA ASP C 229 -54.91 -0.84 -17.33
C ASP C 229 -55.89 -1.81 -17.96
N CYS C 230 -57.09 -1.89 -17.41
CA CYS C 230 -58.07 -2.88 -17.83
C CYS C 230 -59.41 -2.22 -18.07
N SER C 231 -60.45 -3.03 -18.23
CA SER C 231 -61.81 -2.55 -18.08
C SER C 231 -62.24 -2.75 -16.63
N HIS C 232 -63.52 -2.52 -16.34
CA HIS C 232 -64.02 -2.78 -15.00
C HIS C 232 -64.56 -4.20 -14.90
N GLU C 233 -64.49 -4.96 -16.00
CA GLU C 233 -64.93 -6.34 -15.97
C GLU C 233 -63.75 -7.29 -15.77
N MET C 234 -62.55 -6.85 -16.15
CA MET C 234 -61.38 -7.68 -15.94
C MET C 234 -60.61 -7.24 -14.71
N ALA C 235 -60.88 -6.03 -14.20
CA ALA C 235 -60.25 -5.61 -12.95
C ALA C 235 -60.91 -6.29 -11.76
N ALA C 236 -62.09 -6.87 -11.96
CA ALA C 236 -62.69 -7.73 -10.94
C ALA C 236 -62.24 -9.17 -11.13
N GLY C 237 -61.62 -9.46 -12.28
CA GLY C 237 -61.22 -10.83 -12.57
C GLY C 237 -59.77 -11.10 -12.24
N ILE C 238 -58.97 -10.04 -12.11
CA ILE C 238 -57.59 -10.23 -11.69
C ILE C 238 -57.37 -9.63 -10.31
N LEU C 239 -58.45 -9.48 -9.54
CA LEU C 239 -58.31 -9.34 -8.09
C LEU C 239 -58.86 -10.58 -7.39
N LYS C 240 -59.77 -11.29 -8.04
CA LYS C 240 -60.18 -12.60 -7.57
C LYS C 240 -59.07 -13.62 -7.74
N GLN C 241 -58.16 -13.37 -8.70
CA GLN C 241 -56.98 -14.22 -8.85
C GLN C 241 -55.77 -13.62 -8.16
N ALA C 242 -55.85 -12.36 -7.72
CA ALA C 242 -54.79 -11.81 -6.89
C ALA C 242 -55.04 -12.07 -5.42
N LEU C 243 -56.20 -12.68 -5.11
CA LEU C 243 -56.50 -13.07 -3.74
C LEU C 243 -56.20 -14.55 -3.52
N ALA C 244 -56.44 -15.37 -4.54
CA ALA C 244 -56.09 -16.79 -4.45
C ALA C 244 -54.59 -17.00 -4.49
N MET C 245 -53.85 -16.05 -5.08
CA MET C 245 -52.39 -16.07 -5.02
C MET C 245 -51.85 -15.50 -3.71
N GLY C 246 -52.72 -14.92 -2.88
CA GLY C 246 -52.28 -14.35 -1.62
C GLY C 246 -51.54 -13.06 -1.80
N MET C 247 -51.87 -12.31 -2.85
CA MET C 247 -51.26 -11.01 -3.11
C MET C 247 -52.09 -9.85 -2.62
N MET C 248 -53.14 -10.08 -1.83
CA MET C 248 -53.89 -8.99 -1.24
C MET C 248 -53.49 -8.81 0.23
N THR C 249 -52.22 -8.47 0.42
CA THR C 249 -51.65 -8.29 1.75
C THR C 249 -51.75 -6.80 2.14
N GLU C 250 -51.06 -6.38 3.19
CA GLU C 250 -50.95 -4.96 3.50
C GLU C 250 -49.74 -4.33 2.83
N TYR C 251 -49.04 -5.04 1.96
CA TYR C 251 -47.93 -4.52 1.20
C TYR C 251 -48.32 -3.98 -0.16
N TYR C 252 -49.11 -4.75 -0.90
CA TYR C 252 -49.39 -4.49 -2.30
C TYR C 252 -50.31 -3.28 -2.47
N HIS C 253 -49.86 -2.32 -3.27
CA HIS C 253 -50.68 -1.19 -3.68
C HIS C 253 -51.23 -1.52 -5.07
N TYR C 254 -52.33 -0.89 -5.46
CA TYR C 254 -52.87 -1.12 -6.80
C TYR C 254 -53.56 0.10 -7.37
N ILE C 255 -52.87 0.89 -8.19
CA ILE C 255 -53.54 2.02 -8.84
C ILE C 255 -54.26 1.51 -10.08
N PHE C 256 -55.58 1.66 -10.12
CA PHE C 256 -56.31 1.27 -11.31
C PHE C 256 -56.46 2.44 -12.26
N THR C 257 -56.76 2.15 -13.51
CA THR C 257 -56.89 3.17 -14.55
C THR C 257 -58.36 3.44 -14.85
N THR C 258 -59.20 2.44 -14.62
CA THR C 258 -60.63 2.46 -14.94
C THR C 258 -61.34 3.57 -14.19
N LEU C 259 -62.29 4.21 -14.84
CA LEU C 259 -63.08 5.26 -14.21
C LEU C 259 -64.31 4.64 -13.58
N ASP C 260 -64.44 3.33 -13.68
CA ASP C 260 -65.52 2.59 -13.03
C ASP C 260 -65.03 1.75 -11.86
N LEU C 261 -64.06 2.24 -11.08
CA LEU C 261 -63.57 1.45 -9.96
C LEU C 261 -64.58 1.45 -8.83
N PHE C 262 -65.46 2.44 -8.79
CA PHE C 262 -66.48 2.53 -7.75
C PHE C 262 -67.52 1.41 -7.86
N ALA C 263 -67.68 0.84 -9.06
CA ALA C 263 -68.55 -0.30 -9.25
C ALA C 263 -67.80 -1.62 -9.11
N LEU C 264 -67.05 -1.79 -8.02
CA LEU C 264 -66.36 -3.02 -7.71
C LEU C 264 -66.93 -3.63 -6.43
N ASP C 265 -67.11 -4.94 -6.43
CA ASP C 265 -67.45 -5.64 -5.19
C ASP C 265 -66.19 -5.71 -4.35
N VAL C 266 -66.04 -4.74 -3.45
CA VAL C 266 -64.78 -4.56 -2.71
C VAL C 266 -64.94 -5.06 -1.28
N GLU C 267 -66.06 -5.72 -1.00
CA GLU C 267 -66.32 -6.30 0.31
C GLU C 267 -65.35 -7.42 0.75
N PRO C 268 -64.92 -8.37 -0.11
CA PRO C 268 -63.88 -9.30 0.36
C PRO C 268 -62.51 -8.68 0.54
N TYR C 269 -62.24 -7.55 -0.12
CA TYR C 269 -60.92 -6.96 -0.09
C TYR C 269 -60.82 -5.81 0.90
N ARG C 270 -61.92 -5.47 1.56
CA ARG C 270 -61.99 -4.30 2.42
C ARG C 270 -61.15 -4.45 3.68
N TYR C 271 -61.09 -5.65 4.25
CA TYR C 271 -60.38 -5.87 5.51
C TYR C 271 -58.95 -6.35 5.32
N SER C 272 -58.50 -6.54 4.08
CA SER C 272 -57.22 -7.17 3.82
C SER C 272 -56.04 -6.31 4.22
N GLY C 273 -56.03 -5.06 3.77
CA GLY C 273 -54.90 -4.19 4.01
C GLY C 273 -54.37 -3.56 2.73
N VAL C 274 -54.97 -3.89 1.59
CA VAL C 274 -54.58 -3.32 0.30
C VAL C 274 -55.00 -1.86 0.21
N ASN C 275 -54.52 -1.21 -0.84
CA ASN C 275 -54.58 0.24 -0.97
C ASN C 275 -55.09 0.61 -2.36
N MET C 276 -56.24 0.05 -2.77
CA MET C 276 -56.71 0.14 -4.15
C MET C 276 -57.11 1.56 -4.50
N THR C 277 -56.16 2.33 -5.04
CA THR C 277 -56.44 3.71 -5.40
C THR C 277 -56.96 3.71 -6.84
N GLY C 278 -57.63 4.77 -7.27
CA GLY C 278 -58.14 4.83 -8.62
C GLY C 278 -58.66 6.21 -8.93
N PHE C 279 -59.53 6.30 -9.94
CA PHE C 279 -60.11 7.58 -10.30
C PHE C 279 -61.61 7.39 -10.54
N ARG C 280 -62.34 8.49 -10.48
CA ARG C 280 -63.79 8.45 -10.63
C ARG C 280 -64.27 9.81 -11.09
N ILE C 281 -64.71 9.91 -12.34
CA ILE C 281 -65.21 11.17 -12.87
C ILE C 281 -66.70 11.35 -12.59
N LEU C 282 -67.43 10.25 -12.38
CA LEU C 282 -68.86 10.30 -12.09
C LEU C 282 -69.08 10.85 -10.69
N ASN C 283 -69.69 12.04 -10.60
CA ASN C 283 -69.87 12.70 -9.32
C ASN C 283 -71.03 12.07 -8.54
N THR C 284 -70.73 11.01 -7.80
CA THR C 284 -71.77 10.32 -7.02
C THR C 284 -72.05 11.01 -5.69
N GLU C 285 -71.40 12.14 -5.42
CA GLU C 285 -71.65 12.89 -4.19
C GLU C 285 -72.51 14.12 -4.46
N ASN C 286 -72.83 14.39 -5.73
CA ASN C 286 -73.71 15.50 -6.06
C ASN C 286 -75.16 15.07 -5.82
N THR C 287 -76.05 16.03 -5.58
CA THR C 287 -77.42 15.70 -5.25
C THR C 287 -78.23 15.30 -6.49
N GLN C 288 -78.09 16.07 -7.58
CA GLN C 288 -78.87 15.82 -8.78
C GLN C 288 -78.40 14.55 -9.49
N VAL C 289 -77.10 14.26 -9.40
CA VAL C 289 -76.53 13.11 -10.10
C VAL C 289 -76.96 11.81 -9.43
N SER C 290 -77.01 11.82 -8.09
CA SER C 290 -77.35 10.60 -7.35
C SER C 290 -78.83 10.26 -7.50
N SER C 291 -79.65 11.25 -7.85
CA SER C 291 -81.06 10.97 -8.12
C SER C 291 -81.22 10.25 -9.47
N ILE C 292 -80.37 10.58 -10.44
CA ILE C 292 -80.50 9.99 -11.77
C ILE C 292 -79.92 8.58 -11.78
N ILE C 293 -78.87 8.35 -10.99
CA ILE C 293 -78.30 7.00 -10.86
C ILE C 293 -79.30 6.08 -10.16
N GLU C 294 -80.07 6.60 -9.21
CA GLU C 294 -81.12 5.79 -8.59
C GLU C 294 -82.29 5.57 -9.55
N LYS C 295 -82.54 6.53 -10.45
CA LYS C 295 -83.52 6.30 -11.50
C LYS C 295 -82.97 5.41 -12.59
N TRP C 296 -81.65 5.32 -12.72
CA TRP C 296 -81.04 4.40 -13.67
C TRP C 296 -81.23 2.95 -13.25
N SER C 297 -81.15 2.68 -11.94
CA SER C 297 -81.27 1.31 -11.45
C SER C 297 -82.71 0.80 -11.50
N MET C 298 -83.68 1.69 -11.71
CA MET C 298 -85.07 1.27 -11.81
C MET C 298 -85.39 0.65 -13.18
N GLU C 299 -84.84 1.20 -14.26
CA GLU C 299 -85.18 0.74 -15.60
C GLU C 299 -84.51 -0.60 -15.91
N ARG C 300 -83.19 -0.68 -15.77
CA ARG C 300 -82.56 -1.98 -15.94
C ARG C 300 -82.40 -2.69 -14.60
N LEU C 301 -83.49 -2.75 -13.84
CA LEU C 301 -83.58 -3.59 -12.64
C LEU C 301 -83.52 -5.07 -13.00
N GLN C 302 -84.04 -5.42 -14.17
CA GLN C 302 -83.98 -6.78 -14.70
C GLN C 302 -82.56 -7.09 -15.15
N ALA C 303 -82.28 -8.38 -15.33
CA ALA C 303 -81.01 -8.95 -15.81
C ALA C 303 -79.82 -8.53 -14.97
N PRO C 304 -79.65 -9.04 -13.74
CA PRO C 304 -78.48 -8.69 -12.93
C PRO C 304 -77.21 -9.30 -13.54
N PRO C 305 -76.23 -8.48 -13.88
CA PRO C 305 -75.06 -8.99 -14.61
C PRO C 305 -74.11 -9.82 -13.74
N LYS C 306 -74.19 -11.15 -13.91
CA LYS C 306 -73.30 -12.20 -13.40
C LYS C 306 -72.96 -12.03 -11.91
N PRO C 307 -73.85 -12.39 -10.99
CA PRO C 307 -73.54 -12.18 -9.56
C PRO C 307 -72.58 -13.22 -8.97
N ASP C 308 -71.51 -13.56 -9.68
CA ASP C 308 -70.40 -14.33 -9.16
C ASP C 308 -69.11 -13.75 -9.71
N SER C 309 -69.24 -12.73 -10.55
CA SER C 309 -68.09 -12.14 -11.22
C SER C 309 -67.31 -11.22 -10.29
N GLY C 310 -68.02 -10.43 -9.48
CA GLY C 310 -67.38 -9.48 -8.61
C GLY C 310 -67.75 -8.04 -8.88
N LEU C 311 -68.96 -7.81 -9.40
CA LEU C 311 -69.44 -6.46 -9.62
C LEU C 311 -70.67 -6.20 -8.75
N LEU C 312 -70.96 -4.93 -8.49
CA LEU C 312 -72.12 -4.59 -7.68
C LEU C 312 -73.38 -4.62 -8.52
N ASP C 313 -74.54 -4.59 -7.87
CA ASP C 313 -75.80 -4.90 -8.51
C ASP C 313 -76.26 -3.77 -9.42
N GLY C 314 -76.56 -2.60 -8.85
CA GLY C 314 -76.99 -1.51 -9.68
C GLY C 314 -76.15 -0.24 -9.59
N PHE C 315 -75.39 0.01 -10.64
CA PHE C 315 -74.58 1.23 -10.78
C PHE C 315 -74.46 1.55 -12.27
N MET C 316 -74.32 2.83 -12.58
CA MET C 316 -74.19 3.27 -13.96
C MET C 316 -72.73 3.46 -14.30
N THR C 317 -72.22 2.64 -15.21
CA THR C 317 -70.82 2.68 -15.64
C THR C 317 -70.50 3.96 -16.38
N THR C 318 -69.21 4.32 -16.46
CA THR C 318 -68.84 5.57 -17.09
C THR C 318 -68.82 5.47 -18.61
N ASP C 319 -69.05 4.27 -19.17
CA ASP C 319 -69.24 4.17 -20.60
C ASP C 319 -70.71 4.40 -20.97
N ALA C 320 -71.57 4.50 -19.95
CA ALA C 320 -72.96 4.84 -20.19
C ALA C 320 -73.31 6.19 -19.60
N ALA C 321 -72.51 6.66 -18.64
CA ALA C 321 -72.73 8.01 -18.10
C ALA C 321 -72.33 9.06 -19.13
N LEU C 322 -71.34 8.75 -19.96
CA LEU C 322 -70.93 9.68 -21.00
C LEU C 322 -71.90 9.69 -22.18
N MET C 323 -72.60 8.58 -22.39
CA MET C 323 -73.64 8.57 -23.42
C MET C 323 -74.87 9.34 -22.96
N TYR C 324 -75.10 9.38 -21.65
CA TYR C 324 -76.14 10.25 -21.10
C TYR C 324 -75.74 11.71 -21.24
N ASP C 325 -74.46 12.01 -21.02
CA ASP C 325 -73.99 13.39 -21.12
C ASP C 325 -73.90 13.86 -22.56
N ALA C 326 -73.65 12.95 -23.49
CA ALA C 326 -73.45 13.35 -24.89
C ALA C 326 -74.76 13.80 -25.53
N VAL C 327 -75.90 13.40 -24.97
CA VAL C 327 -77.18 13.88 -25.48
C VAL C 327 -77.46 15.28 -24.95
N HIS C 328 -77.01 15.57 -23.72
CA HIS C 328 -77.32 16.86 -23.12
C HIS C 328 -76.42 17.96 -23.66
N VAL C 329 -75.16 17.64 -23.99
CA VAL C 329 -74.23 18.64 -24.52
C VAL C 329 -74.70 19.13 -25.89
N VAL C 330 -75.18 18.21 -26.72
CA VAL C 330 -75.74 18.58 -28.01
C VAL C 330 -77.11 19.25 -27.82
N SER C 331 -77.81 18.91 -26.74
CA SER C 331 -79.09 19.56 -26.45
C SER C 331 -78.89 21.02 -26.05
N VAL C 332 -77.72 21.35 -25.49
CA VAL C 332 -77.36 22.75 -25.28
C VAL C 332 -77.12 23.43 -26.63
N ALA C 333 -76.53 22.70 -27.58
CA ALA C 333 -76.15 23.31 -28.84
C ALA C 333 -77.36 23.52 -29.76
N VAL C 334 -78.40 22.70 -29.61
CA VAL C 334 -79.60 22.92 -30.42
C VAL C 334 -80.49 23.98 -29.76
N GLN C 335 -80.24 24.27 -28.49
CA GLN C 335 -80.95 25.33 -27.80
C GLN C 335 -80.47 26.69 -28.30
N GLN C 336 -79.18 26.79 -28.61
CA GLN C 336 -78.58 28.03 -29.09
C GLN C 336 -78.69 28.19 -30.60
N PHE C 337 -79.39 27.27 -31.27
CA PHE C 337 -79.56 27.33 -32.71
C PHE C 337 -81.01 26.96 -33.04
N PRO C 338 -81.93 27.92 -32.95
CA PRO C 338 -83.36 27.59 -33.01
C PRO C 338 -83.87 27.39 -34.43
N GLN C 339 -83.03 27.71 -35.41
CA GLN C 339 -83.44 27.66 -36.80
C GLN C 339 -82.96 26.39 -37.48
N MET C 340 -82.96 25.27 -36.76
CA MET C 340 -82.44 24.04 -37.29
C MET C 340 -83.54 23.20 -37.94
N THR C 341 -83.29 22.80 -39.18
CA THR C 341 -84.07 21.75 -39.84
C THR C 341 -83.17 20.55 -40.03
N VAL C 342 -83.73 19.43 -40.48
CA VAL C 342 -82.96 18.23 -40.73
C VAL C 342 -83.06 17.85 -42.19
N SER C 343 -81.92 17.80 -42.88
CA SER C 343 -81.89 17.48 -44.31
C SER C 343 -81.52 16.02 -44.52
N SER C 344 -81.90 15.50 -45.69
CA SER C 344 -81.61 14.11 -46.04
C SER C 344 -80.42 14.01 -46.98
N LEU C 345 -79.28 13.53 -46.49
CA LEU C 345 -78.04 13.53 -47.25
C LEU C 345 -77.68 12.12 -47.72
N GLN C 346 -77.74 11.90 -49.02
CA GLN C 346 -77.25 10.66 -49.60
C GLN C 346 -75.72 10.65 -49.56
N CYS C 347 -75.14 9.53 -49.14
CA CYS C 347 -73.69 9.45 -49.01
C CYS C 347 -73.01 9.02 -50.30
N ASN C 348 -73.78 8.86 -51.38
CA ASN C 348 -73.22 8.61 -52.69
C ASN C 348 -72.81 9.93 -53.36
N ARG C 349 -73.68 10.93 -53.29
CA ARG C 349 -73.33 12.29 -53.71
C ARG C 349 -72.61 13.02 -52.58
N HIS C 350 -71.38 13.46 -52.84
CA HIS C 350 -70.57 14.13 -51.83
C HIS C 350 -71.09 15.54 -51.63
N LYS C 351 -72.10 15.68 -50.76
CA LYS C 351 -72.74 16.95 -50.46
C LYS C 351 -72.64 17.23 -48.97
N PRO C 352 -71.96 18.30 -48.56
CA PRO C 352 -71.94 18.67 -47.14
C PRO C 352 -73.30 19.18 -46.67
N TRP C 353 -73.67 18.82 -45.44
CA TRP C 353 -74.91 19.29 -44.85
C TRP C 353 -74.82 20.80 -44.60
N ARG C 354 -75.97 21.48 -44.72
CA ARG C 354 -76.05 22.91 -44.98
C ARG C 354 -75.43 23.75 -43.87
N PHE C 355 -76.03 23.76 -42.69
CA PHE C 355 -75.41 24.38 -41.53
C PHE C 355 -74.69 23.38 -40.64
N GLY C 356 -73.81 22.56 -41.22
CA GLY C 356 -73.04 21.63 -40.42
C GLY C 356 -71.80 22.27 -39.83
N THR C 357 -71.30 23.32 -40.48
CA THR C 357 -70.10 23.99 -40.00
C THR C 357 -70.38 24.81 -38.75
N ARG C 358 -71.49 25.53 -38.75
CA ARG C 358 -71.84 26.39 -37.60
C ARG C 358 -72.25 25.55 -36.40
N PHE C 359 -73.04 24.50 -36.63
CA PHE C 359 -73.54 23.69 -35.52
C PHE C 359 -72.43 22.87 -34.88
N MET C 360 -71.36 22.60 -35.63
CA MET C 360 -70.21 21.94 -35.02
C MET C 360 -69.47 22.88 -34.07
N SER C 361 -69.52 24.19 -34.35
CA SER C 361 -68.85 25.14 -33.49
C SER C 361 -69.69 25.45 -32.25
N LEU C 362 -70.95 25.01 -32.24
CA LEU C 362 -71.79 25.21 -31.06
C LEU C 362 -71.68 24.03 -30.10
N ILE C 363 -71.50 22.82 -30.64
CA ILE C 363 -71.21 21.66 -29.81
C ILE C 363 -69.86 21.79 -29.15
N LYS C 364 -68.85 22.20 -29.90
CA LYS C 364 -67.47 22.22 -29.43
C LYS C 364 -67.21 23.40 -28.49
N GLU C 365 -68.12 24.37 -28.44
CA GLU C 365 -68.02 25.49 -27.51
C GLU C 365 -69.20 25.52 -26.54
N ALA C 366 -69.58 24.37 -26.00
CA ALA C 366 -70.70 24.25 -25.08
C ALA C 366 -70.22 23.80 -23.71
N HIS C 367 -70.83 24.39 -22.68
CA HIS C 367 -70.55 24.01 -21.31
C HIS C 367 -71.81 23.39 -20.71
N TRP C 368 -71.63 22.26 -20.02
CA TRP C 368 -72.74 21.59 -19.36
C TRP C 368 -72.21 20.72 -18.23
N GLU C 369 -72.56 21.07 -16.99
CA GLU C 369 -72.10 20.27 -15.85
C GLU C 369 -73.01 19.07 -15.69
N GLY C 370 -72.77 18.02 -16.46
CA GLY C 370 -73.59 16.83 -16.45
C GLY C 370 -73.27 15.90 -15.30
N LEU C 371 -73.34 14.60 -15.56
CA LEU C 371 -73.14 13.65 -14.47
C LEU C 371 -71.66 13.33 -14.29
N THR C 372 -70.83 13.71 -15.24
CA THR C 372 -69.40 13.40 -15.20
C THR C 372 -68.57 14.67 -15.04
N GLY C 373 -69.01 15.55 -14.15
CA GLY C 373 -68.32 16.80 -13.93
C GLY C 373 -68.70 17.84 -14.96
N ARG C 374 -67.89 18.89 -15.03
CA ARG C 374 -68.08 19.93 -16.03
C ARG C 374 -67.57 19.41 -17.36
N ILE C 375 -68.26 19.78 -18.44
CA ILE C 375 -67.95 19.29 -19.77
C ILE C 375 -67.59 20.49 -20.64
N THR C 376 -66.33 20.55 -21.05
CA THR C 376 -65.88 21.57 -22.00
C THR C 376 -64.82 20.94 -22.89
N PHE C 377 -64.88 21.24 -24.18
CA PHE C 377 -64.03 20.57 -25.13
C PHE C 377 -62.84 21.44 -25.49
N ASN C 378 -61.76 20.80 -25.90
CA ASN C 378 -60.56 21.51 -26.34
C ASN C 378 -60.85 22.05 -27.73
N LYS C 379 -60.52 23.33 -27.94
CA LYS C 379 -60.88 23.96 -29.21
C LYS C 379 -59.89 23.65 -30.32
N THR C 380 -58.72 23.10 -29.99
CA THR C 380 -57.80 22.65 -31.03
C THR C 380 -58.29 21.36 -31.66
N ASN C 381 -58.39 20.30 -30.85
CA ASN C 381 -58.97 19.04 -31.28
C ASN C 381 -60.09 18.65 -30.31
N GLY C 382 -61.14 18.04 -30.84
CA GLY C 382 -62.35 17.81 -30.06
C GLY C 382 -62.22 16.72 -29.01
N LEU C 383 -61.45 16.99 -27.97
CA LEU C 383 -61.26 16.04 -26.87
C LEU C 383 -61.61 16.71 -25.56
N ARG C 384 -61.80 15.91 -24.50
CA ARG C 384 -61.90 16.47 -23.16
C ARG C 384 -60.54 16.41 -22.47
N THR C 385 -59.95 17.57 -22.24
CA THR C 385 -58.73 17.70 -21.45
C THR C 385 -58.89 18.68 -20.31
N ASP C 386 -60.11 19.00 -19.93
CA ASP C 386 -60.37 20.01 -18.89
C ASP C 386 -61.41 19.46 -17.92
N PHE C 387 -61.21 18.22 -17.48
CA PHE C 387 -62.17 17.48 -16.68
C PHE C 387 -61.71 17.41 -15.23
N ASP C 388 -62.57 16.91 -14.35
CA ASP C 388 -62.32 16.92 -12.90
C ASP C 388 -62.55 15.52 -12.36
N LEU C 389 -61.47 14.82 -11.99
CA LEU C 389 -61.64 13.53 -11.35
C LEU C 389 -62.01 13.70 -9.88
N ASP C 390 -62.24 12.57 -9.22
CA ASP C 390 -62.36 12.45 -7.77
C ASP C 390 -61.60 11.19 -7.39
N VAL C 391 -60.35 11.34 -6.97
CA VAL C 391 -59.50 10.18 -6.70
C VAL C 391 -59.96 9.46 -5.44
N ILE C 392 -60.27 8.17 -5.59
CA ILE C 392 -60.83 7.37 -4.52
C ILE C 392 -59.82 6.30 -4.12
N SER C 393 -59.98 5.75 -2.92
CA SER C 393 -59.09 4.72 -2.41
C SER C 393 -59.86 3.76 -1.53
N LEU C 394 -59.22 2.66 -1.16
CA LEU C 394 -59.85 1.62 -0.36
C LEU C 394 -59.48 1.80 1.11
N LYS C 395 -60.47 2.15 1.92
CA LYS C 395 -60.35 2.19 3.36
C LYS C 395 -61.31 1.17 3.94
N GLU C 396 -61.30 1.01 5.27
CA GLU C 396 -62.04 -0.08 5.89
C GLU C 396 -63.49 0.33 6.15
N GLU C 397 -64.14 0.92 5.14
CA GLU C 397 -65.59 1.05 5.04
C GLU C 397 -66.04 0.98 3.59
N GLY C 398 -65.10 0.77 2.68
CA GLY C 398 -65.39 0.78 1.26
C GLY C 398 -64.49 1.71 0.48
N LEU C 399 -64.99 2.28 -0.61
CA LEU C 399 -64.23 3.19 -1.46
C LEU C 399 -64.74 4.61 -1.23
N GLU C 400 -63.87 5.47 -0.68
CA GLU C 400 -64.24 6.85 -0.40
C GLU C 400 -63.28 7.82 -1.06
N LYS C 401 -63.84 8.97 -1.47
CA LYS C 401 -63.09 10.08 -2.04
C LYS C 401 -62.08 10.64 -1.04
N ILE C 402 -60.81 10.73 -1.46
CA ILE C 402 -59.76 11.23 -0.58
C ILE C 402 -59.05 12.43 -1.21
N GLY C 403 -59.52 12.88 -2.36
CA GLY C 403 -58.87 14.00 -3.01
C GLY C 403 -59.62 14.44 -4.25
N THR C 404 -58.91 15.18 -5.10
CA THR C 404 -59.48 15.77 -6.31
C THR C 404 -58.36 16.08 -7.31
N TRP C 405 -58.53 15.70 -8.57
CA TRP C 405 -57.56 16.06 -9.60
C TRP C 405 -58.12 17.25 -10.39
N ASP C 406 -57.27 17.86 -11.21
CA ASP C 406 -57.59 18.99 -12.09
C ASP C 406 -56.40 19.15 -13.03
N PRO C 407 -56.61 19.54 -14.30
CA PRO C 407 -55.48 19.67 -15.22
C PRO C 407 -54.59 20.86 -14.91
N ALA C 408 -55.21 21.99 -14.59
CA ALA C 408 -54.45 23.20 -14.28
C ALA C 408 -53.84 23.13 -12.88
N SER C 409 -54.57 22.56 -11.93
CA SER C 409 -54.15 22.57 -10.54
C SER C 409 -53.17 21.45 -10.21
N GLY C 410 -53.56 20.22 -10.50
CA GLY C 410 -52.82 19.08 -9.99
C GLY C 410 -53.59 18.43 -8.88
N LEU C 411 -52.90 17.61 -8.08
CA LEU C 411 -53.56 16.91 -6.98
C LEU C 411 -53.98 17.87 -5.86
N ASN C 412 -55.27 17.85 -5.56
CA ASN C 412 -55.88 18.60 -4.46
C ASN C 412 -56.10 17.61 -3.32
N MET C 413 -55.19 16.64 -3.21
CA MET C 413 -55.38 15.42 -2.43
C MET C 413 -55.22 15.72 -0.94
N THR C 414 -55.40 14.70 -0.09
CA THR C 414 -55.40 14.81 1.38
C THR C 414 -56.49 15.79 1.81
N GLU C 415 -57.74 15.35 1.70
CA GLU C 415 -58.97 16.12 1.89
C GLU C 415 -59.07 16.77 3.29
N SER C 416 -58.05 16.63 4.15
CA SER C 416 -57.97 16.51 5.63
C SER C 416 -58.14 15.08 6.11
N GLN C 417 -57.05 14.33 5.92
CA GLN C 417 -56.69 13.04 6.48
C GLN C 417 -57.21 12.82 7.90
N LYS C 418 -57.80 11.65 8.13
CA LYS C 418 -58.54 11.37 9.36
C LYS C 418 -57.65 10.87 10.49
N GLY C 419 -56.34 11.16 10.43
CA GLY C 419 -55.44 10.88 11.53
C GLY C 419 -55.45 11.99 12.56
N LYS C 420 -54.28 12.27 13.18
CA LYS C 420 -54.06 13.32 14.17
C LYS C 420 -55.00 13.14 15.35
N PRO C 421 -54.73 12.16 16.25
CA PRO C 421 -55.74 11.63 17.18
C PRO C 421 -56.44 12.62 18.09
N ALA C 422 -57.78 12.57 18.11
CA ALA C 422 -58.61 13.58 18.76
C ALA C 422 -59.75 12.91 19.53
N ASN C 423 -59.42 11.87 20.30
CA ASN C 423 -60.44 11.26 21.15
C ASN C 423 -60.18 11.52 22.63
N ILE C 424 -59.01 11.16 23.13
CA ILE C 424 -58.61 11.40 24.53
C ILE C 424 -57.17 11.91 24.50
N THR C 425 -56.92 13.04 25.15
CA THR C 425 -55.60 13.66 25.06
C THR C 425 -54.63 12.95 26.00
N ASP C 426 -53.36 12.98 25.62
CA ASP C 426 -52.25 12.54 26.46
C ASP C 426 -50.96 13.20 25.99
N SER C 427 -49.98 13.33 26.88
CA SER C 427 -48.72 13.96 26.51
C SER C 427 -47.53 13.18 27.06
N LEU C 428 -47.80 12.23 27.94
CA LEU C 428 -46.75 11.46 28.59
C LEU C 428 -46.12 10.50 27.59
N SER C 429 -44.81 10.26 27.72
CA SER C 429 -44.17 9.28 26.86
C SER C 429 -44.51 7.87 27.36
N ASN C 430 -45.71 7.39 26.99
CA ASN C 430 -46.08 6.01 27.24
C ASN C 430 -45.32 5.11 26.27
N ARG C 431 -44.83 5.70 25.18
CA ARG C 431 -43.67 5.17 24.47
C ARG C 431 -42.53 5.00 25.46
N SER C 432 -42.16 3.76 25.70
CA SER C 432 -41.28 3.33 26.78
C SER C 432 -39.80 3.32 26.40
N LEU C 433 -39.39 4.16 25.45
CA LEU C 433 -37.99 4.35 25.03
C LEU C 433 -37.36 3.05 24.57
N ILE C 434 -37.75 2.58 23.38
CA ILE C 434 -37.32 1.31 22.78
C ILE C 434 -35.79 1.23 22.75
N VAL C 435 -35.25 0.19 23.38
CA VAL C 435 -33.82 -0.05 23.42
C VAL C 435 -33.48 -1.27 22.58
N THR C 436 -32.52 -1.13 21.68
CA THR C 436 -31.97 -2.28 20.97
C THR C 436 -30.60 -2.61 21.54
N THR C 437 -30.30 -3.91 21.61
CA THR C 437 -29.02 -4.38 22.15
C THR C 437 -28.39 -5.38 21.18
N ILE C 438 -27.28 -5.97 21.58
CA ILE C 438 -26.59 -6.97 20.76
C ILE C 438 -26.34 -8.16 21.67
N LEU C 439 -25.93 -9.30 21.12
CA LEU C 439 -25.66 -10.47 21.96
C LEU C 439 -24.20 -10.90 21.88
N GLU C 440 -23.36 -10.24 22.68
CA GLU C 440 -22.00 -10.69 22.97
C GLU C 440 -21.73 -10.47 24.45
N GLU C 441 -21.91 -11.52 25.26
CA GLU C 441 -21.96 -11.30 26.69
C GLU C 441 -20.56 -11.33 27.31
N PRO C 442 -20.24 -10.37 28.19
CA PRO C 442 -20.78 -10.28 29.54
C PRO C 442 -21.84 -9.19 29.65
N TYR C 443 -22.03 -8.46 28.55
CA TYR C 443 -22.86 -7.27 28.53
C TYR C 443 -24.34 -7.61 28.56
N VAL C 444 -24.82 -8.26 27.50
CA VAL C 444 -26.22 -8.58 27.34
C VAL C 444 -26.35 -10.09 27.15
N LEU C 445 -27.13 -10.71 28.03
CA LEU C 445 -27.22 -12.15 28.08
C LEU C 445 -28.68 -12.56 28.28
N PHE C 446 -29.20 -13.38 27.36
CA PHE C 446 -30.52 -13.94 27.57
C PHE C 446 -30.43 -14.97 28.68
N LYS C 447 -31.28 -14.82 29.71
CA LYS C 447 -31.13 -15.47 31.00
C LYS C 447 -31.17 -16.98 30.90
N LYS C 448 -30.23 -17.64 31.59
CA LYS C 448 -29.95 -19.06 31.39
C LYS C 448 -30.85 -19.97 32.22
N SER C 449 -32.01 -19.46 32.64
CA SER C 449 -33.02 -20.27 33.30
C SER C 449 -33.77 -21.11 32.27
N ASP C 450 -34.64 -22.00 32.72
CA ASP C 450 -35.32 -22.90 31.79
C ASP C 450 -36.81 -22.59 31.73
N LYS C 451 -37.33 -21.90 32.74
CA LYS C 451 -38.76 -21.64 32.83
C LYS C 451 -39.18 -20.56 31.84
N PRO C 452 -40.06 -20.88 30.88
CA PRO C 452 -40.35 -19.96 29.77
C PRO C 452 -41.21 -18.75 30.13
N LEU C 453 -41.66 -18.04 29.09
CA LEU C 453 -42.39 -16.77 29.15
C LEU C 453 -41.53 -15.71 29.83
N TYR C 454 -40.45 -15.34 29.16
CA TYR C 454 -39.44 -14.43 29.71
C TYR C 454 -39.73 -12.96 29.43
N GLY C 455 -41.01 -12.55 29.36
CA GLY C 455 -41.42 -11.21 28.95
C GLY C 455 -40.79 -10.04 29.68
N ASN C 456 -39.93 -9.32 28.94
CA ASN C 456 -39.06 -8.21 29.36
C ASN C 456 -37.97 -8.63 30.34
N ASP C 457 -37.85 -9.92 30.64
CA ASP C 457 -36.72 -10.43 31.39
C ASP C 457 -35.97 -11.38 30.47
N ARG C 458 -36.22 -11.25 29.17
CA ARG C 458 -35.66 -12.14 28.18
C ARG C 458 -34.20 -11.82 27.86
N PHE C 459 -33.71 -10.69 28.36
CA PHE C 459 -32.29 -10.37 28.26
C PHE C 459 -31.86 -9.71 29.57
N GLU C 460 -30.63 -9.99 29.99
CA GLU C 460 -30.09 -9.44 31.21
C GLU C 460 -28.56 -9.37 31.07
N GLY C 461 -27.87 -9.03 32.14
CA GLY C 461 -26.42 -8.94 32.11
C GLY C 461 -25.91 -7.63 32.67
N TYR C 462 -24.90 -7.08 32.00
CA TYR C 462 -24.26 -5.87 32.50
C TYR C 462 -25.05 -4.61 32.13
N CYS C 463 -25.27 -4.40 30.84
CA CYS C 463 -25.88 -3.16 30.38
C CYS C 463 -27.34 -3.06 30.79
N ILE C 464 -27.99 -4.21 30.96
CA ILE C 464 -29.36 -4.25 31.46
C ILE C 464 -29.40 -3.78 32.92
N ASP C 465 -28.37 -4.10 33.70
CA ASP C 465 -28.27 -3.58 35.06
C ASP C 465 -28.05 -2.07 35.05
N LEU C 466 -27.32 -1.56 34.05
CA LEU C 466 -27.23 -0.12 33.86
C LEU C 466 -28.57 0.45 33.43
N LEU C 467 -29.31 -0.32 32.63
CA LEU C 467 -30.60 0.13 32.13
C LEU C 467 -31.65 0.23 33.23
N ARG C 468 -31.54 -0.62 34.26
CA ARG C 468 -32.50 -0.57 35.36
C ARG C 468 -32.28 0.67 36.22
N GLU C 469 -31.01 1.02 36.48
CA GLU C 469 -30.73 2.21 37.27
C GLU C 469 -30.95 3.48 36.46
N LEU C 470 -30.82 3.39 35.13
CA LEU C 470 -31.21 4.48 34.25
C LEU C 470 -32.71 4.71 34.30
N SER C 471 -33.49 3.64 34.51
CA SER C 471 -34.94 3.76 34.61
C SER C 471 -35.36 4.45 35.90
N THR C 472 -34.50 4.44 36.91
CA THR C 472 -34.81 5.10 38.17
C THR C 472 -34.68 6.62 38.04
N ILE C 473 -33.56 7.08 37.48
CA ILE C 473 -33.24 8.50 37.47
C ILE C 473 -33.57 9.10 36.11
N LEU C 474 -34.43 8.43 35.35
CA LEU C 474 -34.97 8.98 34.12
C LEU C 474 -36.29 8.27 33.85
N GLY C 475 -37.30 9.02 33.43
CA GLY C 475 -38.66 8.51 33.45
C GLY C 475 -39.07 7.67 32.26
N PHE C 476 -38.99 6.35 32.44
CA PHE C 476 -39.37 5.31 31.49
C PHE C 476 -39.20 3.98 32.22
N THR C 477 -39.88 2.92 31.78
CA THR C 477 -39.53 1.61 32.33
C THR C 477 -38.38 1.03 31.54
N TYR C 478 -38.71 0.51 30.35
CA TYR C 478 -37.89 0.24 29.16
C TYR C 478 -38.74 -0.46 28.11
N GLU C 479 -38.16 -0.72 26.94
CA GLU C 479 -38.71 -1.70 26.02
C GLU C 479 -37.62 -2.37 25.21
N ILE C 480 -37.27 -3.61 25.56
CA ILE C 480 -36.24 -4.33 24.84
C ILE C 480 -36.82 -4.91 23.56
N ARG C 481 -36.36 -4.40 22.43
CA ARG C 481 -36.59 -5.07 21.15
C ARG C 481 -35.25 -5.31 20.46
N LEU C 482 -34.88 -6.60 20.39
CA LEU C 482 -33.55 -7.01 19.99
C LEU C 482 -33.35 -6.77 18.50
N VAL C 483 -32.10 -6.53 18.10
CA VAL C 483 -31.73 -6.12 16.75
C VAL C 483 -32.01 -7.24 15.75
N GLU C 484 -32.35 -6.88 14.51
CA GLU C 484 -32.71 -7.85 13.49
C GLU C 484 -31.45 -8.35 12.79
N ASP C 485 -30.53 -7.45 12.46
CA ASP C 485 -29.40 -7.74 11.59
C ASP C 485 -28.12 -7.87 12.42
N GLY C 486 -28.20 -8.64 13.51
CA GLY C 486 -27.28 -8.58 14.64
C GLY C 486 -25.79 -8.55 14.38
N LYS C 487 -25.24 -7.36 14.63
CA LYS C 487 -23.93 -6.93 14.20
C LYS C 487 -23.77 -5.53 14.78
N TYR C 488 -22.55 -5.07 15.01
CA TYR C 488 -22.36 -3.75 15.61
C TYR C 488 -22.67 -2.61 14.64
N GLY C 489 -22.78 -2.92 13.36
CA GLY C 489 -23.17 -1.92 12.37
C GLY C 489 -22.01 -1.05 11.94
N ALA C 490 -21.90 -0.86 10.63
CA ALA C 490 -20.87 -0.01 10.06
C ALA C 490 -21.37 0.59 8.76
N GLN C 491 -20.56 1.45 8.15
CA GLN C 491 -20.94 2.05 6.89
C GLN C 491 -20.64 1.10 5.75
N ASP C 492 -21.69 0.58 5.10
CA ASP C 492 -21.51 -0.25 3.92
C ASP C 492 -21.02 0.64 2.77
N ASP C 493 -20.07 0.14 1.99
CA ASP C 493 -19.39 0.94 0.98
C ASP C 493 -20.35 1.24 -0.16
N VAL C 494 -21.19 0.27 -0.49
CA VAL C 494 -22.27 0.50 -1.44
C VAL C 494 -23.38 1.27 -0.73
N ASN C 495 -23.95 2.25 -1.43
CA ASN C 495 -25.15 3.06 -1.17
C ASN C 495 -25.32 3.58 0.26
N GLY C 496 -24.22 3.70 1.01
CA GLY C 496 -24.19 4.35 2.33
C GLY C 496 -25.09 3.82 3.42
N GLN C 497 -25.74 2.66 3.21
CA GLN C 497 -26.72 2.19 4.17
C GLN C 497 -26.01 1.53 5.35
N TRP C 498 -26.54 1.75 6.56
CA TRP C 498 -25.88 1.29 7.78
C TRP C 498 -26.35 -0.11 8.13
N ASN C 499 -25.49 -0.86 8.83
CA ASN C 499 -25.58 -2.31 8.87
C ASN C 499 -26.46 -2.84 10.00
N GLY C 500 -27.21 -1.95 10.63
CA GLY C 500 -28.35 -2.41 11.39
C GLY C 500 -28.44 -1.90 12.82
N MET C 501 -27.30 -1.87 13.51
CA MET C 501 -27.31 -1.45 14.90
C MET C 501 -27.48 0.05 15.03
N VAL C 502 -26.60 0.82 14.38
CA VAL C 502 -26.75 2.27 14.31
C VAL C 502 -27.99 2.65 13.49
N ARG C 503 -28.39 1.80 12.56
CA ARG C 503 -29.55 2.04 11.70
C ARG C 503 -30.86 2.11 12.48
N GLU C 504 -30.95 1.38 13.60
CA GLU C 504 -32.13 1.45 14.46
C GLU C 504 -32.31 2.86 15.04
N LEU C 505 -31.22 3.57 15.27
CA LEU C 505 -31.31 4.94 15.74
C LEU C 505 -31.52 5.91 14.57
N ILE C 506 -30.97 5.58 13.40
CA ILE C 506 -31.06 6.48 12.26
C ILE C 506 -32.47 6.47 11.68
N ASP C 507 -33.05 5.29 11.54
CA ASP C 507 -34.39 5.16 11.00
C ASP C 507 -35.45 5.24 12.09
N HIS C 508 -35.04 5.64 13.30
CA HIS C 508 -35.89 6.00 14.43
C HIS C 508 -36.76 4.84 14.92
N LYS C 509 -36.36 3.61 14.62
CA LYS C 509 -37.12 2.45 15.07
C LYS C 509 -36.85 2.15 16.53
N ALA C 510 -35.73 2.63 17.07
CA ALA C 510 -35.43 2.49 18.48
C ALA C 510 -35.23 3.87 19.07
N ASP C 511 -34.93 3.94 20.37
CA ASP C 511 -34.75 5.22 21.03
C ASP C 511 -33.39 5.28 21.72
N LEU C 512 -32.93 4.14 22.23
CA LEU C 512 -31.61 4.05 22.83
C LEU C 512 -30.87 2.85 22.29
N ALA C 513 -29.55 2.80 22.50
CA ALA C 513 -28.81 1.57 22.26
C ALA C 513 -27.90 1.24 23.45
N VAL C 514 -28.46 0.63 24.49
CA VAL C 514 -27.68 0.34 25.70
C VAL C 514 -26.87 -0.90 25.38
N ALA C 515 -25.67 -0.68 24.87
CA ALA C 515 -24.99 -1.69 24.08
C ALA C 515 -23.49 -1.65 24.31
N PRO C 516 -22.73 -2.60 23.75
CA PRO C 516 -21.28 -2.42 23.67
C PRO C 516 -20.82 -1.59 22.47
N LEU C 517 -21.71 -0.78 21.89
CA LEU C 517 -21.44 0.05 20.73
C LEU C 517 -20.21 0.95 20.90
N ALA C 518 -19.34 0.94 19.88
CA ALA C 518 -18.05 1.63 19.95
C ALA C 518 -18.18 3.01 19.32
N ILE C 519 -17.64 4.01 20.01
CA ILE C 519 -17.74 5.40 19.57
C ILE C 519 -16.54 5.74 18.72
N THR C 520 -16.77 6.19 17.49
CA THR C 520 -15.70 6.58 16.59
C THR C 520 -16.23 7.66 15.65
N TYR C 521 -15.39 8.01 14.66
CA TYR C 521 -15.67 9.15 13.78
C TYR C 521 -16.86 8.89 12.87
N VAL C 522 -16.96 7.68 12.34
CA VAL C 522 -17.96 7.41 11.31
C VAL C 522 -19.34 7.23 11.92
N ARG C 523 -19.40 6.87 13.21
CA ARG C 523 -20.70 6.72 13.86
C ARG C 523 -21.17 8.05 14.43
N GLU C 524 -20.25 8.93 14.78
CA GLU C 524 -20.60 10.19 15.41
C GLU C 524 -21.22 11.19 14.43
N LYS C 525 -20.99 11.01 13.12
CA LYS C 525 -21.54 11.96 12.16
C LYS C 525 -23.03 11.76 11.95
N VAL C 526 -23.56 10.56 12.22
CA VAL C 526 -24.96 10.30 11.95
C VAL C 526 -25.79 10.16 13.23
N ILE C 527 -25.23 9.55 14.27
CA ILE C 527 -25.89 9.52 15.57
C ILE C 527 -24.98 10.18 16.59
N ASP C 528 -25.48 10.30 17.81
CA ASP C 528 -24.69 10.90 18.88
C ASP C 528 -24.55 9.91 20.03
N PHE C 529 -23.91 10.38 21.10
CA PHE C 529 -23.64 9.54 22.26
C PHE C 529 -23.68 10.38 23.53
N SER C 530 -23.79 9.69 24.65
CA SER C 530 -23.47 10.28 25.94
C SER C 530 -21.97 10.17 26.16
N LYS C 531 -21.53 10.61 27.34
CA LYS C 531 -20.14 10.41 27.71
C LYS C 531 -19.91 8.93 27.94
N PRO C 532 -18.74 8.40 27.57
CA PRO C 532 -18.55 6.94 27.64
C PRO C 532 -18.49 6.41 29.06
N PHE C 533 -19.40 5.48 29.36
CA PHE C 533 -19.50 4.89 30.68
C PHE C 533 -18.36 3.89 30.88
N MET C 534 -18.00 3.12 29.86
CA MET C 534 -16.96 2.13 30.03
C MET C 534 -15.78 2.44 29.10
N THR C 535 -14.66 2.83 29.68
CA THR C 535 -13.48 3.18 28.91
C THR C 535 -12.59 1.96 28.74
N LEU C 536 -12.14 1.71 27.52
CA LEU C 536 -11.37 0.52 27.21
C LEU C 536 -10.16 0.89 26.38
N GLY C 537 -9.42 -0.13 25.98
CA GLY C 537 -8.33 0.04 25.06
C GLY C 537 -8.20 -1.18 24.16
N ILE C 538 -7.02 -1.32 23.57
CA ILE C 538 -6.69 -2.52 22.82
C ILE C 538 -5.43 -3.12 23.43
N SER C 539 -5.59 -4.27 24.09
CA SER C 539 -4.49 -4.85 24.85
C SER C 539 -4.09 -6.19 24.26
N ILE C 540 -2.98 -6.73 24.76
CA ILE C 540 -2.37 -7.92 24.17
C ILE C 540 -2.67 -9.11 25.07
N LEU C 541 -3.42 -10.08 24.54
CA LEU C 541 -3.73 -11.30 25.27
C LEU C 541 -2.70 -12.37 24.91
N TYR C 542 -2.06 -12.93 25.92
CA TYR C 542 -0.98 -13.89 25.76
C TYR C 542 -1.13 -14.99 26.80
N ARG C 543 -0.58 -16.16 26.48
CA ARG C 543 -0.62 -17.32 27.38
C ARG C 543 0.16 -17.01 28.64
N LYS C 544 -0.41 -17.33 29.80
CA LYS C 544 0.21 -17.12 31.11
C LYS C 544 1.52 -17.88 31.16
N PRO C 545 2.64 -17.20 31.45
CA PRO C 545 3.96 -17.79 31.15
C PRO C 545 4.26 -19.02 31.99
N ASN C 546 4.75 -20.07 31.32
CA ASN C 546 5.02 -21.35 31.96
C ASN C 546 6.06 -21.19 33.06
N GLY C 547 5.89 -21.95 34.14
CA GLY C 547 6.98 -22.20 35.04
C GLY C 547 7.81 -23.34 34.49
N THR C 548 8.75 -23.85 35.27
CA THR C 548 9.55 -25.00 34.85
C THR C 548 8.74 -26.30 34.85
N ASN C 549 7.51 -26.26 35.42
CA ASN C 549 6.57 -27.36 35.64
C ASN C 549 7.28 -28.49 36.37
N PRO C 550 7.76 -28.28 37.60
CA PRO C 550 8.66 -29.28 38.18
C PRO C 550 7.92 -30.38 38.92
N GLY C 551 6.76 -30.80 38.39
CA GLY C 551 5.87 -31.77 38.98
C GLY C 551 5.70 -31.72 40.49
N VAL C 552 6.04 -32.84 41.11
CA VAL C 552 6.23 -33.00 42.54
C VAL C 552 7.57 -33.73 42.72
N PHE C 553 8.05 -34.35 41.64
CA PHE C 553 9.31 -35.05 41.65
C PHE C 553 10.46 -34.22 41.11
N SER C 554 10.49 -32.92 41.44
CA SER C 554 11.47 -31.96 40.93
C SER C 554 12.92 -32.34 41.19
N PHE C 555 13.30 -32.43 42.47
CA PHE C 555 14.67 -32.32 42.96
C PHE C 555 15.71 -33.24 42.31
N LEU C 556 15.27 -34.27 41.60
CA LEU C 556 16.19 -35.06 40.78
C LEU C 556 16.64 -34.33 39.52
N ASN C 557 15.92 -33.26 39.13
CA ASN C 557 16.13 -32.51 37.88
C ASN C 557 17.55 -31.98 37.62
N PRO C 558 18.36 -31.51 38.63
CA PRO C 558 19.72 -31.06 38.28
C PRO C 558 20.69 -32.15 37.84
N LEU C 559 20.29 -33.42 37.88
CA LEU C 559 21.12 -34.49 37.34
C LEU C 559 20.28 -35.38 36.43
N SER C 560 20.93 -35.98 35.44
CA SER C 560 20.22 -36.88 34.56
C SER C 560 19.95 -38.20 35.29
N PRO C 561 18.84 -38.88 35.00
CA PRO C 561 18.52 -40.12 35.71
C PRO C 561 19.45 -41.28 35.37
N ASP C 562 20.25 -41.15 34.30
CA ASP C 562 21.29 -42.14 34.02
C ASP C 562 22.37 -42.09 35.09
N ILE C 563 22.61 -40.90 35.65
CA ILE C 563 23.56 -40.79 36.75
C ILE C 563 22.98 -41.37 38.02
N TRP C 564 21.70 -41.08 38.29
CA TRP C 564 21.03 -41.56 39.51
C TRP C 564 20.92 -43.08 39.53
N MET C 565 20.72 -43.70 38.36
CA MET C 565 20.51 -45.14 38.33
C MET C 565 21.82 -45.89 38.52
N TYR C 566 22.96 -45.21 38.32
CA TYR C 566 24.24 -45.88 38.53
C TYR C 566 24.81 -45.57 39.90
N VAL C 567 24.57 -44.37 40.42
CA VAL C 567 25.29 -43.89 41.60
C VAL C 567 24.81 -44.61 42.86
N LEU C 568 23.53 -45.00 42.91
CA LEU C 568 23.06 -45.80 44.04
C LEU C 568 23.50 -47.25 43.85
N LEU C 569 23.62 -47.68 42.60
CA LEU C 569 24.24 -48.97 42.31
C LEU C 569 25.75 -48.91 42.53
N ALA C 570 26.37 -47.75 42.34
CA ALA C 570 27.78 -47.59 42.66
C ALA C 570 27.99 -47.61 44.17
N CYS C 571 27.03 -47.09 44.92
CA CYS C 571 27.05 -47.24 46.37
C CYS C 571 26.85 -48.70 46.77
N LEU C 572 26.01 -49.41 46.01
CA LEU C 572 25.95 -50.86 46.14
C LEU C 572 27.21 -51.51 45.62
N GLY C 573 27.86 -50.87 44.64
CA GLY C 573 29.09 -51.38 44.08
C GLY C 573 30.25 -51.26 45.03
N VAL C 574 30.41 -50.10 45.66
CA VAL C 574 31.52 -49.89 46.58
C VAL C 574 31.25 -50.60 47.91
N SER C 575 29.99 -50.97 48.16
CA SER C 575 29.68 -51.74 49.36
C SER C 575 30.21 -53.17 49.23
N CYS C 576 29.98 -53.80 48.08
CA CYS C 576 30.37 -55.20 47.91
C CYS C 576 31.87 -55.34 47.75
N VAL C 577 32.53 -54.35 47.16
CA VAL C 577 33.97 -54.44 46.93
C VAL C 577 34.74 -54.25 48.23
N LEU C 578 34.34 -53.25 49.03
CA LEU C 578 35.02 -52.99 50.30
C LEU C 578 34.76 -54.11 51.31
N PHE C 579 33.63 -54.79 51.17
CA PHE C 579 33.32 -55.91 52.07
C PHE C 579 34.20 -57.12 51.80
N VAL C 580 34.63 -57.28 50.55
CA VAL C 580 35.54 -58.38 50.21
C VAL C 580 36.92 -58.12 50.78
N ILE C 581 37.45 -56.91 50.56
CA ILE C 581 38.82 -56.55 50.93
C ILE C 581 38.98 -56.52 52.45
N ALA C 582 37.92 -56.15 53.17
CA ALA C 582 37.92 -56.17 54.62
C ALA C 582 38.04 -57.58 55.16
N ARG C 583 37.34 -58.53 54.54
CA ARG C 583 37.52 -59.94 54.88
C ARG C 583 38.87 -60.45 54.38
N PHE C 584 39.43 -59.81 53.35
CA PHE C 584 40.65 -60.27 52.72
C PHE C 584 41.90 -59.76 53.43
N SER C 585 41.82 -58.62 54.09
CA SER C 585 43.02 -58.00 54.64
C SER C 585 43.28 -58.46 56.07
N PRO C 586 44.53 -58.59 56.48
CA PRO C 586 44.84 -58.95 57.87
C PRO C 586 44.89 -57.75 58.81
N TYR C 587 45.08 -56.54 58.28
CA TYR C 587 45.12 -55.37 59.14
C TYR C 587 43.74 -54.79 59.44
N GLU C 588 42.76 -55.62 59.78
CA GLU C 588 41.48 -55.13 60.25
C GLU C 588 40.96 -56.00 61.39
N TRP C 589 41.86 -56.45 62.26
CA TRP C 589 41.50 -57.46 63.23
C TRP C 589 42.05 -57.13 64.62
N TYR C 590 41.90 -55.87 65.04
CA TYR C 590 42.42 -55.48 66.35
C TYR C 590 41.48 -55.87 67.47
N ASN C 591 41.71 -55.33 68.67
CA ASN C 591 40.96 -55.72 69.86
C ASN C 591 39.74 -54.82 70.05
N PRO C 592 38.53 -55.38 70.05
CA PRO C 592 37.39 -54.64 70.60
C PRO C 592 37.37 -54.80 72.12
N HIS C 593 36.99 -53.73 72.85
CA HIS C 593 37.16 -53.59 74.29
C HIS C 593 38.63 -53.85 74.63
N PRO C 594 39.53 -52.88 74.38
CA PRO C 594 40.99 -53.17 74.34
C PRO C 594 41.64 -53.61 75.64
N CYS C 595 40.88 -53.77 76.72
CA CYS C 595 41.40 -54.29 77.98
C CYS C 595 41.54 -55.81 77.93
N ASN C 596 40.98 -56.42 76.88
CA ASN C 596 40.87 -57.86 76.68
C ASN C 596 42.23 -58.52 76.50
N PRO C 597 42.68 -59.34 77.46
CA PRO C 597 44.06 -59.86 77.40
C PRO C 597 44.20 -61.20 76.69
N ASP C 598 43.73 -61.34 75.46
CA ASP C 598 43.85 -62.61 74.77
C ASP C 598 43.91 -62.47 73.25
N SER C 599 43.84 -63.59 72.54
CA SER C 599 44.07 -63.63 71.10
C SER C 599 42.82 -64.00 70.32
N ASP C 600 41.95 -64.82 70.91
CA ASP C 600 40.77 -65.29 70.20
C ASP C 600 39.60 -64.32 70.33
N VAL C 601 39.84 -63.02 70.10
CA VAL C 601 38.82 -61.99 70.23
C VAL C 601 38.85 -61.03 69.06
N VAL C 602 39.47 -61.44 67.94
CA VAL C 602 39.69 -60.54 66.80
C VAL C 602 38.36 -60.13 66.18
N GLU C 603 38.26 -58.87 65.78
CA GLU C 603 37.01 -58.31 65.31
C GLU C 603 37.04 -58.09 63.81
N ASN C 604 35.88 -58.20 63.19
CA ASN C 604 35.69 -57.77 61.82
C ASN C 604 34.38 -57.01 61.65
N ASN C 605 34.18 -55.92 62.41
CA ASN C 605 32.96 -55.10 62.45
C ASN C 605 32.33 -54.73 61.11
N PHE C 606 33.14 -54.74 60.05
CA PHE C 606 32.66 -54.79 58.67
C PHE C 606 31.65 -55.91 58.46
N THR C 607 30.40 -55.57 58.21
CA THR C 607 29.42 -56.53 57.72
C THR C 607 28.94 -56.08 56.36
N LEU C 608 28.19 -56.96 55.70
CA LEU C 608 27.48 -56.57 54.48
C LEU C 608 26.44 -55.51 54.80
N LEU C 609 25.89 -55.55 56.01
CA LEU C 609 25.10 -54.45 56.53
C LEU C 609 25.96 -53.20 56.72
N ASN C 610 27.17 -53.35 57.25
CA ASN C 610 27.97 -52.17 57.58
C ASN C 610 28.68 -51.61 56.35
N SER C 611 29.04 -52.47 55.40
CA SER C 611 29.67 -51.99 54.17
C SER C 611 28.66 -51.26 53.30
N PHE C 612 27.40 -51.66 53.38
CA PHE C 612 26.32 -50.88 52.79
C PHE C 612 26.15 -49.57 53.55
N TRP C 613 26.41 -49.60 54.85
CA TRP C 613 26.16 -48.44 55.69
C TRP C 613 27.24 -47.38 55.56
N PHE C 614 28.49 -47.80 55.39
CA PHE C 614 29.58 -46.85 55.22
C PHE C 614 29.47 -46.13 53.88
N GLY C 615 28.88 -46.79 52.88
CA GLY C 615 28.68 -46.16 51.60
C GLY C 615 27.68 -45.04 51.66
N VAL C 616 26.47 -45.33 52.14
CA VAL C 616 25.40 -44.34 52.19
C VAL C 616 25.69 -43.29 53.27
N GLY C 617 26.46 -43.67 54.29
CA GLY C 617 26.79 -42.72 55.34
C GLY C 617 27.83 -41.71 54.89
N ALA C 618 28.75 -42.13 54.04
CA ALA C 618 29.76 -41.20 53.54
C ALA C 618 29.23 -40.38 52.37
N LEU C 619 28.30 -40.97 51.60
CA LEU C 619 27.78 -40.33 50.40
C LEU C 619 26.94 -39.12 50.74
N MET C 620 26.25 -39.18 51.88
CA MET C 620 25.38 -38.08 52.27
C MET C 620 26.13 -37.06 53.13
N GLN C 621 27.47 -37.20 53.18
CA GLN C 621 28.38 -36.25 53.81
C GLN C 621 28.08 -36.10 55.29
N GLN C 622 28.00 -37.24 55.99
CA GLN C 622 27.64 -37.26 57.40
C GLN C 622 28.63 -38.01 58.26
N GLY C 623 29.21 -39.09 57.77
CA GLY C 623 30.06 -39.94 58.57
C GLY C 623 29.34 -41.19 59.05
N SER C 624 30.09 -42.06 59.71
CA SER C 624 29.56 -43.30 60.24
C SER C 624 30.35 -43.65 61.49
N GLU C 625 30.23 -44.90 61.92
CA GLU C 625 31.25 -45.47 62.79
C GLU C 625 31.77 -46.76 62.16
N LEU C 626 32.64 -46.59 61.17
CA LEU C 626 33.26 -47.70 60.49
C LEU C 626 34.78 -47.66 60.65
N MET C 627 35.40 -46.60 60.12
CA MET C 627 36.77 -46.18 60.42
C MET C 627 37.81 -47.29 60.26
N PRO C 628 38.17 -47.65 59.02
CA PRO C 628 39.05 -48.81 58.82
C PRO C 628 40.50 -48.52 59.22
N LYS C 629 41.35 -49.54 59.15
CA LYS C 629 42.74 -49.39 59.57
C LYS C 629 43.68 -49.84 58.47
N ALA C 630 43.27 -50.88 57.73
CA ALA C 630 44.09 -51.37 56.63
C ALA C 630 44.09 -50.40 55.47
N LEU C 631 45.26 -50.17 54.89
CA LEU C 631 45.45 -49.28 53.76
C LEU C 631 44.61 -49.70 52.55
N SER C 632 44.48 -51.00 52.34
CA SER C 632 43.69 -51.53 51.23
C SER C 632 42.20 -51.32 51.46
N THR C 633 41.81 -51.10 52.72
CA THR C 633 40.43 -50.71 53.00
C THR C 633 40.31 -49.19 53.12
N ARG C 634 41.46 -48.50 53.22
CA ARG C 634 41.43 -47.05 53.34
C ARG C 634 41.43 -46.37 51.98
N ILE C 635 42.07 -46.96 50.98
CA ILE C 635 42.09 -46.39 49.64
C ILE C 635 40.70 -46.50 48.99
N VAL C 636 39.95 -47.53 49.37
CA VAL C 636 38.58 -47.69 48.88
C VAL C 636 37.71 -46.55 49.38
N GLY C 637 37.73 -46.29 50.68
CA GLY C 637 37.00 -45.16 51.23
C GLY C 637 37.60 -43.82 50.85
N GLY C 638 38.89 -43.79 50.51
CA GLY C 638 39.52 -42.55 50.12
C GLY C 638 39.03 -42.02 48.79
N ILE C 639 38.99 -42.88 47.77
CA ILE C 639 38.49 -42.48 46.46
C ILE C 639 36.98 -42.29 46.50
N TRP C 640 36.29 -43.07 47.34
CA TRP C 640 34.84 -42.90 47.48
C TRP C 640 34.49 -41.57 48.15
N TRP C 641 35.39 -41.08 49.01
CA TRP C 641 35.24 -39.72 49.52
C TRP C 641 35.51 -38.69 48.44
N PHE C 642 36.40 -39.00 47.51
CA PHE C 642 36.68 -38.08 46.41
C PHE C 642 35.57 -38.14 45.37
N PHE C 643 34.82 -39.24 45.34
CA PHE C 643 33.67 -39.34 44.44
C PHE C 643 32.46 -38.64 45.05
N THR C 644 32.35 -38.66 46.38
CA THR C 644 31.22 -38.03 47.06
C THR C 644 31.28 -36.51 46.92
N LEU C 645 32.47 -35.94 47.05
CA LEU C 645 32.65 -34.49 47.07
C LEU C 645 32.34 -33.89 45.70
N ILE C 646 32.52 -34.67 44.64
CA ILE C 646 32.24 -34.17 43.29
C ILE C 646 30.74 -34.22 43.03
N ILE C 647 30.10 -35.35 43.34
CA ILE C 647 28.72 -35.57 42.92
C ILE C 647 27.75 -34.69 43.70
N ILE C 648 28.16 -34.25 44.90
CA ILE C 648 27.30 -33.38 45.69
C ILE C 648 27.54 -31.91 45.34
N SER C 649 28.80 -31.52 45.15
CA SER C 649 29.09 -30.15 44.76
C SER C 649 28.65 -29.87 43.32
N SER C 650 28.61 -30.91 42.48
CA SER C 650 28.00 -30.74 41.16
C SER C 650 26.49 -30.63 41.28
N TYR C 651 25.90 -31.33 42.25
CA TYR C 651 24.47 -31.23 42.46
C TYR C 651 24.09 -29.87 43.01
N THR C 652 25.00 -29.25 43.78
CA THR C 652 24.76 -27.90 44.25
C THR C 652 24.97 -26.92 43.10
N ALA C 653 25.82 -27.27 42.14
CA ALA C 653 26.11 -26.38 41.03
C ALA C 653 24.94 -26.31 40.05
N ASN C 654 24.40 -27.46 39.65
CA ASN C 654 23.34 -27.44 38.64
C ASN C 654 22.01 -27.00 39.25
N LEU C 655 21.81 -27.22 40.55
CA LEU C 655 20.62 -26.72 41.20
C LEU C 655 20.72 -25.21 41.41
N ALA C 656 21.94 -24.70 41.46
CA ALA C 656 22.13 -23.26 41.35
C ALA C 656 21.86 -22.80 39.94
N ALA C 657 22.15 -23.67 38.96
CA ALA C 657 22.10 -23.27 37.56
C ALA C 657 20.66 -23.12 37.06
N PHE C 658 19.76 -23.98 37.54
CA PHE C 658 18.34 -23.84 37.19
C PHE C 658 17.76 -22.56 37.77
N LEU C 659 18.15 -22.23 39.00
CA LEU C 659 17.48 -21.13 39.69
C LEU C 659 18.13 -19.80 39.35
N THR C 660 19.24 -19.81 38.62
CA THR C 660 19.85 -18.55 38.22
C THR C 660 19.52 -18.22 36.77
N VAL C 661 18.89 -19.14 36.05
CA VAL C 661 18.52 -18.84 34.67
C VAL C 661 17.01 -18.70 34.57
N GLU C 662 16.27 -19.30 35.49
CA GLU C 662 14.83 -19.12 35.51
C GLU C 662 14.46 -17.75 36.05
N ARG C 663 15.26 -17.23 36.99
CA ARG C 663 15.01 -15.89 37.51
C ARG C 663 15.44 -14.82 36.51
N MET C 664 16.38 -15.16 35.62
CA MET C 664 16.81 -14.21 34.62
C MET C 664 15.81 -14.17 33.47
N GLU C 665 15.03 -15.25 33.31
CA GLU C 665 14.07 -15.36 32.22
C GLU C 665 12.95 -14.35 32.36
N SER C 666 12.99 -13.32 31.51
CA SER C 666 11.99 -12.26 31.50
C SER C 666 11.12 -12.42 30.26
N PRO C 667 9.80 -12.48 30.41
CA PRO C 667 8.94 -12.62 29.24
C PRO C 667 8.80 -11.30 28.49
N ILE C 668 8.01 -11.33 27.42
CA ILE C 668 7.64 -10.10 26.73
C ILE C 668 6.74 -9.31 27.66
N ASP C 669 6.89 -7.99 27.68
CA ASP C 669 6.09 -7.16 28.58
C ASP C 669 5.24 -6.14 27.84
N SER C 670 5.84 -5.35 26.97
CA SER C 670 5.15 -4.26 26.31
C SER C 670 4.85 -4.64 24.87
N ALA C 671 4.14 -3.74 24.18
CA ALA C 671 3.96 -3.86 22.75
C ALA C 671 5.29 -3.73 22.00
N ASP C 672 6.20 -2.90 22.54
CA ASP C 672 7.53 -2.77 21.98
C ASP C 672 8.35 -4.05 22.15
N ASP C 673 8.05 -4.84 23.17
CA ASP C 673 8.77 -6.11 23.35
C ASP C 673 8.31 -7.14 22.34
N LEU C 674 7.08 -7.02 21.84
CA LEU C 674 6.60 -7.91 20.79
C LEU C 674 6.94 -7.36 19.41
N ALA C 675 7.52 -6.15 19.33
CA ALA C 675 7.85 -5.54 18.06
C ALA C 675 8.99 -6.25 17.33
N LYS C 676 9.83 -6.98 18.06
CA LYS C 676 11.00 -7.60 17.46
C LYS C 676 10.82 -9.10 17.33
N GLN C 677 10.10 -9.70 18.26
CA GLN C 677 9.94 -11.15 18.29
C GLN C 677 9.00 -11.64 17.20
N THR C 678 9.57 -12.11 16.07
CA THR C 678 8.77 -12.74 15.04
C THR C 678 8.63 -14.23 15.33
N LYS C 679 9.29 -14.70 16.39
CA LYS C 679 9.05 -16.05 16.89
C LYS C 679 7.65 -16.17 17.45
N ILE C 680 7.21 -15.19 18.23
CA ILE C 680 5.85 -15.12 18.73
C ILE C 680 5.03 -14.34 17.71
N GLU C 681 3.95 -14.94 17.22
CA GLU C 681 3.17 -14.37 16.12
C GLU C 681 2.04 -13.52 16.69
N TYR C 682 1.82 -12.34 16.11
CA TYR C 682 0.74 -11.46 16.55
C TYR C 682 -0.64 -12.03 16.30
N GLY C 683 -1.05 -12.02 15.04
CA GLY C 683 -2.44 -12.18 14.66
C GLY C 683 -3.34 -11.09 15.21
N ALA C 684 -4.64 -11.24 14.97
CA ALA C 684 -5.68 -10.41 15.56
C ALA C 684 -7.03 -11.07 15.43
N VAL C 685 -8.09 -10.31 15.71
CA VAL C 685 -9.46 -10.74 15.47
C VAL C 685 -9.78 -10.48 14.01
N GLU C 686 -10.95 -10.94 13.56
CA GLU C 686 -11.54 -10.69 12.24
C GLU C 686 -11.46 -9.22 11.82
N ASP C 687 -11.38 -9.00 10.50
CA ASP C 687 -11.20 -7.69 9.87
C ASP C 687 -12.27 -6.70 10.32
N GLY C 688 -11.86 -5.69 11.08
CA GLY C 688 -12.83 -4.86 11.77
C GLY C 688 -12.20 -3.92 12.77
N ALA C 689 -12.71 -3.98 14.01
CA ALA C 689 -12.44 -2.93 15.00
C ALA C 689 -10.98 -2.92 15.45
N THR C 690 -10.43 -4.07 15.83
CA THR C 690 -9.06 -4.11 16.31
C THR C 690 -8.08 -3.97 15.16
N MET C 691 -8.40 -4.58 14.01
CA MET C 691 -7.49 -4.58 12.86
C MET C 691 -7.27 -3.20 12.27
N THR C 692 -8.35 -2.49 11.94
CA THR C 692 -8.24 -1.31 11.09
C THR C 692 -7.62 -0.13 11.82
N PHE C 693 -7.49 -0.23 13.15
CA PHE C 693 -6.67 0.72 13.88
C PHE C 693 -5.20 0.60 13.46
N PHE C 694 -4.72 -0.63 13.28
CA PHE C 694 -3.33 -0.84 12.88
C PHE C 694 -3.07 -0.39 11.46
N LYS C 695 -4.05 -0.59 10.57
CA LYS C 695 -3.89 -0.21 9.18
C LYS C 695 -3.91 1.30 9.01
N LYS C 696 -4.81 1.98 9.72
CA LYS C 696 -4.94 3.42 9.57
C LYS C 696 -3.96 4.20 10.44
N SER C 697 -3.11 3.50 11.19
CA SER C 697 -2.17 4.18 12.07
C SER C 697 -0.96 4.68 11.29
N LYS C 698 -0.28 5.66 11.88
CA LYS C 698 1.04 6.10 11.43
C LYS C 698 2.08 5.97 12.53
N ILE C 699 1.77 5.26 13.60
CA ILE C 699 2.72 5.04 14.68
C ILE C 699 3.75 4.04 14.21
N SER C 700 5.04 4.37 14.39
CA SER C 700 6.13 3.58 13.82
C SER C 700 6.23 2.20 14.44
N THR C 701 5.83 2.05 15.70
CA THR C 701 5.76 0.73 16.32
C THR C 701 4.68 -0.11 15.67
N TYR C 702 3.47 0.45 15.57
CA TYR C 702 2.31 -0.32 15.15
C TYR C 702 2.30 -0.55 13.66
N ASP C 703 2.98 0.31 12.89
CA ASP C 703 3.16 0.08 11.47
C ASP C 703 3.98 -1.17 11.21
N LYS C 704 5.02 -1.40 12.01
CA LYS C 704 5.83 -2.60 11.86
C LYS C 704 5.06 -3.84 12.29
N MET C 705 4.07 -3.67 13.18
CA MET C 705 3.19 -4.78 13.52
C MET C 705 2.29 -5.15 12.35
N TRP C 706 1.86 -4.15 11.59
CA TRP C 706 1.00 -4.39 10.44
C TRP C 706 1.77 -5.08 9.32
N ALA C 707 3.08 -4.87 9.26
CA ALA C 707 3.91 -5.51 8.25
C ALA C 707 4.03 -7.00 8.51
N PHE C 708 4.05 -7.39 9.79
CA PHE C 708 4.07 -8.80 10.15
C PHE C 708 2.76 -9.47 9.78
N MET C 709 1.64 -8.75 9.94
CA MET C 709 0.34 -9.31 9.64
C MET C 709 0.07 -9.30 8.15
N SER C 710 0.79 -8.45 7.42
CA SER C 710 0.61 -8.38 5.97
C SER C 710 1.18 -9.62 5.29
N SER C 711 2.28 -10.15 5.83
CA SER C 711 2.94 -11.29 5.22
C SER C 711 2.28 -12.61 5.62
N ARG C 712 1.36 -12.57 6.59
CA ARG C 712 0.89 -13.80 7.20
C ARG C 712 -0.63 -13.83 7.29
N ARG C 713 -1.31 -13.62 6.16
CA ARG C 713 -2.73 -13.95 6.08
C ARG C 713 -2.94 -15.46 6.09
N GLN C 714 -4.21 -15.89 6.09
CA GLN C 714 -4.61 -17.30 6.16
C GLN C 714 -4.10 -17.99 7.42
N SER C 715 -4.71 -17.64 8.55
CA SER C 715 -4.64 -18.32 9.84
C SER C 715 -3.34 -18.10 10.60
N VAL C 716 -2.86 -16.87 10.67
CA VAL C 716 -2.37 -16.39 11.95
C VAL C 716 -3.40 -15.32 12.32
N LEU C 717 -4.12 -14.85 11.30
CA LEU C 717 -5.19 -13.88 11.47
C LEU C 717 -6.51 -14.63 11.49
N VAL C 718 -7.00 -14.94 12.69
CA VAL C 718 -8.19 -15.75 12.84
C VAL C 718 -9.41 -14.84 12.69
N LYS C 719 -10.61 -15.43 12.57
CA LYS C 719 -11.81 -14.66 12.28
C LYS C 719 -12.79 -14.59 13.44
N SER C 720 -12.43 -15.04 14.64
CA SER C 720 -13.38 -15.03 15.75
C SER C 720 -12.63 -14.90 17.06
N ASN C 721 -13.36 -14.45 18.10
CA ASN C 721 -12.78 -14.23 19.41
C ASN C 721 -12.37 -15.54 20.08
N GLU C 722 -13.33 -16.45 20.27
CA GLU C 722 -13.04 -17.72 20.95
C GLU C 722 -12.14 -18.62 20.12
N GLU C 723 -12.11 -18.45 18.81
CA GLU C 723 -11.11 -19.11 17.98
C GLU C 723 -9.72 -18.55 18.28
N GLY C 724 -9.63 -17.23 18.48
CA GLY C 724 -8.37 -16.63 18.88
C GLY C 724 -7.97 -16.99 20.29
N ILE C 725 -8.95 -17.17 21.18
CA ILE C 725 -8.67 -17.71 22.51
C ILE C 725 -8.13 -19.14 22.38
N GLN C 726 -8.68 -19.91 21.45
CA GLN C 726 -8.23 -21.27 21.24
C GLN C 726 -6.82 -21.31 20.64
N ARG C 727 -6.46 -20.31 19.83
CA ARG C 727 -5.16 -20.32 19.19
C ARG C 727 -4.05 -19.95 20.17
N VAL C 728 -4.36 -19.13 21.17
CA VAL C 728 -3.39 -18.83 22.22
C VAL C 728 -3.16 -20.04 23.09
N LEU C 729 -4.24 -20.74 23.45
CA LEU C 729 -4.18 -21.86 24.37
C LEU C 729 -3.43 -23.06 23.80
N THR C 730 -3.32 -23.17 22.47
CA THR C 730 -2.54 -24.25 21.87
C THR C 730 -1.11 -23.83 21.57
N SER C 731 -0.93 -22.83 20.70
CA SER C 731 0.40 -22.44 20.25
C SER C 731 0.97 -21.31 21.10
N ASP C 732 2.03 -20.67 20.63
CA ASP C 732 2.61 -19.48 21.25
C ASP C 732 1.98 -18.20 20.72
N TYR C 733 0.73 -18.27 20.29
CA TYR C 733 0.01 -17.16 19.69
C TYR C 733 -0.35 -16.10 20.73
N ALA C 734 -0.31 -14.83 20.33
CA ALA C 734 -0.49 -13.69 21.24
C ALA C 734 -1.59 -12.79 20.70
N PHE C 735 -2.83 -13.04 21.14
CA PHE C 735 -4.01 -12.45 20.50
C PHE C 735 -4.16 -10.97 20.85
N LEU C 736 -4.53 -10.17 19.86
CA LEU C 736 -4.85 -8.75 20.03
C LEU C 736 -6.37 -8.66 20.11
N MET C 737 -6.86 -7.84 21.03
CA MET C 737 -8.27 -7.88 21.39
C MET C 737 -8.68 -6.59 22.09
N GLU C 738 -9.99 -6.33 22.12
CA GLU C 738 -10.53 -5.23 22.91
C GLU C 738 -10.30 -5.51 24.39
N SER C 739 -9.88 -4.47 25.12
CA SER C 739 -9.35 -4.66 26.48
C SER C 739 -10.41 -5.05 27.50
N THR C 740 -11.68 -4.90 27.15
CA THR C 740 -12.74 -5.38 28.04
C THR C 740 -12.81 -6.89 28.05
N THR C 741 -12.96 -7.49 26.86
CA THR C 741 -13.24 -8.92 26.79
C THR C 741 -12.02 -9.75 27.16
N ILE C 742 -10.82 -9.13 27.16
CA ILE C 742 -9.66 -9.76 27.78
C ILE C 742 -9.87 -9.94 29.27
N GLU C 743 -10.45 -8.94 29.94
CA GLU C 743 -10.71 -9.02 31.38
C GLU C 743 -11.77 -10.06 31.70
N PHE C 744 -12.62 -10.40 30.73
CA PHE C 744 -13.65 -11.41 30.96
C PHE C 744 -13.08 -12.82 30.81
N VAL C 745 -12.10 -12.98 29.94
CA VAL C 745 -11.55 -14.31 29.69
C VAL C 745 -10.42 -14.62 30.68
N THR C 746 -9.54 -13.65 30.94
CA THR C 746 -8.42 -13.84 31.85
C THR C 746 -8.89 -14.11 33.28
N GLN C 747 -10.01 -13.49 33.67
CA GLN C 747 -10.60 -13.77 34.97
C GLN C 747 -11.13 -15.20 35.06
N ARG C 748 -11.63 -15.75 33.95
CA ARG C 748 -12.36 -17.01 33.99
C ARG C 748 -11.62 -18.09 33.17
N ASN C 749 -10.30 -17.97 33.12
CA ASN C 749 -9.51 -19.06 32.55
C ASN C 749 -8.39 -19.46 33.51
N CYS C 750 -7.77 -18.45 34.14
CA CYS C 750 -6.57 -18.55 34.96
C CYS C 750 -5.41 -19.24 34.23
N ASN C 751 -5.39 -19.16 32.89
CA ASN C 751 -4.29 -19.63 32.07
C ASN C 751 -3.85 -18.53 31.12
N LEU C 752 -4.38 -17.32 31.30
CA LEU C 752 -4.09 -16.21 30.42
C LEU C 752 -3.68 -15.00 31.25
N THR C 753 -3.12 -13.99 30.59
CA THR C 753 -2.74 -12.77 31.28
C THR C 753 -2.74 -11.57 30.35
N GLN C 754 -3.20 -10.43 30.85
CA GLN C 754 -3.15 -9.19 30.08
C GLN C 754 -1.72 -8.67 30.07
N ILE C 755 -0.97 -8.97 29.02
CA ILE C 755 0.37 -8.43 28.91
C ILE C 755 0.27 -7.11 28.14
N GLY C 756 1.11 -6.14 28.50
CA GLY C 756 1.03 -4.83 27.91
C GLY C 756 0.01 -3.95 28.60
N GLY C 757 0.00 -2.67 28.22
CA GLY C 757 -0.93 -1.73 28.79
C GLY C 757 -2.18 -1.54 27.94
N LEU C 758 -2.45 -0.30 27.58
CA LEU C 758 -3.61 0.04 26.76
C LEU C 758 -3.12 0.87 25.58
N ILE C 759 -3.38 0.38 24.37
CA ILE C 759 -2.94 1.06 23.15
C ILE C 759 -3.88 2.21 22.83
N ASP C 760 -5.16 1.90 22.65
CA ASP C 760 -6.15 2.91 22.27
C ASP C 760 -6.90 3.37 23.51
N SER C 761 -7.76 4.38 23.39
CA SER C 761 -8.51 4.87 24.54
C SER C 761 -9.96 5.21 24.19
N LYS C 762 -10.55 4.50 23.23
CA LYS C 762 -11.94 4.75 22.89
C LYS C 762 -12.86 4.12 23.94
N GLY C 763 -14.14 4.48 23.89
CA GLY C 763 -15.06 4.03 24.90
C GLY C 763 -16.45 3.70 24.41
N TYR C 764 -17.17 2.88 25.17
CA TYR C 764 -18.54 2.50 24.82
C TYR C 764 -19.52 3.46 25.49
N GLY C 765 -20.58 3.80 24.76
CA GLY C 765 -21.54 4.78 25.26
C GLY C 765 -22.98 4.33 25.15
N VAL C 766 -23.89 5.14 25.67
CA VAL C 766 -25.32 4.82 25.62
C VAL C 766 -25.86 5.11 24.24
N GLY C 767 -25.70 6.34 23.76
CA GLY C 767 -26.03 6.68 22.40
C GLY C 767 -27.52 6.91 22.19
N THR C 768 -27.81 7.88 21.32
CA THR C 768 -29.14 8.33 20.96
C THR C 768 -29.20 8.51 19.45
N PRO C 769 -30.39 8.71 18.87
CA PRO C 769 -30.43 9.27 17.52
C PRO C 769 -30.01 10.73 17.49
N MET C 770 -29.88 11.26 16.28
CA MET C 770 -29.39 12.62 16.08
C MET C 770 -30.40 13.65 16.60
N GLY C 771 -29.94 14.53 17.48
CA GLY C 771 -30.75 15.60 18.00
C GLY C 771 -31.73 15.19 19.08
N SER C 772 -31.59 13.97 19.60
CA SER C 772 -32.48 13.44 20.61
C SER C 772 -32.26 14.15 21.94
N PRO C 773 -33.34 14.51 22.64
CA PRO C 773 -33.18 15.32 23.86
C PRO C 773 -32.97 14.48 25.11
N TYR C 774 -32.82 13.16 24.95
CA TYR C 774 -32.59 12.30 26.09
C TYR C 774 -31.10 12.23 26.40
N ARG C 775 -30.29 12.66 25.43
CA ARG C 775 -28.84 12.50 25.47
C ARG C 775 -28.19 13.25 26.62
N ASP C 776 -28.54 14.53 26.81
CA ASP C 776 -28.02 15.27 27.94
C ASP C 776 -28.59 14.76 29.26
N LYS C 777 -29.82 14.24 29.24
CA LYS C 777 -30.40 13.64 30.44
C LYS C 777 -29.67 12.34 30.81
N ILE C 778 -29.09 11.68 29.82
CA ILE C 778 -28.26 10.51 30.08
C ILE C 778 -26.80 10.91 30.31
N THR C 779 -26.40 12.08 29.81
CA THR C 779 -25.07 12.61 30.10
C THR C 779 -24.97 13.02 31.57
N ILE C 780 -26.08 13.51 32.13
CA ILE C 780 -26.14 13.77 33.57
C ILE C 780 -26.25 12.46 34.33
N ALA C 781 -26.72 11.40 33.67
CA ALA C 781 -26.95 10.13 34.36
C ALA C 781 -25.66 9.41 34.69
N ILE C 782 -24.85 9.07 33.67
CA ILE C 782 -23.58 8.36 33.88
C ILE C 782 -22.63 9.17 34.75
N LEU C 783 -22.59 10.49 34.54
CA LEU C 783 -21.73 11.36 35.33
C LEU C 783 -22.19 11.49 36.77
N GLN C 784 -23.38 10.99 37.11
CA GLN C 784 -23.74 10.78 38.51
C GLN C 784 -23.26 9.44 39.03
N LEU C 785 -23.23 8.42 38.15
CA LEU C 785 -23.01 7.04 38.59
C LEU C 785 -21.59 6.79 39.09
N GLN C 786 -20.64 7.65 38.71
CA GLN C 786 -19.25 7.40 39.06
C GLN C 786 -18.90 7.88 40.47
N GLU C 787 -19.61 8.87 41.00
CA GLU C 787 -19.33 9.30 42.37
C GLU C 787 -19.90 8.35 43.39
N GLU C 788 -21.18 7.99 43.23
CA GLU C 788 -21.81 7.04 44.16
C GLU C 788 -21.43 5.59 43.84
N GLY C 789 -20.64 5.36 42.81
CA GLY C 789 -19.91 4.12 42.65
C GLY C 789 -20.68 2.90 42.21
N LYS C 790 -21.95 3.07 41.85
CA LYS C 790 -22.73 1.94 41.36
C LYS C 790 -22.27 1.49 39.97
N LEU C 791 -21.65 2.39 39.21
CA LEU C 791 -21.09 2.01 37.92
C LEU C 791 -19.88 1.11 38.10
N HIS C 792 -19.00 1.45 39.04
CA HIS C 792 -17.84 0.62 39.31
C HIS C 792 -18.22 -0.63 40.08
N MET C 793 -19.32 -0.58 40.83
CA MET C 793 -19.82 -1.77 41.51
C MET C 793 -20.32 -2.81 40.52
N MET C 794 -20.90 -2.36 39.41
CA MET C 794 -21.33 -3.29 38.36
C MET C 794 -20.15 -3.80 37.57
N LYS C 795 -19.00 -3.12 37.62
CA LYS C 795 -17.78 -3.66 37.06
C LYS C 795 -17.26 -4.81 37.93
N GLU C 796 -17.63 -4.82 39.20
CA GLU C 796 -17.26 -5.95 40.04
C GLU C 796 -18.37 -6.98 40.08
N LYS C 797 -19.51 -6.67 39.47
CA LYS C 797 -20.64 -7.60 39.42
C LYS C 797 -20.46 -8.67 38.35
N TRP C 798 -20.32 -8.24 37.09
CA TRP C 798 -20.35 -9.16 35.96
C TRP C 798 -18.98 -9.53 35.42
N TRP C 799 -17.91 -9.30 36.18
CA TRP C 799 -16.59 -9.58 35.63
C TRP C 799 -15.85 -10.61 36.48
N ARG C 800 -15.79 -10.40 37.79
CA ARG C 800 -15.16 -11.39 38.66
C ARG C 800 -16.10 -12.57 38.92
N GLY C 801 -15.67 -13.76 38.54
CA GLY C 801 -16.44 -14.94 38.87
C GLY C 801 -15.71 -16.03 39.62
N ASN C 802 -14.39 -16.14 39.44
CA ASN C 802 -13.66 -17.23 40.05
C ASN C 802 -12.53 -16.72 40.94
N GLY C 803 -11.66 -15.90 40.36
CA GLY C 803 -10.38 -15.59 40.98
C GLY C 803 -9.33 -16.60 40.56
N CYS C 804 -8.07 -16.19 40.64
CA CYS C 804 -6.99 -17.06 40.18
C CYS C 804 -5.98 -17.32 41.31
N PRO C 805 -5.34 -18.50 41.31
CA PRO C 805 -4.34 -18.82 42.34
C PRO C 805 -2.98 -18.16 42.15
N GLU C 806 -2.90 -17.10 41.35
CA GLU C 806 -1.67 -16.30 41.27
C GLU C 806 -1.35 -15.65 42.61
N GLU C 807 -2.37 -15.35 43.41
CA GLU C 807 -2.18 -14.89 44.78
C GLU C 807 -1.95 -16.05 45.74
N GLU C 808 -2.44 -17.25 45.42
CA GLU C 808 -2.24 -18.41 46.28
C GLU C 808 -0.78 -18.81 46.36
N SER C 809 -0.18 -19.17 45.22
CA SER C 809 1.23 -19.54 45.22
C SER C 809 2.14 -18.33 45.11
N LYS C 810 2.13 -17.69 43.92
CA LYS C 810 2.91 -16.53 43.45
C LYS C 810 4.39 -16.87 43.25
N GLU C 811 4.85 -17.99 43.82
CA GLU C 811 6.08 -18.78 43.69
C GLU C 811 7.38 -18.03 43.99
N ALA C 812 7.36 -16.69 43.95
CA ALA C 812 8.34 -15.74 44.49
C ALA C 812 9.83 -16.07 44.26
N SER C 813 10.13 -16.91 43.26
CA SER C 813 11.36 -17.68 43.17
C SER C 813 11.74 -18.28 44.53
N ALA C 814 10.80 -18.96 45.18
CA ALA C 814 10.93 -19.23 46.61
C ALA C 814 10.98 -20.71 46.97
N LEU C 815 10.94 -21.59 45.96
CA LEU C 815 11.23 -23.03 46.10
C LEU C 815 10.34 -23.76 47.10
N GLY C 816 9.05 -23.45 47.09
CA GLY C 816 8.04 -24.05 47.94
C GLY C 816 7.73 -25.49 47.58
N VAL C 817 6.53 -25.91 47.98
CA VAL C 817 6.05 -27.30 47.88
C VAL C 817 5.93 -27.71 46.42
N GLN C 818 5.68 -26.74 45.55
CA GLN C 818 5.71 -26.97 44.11
C GLN C 818 7.09 -27.38 43.62
N ASN C 819 8.13 -26.91 44.29
CA ASN C 819 9.51 -27.15 43.88
C ASN C 819 10.15 -28.21 44.75
N ILE C 820 9.67 -28.39 45.98
CA ILE C 820 10.40 -29.22 46.94
C ILE C 820 9.51 -30.31 47.53
N GLY C 821 8.19 -30.20 47.39
CA GLY C 821 7.27 -31.03 48.17
C GLY C 821 7.26 -32.53 47.96
N GLY C 822 8.08 -33.03 47.04
CA GLY C 822 8.25 -34.46 46.90
C GLY C 822 9.35 -35.00 47.78
N ILE C 823 10.17 -34.10 48.35
CA ILE C 823 11.20 -34.56 49.29
C ILE C 823 10.55 -34.98 50.61
N PHE C 824 9.38 -34.44 50.93
CA PHE C 824 8.67 -34.88 52.13
C PHE C 824 7.95 -36.20 51.87
N ILE C 825 7.52 -36.43 50.64
CA ILE C 825 6.86 -37.67 50.27
C ILE C 825 7.84 -38.84 50.34
N VAL C 826 9.07 -38.62 49.86
CA VAL C 826 10.08 -39.67 49.94
C VAL C 826 10.62 -39.77 51.36
N LEU C 827 10.48 -38.71 52.14
CA LEU C 827 10.80 -38.80 53.57
C LEU C 827 9.72 -39.56 54.31
N ALA C 828 8.46 -39.38 53.89
CA ALA C 828 7.38 -40.20 54.43
C ALA C 828 7.48 -41.63 53.94
N ALA C 829 8.07 -41.83 52.76
CA ALA C 829 8.28 -43.18 52.23
C ALA C 829 9.32 -43.93 53.04
N GLY C 830 10.29 -43.21 53.62
CA GLY C 830 11.28 -43.85 54.45
C GLY C 830 10.71 -44.30 55.78
N LEU C 831 9.72 -43.57 56.28
CA LEU C 831 9.10 -43.93 57.56
C LEU C 831 8.20 -45.16 57.42
N VAL C 832 7.62 -45.34 56.24
CA VAL C 832 6.74 -46.49 56.00
C VAL C 832 7.58 -47.74 55.77
N LEU C 833 8.73 -47.58 55.11
CA LEU C 833 9.58 -48.73 54.81
C LEU C 833 10.25 -49.27 56.07
N SER C 834 10.60 -48.40 57.01
CA SER C 834 11.34 -48.83 58.20
C SER C 834 10.45 -49.54 59.20
N VAL C 835 9.18 -49.16 59.30
CA VAL C 835 8.30 -49.79 60.28
C VAL C 835 7.86 -51.16 59.80
N PHE C 836 7.94 -51.41 58.49
CA PHE C 836 7.72 -52.76 57.98
C PHE C 836 8.89 -53.67 58.32
N VAL C 837 10.10 -53.12 58.31
CA VAL C 837 11.27 -53.85 58.79
C VAL C 837 11.23 -53.99 60.30
N ALA C 838 10.64 -53.00 60.99
CA ALA C 838 10.49 -53.05 62.44
C ALA C 838 9.61 -54.20 62.89
N VAL C 839 8.55 -54.50 62.13
CA VAL C 839 7.78 -55.71 62.39
C VAL C 839 8.56 -56.94 61.92
N GLY C 840 9.32 -56.79 60.84
CA GLY C 840 10.06 -57.92 60.29
C GLY C 840 11.23 -58.34 61.16
N GLU C 841 11.94 -57.36 61.75
CA GLU C 841 13.05 -57.71 62.63
C GLU C 841 12.54 -58.03 64.03
N PHE C 842 11.30 -57.67 64.33
CA PHE C 842 10.63 -58.15 65.54
C PHE C 842 10.40 -59.65 65.46
N LEU C 843 10.04 -60.14 64.28
CA LEU C 843 9.84 -61.57 64.08
C LEU C 843 11.17 -62.31 64.07
N TYR C 844 12.18 -61.74 63.42
CA TYR C 844 13.47 -62.41 63.32
C TYR C 844 14.23 -62.36 64.64
N LYS C 845 13.89 -61.41 65.51
CA LYS C 845 14.32 -61.49 66.90
C LYS C 845 13.63 -62.64 67.62
N SER C 846 12.32 -62.77 67.42
CA SER C 846 11.56 -63.83 68.08
C SER C 846 11.84 -65.19 67.45
N LYS C 847 12.26 -65.20 66.17
CA LYS C 847 12.67 -66.45 65.53
C LYS C 847 13.97 -66.96 66.13
N LYS C 848 14.88 -66.05 66.46
CA LYS C 848 16.10 -66.44 67.16
C LYS C 848 15.87 -66.53 68.67
N ASN C 849 14.68 -66.15 69.11
CA ASN C 849 14.23 -66.48 70.46
C ASN C 849 13.56 -67.85 70.44
N ALA C 850 13.03 -68.23 69.27
CA ALA C 850 12.35 -69.52 69.13
C ALA C 850 13.33 -70.69 69.09
N GLN C 851 14.59 -70.40 68.81
CA GLN C 851 15.64 -71.40 68.80
C GLN C 851 15.88 -71.94 70.21
N LEU C 852 15.77 -71.06 71.20
CA LEU C 852 16.02 -71.44 72.59
C LEU C 852 14.69 -71.65 73.32
N GLU C 853 13.78 -70.69 73.21
CA GLU C 853 12.58 -70.66 74.05
C GLU C 853 11.35 -70.75 73.14
N LYS C 854 10.53 -71.78 73.39
CA LYS C 854 9.50 -72.17 72.43
C LYS C 854 8.11 -71.70 72.88
N ARG C 855 8.01 -70.46 73.37
CA ARG C 855 6.68 -69.84 73.41
C ARG C 855 6.32 -69.30 72.04
N SER C 856 7.26 -68.61 71.38
CA SER C 856 7.40 -68.47 69.92
C SER C 856 6.40 -67.57 69.22
N PHE C 857 5.31 -67.19 69.89
CA PHE C 857 4.53 -66.04 69.40
C PHE C 857 4.06 -65.17 70.56
N CYS C 858 3.95 -65.76 71.75
CA CYS C 858 3.73 -64.96 72.95
C CYS C 858 5.06 -64.69 73.65
N SER C 859 6.13 -65.37 73.24
CA SER C 859 7.48 -64.96 73.61
C SER C 859 7.76 -63.55 73.08
N ALA C 860 7.31 -63.29 71.86
CA ALA C 860 7.38 -61.94 71.32
C ALA C 860 6.46 -60.99 72.07
N MET C 861 5.36 -61.50 72.62
CA MET C 861 4.48 -60.67 73.43
C MET C 861 5.08 -60.38 74.79
N VAL C 862 5.78 -61.36 75.37
CA VAL C 862 6.57 -61.09 76.57
C VAL C 862 7.72 -60.15 76.23
N GLU C 863 8.31 -60.30 75.04
CA GLU C 863 9.26 -59.33 74.53
C GLU C 863 8.59 -57.98 74.29
N GLU C 864 7.31 -57.99 73.90
CA GLU C 864 6.57 -56.75 73.78
C GLU C 864 6.28 -56.15 75.14
N LEU C 865 6.02 -56.99 76.14
CA LEU C 865 5.92 -56.50 77.51
C LEU C 865 7.28 -56.04 78.03
N ARG C 866 8.36 -56.67 77.53
CA ARG C 866 9.71 -56.31 77.93
C ARG C 866 10.10 -54.93 77.41
N MET C 867 9.48 -54.50 76.30
CA MET C 867 9.78 -53.18 75.75
C MET C 867 8.80 -52.13 76.26
N SER C 868 7.63 -52.56 76.75
CA SER C 868 6.59 -51.61 77.12
C SER C 868 6.86 -50.91 78.44
N LEU C 869 7.71 -51.46 79.30
CA LEU C 869 8.08 -50.77 80.55
C LEU C 869 8.89 -49.50 80.30
N LYS C 870 9.78 -49.51 79.30
CA LYS C 870 10.70 -48.46 78.85
C LYS C 870 11.56 -47.84 79.96
N CYS C 871 11.63 -48.52 81.11
CA CYS C 871 12.71 -48.36 82.08
C CYS C 871 13.41 -49.70 82.27
N GLN C 872 13.52 -50.49 81.20
CA GLN C 872 13.94 -51.88 81.26
C GLN C 872 15.43 -52.04 81.57
N ARG C 873 16.23 -50.99 81.33
CA ARG C 873 17.69 -50.99 81.46
C ARG C 873 18.17 -51.48 82.82
N ARG C 874 17.61 -50.89 83.89
CA ARG C 874 17.74 -51.25 85.32
C ARG C 874 19.11 -51.75 85.79
N THR D 33 -59.83 -13.91 -73.62
CA THR D 33 -58.97 -14.51 -72.60
C THR D 33 -59.46 -14.22 -71.19
N HIS D 34 -58.83 -14.88 -70.21
CA HIS D 34 -59.12 -14.66 -68.80
C HIS D 34 -58.52 -13.35 -68.30
N VAL D 35 -59.10 -12.22 -68.72
CA VAL D 35 -58.57 -10.90 -68.38
C VAL D 35 -58.78 -10.61 -66.90
N LEU D 36 -57.67 -10.52 -66.15
CA LEU D 36 -57.72 -10.17 -64.73
C LEU D 36 -57.71 -8.66 -64.56
N ARG D 37 -58.31 -8.19 -63.48
CA ARG D 37 -58.51 -6.76 -63.30
C ARG D 37 -58.16 -6.35 -61.86
N PHE D 38 -56.93 -6.66 -61.44
CA PHE D 38 -56.41 -6.28 -60.13
C PHE D 38 -56.55 -4.80 -59.85
N GLY D 39 -57.37 -4.45 -58.87
CA GLY D 39 -57.57 -3.07 -58.49
C GLY D 39 -56.41 -2.53 -57.67
N GLY D 40 -56.62 -1.35 -57.11
CA GLY D 40 -55.58 -0.73 -56.30
C GLY D 40 -55.98 0.65 -55.85
N ILE D 41 -55.53 1.00 -54.65
CA ILE D 41 -55.83 2.29 -54.05
C ILE D 41 -54.51 2.90 -53.55
N PHE D 42 -54.18 4.10 -54.01
CA PHE D 42 -52.85 4.65 -53.79
C PHE D 42 -52.91 6.12 -53.40
N GLU D 43 -51.72 6.72 -53.31
CA GLU D 43 -51.55 8.08 -52.81
C GLU D 43 -51.96 9.10 -53.86
N TYR D 44 -52.52 10.22 -53.38
CA TYR D 44 -52.89 11.34 -54.24
C TYR D 44 -52.15 12.57 -53.74
N VAL D 45 -51.06 12.93 -54.44
CA VAL D 45 -50.08 13.86 -53.90
C VAL D 45 -50.17 15.26 -54.53
N GLU D 46 -50.52 15.32 -55.83
CA GLU D 46 -50.72 16.54 -56.64
C GLU D 46 -49.45 17.35 -56.89
N SER D 47 -48.32 16.96 -56.32
CA SER D 47 -47.10 17.75 -56.46
C SER D 47 -46.36 17.42 -57.74
N GLY D 48 -45.90 16.19 -57.88
CA GLY D 48 -45.15 15.77 -59.03
C GLY D 48 -45.71 14.50 -59.64
N PRO D 49 -44.86 13.48 -59.74
CA PRO D 49 -45.34 12.19 -60.27
C PRO D 49 -46.15 11.41 -59.25
N MET D 50 -46.52 10.19 -59.61
CA MET D 50 -47.27 9.31 -58.71
C MET D 50 -46.36 8.78 -57.61
N GLY D 51 -46.94 8.08 -56.64
CA GLY D 51 -46.18 7.61 -55.50
C GLY D 51 -45.20 6.51 -55.84
N ALA D 52 -44.37 6.15 -54.85
CA ALA D 52 -43.39 5.10 -55.06
C ALA D 52 -44.07 3.73 -55.11
N GLU D 53 -45.22 3.61 -54.44
CA GLU D 53 -45.95 2.35 -54.45
C GLU D 53 -46.68 2.15 -55.77
N GLU D 54 -47.30 3.20 -56.29
CA GLU D 54 -48.11 3.08 -57.51
C GLU D 54 -47.25 2.86 -58.74
N LEU D 55 -46.02 3.41 -58.73
CA LEU D 55 -45.06 3.07 -59.78
C LEU D 55 -44.64 1.63 -59.70
N ALA D 56 -44.50 1.09 -58.49
CA ALA D 56 -44.12 -0.30 -58.33
C ALA D 56 -45.25 -1.23 -58.74
N PHE D 57 -46.49 -0.78 -58.56
CA PHE D 57 -47.63 -1.60 -58.96
C PHE D 57 -47.82 -1.59 -60.48
N ARG D 58 -47.47 -0.48 -61.13
CA ARG D 58 -47.51 -0.44 -62.59
C ARG D 58 -46.35 -1.21 -63.19
N PHE D 59 -45.19 -1.17 -62.54
CA PHE D 59 -44.01 -1.86 -63.06
C PHE D 59 -44.14 -3.37 -62.89
N ALA D 60 -44.88 -3.81 -61.88
CA ALA D 60 -45.03 -5.24 -61.63
C ALA D 60 -45.97 -5.88 -62.64
N VAL D 61 -47.03 -5.16 -63.02
CA VAL D 61 -47.99 -5.71 -63.98
C VAL D 61 -47.40 -5.70 -65.38
N ASN D 62 -46.67 -4.63 -65.71
CA ASN D 62 -46.05 -4.52 -67.03
C ASN D 62 -44.95 -5.56 -67.22
N THR D 63 -44.29 -5.95 -66.14
CA THR D 63 -43.31 -7.02 -66.22
C THR D 63 -43.98 -8.38 -66.39
N ILE D 64 -45.08 -8.60 -65.67
CA ILE D 64 -45.65 -9.94 -65.61
C ILE D 64 -46.48 -10.25 -66.86
N ASN D 65 -46.85 -9.23 -67.62
CA ASN D 65 -47.45 -9.48 -68.93
C ASN D 65 -46.38 -9.83 -69.95
N ARG D 66 -45.14 -9.44 -69.67
CA ARG D 66 -44.05 -9.56 -70.62
C ARG D 66 -43.25 -10.85 -70.42
N ASN D 67 -43.08 -11.28 -69.17
CA ASN D 67 -42.18 -12.39 -68.85
C ASN D 67 -42.78 -13.72 -69.28
N ARG D 68 -44.11 -13.85 -69.17
CA ARG D 68 -44.90 -15.00 -69.62
C ARG D 68 -44.46 -16.32 -68.99
N THR D 69 -44.03 -16.30 -67.72
CA THR D 69 -43.60 -17.53 -67.07
C THR D 69 -44.48 -17.85 -65.86
N LEU D 70 -45.05 -16.81 -65.24
CA LEU D 70 -45.99 -17.02 -64.14
C LEU D 70 -47.37 -17.31 -64.69
N LEU D 71 -47.55 -17.06 -65.98
CA LEU D 71 -48.82 -17.20 -66.66
C LEU D 71 -48.58 -17.47 -68.14
N PRO D 72 -49.16 -18.52 -68.71
CA PRO D 72 -49.06 -18.72 -70.16
C PRO D 72 -49.78 -17.65 -70.96
N ASN D 73 -51.08 -17.51 -70.74
CA ASN D 73 -51.93 -16.66 -71.56
C ASN D 73 -53.01 -15.95 -70.76
N THR D 74 -52.64 -15.41 -69.59
CA THR D 74 -53.61 -14.80 -68.70
C THR D 74 -53.17 -13.39 -68.34
N THR D 75 -53.61 -12.40 -69.11
CA THR D 75 -53.14 -11.04 -68.98
C THR D 75 -53.82 -10.34 -67.82
N LEU D 76 -53.20 -9.28 -67.32
CA LEU D 76 -53.70 -8.50 -66.20
C LEU D 76 -53.95 -7.06 -66.65
N THR D 77 -54.87 -6.39 -65.96
CA THR D 77 -55.21 -5.01 -66.27
C THR D 77 -55.41 -4.24 -64.97
N TYR D 78 -54.44 -3.39 -64.64
CA TYR D 78 -54.46 -2.65 -63.38
C TYR D 78 -55.51 -1.54 -63.45
N ASP D 79 -56.13 -1.27 -62.29
CA ASP D 79 -57.24 -0.32 -62.22
C ASP D 79 -57.03 0.64 -61.05
N THR D 80 -55.87 1.29 -60.99
CA THR D 80 -55.48 2.12 -59.87
C THR D 80 -56.36 3.35 -59.70
N GLN D 81 -56.58 3.72 -58.43
CA GLN D 81 -57.30 4.93 -58.06
C GLN D 81 -56.59 5.58 -56.89
N LYS D 82 -56.93 6.83 -56.61
CA LYS D 82 -56.20 7.66 -55.66
C LYS D 82 -57.14 8.25 -54.62
N ILE D 83 -56.75 8.16 -53.35
CA ILE D 83 -57.54 8.71 -52.24
C ILE D 83 -56.66 9.65 -51.43
N ASN D 84 -57.25 10.29 -50.42
CA ASN D 84 -56.52 11.26 -49.61
C ASN D 84 -55.58 10.62 -48.60
N LEU D 85 -55.85 9.38 -48.13
CA LEU D 85 -54.96 8.65 -47.23
C LEU D 85 -54.65 9.38 -45.95
N TYR D 86 -55.52 9.27 -44.92
CA TYR D 86 -56.12 10.28 -44.03
C TYR D 86 -57.57 10.56 -44.37
N ASP D 87 -58.23 9.70 -45.17
CA ASP D 87 -59.68 9.80 -45.37
C ASP D 87 -60.24 8.40 -45.54
N SER D 88 -60.96 7.93 -44.52
CA SER D 88 -61.46 6.55 -44.52
C SER D 88 -62.85 6.44 -45.15
N PHE D 89 -63.34 7.54 -45.74
CA PHE D 89 -64.61 7.47 -46.43
C PHE D 89 -64.42 7.38 -47.94
N GLU D 90 -63.48 8.15 -48.46
CA GLU D 90 -63.13 8.03 -49.88
C GLU D 90 -62.40 6.71 -50.12
N ALA D 91 -61.69 6.21 -49.10
CA ALA D 91 -61.17 4.85 -49.15
C ALA D 91 -62.31 3.84 -49.20
N SER D 92 -63.41 4.12 -48.52
CA SER D 92 -64.53 3.19 -48.52
C SER D 92 -65.50 3.50 -49.65
N LYS D 93 -65.18 4.47 -50.50
CA LYS D 93 -66.05 4.77 -51.63
C LYS D 93 -65.35 4.46 -52.95
N LYS D 94 -64.04 4.71 -53.03
CA LYS D 94 -63.28 4.28 -54.20
C LYS D 94 -63.12 2.76 -54.24
N ALA D 95 -63.23 2.10 -53.08
CA ALA D 95 -63.21 0.64 -53.06
C ALA D 95 -64.54 0.05 -53.51
N CYS D 96 -65.65 0.76 -53.26
CA CYS D 96 -66.92 0.31 -53.82
C CYS D 96 -67.00 0.57 -55.31
N ASP D 97 -66.18 1.49 -55.83
CA ASP D 97 -66.11 1.69 -57.27
C ASP D 97 -65.43 0.51 -57.94
N GLN D 98 -64.28 0.08 -57.42
CA GLN D 98 -63.54 -1.01 -58.03
C GLN D 98 -64.24 -2.35 -57.83
N LEU D 99 -64.91 -2.53 -56.69
CA LEU D 99 -65.69 -3.74 -56.47
C LEU D 99 -66.89 -3.83 -57.40
N SER D 100 -67.55 -2.71 -57.70
CA SER D 100 -68.65 -2.71 -58.65
C SER D 100 -68.15 -2.82 -60.08
N LEU D 101 -66.95 -2.31 -60.35
CA LEU D 101 -66.39 -2.37 -61.70
C LEU D 101 -65.86 -3.78 -61.95
N GLY D 102 -65.51 -4.49 -60.88
CA GLY D 102 -65.07 -5.87 -60.99
C GLY D 102 -63.57 -6.05 -60.84
N VAL D 103 -63.15 -6.55 -59.68
CA VAL D 103 -61.73 -6.85 -59.44
C VAL D 103 -61.61 -8.29 -58.96
N ALA D 104 -60.38 -8.71 -58.67
CA ALA D 104 -60.13 -9.98 -58.03
C ALA D 104 -59.16 -9.81 -56.87
N ALA D 105 -58.77 -8.56 -56.60
CA ALA D 105 -57.90 -8.19 -55.50
C ALA D 105 -58.00 -6.70 -55.25
N ILE D 106 -57.68 -6.26 -54.03
CA ILE D 106 -57.57 -4.85 -53.70
C ILE D 106 -56.23 -4.68 -53.01
N PHE D 107 -55.30 -4.00 -53.67
CA PHE D 107 -53.92 -3.96 -53.17
C PHE D 107 -53.69 -2.90 -52.10
N GLY D 108 -54.75 -2.32 -51.56
CA GLY D 108 -54.72 -1.78 -50.23
C GLY D 108 -54.17 -0.38 -50.12
N PRO D 109 -54.86 0.46 -49.35
CA PRO D 109 -54.25 1.72 -48.92
C PRO D 109 -53.08 1.48 -47.98
N SER D 110 -52.26 2.50 -47.77
CA SER D 110 -51.03 2.38 -47.01
C SER D 110 -51.07 3.29 -45.79
N HIS D 111 -52.17 3.26 -45.06
CA HIS D 111 -52.33 4.04 -43.84
C HIS D 111 -53.18 3.24 -42.86
N SER D 112 -52.98 3.50 -41.57
CA SER D 112 -53.58 2.69 -40.51
C SER D 112 -55.06 3.00 -40.32
N SER D 113 -55.58 4.03 -41.00
CA SER D 113 -56.99 4.38 -40.86
C SER D 113 -57.76 4.04 -42.13
N SER D 114 -57.06 4.00 -43.27
CA SER D 114 -57.72 3.67 -44.52
C SER D 114 -57.62 2.17 -44.80
N ALA D 115 -56.77 1.46 -44.07
CA ALA D 115 -56.72 0.01 -44.20
C ALA D 115 -57.91 -0.64 -43.51
N ASN D 116 -58.32 -0.09 -42.36
CA ASN D 116 -59.42 -0.68 -41.59
C ASN D 116 -60.77 -0.51 -42.28
N ALA D 117 -60.87 0.44 -43.20
CA ALA D 117 -62.14 0.67 -43.88
C ALA D 117 -62.28 -0.24 -45.11
N VAL D 118 -61.17 -0.47 -45.82
CA VAL D 118 -61.25 -1.25 -47.04
C VAL D 118 -61.15 -2.75 -46.72
N GLN D 119 -60.54 -3.10 -45.59
CA GLN D 119 -60.48 -4.50 -45.18
C GLN D 119 -61.85 -5.05 -44.84
N SER D 120 -62.71 -4.22 -44.23
CA SER D 120 -64.04 -4.69 -43.88
C SER D 120 -64.95 -4.74 -45.10
N ILE D 121 -64.65 -3.98 -46.15
CA ILE D 121 -65.34 -4.15 -47.43
C ILE D 121 -64.95 -5.47 -48.07
N CYS D 122 -63.65 -5.76 -48.06
CA CYS D 122 -63.13 -6.96 -48.69
C CYS D 122 -63.51 -8.22 -47.93
N ASN D 123 -63.71 -8.13 -46.62
CA ASN D 123 -64.29 -9.25 -45.88
C ASN D 123 -65.75 -9.48 -46.24
N ALA D 124 -66.54 -8.43 -46.35
CA ALA D 124 -67.96 -8.57 -46.61
C ALA D 124 -68.27 -8.94 -48.04
N LEU D 125 -67.32 -8.80 -48.95
CA LEU D 125 -67.57 -9.08 -50.36
C LEU D 125 -66.68 -10.16 -50.93
N GLY D 126 -65.90 -10.86 -50.12
CA GLY D 126 -65.17 -12.01 -50.62
C GLY D 126 -63.77 -11.75 -51.11
N VAL D 127 -63.61 -10.69 -51.92
CA VAL D 127 -62.39 -10.30 -52.63
C VAL D 127 -61.23 -10.09 -51.65
N PRO D 128 -60.02 -10.57 -51.95
CA PRO D 128 -58.88 -10.36 -51.02
C PRO D 128 -58.44 -8.91 -50.89
N HIS D 129 -57.61 -8.65 -49.89
CA HIS D 129 -57.16 -7.30 -49.53
C HIS D 129 -55.67 -7.28 -49.25
N ILE D 130 -54.86 -7.65 -50.25
CA ILE D 130 -53.43 -7.85 -50.11
C ILE D 130 -52.73 -6.54 -49.77
N GLN D 131 -52.32 -6.39 -48.51
CA GLN D 131 -51.71 -5.16 -48.01
C GLN D 131 -50.20 -5.19 -48.18
N THR D 132 -49.53 -4.05 -47.97
CA THR D 132 -48.09 -3.96 -48.13
C THR D 132 -47.38 -3.18 -47.03
N ARG D 133 -48.09 -2.68 -46.04
CA ARG D 133 -47.40 -2.01 -44.94
C ARG D 133 -48.21 -2.26 -43.66
N TRP D 134 -47.50 -2.22 -42.53
CA TRP D 134 -48.00 -2.67 -41.24
C TRP D 134 -49.12 -1.75 -40.75
N LYS D 135 -50.31 -2.30 -40.61
CA LYS D 135 -51.38 -1.65 -39.88
C LYS D 135 -51.41 -2.21 -38.46
N HIS D 136 -52.09 -1.52 -37.55
CA HIS D 136 -52.29 -2.05 -36.22
C HIS D 136 -53.37 -3.14 -36.30
N GLN D 137 -52.99 -4.37 -36.01
CA GLN D 137 -53.97 -5.43 -35.93
C GLN D 137 -54.66 -5.35 -34.59
N VAL D 138 -55.99 -5.42 -34.60
CA VAL D 138 -56.80 -5.07 -33.44
C VAL D 138 -56.82 -6.26 -32.49
N SER D 139 -56.49 -7.45 -33.03
CA SER D 139 -56.40 -8.75 -32.36
C SER D 139 -57.73 -9.24 -31.82
N ASP D 140 -58.82 -8.56 -32.17
CA ASP D 140 -60.18 -8.98 -31.84
C ASP D 140 -61.09 -8.83 -33.05
N ASN D 141 -60.53 -8.40 -34.18
CA ASN D 141 -61.25 -8.29 -35.44
C ASN D 141 -61.12 -9.62 -36.18
N LYS D 142 -62.26 -10.25 -36.47
CA LYS D 142 -62.28 -11.58 -37.07
C LYS D 142 -62.40 -11.49 -38.59
N ASP D 143 -61.30 -11.10 -39.23
CA ASP D 143 -61.26 -11.00 -40.68
C ASP D 143 -60.34 -12.08 -41.23
N SER D 144 -60.74 -12.69 -42.35
CA SER D 144 -59.98 -13.78 -42.94
C SER D 144 -59.76 -13.62 -44.43
N PHE D 145 -59.86 -12.40 -44.95
CA PHE D 145 -59.66 -12.07 -46.36
C PHE D 145 -58.56 -11.02 -46.43
N TYR D 146 -57.46 -11.30 -45.76
CA TYR D 146 -56.50 -10.30 -45.31
C TYR D 146 -55.10 -10.87 -45.21
N VAL D 147 -54.19 -10.42 -46.08
CA VAL D 147 -52.78 -10.78 -45.97
C VAL D 147 -51.93 -9.51 -45.99
N SER D 148 -50.80 -9.56 -45.28
CA SER D 148 -49.93 -8.40 -45.11
C SER D 148 -48.49 -8.82 -45.40
N LEU D 149 -47.90 -8.23 -46.45
CA LEU D 149 -46.55 -8.61 -46.83
C LEU D 149 -45.48 -7.84 -46.08
N TYR D 150 -45.85 -6.97 -45.15
CA TYR D 150 -44.83 -6.26 -44.38
C TYR D 150 -44.43 -7.18 -43.25
N PRO D 151 -43.14 -7.24 -42.88
CA PRO D 151 -42.71 -8.12 -41.78
C PRO D 151 -43.32 -7.71 -40.45
N ASP D 152 -44.07 -8.63 -39.85
CA ASP D 152 -44.86 -8.33 -38.68
C ASP D 152 -43.96 -8.04 -37.47
N PHE D 153 -44.31 -7.00 -36.72
CA PHE D 153 -43.48 -6.55 -35.61
C PHE D 153 -43.63 -7.40 -34.35
N SER D 154 -44.32 -8.54 -34.43
CA SER D 154 -44.17 -9.54 -33.38
C SER D 154 -43.08 -10.54 -33.75
N SER D 155 -42.46 -10.35 -34.90
CA SER D 155 -41.32 -11.18 -35.28
C SER D 155 -40.10 -10.33 -35.59
N LEU D 156 -40.31 -9.09 -36.05
CA LEU D 156 -39.17 -8.22 -36.30
C LEU D 156 -38.67 -7.60 -35.01
N SER D 157 -39.49 -7.60 -33.95
CA SER D 157 -39.04 -7.03 -32.69
C SER D 157 -38.46 -8.07 -31.75
N ARG D 158 -38.30 -9.31 -32.23
CA ARG D 158 -37.35 -10.20 -31.60
C ARG D 158 -35.98 -10.08 -32.24
N ALA D 159 -35.94 -9.54 -33.45
CA ALA D 159 -34.66 -9.35 -34.12
C ALA D 159 -33.91 -8.17 -33.53
N ILE D 160 -34.61 -7.08 -33.18
CA ILE D 160 -33.98 -6.00 -32.44
C ILE D 160 -33.63 -6.46 -31.03
N LEU D 161 -34.42 -7.37 -30.48
CA LEU D 161 -34.14 -7.89 -29.15
C LEU D 161 -32.95 -8.86 -29.17
N ASP D 162 -32.72 -9.54 -30.30
CA ASP D 162 -31.57 -10.42 -30.37
C ASP D 162 -30.28 -9.66 -30.59
N LEU D 163 -30.35 -8.47 -31.18
CA LEU D 163 -29.16 -7.65 -31.32
C LEU D 163 -28.77 -6.98 -30.01
N VAL D 164 -29.74 -6.66 -29.16
CA VAL D 164 -29.39 -6.06 -27.87
C VAL D 164 -29.10 -7.12 -26.83
N GLN D 165 -29.15 -8.40 -27.20
CA GLN D 165 -28.62 -9.46 -26.37
C GLN D 165 -27.34 -10.03 -26.95
N PHE D 166 -27.07 -9.76 -28.22
CA PHE D 166 -25.78 -10.11 -28.81
C PHE D 166 -24.72 -9.05 -28.54
N PHE D 167 -25.12 -7.78 -28.52
CA PHE D 167 -24.20 -6.69 -28.22
C PHE D 167 -24.02 -6.48 -26.72
N LYS D 168 -24.77 -7.23 -25.90
CA LYS D 168 -24.70 -7.24 -24.44
C LYS D 168 -24.95 -5.86 -23.85
N TRP D 169 -26.11 -5.29 -24.14
CA TRP D 169 -26.45 -3.96 -23.68
C TRP D 169 -27.23 -4.03 -22.37
N LYS D 170 -27.21 -2.91 -21.63
CA LYS D 170 -28.02 -2.78 -20.43
C LYS D 170 -28.68 -1.40 -20.36
N THR D 171 -28.38 -0.53 -21.34
CA THR D 171 -28.89 0.84 -21.30
C THR D 171 -29.52 1.29 -22.61
N VAL D 172 -30.41 0.48 -23.19
CA VAL D 172 -31.12 0.84 -24.41
C VAL D 172 -31.99 2.07 -24.20
N THR D 173 -32.17 2.86 -25.26
CA THR D 173 -32.83 4.16 -25.15
C THR D 173 -33.77 4.35 -26.35
N VAL D 174 -34.74 3.45 -26.50
CA VAL D 174 -35.73 3.42 -27.58
C VAL D 174 -36.36 4.78 -27.86
N VAL D 175 -36.25 5.24 -29.10
CA VAL D 175 -36.82 6.51 -29.53
C VAL D 175 -37.77 6.21 -30.68
N TYR D 176 -39.07 6.35 -30.45
CA TYR D 176 -40.04 6.11 -31.49
C TYR D 176 -40.44 7.42 -32.15
N ASP D 177 -41.44 7.39 -33.04
CA ASP D 177 -41.79 8.57 -33.80
C ASP D 177 -43.21 9.03 -33.52
N ASP D 178 -44.17 8.12 -33.59
CA ASP D 178 -45.55 8.43 -33.30
C ASP D 178 -46.12 7.35 -32.38
N SER D 179 -47.31 7.62 -31.84
CA SER D 179 -47.94 6.76 -30.84
C SER D 179 -48.25 5.36 -31.35
N THR D 180 -48.49 5.20 -32.65
CA THR D 180 -48.61 3.88 -33.24
C THR D 180 -47.30 3.11 -33.17
N GLY D 181 -46.17 3.82 -33.20
CA GLY D 181 -44.87 3.14 -33.20
C GLY D 181 -44.45 2.64 -31.83
N LEU D 182 -45.31 2.82 -30.83
CA LEU D 182 -45.05 2.21 -29.53
C LEU D 182 -45.52 0.77 -29.52
N ILE D 183 -46.32 0.37 -30.52
CA ILE D 183 -46.81 -0.99 -30.65
C ILE D 183 -45.89 -1.82 -31.54
N ARG D 184 -45.19 -1.17 -32.48
CA ARG D 184 -44.23 -1.89 -33.32
C ARG D 184 -43.06 -2.40 -32.48
N LEU D 185 -42.68 -1.67 -31.44
CA LEU D 185 -41.72 -2.20 -30.49
C LEU D 185 -42.41 -2.73 -29.24
N GLN D 186 -43.38 -3.63 -29.41
CA GLN D 186 -44.13 -4.12 -28.26
C GLN D 186 -43.29 -5.09 -27.44
N GLU D 187 -42.78 -6.14 -28.08
CA GLU D 187 -42.07 -7.16 -27.31
C GLU D 187 -40.62 -6.78 -27.04
N LEU D 188 -40.22 -5.57 -27.41
CA LEU D 188 -39.00 -4.96 -26.91
C LEU D 188 -39.22 -4.20 -25.62
N ILE D 189 -40.39 -3.60 -25.44
CA ILE D 189 -40.71 -2.89 -24.21
C ILE D 189 -40.91 -3.86 -23.05
N LYS D 190 -41.43 -5.06 -23.33
CA LYS D 190 -41.67 -6.05 -22.29
C LYS D 190 -40.42 -6.81 -21.88
N ALA D 191 -39.27 -6.51 -22.47
CA ALA D 191 -38.00 -7.20 -22.22
C ALA D 191 -37.31 -6.96 -20.87
N PRO D 192 -37.39 -5.78 -20.19
CA PRO D 192 -36.86 -5.70 -18.82
C PRO D 192 -37.52 -6.61 -17.80
N SER D 193 -38.72 -7.11 -18.09
CA SER D 193 -39.33 -8.15 -17.27
C SER D 193 -38.52 -9.45 -17.35
N ARG D 194 -38.18 -9.90 -18.56
CA ARG D 194 -37.42 -11.11 -18.73
C ARG D 194 -35.91 -10.88 -18.60
N TYR D 195 -35.34 -10.07 -19.48
CA TYR D 195 -33.89 -9.86 -19.50
C TYR D 195 -33.46 -8.77 -18.54
N ASN D 196 -32.15 -8.53 -18.45
CA ASN D 196 -31.62 -7.44 -17.64
C ASN D 196 -31.33 -6.20 -18.48
N LEU D 197 -32.33 -5.66 -19.17
CA LEU D 197 -32.17 -4.39 -19.88
C LEU D 197 -32.64 -3.26 -18.98
N ARG D 198 -32.46 -2.02 -19.44
CA ARG D 198 -33.05 -0.87 -18.75
C ARG D 198 -33.40 0.18 -19.80
N LEU D 199 -34.66 0.16 -20.24
CA LEU D 199 -35.17 1.05 -21.27
C LEU D 199 -35.30 2.47 -20.75
N LYS D 200 -35.28 3.45 -21.65
CA LYS D 200 -35.46 4.84 -21.25
C LYS D 200 -36.26 5.58 -22.33
N ILE D 201 -37.42 5.00 -22.70
CA ILE D 201 -38.26 5.35 -23.86
C ILE D 201 -38.50 6.85 -24.02
N ARG D 202 -38.18 7.38 -25.20
CA ARG D 202 -38.33 8.79 -25.51
C ARG D 202 -39.14 8.93 -26.80
N GLN D 203 -39.57 10.15 -27.09
CA GLN D 203 -40.38 10.42 -28.27
C GLN D 203 -39.82 11.63 -29.00
N LEU D 204 -39.71 11.53 -30.32
CA LEU D 204 -39.35 12.67 -31.16
C LEU D 204 -40.43 13.73 -31.06
N PRO D 205 -40.10 15.03 -31.18
CA PRO D 205 -41.12 16.08 -31.03
C PRO D 205 -42.19 16.06 -32.11
N ALA D 206 -43.41 16.43 -31.73
CA ALA D 206 -44.57 16.26 -32.60
C ALA D 206 -44.60 17.32 -33.70
N ASP D 207 -44.14 16.90 -34.89
CA ASP D 207 -44.16 17.67 -36.14
C ASP D 207 -43.40 18.99 -36.01
N THR D 208 -42.11 18.91 -35.68
CA THR D 208 -41.25 20.09 -35.69
C THR D 208 -40.03 19.88 -36.58
N LYS D 209 -39.73 18.62 -36.90
CA LYS D 209 -38.58 18.17 -37.71
C LYS D 209 -37.26 18.62 -37.11
N ASP D 210 -37.19 18.79 -35.79
CA ASP D 210 -36.01 19.34 -35.13
C ASP D 210 -35.82 18.64 -33.79
N ALA D 211 -34.97 17.61 -33.78
CA ALA D 211 -34.76 16.80 -32.59
C ALA D 211 -33.59 17.28 -31.74
N LYS D 212 -33.26 18.57 -31.82
CA LYS D 212 -32.19 19.10 -30.99
C LYS D 212 -32.52 19.22 -29.49
N PRO D 213 -33.75 19.59 -29.06
CA PRO D 213 -34.03 19.47 -27.62
C PRO D 213 -34.09 18.03 -27.12
N LEU D 214 -34.30 17.07 -28.00
CA LEU D 214 -34.26 15.67 -27.58
C LEU D 214 -32.83 15.17 -27.48
N LEU D 215 -32.01 15.39 -28.51
CA LEU D 215 -30.65 14.88 -28.53
C LEU D 215 -29.75 15.57 -27.53
N LYS D 216 -30.12 16.78 -27.09
CA LYS D 216 -29.38 17.43 -26.02
C LYS D 216 -29.64 16.74 -24.69
N GLU D 217 -30.85 16.19 -24.51
CA GLU D 217 -31.14 15.42 -23.30
C GLU D 217 -30.55 14.02 -23.39
N MET D 218 -30.30 13.55 -24.60
CA MET D 218 -29.73 12.22 -24.77
C MET D 218 -28.23 12.22 -24.53
N LYS D 219 -27.56 13.33 -24.85
CA LYS D 219 -26.15 13.47 -24.52
C LYS D 219 -25.95 13.70 -23.02
N ARG D 220 -26.72 14.60 -22.43
CA ARG D 220 -26.61 14.93 -21.01
C ARG D 220 -26.96 13.76 -20.10
N GLY D 221 -27.85 12.87 -20.53
CA GLY D 221 -28.20 11.70 -19.76
C GLY D 221 -27.29 10.51 -19.94
N LYS D 222 -26.19 10.68 -20.69
CA LYS D 222 -25.19 9.64 -20.96
C LYS D 222 -25.81 8.41 -21.63
N GLU D 223 -26.47 8.61 -22.77
CA GLU D 223 -27.23 7.57 -23.44
C GLU D 223 -26.51 7.23 -24.74
N PHE D 224 -25.83 6.08 -24.76
CA PHE D 224 -24.93 5.74 -25.86
C PHE D 224 -25.54 4.72 -26.82
N HIS D 225 -26.52 3.96 -26.37
CA HIS D 225 -27.06 2.88 -27.18
C HIS D 225 -28.52 3.18 -27.50
N VAL D 226 -28.80 3.52 -28.76
CA VAL D 226 -30.09 4.08 -29.13
C VAL D 226 -30.78 3.19 -30.17
N ILE D 227 -32.04 2.83 -29.91
CA ILE D 227 -32.86 2.12 -30.87
C ILE D 227 -33.88 3.08 -31.46
N PHE D 228 -33.65 3.58 -32.67
CA PHE D 228 -34.66 4.45 -33.27
C PHE D 228 -35.80 3.65 -33.87
N ASP D 229 -36.97 4.26 -33.96
CA ASP D 229 -38.12 3.70 -34.67
C ASP D 229 -38.75 4.79 -35.53
N CYS D 230 -38.25 4.94 -36.76
CA CYS D 230 -38.67 6.02 -37.63
C CYS D 230 -39.03 5.47 -39.01
N SER D 231 -39.20 6.37 -39.97
CA SER D 231 -39.15 6.00 -41.38
C SER D 231 -37.71 6.16 -41.87
N HIS D 232 -37.52 5.99 -43.18
CA HIS D 232 -36.19 6.22 -43.74
C HIS D 232 -36.03 7.67 -44.17
N GLU D 233 -37.07 8.49 -43.98
CA GLU D 233 -36.98 9.90 -44.32
C GLU D 233 -36.64 10.72 -43.09
N MET D 234 -37.00 10.22 -41.90
CA MET D 234 -36.66 10.95 -40.68
C MET D 234 -35.43 10.36 -40.02
N ALA D 235 -35.00 9.16 -40.41
CA ALA D 235 -33.75 8.62 -39.89
C ALA D 235 -32.56 9.27 -40.58
N ALA D 236 -32.79 9.96 -41.69
CA ALA D 236 -31.76 10.80 -42.28
C ALA D 236 -31.83 12.21 -41.72
N GLY D 237 -32.92 12.52 -41.02
CA GLY D 237 -33.10 13.86 -40.50
C GLY D 237 -32.67 14.00 -39.05
N ILE D 238 -32.57 12.87 -38.34
CA ILE D 238 -32.06 12.93 -36.98
C ILE D 238 -30.70 12.24 -36.89
N LEU D 239 -30.01 12.13 -38.02
CA LEU D 239 -28.57 11.89 -37.98
C LEU D 239 -27.82 13.12 -38.47
N LYS D 240 -28.48 13.94 -39.29
CA LYS D 240 -27.95 15.25 -39.63
C LYS D 240 -28.00 16.19 -38.44
N GLN D 241 -28.91 15.92 -37.50
CA GLN D 241 -28.93 16.68 -36.25
C GLN D 241 -28.22 15.95 -35.13
N ALA D 242 -27.87 14.68 -35.33
CA ALA D 242 -27.02 13.99 -34.35
C ALA D 242 -25.55 14.19 -34.69
N LEU D 243 -25.27 14.87 -35.80
CA LEU D 243 -23.89 15.20 -36.16
C LEU D 243 -23.56 16.63 -35.77
N ALA D 244 -24.54 17.53 -35.88
CA ALA D 244 -24.34 18.91 -35.44
C ALA D 244 -24.28 19.00 -33.92
N MET D 245 -24.89 18.04 -33.22
CA MET D 245 -24.74 17.94 -31.77
C MET D 245 -23.46 17.25 -31.36
N GLY D 246 -22.72 16.69 -32.31
CA GLY D 246 -21.47 16.02 -31.99
C GLY D 246 -21.69 14.68 -31.33
N MET D 247 -22.79 14.03 -31.66
CA MET D 247 -23.10 12.71 -31.13
C MET D 247 -22.74 11.58 -32.08
N MET D 248 -22.00 11.85 -33.16
CA MET D 248 -21.51 10.78 -34.03
C MET D 248 -20.05 10.49 -33.72
N THR D 249 -19.81 10.04 -32.49
CA THR D 249 -18.45 9.73 -32.03
C THR D 249 -18.17 8.25 -32.26
N GLU D 250 -17.12 7.70 -31.66
CA GLU D 250 -16.89 6.26 -31.69
C GLU D 250 -17.52 5.57 -30.48
N TYR D 251 -18.31 6.30 -29.69
CA TYR D 251 -19.03 5.72 -28.56
C TYR D 251 -20.45 5.31 -28.92
N TYR D 252 -21.18 6.17 -29.61
CA TYR D 252 -22.62 6.02 -29.81
C TYR D 252 -22.91 4.90 -30.80
N HIS D 253 -23.74 3.95 -30.40
CA HIS D 253 -24.27 2.92 -31.26
C HIS D 253 -25.66 3.37 -31.70
N TYR D 254 -26.16 2.86 -32.83
CA TYR D 254 -27.51 3.21 -33.26
C TYR D 254 -28.18 2.07 -34.01
N ILE D 255 -29.01 1.28 -33.33
CA ILE D 255 -29.77 0.26 -34.05
C ILE D 255 -31.02 0.88 -34.64
N PHE D 256 -31.14 0.86 -35.96
CA PHE D 256 -32.34 1.37 -36.59
C PHE D 256 -33.36 0.27 -36.77
N THR D 257 -34.62 0.65 -36.96
CA THR D 257 -35.73 -0.29 -37.11
C THR D 257 -36.12 -0.43 -38.58
N THR D 258 -35.88 0.62 -39.35
CA THR D 258 -36.28 0.73 -40.75
C THR D 258 -35.64 -0.36 -41.58
N LEU D 259 -36.38 -0.89 -42.55
CA LEU D 259 -35.86 -1.91 -43.45
C LEU D 259 -35.26 -1.23 -44.67
N ASP D 260 -35.28 0.10 -44.69
CA ASP D 260 -34.64 0.87 -45.74
C ASP D 260 -33.40 1.60 -45.27
N LEU D 261 -32.61 0.99 -44.39
CA LEU D 261 -31.41 1.67 -43.91
C LEU D 261 -30.34 1.68 -44.98
N PHE D 262 -30.42 0.77 -45.94
CA PHE D 262 -29.44 0.69 -47.02
C PHE D 262 -29.54 1.89 -47.96
N ALA D 263 -30.70 2.54 -48.00
CA ALA D 263 -30.87 3.77 -48.79
C ALA D 263 -30.61 5.01 -47.93
N LEU D 264 -29.46 5.05 -47.25
CA LEU D 264 -29.04 6.21 -46.49
C LEU D 264 -27.76 6.77 -47.09
N ASP D 265 -27.68 8.10 -47.17
CA ASP D 265 -26.42 8.75 -47.54
C ASP D 265 -25.50 8.67 -46.33
N VAL D 266 -24.66 7.64 -46.29
CA VAL D 266 -23.88 7.33 -45.11
C VAL D 266 -22.42 7.74 -45.31
N GLU D 267 -22.16 8.48 -46.39
CA GLU D 267 -20.82 8.99 -46.69
C GLU D 267 -20.28 9.99 -45.67
N PRO D 268 -21.05 10.96 -45.12
CA PRO D 268 -20.46 11.79 -44.05
C PRO D 268 -20.25 11.05 -42.74
N TYR D 269 -20.96 9.95 -42.50
CA TYR D 269 -20.90 9.25 -41.23
C TYR D 269 -19.97 8.04 -41.28
N ARG D 270 -19.40 7.75 -42.44
CA ARG D 270 -18.61 6.53 -42.65
C ARG D 270 -17.30 6.54 -41.88
N TYR D 271 -16.65 7.70 -41.77
CA TYR D 271 -15.36 7.80 -41.13
C TYR D 271 -15.42 8.16 -39.65
N SER D 272 -16.63 8.40 -39.12
CA SER D 272 -16.78 8.94 -37.78
C SER D 272 -16.37 7.96 -36.69
N GLY D 273 -16.90 6.74 -36.75
CA GLY D 273 -16.66 5.77 -35.70
C GLY D 273 -17.93 5.18 -35.15
N VAL D 274 -19.08 5.63 -35.65
CA VAL D 274 -20.38 5.11 -35.23
C VAL D 274 -20.59 3.70 -35.75
N ASN D 275 -21.65 3.07 -35.25
CA ASN D 275 -21.87 1.65 -35.41
C ASN D 275 -23.31 1.40 -35.87
N MET D 276 -23.74 2.06 -36.93
CA MET D 276 -25.15 2.09 -37.32
C MET D 276 -25.62 0.73 -37.81
N THR D 277 -26.15 -0.07 -36.90
CA THR D 277 -26.62 -1.41 -37.25
C THR D 277 -28.07 -1.28 -37.69
N GLY D 278 -28.61 -2.25 -38.42
CA GLY D 278 -30.00 -2.20 -38.84
C GLY D 278 -30.42 -3.50 -39.44
N PHE D 279 -31.47 -3.47 -40.25
CA PHE D 279 -31.95 -4.67 -40.91
C PHE D 279 -32.26 -4.36 -42.36
N ARG D 280 -32.30 -5.40 -43.19
CA ARG D 280 -32.54 -5.24 -44.62
C ARG D 280 -33.10 -6.53 -45.16
N ILE D 281 -34.39 -6.51 -45.54
CA ILE D 281 -35.03 -7.69 -46.09
C ILE D 281 -34.84 -7.78 -47.60
N LEU D 282 -34.60 -6.65 -48.27
CA LEU D 282 -34.40 -6.59 -49.71
C LEU D 282 -33.05 -7.21 -50.06
N ASN D 283 -33.07 -8.35 -50.74
CA ASN D 283 -31.83 -9.07 -51.07
C ASN D 283 -31.09 -8.40 -52.21
N THR D 284 -30.27 -7.40 -51.89
CA THR D 284 -29.51 -6.69 -52.91
C THR D 284 -28.24 -7.43 -53.32
N GLU D 285 -28.01 -8.63 -52.78
CA GLU D 285 -26.84 -9.42 -53.15
C GLU D 285 -27.24 -10.56 -54.08
N ASN D 286 -28.53 -10.73 -54.35
CA ASN D 286 -28.97 -11.74 -55.29
C ASN D 286 -28.80 -11.22 -56.71
N THR D 287 -28.69 -12.12 -57.69
CA THR D 287 -28.40 -11.71 -59.05
C THR D 287 -29.65 -11.16 -59.74
N GLN D 288 -30.78 -11.88 -59.60
CA GLN D 288 -32.01 -11.49 -60.29
C GLN D 288 -32.61 -10.22 -59.68
N VAL D 289 -32.43 -10.04 -58.37
CA VAL D 289 -33.02 -8.90 -57.68
C VAL D 289 -32.29 -7.62 -58.05
N SER D 290 -30.96 -7.71 -58.17
CA SER D 290 -30.16 -6.52 -58.47
C SER D 290 -30.38 -6.05 -59.90
N SER D 291 -30.83 -6.95 -60.78
CA SER D 291 -31.17 -6.54 -62.14
C SER D 291 -32.45 -5.74 -62.17
N ILE D 292 -33.41 -6.07 -61.29
CA ILE D 292 -34.70 -5.40 -61.29
C ILE D 292 -34.59 -4.03 -60.60
N ILE D 293 -33.72 -3.93 -59.59
CA ILE D 293 -33.48 -2.65 -58.94
C ILE D 293 -32.79 -1.68 -59.90
N GLU D 294 -31.91 -2.20 -60.76
CA GLU D 294 -31.30 -1.36 -61.78
C GLU D 294 -32.31 -0.98 -62.87
N LYS D 295 -33.28 -1.87 -63.14
CA LYS D 295 -34.37 -1.50 -64.03
C LYS D 295 -35.37 -0.59 -63.35
N TRP D 296 -35.41 -0.60 -62.02
CA TRP D 296 -36.28 0.33 -61.29
C TRP D 296 -35.76 1.76 -61.40
N SER D 297 -34.44 1.94 -61.38
CA SER D 297 -33.88 3.29 -61.42
C SER D 297 -33.98 3.91 -62.81
N MET D 298 -34.29 3.11 -63.83
CA MET D 298 -34.44 3.66 -65.18
C MET D 298 -35.78 4.37 -65.37
N GLU D 299 -36.86 3.84 -64.80
CA GLU D 299 -38.18 4.41 -65.03
C GLU D 299 -38.38 5.70 -64.25
N ARG D 300 -38.15 5.68 -62.94
CA ARG D 300 -38.20 6.93 -62.20
C ARG D 300 -36.82 7.55 -62.07
N LEU D 301 -36.11 7.65 -63.19
CA LEU D 301 -34.87 8.41 -63.29
C LEU D 301 -35.14 9.90 -63.10
N GLN D 302 -36.31 10.36 -63.51
CA GLN D 302 -36.74 11.74 -63.33
C GLN D 302 -37.10 11.96 -61.86
N ALA D 303 -37.18 13.25 -61.47
CA ALA D 303 -37.55 13.74 -60.14
C ALA D 303 -36.67 13.17 -59.04
N PRO D 304 -35.41 13.60 -58.91
CA PRO D 304 -34.56 13.11 -57.82
C PRO D 304 -35.06 13.66 -56.47
N PRO D 305 -35.39 12.77 -55.53
CA PRO D 305 -36.01 13.25 -54.29
C PRO D 305 -35.05 13.93 -53.33
N LYS D 306 -35.13 15.28 -53.31
CA LYS D 306 -34.51 16.22 -52.37
C LYS D 306 -33.02 15.93 -52.13
N PRO D 307 -32.12 16.31 -53.04
CA PRO D 307 -30.71 15.99 -52.84
C PRO D 307 -29.99 16.91 -51.85
N ASP D 308 -30.62 17.21 -50.72
CA ASP D 308 -29.99 17.87 -49.59
C ASP D 308 -30.50 17.22 -48.30
N SER D 309 -31.42 16.26 -48.46
CA SER D 309 -32.05 15.62 -47.31
C SER D 309 -31.14 14.59 -46.67
N GLY D 310 -30.44 13.82 -47.49
CA GLY D 310 -29.57 12.76 -46.97
C GLY D 310 -29.96 11.38 -47.43
N LEU D 311 -30.56 11.28 -48.61
CA LEU D 311 -30.90 9.98 -49.18
C LEU D 311 -30.11 9.77 -50.47
N LEU D 312 -29.96 8.52 -50.87
CA LEU D 312 -29.23 8.22 -52.10
C LEU D 312 -30.14 8.39 -53.31
N ASP D 313 -29.54 8.42 -54.50
CA ASP D 313 -30.23 8.87 -55.71
C ASP D 313 -31.25 7.83 -56.19
N GLY D 314 -30.77 6.65 -56.60
CA GLY D 314 -31.70 5.65 -57.07
C GLY D 314 -31.63 4.32 -56.33
N PHE D 315 -32.66 4.06 -55.52
CA PHE D 315 -32.83 2.80 -54.80
C PHE D 315 -34.33 2.56 -54.61
N MET D 316 -34.71 1.29 -54.56
CA MET D 316 -36.10 0.93 -54.39
C MET D 316 -36.37 0.64 -52.91
N THR D 317 -37.20 1.48 -52.29
CA THR D 317 -37.55 1.36 -50.88
C THR D 317 -38.35 0.09 -50.61
N THR D 318 -38.38 -0.36 -49.35
CA THR D 318 -39.08 -1.60 -49.04
C THR D 318 -40.58 -1.40 -48.91
N ASP D 319 -41.06 -0.16 -49.02
CA ASP D 319 -42.51 0.05 -49.12
C ASP D 319 -42.96 -0.05 -50.56
N ALA D 320 -42.01 -0.15 -51.49
CA ALA D 320 -42.35 -0.35 -52.90
C ALA D 320 -41.86 -1.71 -53.39
N ALA D 321 -40.89 -2.30 -52.69
CA ALA D 321 -40.46 -3.65 -53.02
C ALA D 321 -41.53 -4.67 -52.65
N LEU D 322 -42.28 -4.40 -51.59
CA LEU D 322 -43.35 -5.29 -51.17
C LEU D 322 -44.57 -5.15 -52.07
N MET D 323 -44.76 -3.98 -52.68
CA MET D 323 -45.84 -3.83 -53.65
C MET D 323 -45.49 -4.52 -54.95
N TYR D 324 -44.20 -4.62 -55.27
CA TYR D 324 -43.78 -5.43 -56.41
C TYR D 324 -43.98 -6.91 -56.11
N ASP D 325 -43.70 -7.32 -54.87
CA ASP D 325 -43.87 -8.72 -54.50
C ASP D 325 -45.33 -9.12 -54.36
N ALA D 326 -46.19 -8.17 -53.99
CA ALA D 326 -47.60 -8.50 -53.74
C ALA D 326 -48.34 -8.81 -55.03
N VAL D 327 -47.81 -8.36 -56.17
CA VAL D 327 -48.42 -8.71 -57.45
C VAL D 327 -48.01 -10.11 -57.86
N HIS D 328 -46.77 -10.50 -57.51
CA HIS D 328 -46.27 -11.81 -57.95
C HIS D 328 -46.83 -12.94 -57.10
N VAL D 329 -47.07 -12.70 -55.81
CA VAL D 329 -47.61 -13.74 -54.93
C VAL D 329 -49.03 -14.10 -55.35
N VAL D 330 -49.82 -13.09 -55.71
CA VAL D 330 -51.16 -13.35 -56.22
C VAL D 330 -51.10 -13.92 -57.64
N SER D 331 -50.05 -13.59 -58.38
CA SER D 331 -49.86 -14.16 -59.72
C SER D 331 -49.54 -15.65 -59.65
N VAL D 332 -48.95 -16.10 -58.54
CA VAL D 332 -48.81 -17.53 -58.31
C VAL D 332 -50.17 -18.15 -58.04
N ALA D 333 -51.05 -17.41 -57.33
CA ALA D 333 -52.33 -17.97 -56.92
C ALA D 333 -53.32 -18.02 -58.09
N VAL D 334 -53.18 -17.14 -59.07
CA VAL D 334 -54.06 -17.22 -60.24
C VAL D 334 -53.52 -18.24 -61.24
N GLN D 335 -52.25 -18.62 -61.09
CA GLN D 335 -51.69 -19.68 -61.92
C GLN D 335 -52.24 -21.04 -61.52
N GLN D 336 -52.49 -21.21 -60.22
CA GLN D 336 -53.00 -22.47 -59.68
C GLN D 336 -54.52 -22.53 -59.72
N PHE D 337 -55.17 -21.52 -60.30
CA PHE D 337 -56.63 -21.48 -60.39
C PHE D 337 -57.00 -20.98 -61.78
N PRO D 338 -57.03 -21.87 -62.78
CA PRO D 338 -57.15 -21.42 -64.17
C PRO D 338 -58.58 -21.10 -64.58
N GLN D 339 -59.53 -21.43 -63.71
CA GLN D 339 -60.94 -21.27 -64.03
C GLN D 339 -61.51 -19.99 -63.41
N MET D 340 -60.71 -18.92 -63.38
CA MET D 340 -61.13 -17.70 -62.73
C MET D 340 -61.78 -16.75 -63.72
N THR D 341 -62.99 -16.29 -63.37
CA THR D 341 -63.62 -15.16 -64.03
C THR D 341 -63.68 -14.01 -63.03
N VAL D 342 -64.10 -12.83 -63.49
CA VAL D 342 -64.22 -11.68 -62.60
C VAL D 342 -65.66 -11.21 -62.59
N SER D 343 -66.28 -11.20 -61.40
CA SER D 343 -67.68 -10.81 -61.26
C SER D 343 -67.78 -9.37 -60.79
N SER D 344 -68.93 -8.74 -61.05
CA SER D 344 -69.17 -7.36 -60.63
C SER D 344 -70.04 -7.31 -59.38
N LEU D 345 -69.45 -6.95 -58.25
CA LEU D 345 -70.14 -7.00 -56.96
C LEU D 345 -70.50 -5.61 -56.47
N GLN D 346 -71.79 -5.30 -56.44
CA GLN D 346 -72.26 -4.07 -55.82
C GLN D 346 -72.13 -4.18 -54.31
N CYS D 347 -71.61 -3.13 -53.66
CA CYS D 347 -71.39 -3.17 -52.22
C CYS D 347 -72.62 -2.72 -51.45
N ASN D 348 -73.72 -2.44 -52.13
CA ASN D 348 -74.98 -2.16 -51.46
C ASN D 348 -75.71 -3.46 -51.12
N ARG D 349 -75.75 -4.40 -52.05
CA ARG D 349 -76.24 -5.75 -51.79
C ARG D 349 -75.12 -6.60 -51.20
N HIS D 350 -75.35 -7.12 -49.99
CA HIS D 350 -74.33 -7.91 -49.30
C HIS D 350 -74.25 -9.29 -49.93
N LYS D 351 -73.45 -9.39 -51.00
CA LYS D 351 -73.27 -10.64 -51.74
C LYS D 351 -71.79 -11.00 -51.76
N PRO D 352 -71.42 -12.15 -51.19
CA PRO D 352 -70.03 -12.60 -51.29
C PRO D 352 -69.66 -13.03 -52.70
N TRP D 353 -68.44 -12.71 -53.12
CA TRP D 353 -67.94 -13.12 -54.43
C TRP D 353 -67.78 -14.64 -54.46
N ARG D 354 -68.02 -15.22 -55.65
CA ARG D 354 -68.37 -16.62 -55.82
C ARG D 354 -67.29 -17.58 -55.33
N PHE D 355 -66.15 -17.61 -56.01
CA PHE D 355 -65.00 -18.34 -55.50
C PHE D 355 -64.00 -17.45 -54.76
N GLY D 356 -64.47 -16.67 -53.79
CA GLY D 356 -63.57 -15.86 -53.01
C GLY D 356 -62.96 -16.63 -51.86
N THR D 357 -63.64 -17.68 -51.39
CA THR D 357 -63.15 -18.46 -50.27
C THR D 357 -61.98 -19.34 -50.69
N ARG D 358 -62.08 -19.97 -51.86
CA ARG D 358 -61.01 -20.86 -52.33
C ARG D 358 -59.77 -20.06 -52.75
N PHE D 359 -59.98 -18.94 -53.44
CA PHE D 359 -58.86 -18.15 -53.96
C PHE D 359 -58.11 -17.47 -52.83
N MET D 360 -58.76 -17.24 -51.70
CA MET D 360 -58.06 -16.71 -50.54
C MET D 360 -57.14 -17.77 -49.93
N SER D 361 -57.51 -19.04 -50.06
CA SER D 361 -56.66 -20.09 -49.52
C SER D 361 -55.49 -20.40 -50.45
N LEU D 362 -55.52 -19.87 -51.67
CA LEU D 362 -54.40 -20.08 -52.60
C LEU D 362 -53.38 -18.96 -52.46
N ILE D 363 -53.82 -17.74 -52.15
CA ILE D 363 -52.90 -16.66 -51.83
C ILE D 363 -52.17 -16.94 -50.53
N LYS D 364 -52.91 -17.38 -49.50
CA LYS D 364 -52.35 -17.54 -48.17
C LYS D 364 -51.47 -18.79 -48.06
N GLU D 365 -51.54 -19.68 -49.04
CA GLU D 365 -50.68 -20.86 -49.09
C GLU D 365 -49.77 -20.86 -50.31
N ALA D 366 -49.19 -19.72 -50.63
CA ALA D 366 -48.33 -19.56 -51.80
C ALA D 366 -46.91 -19.23 -51.38
N HIS D 367 -45.95 -19.83 -52.08
CA HIS D 367 -44.55 -19.55 -51.86
C HIS D 367 -43.98 -18.88 -53.10
N TRP D 368 -43.22 -17.81 -52.88
CA TRP D 368 -42.57 -17.09 -53.97
C TRP D 368 -41.36 -16.34 -53.46
N GLU D 369 -40.17 -16.72 -53.89
CA GLU D 369 -38.96 -16.04 -53.45
C GLU D 369 -38.77 -14.78 -54.29
N GLY D 370 -39.46 -13.71 -53.91
CA GLY D 370 -39.42 -12.46 -54.65
C GLY D 370 -38.19 -11.64 -54.33
N LEU D 371 -38.37 -10.31 -54.29
CA LEU D 371 -37.22 -9.44 -54.07
C LEU D 371 -36.92 -9.25 -52.59
N THR D 372 -37.86 -9.64 -51.73
CA THR D 372 -37.71 -9.45 -50.29
C THR D 372 -37.60 -10.79 -49.58
N GLY D 373 -36.79 -11.68 -50.12
CA GLY D 373 -36.61 -13.00 -49.54
C GLY D 373 -37.72 -13.93 -49.94
N ARG D 374 -37.81 -15.03 -49.20
CA ARG D 374 -38.88 -16.00 -49.41
C ARG D 374 -40.16 -15.45 -48.79
N ILE D 375 -41.30 -15.70 -49.44
CA ILE D 375 -42.57 -15.15 -49.00
C ILE D 375 -43.48 -16.33 -48.69
N THR D 376 -43.84 -16.47 -47.41
CA THR D 376 -44.82 -17.46 -46.99
C THR D 376 -45.61 -16.85 -45.83
N PHE D 377 -46.91 -17.07 -45.84
CA PHE D 377 -47.78 -16.42 -44.88
C PHE D 377 -48.12 -17.36 -43.74
N ASN D 378 -48.43 -16.78 -42.59
CA ASN D 378 -48.84 -17.55 -41.43
C ASN D 378 -50.28 -18.00 -41.66
N LYS D 379 -50.56 -19.26 -41.43
CA LYS D 379 -51.88 -19.80 -41.75
C LYS D 379 -52.91 -19.50 -40.68
N THR D 380 -52.48 -19.07 -39.49
CA THR D 380 -53.43 -18.63 -38.48
C THR D 380 -54.00 -17.27 -38.83
N ASN D 381 -53.14 -16.25 -38.90
CA ASN D 381 -53.52 -14.93 -39.36
C ASN D 381 -52.60 -14.50 -40.51
N GLY D 382 -53.15 -13.79 -41.47
CA GLY D 382 -52.41 -13.50 -42.70
C GLY D 382 -51.29 -12.50 -42.55
N LEU D 383 -50.22 -12.89 -41.87
CA LEU D 383 -49.07 -12.02 -41.68
C LEU D 383 -47.82 -12.74 -42.16
N ARG D 384 -46.72 -12.00 -42.35
CA ARG D 384 -45.42 -12.62 -42.57
C ARG D 384 -44.66 -12.71 -41.26
N THR D 385 -44.48 -13.93 -40.77
CA THR D 385 -43.63 -14.19 -39.62
C THR D 385 -42.57 -15.24 -39.91
N ASP D 386 -42.27 -15.48 -41.18
CA ASP D 386 -41.32 -16.51 -41.58
C ASP D 386 -40.37 -15.94 -42.63
N PHE D 387 -39.85 -14.76 -42.36
CA PHE D 387 -39.06 -13.99 -43.31
C PHE D 387 -37.57 -14.05 -42.93
N ASP D 388 -36.71 -13.53 -43.81
CA ASP D 388 -35.25 -13.64 -43.64
C ASP D 388 -34.64 -12.26 -43.81
N LEU D 389 -34.17 -11.68 -42.70
CA LEU D 389 -33.46 -10.42 -42.81
C LEU D 389 -32.03 -10.64 -43.27
N ASP D 390 -31.32 -9.54 -43.47
CA ASP D 390 -29.87 -9.50 -43.66
C ASP D 390 -29.37 -8.33 -42.82
N VAL D 391 -28.88 -8.60 -41.62
CA VAL D 391 -28.49 -7.53 -40.71
C VAL D 391 -27.21 -6.84 -41.19
N ILE D 392 -27.30 -5.53 -41.39
CA ILE D 392 -26.20 -4.76 -41.95
C ILE D 392 -25.68 -3.80 -40.90
N SER D 393 -24.47 -3.31 -41.09
CA SER D 393 -23.85 -2.39 -40.15
C SER D 393 -22.96 -1.41 -40.90
N LEU D 394 -22.48 -0.39 -40.20
CA LEU D 394 -21.65 0.65 -40.81
C LEU D 394 -20.18 0.34 -40.53
N LYS D 395 -19.45 0.03 -41.60
CA LYS D 395 -18.01 -0.11 -41.56
C LYS D 395 -17.41 0.95 -42.48
N GLU D 396 -16.08 1.03 -42.53
CA GLU D 396 -15.44 2.13 -43.24
C GLU D 396 -15.28 1.82 -44.73
N GLU D 397 -16.37 1.35 -45.34
CA GLU D 397 -16.55 1.33 -46.79
C GLU D 397 -18.01 1.53 -47.15
N GLY D 398 -18.86 1.72 -46.15
CA GLY D 398 -20.30 1.81 -46.35
C GLY D 398 -21.08 0.87 -45.47
N LEU D 399 -22.22 0.40 -45.95
CA LEU D 399 -23.09 -0.52 -45.22
C LEU D 399 -22.97 -1.90 -45.83
N GLU D 400 -22.44 -2.85 -45.07
CA GLU D 400 -22.27 -4.21 -45.56
C GLU D 400 -22.94 -5.22 -44.63
N LYS D 401 -23.44 -6.29 -45.24
CA LYS D 401 -24.04 -7.43 -44.55
C LYS D 401 -23.03 -8.12 -43.65
N ILE D 402 -23.38 -8.29 -42.38
CA ILE D 402 -22.48 -8.92 -41.42
C ILE D 402 -23.14 -10.12 -40.76
N GLY D 403 -24.34 -10.48 -41.19
CA GLY D 403 -25.02 -11.60 -40.59
C GLY D 403 -26.33 -11.91 -41.30
N THR D 404 -27.19 -12.64 -40.59
CA THR D 404 -28.46 -13.11 -41.12
C THR D 404 -29.41 -13.45 -39.98
N TRP D 405 -30.65 -12.98 -40.03
CA TRP D 405 -31.65 -13.36 -39.04
C TRP D 405 -32.54 -14.45 -39.64
N ASP D 406 -33.35 -15.08 -38.79
CA ASP D 406 -34.31 -16.12 -39.14
C ASP D 406 -35.20 -16.32 -37.92
N PRO D 407 -36.50 -16.62 -38.08
CA PRO D 407 -37.37 -16.78 -36.90
C PRO D 407 -37.08 -18.05 -36.12
N ALA D 408 -36.86 -19.15 -36.84
CA ALA D 408 -36.59 -20.43 -36.20
C ALA D 408 -35.17 -20.49 -35.67
N SER D 409 -34.22 -19.92 -36.41
CA SER D 409 -32.81 -20.05 -36.08
C SER D 409 -32.36 -19.03 -35.04
N GLY D 410 -32.59 -17.76 -35.31
CA GLY D 410 -31.96 -16.71 -34.52
C GLY D 410 -30.86 -16.07 -35.31
N LEU D 411 -29.98 -15.35 -34.62
CA LEU D 411 -28.87 -14.68 -35.28
C LEU D 411 -27.85 -15.66 -35.83
N ASN D 412 -27.61 -15.56 -37.14
CA ASN D 412 -26.60 -16.32 -37.87
C ASN D 412 -25.41 -15.38 -38.09
N MET D 413 -25.19 -14.50 -37.11
CA MET D 413 -24.35 -13.32 -37.26
C MET D 413 -22.87 -13.72 -37.21
N THR D 414 -21.97 -12.75 -37.36
CA THR D 414 -20.51 -12.94 -37.46
C THR D 414 -20.20 -13.85 -38.64
N GLU D 415 -20.36 -13.31 -39.85
CA GLU D 415 -20.28 -13.99 -41.14
C GLU D 415 -18.93 -14.71 -41.38
N ASN D 430 1.43 -24.99 -29.70
CA ASN D 430 1.71 -24.80 -31.12
C ASN D 430 2.53 -25.95 -31.66
N ARG D 431 3.65 -25.67 -32.33
CA ARG D 431 4.49 -26.74 -32.87
C ARG D 431 5.10 -27.56 -31.73
N SER D 432 6.02 -27.02 -30.91
CA SER D 432 6.21 -27.53 -29.57
C SER D 432 6.19 -26.39 -28.58
N LEU D 433 7.31 -25.66 -28.38
CA LEU D 433 7.55 -24.60 -27.40
C LEU D 433 9.04 -24.22 -27.43
N ILE D 434 9.43 -23.25 -26.60
CA ILE D 434 10.83 -23.03 -26.23
C ILE D 434 10.88 -23.00 -24.70
N VAL D 435 11.77 -23.78 -24.10
CA VAL D 435 11.96 -23.74 -22.63
C VAL D 435 13.34 -23.17 -22.38
N THR D 436 13.51 -22.60 -21.18
CA THR D 436 14.81 -22.17 -20.69
C THR D 436 14.87 -22.29 -19.17
N THR D 437 16.03 -22.70 -18.66
CA THR D 437 16.21 -22.95 -17.22
C THR D 437 17.59 -22.51 -16.74
N ILE D 438 17.85 -22.71 -15.44
CA ILE D 438 19.19 -22.61 -14.87
C ILE D 438 19.60 -24.01 -14.45
N LEU D 439 20.90 -24.28 -14.37
CA LEU D 439 21.39 -25.53 -13.80
C LEU D 439 21.50 -25.32 -12.30
N GLU D 440 20.62 -25.99 -11.54
CA GLU D 440 20.53 -25.77 -10.11
C GLU D 440 19.97 -27.03 -9.46
N GLU D 441 20.55 -27.42 -8.32
CA GLU D 441 20.28 -28.68 -7.64
C GLU D 441 18.85 -28.83 -7.11
N PRO D 442 18.21 -30.00 -7.30
CA PRO D 442 18.72 -30.96 -8.28
C PRO D 442 18.17 -30.65 -9.66
N TYR D 443 16.85 -30.70 -9.78
CA TYR D 443 15.93 -29.96 -10.65
C TYR D 443 16.21 -29.96 -12.15
N VAL D 444 17.50 -29.94 -12.52
CA VAL D 444 18.07 -30.04 -13.87
C VAL D 444 19.48 -30.58 -13.66
N LEU D 445 19.78 -31.77 -14.17
CA LEU D 445 21.11 -32.35 -14.05
C LEU D 445 21.38 -33.28 -15.22
N PHE D 446 22.57 -33.21 -15.81
CA PHE D 446 22.86 -34.01 -16.99
C PHE D 446 23.23 -35.44 -16.64
N LYS D 447 23.02 -36.36 -17.57
CA LYS D 447 23.58 -37.70 -17.49
C LYS D 447 25.11 -37.62 -17.51
N LYS D 448 25.75 -38.14 -16.46
CA LYS D 448 27.19 -37.98 -16.30
C LYS D 448 27.97 -39.04 -17.07
N SER D 449 27.31 -39.78 -17.96
CA SER D 449 27.98 -40.60 -18.94
C SER D 449 28.76 -39.70 -19.89
N ASP D 450 30.00 -40.06 -20.20
CA ASP D 450 30.89 -39.18 -20.93
C ASP D 450 30.47 -39.07 -22.39
N LYS D 451 29.65 -38.06 -22.68
CA LYS D 451 29.01 -37.84 -23.96
C LYS D 451 29.16 -36.36 -24.32
N PRO D 452 28.92 -35.94 -25.59
CA PRO D 452 28.86 -34.51 -25.87
C PRO D 452 27.61 -33.85 -25.33
N LEU D 453 27.44 -32.55 -25.60
CA LEU D 453 26.30 -31.81 -25.10
C LEU D 453 25.06 -32.28 -25.87
N TYR D 454 24.16 -32.93 -25.14
CA TYR D 454 22.82 -33.18 -25.65
C TYR D 454 21.87 -32.15 -25.06
N GLY D 455 22.09 -30.87 -25.33
CA GLY D 455 21.25 -29.85 -24.74
C GLY D 455 19.83 -29.88 -25.27
N ASN D 456 18.90 -30.28 -24.37
CA ASN D 456 17.51 -30.80 -24.52
C ASN D 456 17.45 -32.33 -24.78
N ASP D 457 18.53 -33.04 -24.46
CA ASP D 457 18.40 -34.49 -24.29
C ASP D 457 19.30 -34.98 -23.15
N ARG D 458 20.13 -34.11 -22.59
CA ARG D 458 21.10 -34.53 -21.59
C ARG D 458 20.60 -34.42 -20.16
N PHE D 459 19.76 -33.45 -19.85
CA PHE D 459 19.45 -33.10 -18.47
C PHE D 459 18.27 -33.92 -17.98
N GLU D 460 18.52 -34.75 -16.97
CA GLU D 460 17.45 -35.25 -16.10
C GLU D 460 17.33 -34.26 -14.94
N GLY D 461 16.58 -34.61 -13.91
CA GLY D 461 16.24 -33.66 -12.86
C GLY D 461 14.74 -33.53 -12.73
N TYR D 462 14.36 -32.78 -11.70
CA TYR D 462 12.96 -32.78 -11.27
C TYR D 462 12.00 -32.09 -12.23
N CYS D 463 12.23 -30.82 -12.54
CA CYS D 463 11.28 -30.09 -13.37
C CYS D 463 11.33 -30.50 -14.84
N ILE D 464 12.42 -31.13 -15.26
CA ILE D 464 12.59 -31.55 -16.65
C ILE D 464 12.05 -32.95 -16.87
N ASP D 465 12.22 -33.84 -15.89
CA ASP D 465 11.44 -35.08 -15.92
C ASP D 465 9.96 -34.81 -15.68
N LEU D 466 9.64 -33.74 -14.97
CA LEU D 466 8.28 -33.19 -15.01
C LEU D 466 7.94 -32.73 -16.42
N LEU D 467 8.85 -31.97 -17.05
CA LEU D 467 8.65 -31.54 -18.44
C LEU D 467 8.65 -32.71 -19.40
N ARG D 468 9.38 -33.79 -19.08
CA ARG D 468 9.24 -35.04 -19.81
C ARG D 468 7.81 -35.57 -19.69
N GLU D 469 7.21 -35.45 -18.51
CA GLU D 469 5.81 -35.84 -18.36
C GLU D 469 4.86 -34.74 -18.81
N LEU D 470 5.32 -33.49 -18.90
CA LEU D 470 4.57 -32.50 -19.67
C LEU D 470 4.49 -32.91 -21.14
N SER D 471 5.57 -33.52 -21.66
CA SER D 471 5.59 -33.95 -23.04
C SER D 471 4.78 -35.22 -23.27
N THR D 472 4.33 -35.87 -22.20
CA THR D 472 3.60 -37.13 -22.35
C THR D 472 2.17 -36.90 -22.82
N ILE D 473 1.36 -36.18 -22.03
CA ILE D 473 -0.05 -36.01 -22.35
C ILE D 473 -0.25 -34.77 -23.21
N LEU D 474 0.69 -33.82 -23.13
CA LEU D 474 0.67 -32.69 -24.04
C LEU D 474 1.84 -32.82 -25.00
N GLY D 475 1.55 -33.16 -26.25
CA GLY D 475 2.59 -33.54 -27.18
C GLY D 475 3.51 -32.43 -27.65
N PHE D 476 4.77 -32.46 -27.20
CA PHE D 476 5.76 -31.55 -27.75
C PHE D 476 7.16 -32.16 -27.81
N THR D 477 8.13 -31.35 -28.24
CA THR D 477 9.56 -31.67 -28.19
C THR D 477 10.26 -30.48 -27.54
N TYR D 478 10.88 -30.70 -26.39
CA TYR D 478 11.39 -29.58 -25.62
C TYR D 478 12.76 -29.14 -26.11
N GLU D 479 13.12 -27.89 -25.76
CA GLU D 479 14.29 -27.20 -26.28
C GLU D 479 15.03 -26.50 -25.15
N ILE D 480 15.51 -27.28 -24.17
CA ILE D 480 16.26 -26.77 -23.01
C ILE D 480 17.40 -25.86 -23.44
N ARG D 481 17.30 -24.60 -23.00
CA ARG D 481 18.32 -23.58 -23.25
C ARG D 481 18.79 -23.02 -21.91
N LEU D 482 20.06 -23.30 -21.59
CA LEU D 482 20.65 -22.80 -20.36
C LEU D 482 20.80 -21.29 -20.49
N VAL D 483 19.99 -20.54 -19.74
CA VAL D 483 19.92 -19.09 -19.88
C VAL D 483 21.22 -18.51 -19.33
N GLU D 484 21.67 -17.39 -19.92
CA GLU D 484 23.01 -16.88 -19.68
C GLU D 484 23.15 -16.32 -18.26
N ASP D 485 22.32 -15.35 -17.89
CA ASP D 485 22.46 -14.71 -16.59
C ASP D 485 21.12 -14.10 -16.18
N GLY D 486 21.12 -13.22 -15.19
CA GLY D 486 19.90 -12.66 -14.66
C GLY D 486 19.61 -13.07 -13.23
N LYS D 487 20.45 -13.93 -12.66
CA LYS D 487 20.53 -14.20 -11.22
C LYS D 487 19.25 -14.83 -10.69
N TYR D 488 18.68 -15.73 -11.50
CA TYR D 488 17.56 -16.60 -11.13
C TYR D 488 16.29 -15.76 -10.88
N GLY D 489 16.26 -14.56 -11.46
CA GLY D 489 15.13 -13.65 -11.30
C GLY D 489 15.45 -12.51 -10.35
N ALA D 490 15.22 -11.27 -10.77
CA ALA D 490 15.65 -10.12 -9.98
C ALA D 490 14.78 -8.92 -10.34
N GLN D 491 15.09 -7.79 -9.70
CA GLN D 491 14.42 -6.52 -9.95
C GLN D 491 15.29 -5.35 -9.55
N ASP D 492 15.52 -4.42 -10.48
CA ASP D 492 16.34 -3.25 -10.19
C ASP D 492 15.41 -2.07 -9.91
N ASP D 493 15.98 -0.91 -9.56
CA ASP D 493 15.15 0.28 -9.38
C ASP D 493 15.52 1.31 -10.44
N VAL D 494 16.67 1.11 -11.09
CA VAL D 494 17.22 2.06 -12.05
C VAL D 494 16.49 1.95 -13.38
N ASN D 495 16.55 0.76 -13.99
CA ASN D 495 15.94 0.53 -15.30
C ASN D 495 14.71 -0.37 -15.25
N GLY D 496 14.47 -1.05 -14.13
CA GLY D 496 13.39 -2.01 -14.07
C GLY D 496 13.69 -3.24 -14.89
N GLN D 497 14.92 -3.75 -14.75
CA GLN D 497 15.39 -4.90 -15.52
C GLN D 497 14.86 -6.16 -14.87
N TRP D 498 13.90 -6.81 -15.53
CA TRP D 498 13.35 -8.09 -15.08
C TRP D 498 14.20 -9.25 -15.56
N ASN D 499 15.51 -9.24 -15.33
CA ASN D 499 16.42 -10.17 -16.00
C ASN D 499 16.28 -11.62 -15.56
N GLY D 500 16.93 -12.52 -16.29
CA GLY D 500 16.80 -13.94 -16.05
C GLY D 500 15.93 -14.61 -17.09
N MET D 501 15.21 -15.65 -16.68
CA MET D 501 14.25 -16.27 -17.58
C MET D 501 13.09 -15.35 -17.90
N VAL D 502 12.67 -14.53 -16.94
CA VAL D 502 11.46 -13.74 -17.12
C VAL D 502 11.67 -12.63 -18.15
N ARG D 503 12.87 -12.02 -18.22
CA ARG D 503 13.17 -11.14 -19.36
C ARG D 503 13.24 -11.91 -20.66
N GLU D 504 13.83 -13.10 -20.63
CA GLU D 504 13.81 -14.02 -21.77
C GLU D 504 12.38 -14.43 -22.10
N LEU D 505 11.49 -14.39 -21.11
CA LEU D 505 10.06 -14.54 -21.39
C LEU D 505 9.32 -13.20 -21.54
N ILE D 506 9.91 -12.05 -21.17
CA ILE D 506 9.28 -10.78 -21.53
C ILE D 506 9.31 -10.58 -23.03
N ASP D 507 10.48 -10.74 -23.64
CA ASP D 507 10.68 -10.53 -25.06
C ASP D 507 10.17 -11.68 -25.93
N HIS D 508 9.61 -12.73 -25.30
CA HIS D 508 9.04 -13.90 -25.97
C HIS D 508 10.05 -14.63 -26.84
N LYS D 509 11.34 -14.51 -26.51
CA LYS D 509 12.38 -15.24 -27.23
C LYS D 509 12.31 -16.70 -26.80
N ALA D 510 11.94 -16.93 -25.55
CA ALA D 510 11.56 -18.26 -25.10
C ALA D 510 10.03 -18.35 -25.07
N ASP D 511 9.52 -19.51 -24.68
CA ASP D 511 8.09 -19.71 -24.50
C ASP D 511 7.75 -20.28 -23.14
N LEU D 512 8.71 -20.89 -22.43
CA LEU D 512 8.37 -21.59 -21.20
C LEU D 512 9.57 -21.71 -20.28
N ALA D 513 9.32 -22.05 -19.01
CA ALA D 513 10.38 -22.38 -18.05
C ALA D 513 9.86 -23.32 -16.98
N VAL D 514 10.19 -24.61 -17.07
CA VAL D 514 9.97 -25.51 -15.93
C VAL D 514 11.01 -25.20 -14.87
N ALA D 515 10.62 -24.38 -13.92
CA ALA D 515 11.66 -23.69 -13.18
C ALA D 515 11.41 -23.71 -11.69
N PRO D 516 12.45 -23.48 -10.90
CA PRO D 516 12.26 -23.08 -9.50
C PRO D 516 12.05 -21.58 -9.37
N LEU D 517 11.72 -20.91 -10.48
CA LEU D 517 11.14 -19.59 -10.42
C LEU D 517 9.81 -19.67 -9.70
N ALA D 518 9.61 -18.75 -8.76
CA ALA D 518 8.55 -18.90 -7.75
C ALA D 518 7.58 -17.72 -7.83
N ILE D 519 6.35 -17.98 -7.40
CA ILE D 519 5.28 -17.00 -7.44
C ILE D 519 5.58 -15.84 -6.51
N THR D 520 5.67 -14.63 -7.06
CA THR D 520 5.76 -13.40 -6.30
C THR D 520 4.80 -12.43 -6.96
N TYR D 521 4.21 -11.55 -6.15
CA TYR D 521 3.23 -10.59 -6.69
C TYR D 521 3.86 -9.61 -7.67
N VAL D 522 5.12 -9.23 -7.47
CA VAL D 522 5.80 -8.45 -8.48
C VAL D 522 6.05 -9.29 -9.73
N ARG D 523 6.35 -10.59 -9.56
CA ARG D 523 6.54 -11.45 -10.72
C ARG D 523 5.20 -11.82 -11.34
N GLU D 524 4.10 -11.57 -10.63
CA GLU D 524 2.77 -11.78 -11.18
C GLU D 524 2.34 -10.58 -12.04
N LYS D 525 3.11 -9.48 -12.01
CA LYS D 525 2.77 -8.31 -12.81
C LYS D 525 3.11 -8.53 -14.29
N VAL D 526 4.38 -8.85 -14.58
CA VAL D 526 4.86 -8.84 -15.95
C VAL D 526 4.84 -10.20 -16.62
N ILE D 527 4.73 -11.29 -15.86
CA ILE D 527 4.33 -12.60 -16.38
C ILE D 527 3.28 -13.11 -15.42
N ASP D 528 2.80 -14.33 -15.63
CA ASP D 528 2.05 -15.04 -14.61
C ASP D 528 2.51 -16.50 -14.58
N PHE D 529 2.73 -17.02 -13.38
CA PHE D 529 3.12 -18.41 -13.21
C PHE D 529 1.92 -19.32 -13.40
N SER D 530 2.14 -20.62 -13.22
CA SER D 530 1.05 -21.54 -13.43
C SER D 530 0.30 -21.82 -12.14
N LYS D 531 0.95 -22.52 -11.19
CA LYS D 531 0.41 -23.03 -9.93
C LYS D 531 1.57 -23.42 -9.02
N PRO D 532 1.37 -23.40 -7.69
CA PRO D 532 2.37 -23.99 -6.80
C PRO D 532 2.32 -25.51 -6.79
N PHE D 533 3.05 -26.15 -7.71
CA PHE D 533 3.17 -27.60 -7.72
C PHE D 533 3.90 -28.11 -6.49
N MET D 534 4.78 -27.28 -5.94
CA MET D 534 5.41 -27.54 -4.64
C MET D 534 5.55 -26.22 -3.90
N THR D 535 4.84 -26.09 -2.78
CA THR D 535 5.00 -24.93 -1.92
C THR D 535 6.15 -25.17 -0.94
N LEU D 536 6.66 -24.08 -0.38
CA LEU D 536 7.95 -24.06 0.30
C LEU D 536 8.03 -22.80 1.17
N GLY D 537 9.23 -22.50 1.63
CA GLY D 537 9.44 -21.33 2.47
C GLY D 537 10.91 -21.08 2.70
N ILE D 538 11.24 -19.81 2.89
CA ILE D 538 12.61 -19.41 3.18
C ILE D 538 12.93 -19.83 4.61
N SER D 539 14.10 -20.43 4.79
CA SER D 539 14.62 -20.69 6.13
C SER D 539 16.14 -20.63 6.09
N ILE D 540 16.76 -20.66 7.27
CA ILE D 540 18.19 -20.45 7.35
C ILE D 540 18.90 -21.80 7.36
N LEU D 541 20.04 -21.86 6.67
CA LEU D 541 20.85 -23.06 6.60
C LEU D 541 22.14 -22.83 7.36
N TYR D 542 22.33 -23.56 8.46
CA TYR D 542 23.45 -23.30 9.35
C TYR D 542 24.10 -24.61 9.77
N ARG D 543 25.43 -24.58 9.88
CA ARG D 543 26.23 -25.72 10.30
C ARG D 543 25.89 -26.09 11.73
N LYS D 544 25.64 -27.38 11.99
CA LYS D 544 25.56 -27.83 13.38
C LYS D 544 26.97 -27.75 13.95
N PRO D 545 27.16 -26.93 15.01
CA PRO D 545 28.51 -26.41 15.31
C PRO D 545 29.60 -27.42 15.68
N ASN D 546 29.51 -28.05 16.85
CA ASN D 546 30.54 -29.04 17.18
C ASN D 546 30.01 -30.38 17.69
N GLY D 547 29.13 -30.33 18.69
CA GLY D 547 28.92 -31.46 19.59
C GLY D 547 29.67 -31.20 20.90
N THR D 548 30.62 -30.28 20.78
CA THR D 548 31.41 -29.54 21.78
C THR D 548 32.49 -30.33 22.50
N ASN D 549 32.45 -31.66 22.41
CA ASN D 549 33.38 -32.57 23.08
C ASN D 549 33.67 -32.17 24.53
N PRO D 550 32.72 -32.37 25.47
CA PRO D 550 32.75 -31.68 26.77
C PRO D 550 33.91 -32.01 27.69
N GLY D 551 34.72 -32.99 27.33
CA GLY D 551 35.89 -33.33 28.13
C GLY D 551 35.58 -34.36 29.18
N VAL D 552 36.37 -35.43 29.25
CA VAL D 552 36.08 -36.50 30.19
C VAL D 552 36.54 -36.08 31.58
N PHE D 553 37.46 -35.13 31.66
CA PHE D 553 37.91 -34.57 32.93
C PHE D 553 37.26 -33.22 33.21
N SER D 554 35.97 -33.08 32.90
CA SER D 554 35.33 -31.77 32.99
C SER D 554 35.08 -31.33 34.43
N PHE D 555 35.15 -32.27 35.38
CA PHE D 555 35.14 -31.91 36.79
C PHE D 555 36.45 -31.24 37.16
N LEU D 556 37.50 -31.55 36.39
CA LEU D 556 38.80 -30.94 36.59
C LEU D 556 38.95 -29.69 35.73
N ASN D 557 37.94 -29.37 34.90
CA ASN D 557 37.93 -28.09 34.20
C ASN D 557 37.80 -26.85 35.10
N PRO D 558 37.18 -26.92 36.32
CA PRO D 558 37.42 -25.85 37.30
C PRO D 558 38.83 -25.89 37.88
N LEU D 559 39.06 -25.09 38.92
CA LEU D 559 40.30 -24.38 39.26
C LEU D 559 41.62 -25.01 38.82
N SER D 560 42.46 -24.15 38.20
CA SER D 560 43.58 -24.46 37.29
C SER D 560 44.45 -25.63 37.72
N PRO D 561 44.90 -26.47 36.78
CA PRO D 561 45.51 -27.78 37.16
C PRO D 561 46.83 -27.69 37.91
N ASP D 562 47.44 -26.51 38.02
CA ASP D 562 48.57 -26.35 38.91
C ASP D 562 48.13 -26.42 40.37
N ILE D 563 46.91 -25.96 40.66
CA ILE D 563 46.41 -25.92 42.04
C ILE D 563 46.20 -27.33 42.56
N TRP D 564 45.78 -28.24 41.68
CA TRP D 564 45.61 -29.64 42.06
C TRP D 564 46.96 -30.29 42.35
N MET D 565 48.02 -29.78 41.74
CA MET D 565 49.37 -30.17 42.15
C MET D 565 49.79 -29.41 43.41
N TYR D 566 49.24 -28.22 43.61
CA TYR D 566 49.64 -27.41 44.76
C TYR D 566 48.98 -27.89 46.05
N VAL D 567 47.71 -28.28 45.97
CA VAL D 567 47.00 -28.77 47.14
C VAL D 567 47.55 -30.13 47.57
N LEU D 568 47.82 -30.98 46.58
CA LEU D 568 48.38 -32.31 46.86
C LEU D 568 49.80 -32.21 47.41
N LEU D 569 50.55 -31.20 46.98
CA LEU D 569 51.85 -30.94 47.58
C LEU D 569 51.68 -30.45 49.02
N ALA D 570 50.64 -29.64 49.26
CA ALA D 570 50.34 -29.23 50.62
C ALA D 570 49.65 -30.34 51.39
N CYS D 571 49.05 -31.30 50.70
CA CYS D 571 48.44 -32.45 51.37
C CYS D 571 49.51 -33.34 52.00
N LEU D 572 50.49 -33.75 51.19
CA LEU D 572 51.64 -34.49 51.72
C LEU D 572 52.49 -33.61 52.62
N GLY D 573 52.60 -32.33 52.29
CA GLY D 573 53.51 -31.42 52.97
C GLY D 573 53.12 -31.07 54.38
N VAL D 574 51.87 -30.64 54.59
CA VAL D 574 51.40 -30.30 55.93
C VAL D 574 51.33 -31.54 56.81
N SER D 575 50.86 -32.66 56.26
CA SER D 575 50.78 -33.93 56.98
C SER D 575 52.14 -34.45 57.39
N CYS D 576 53.17 -34.21 56.59
CA CYS D 576 54.53 -34.53 57.00
C CYS D 576 54.97 -33.63 58.15
N VAL D 577 54.65 -32.33 58.07
CA VAL D 577 54.92 -31.42 59.17
C VAL D 577 54.06 -31.77 60.37
N LEU D 578 52.83 -32.23 60.12
CA LEU D 578 51.95 -32.70 61.19
C LEU D 578 52.53 -33.95 61.85
N PHE D 579 53.22 -34.79 61.09
CA PHE D 579 53.79 -36.01 61.64
C PHE D 579 55.08 -35.75 62.41
N VAL D 580 55.90 -34.82 61.92
CA VAL D 580 57.14 -34.44 62.60
C VAL D 580 56.81 -33.78 63.94
N ILE D 581 55.78 -32.93 63.94
CA ILE D 581 55.37 -32.27 65.18
C ILE D 581 54.59 -33.25 66.05
N ALA D 582 54.16 -34.37 65.48
CA ALA D 582 53.58 -35.45 66.28
C ALA D 582 54.67 -36.28 66.94
N ARG D 583 55.79 -36.49 66.25
CA ARG D 583 56.88 -37.27 66.81
C ARG D 583 57.57 -36.53 67.94
N PHE D 584 57.46 -35.20 67.97
CA PHE D 584 57.98 -34.40 69.06
C PHE D 584 57.18 -34.68 70.33
N SER D 585 55.86 -34.88 70.16
CA SER D 585 54.88 -35.39 71.13
C SER D 585 54.95 -34.76 72.52
N PRO D 586 54.54 -33.50 72.69
CA PRO D 586 54.55 -32.94 74.05
C PRO D 586 53.50 -33.57 74.97
N TYR D 587 52.25 -33.59 74.55
CA TYR D 587 51.12 -33.93 75.41
C TYR D 587 50.18 -34.90 74.71
N GLU D 588 50.68 -35.60 73.68
CA GLU D 588 49.82 -36.38 72.79
C GLU D 588 49.81 -37.86 73.18
N TRP D 589 49.88 -38.14 74.47
CA TRP D 589 49.86 -39.52 74.95
C TRP D 589 48.61 -39.74 75.81
N TYR D 590 47.65 -40.50 75.30
CA TYR D 590 46.48 -40.89 76.07
C TYR D 590 46.15 -42.35 75.81
N ASN D 591 46.41 -43.17 76.82
CA ASN D 591 46.30 -44.63 76.76
C ASN D 591 44.88 -45.11 76.59
N PRO D 592 44.68 -46.28 75.98
CA PRO D 592 43.40 -46.98 76.13
C PRO D 592 43.25 -47.65 77.49
N HIS D 593 44.35 -47.76 78.25
CA HIS D 593 44.33 -48.35 79.58
C HIS D 593 44.73 -47.31 80.63
N PRO D 594 43.79 -46.50 81.14
CA PRO D 594 44.13 -45.68 82.32
C PRO D 594 43.97 -46.42 83.62
N CYS D 595 43.56 -47.69 83.56
CA CYS D 595 43.56 -48.56 84.75
C CYS D 595 44.98 -48.82 85.20
N ASN D 596 45.92 -48.86 84.25
CA ASN D 596 47.33 -48.90 84.57
C ASN D 596 47.92 -47.52 84.27
N PRO D 597 48.10 -46.66 85.28
CA PRO D 597 48.51 -45.28 85.01
C PRO D 597 50.00 -45.09 84.81
N ASP D 598 50.76 -46.16 84.59
CA ASP D 598 52.20 -46.09 84.39
C ASP D 598 52.55 -45.68 82.97
N SER D 599 53.81 -45.86 82.61
CA SER D 599 54.24 -45.68 81.22
C SER D 599 53.88 -46.91 80.40
N ASP D 600 54.34 -46.94 79.15
CA ASP D 600 54.24 -48.01 78.17
C ASP D 600 52.81 -48.30 77.69
N VAL D 601 51.82 -47.55 78.19
CA VAL D 601 50.45 -47.66 77.68
C VAL D 601 50.06 -46.34 77.03
N VAL D 602 50.53 -45.23 77.60
CA VAL D 602 50.36 -43.92 76.99
C VAL D 602 51.26 -43.86 75.76
N GLU D 603 50.69 -43.47 74.62
CA GLU D 603 51.40 -43.61 73.37
C GLU D 603 51.00 -42.51 72.40
N ASN D 604 51.90 -42.21 71.47
CA ASN D 604 51.65 -41.21 70.44
C ASN D 604 50.71 -41.84 69.42
N ASN D 605 49.45 -41.40 69.42
CA ASN D 605 48.38 -42.03 68.65
C ASN D 605 48.59 -41.88 67.15
N PHE D 606 49.42 -40.93 66.73
CA PHE D 606 49.78 -40.74 65.34
C PHE D 606 50.69 -41.87 64.86
N THR D 607 50.75 -42.02 63.54
CA THR D 607 51.85 -42.68 62.85
C THR D 607 51.94 -42.06 61.47
N LEU D 608 52.89 -42.57 60.66
CA LEU D 608 53.10 -41.99 59.34
C LEU D 608 51.93 -42.31 58.41
N LEU D 609 51.25 -43.43 58.66
CA LEU D 609 50.04 -43.74 57.90
C LEU D 609 48.87 -42.90 58.37
N ASN D 610 48.73 -42.73 59.69
CA ASN D 610 47.57 -42.01 60.24
C ASN D 610 47.67 -40.52 59.99
N SER D 611 48.89 -39.96 60.02
CA SER D 611 49.07 -38.55 59.74
C SER D 611 48.72 -38.23 58.29
N PHE D 612 49.08 -39.13 57.37
CA PHE D 612 48.55 -39.06 56.02
C PHE D 612 47.04 -39.28 55.99
N TRP D 613 46.52 -40.11 56.89
CA TRP D 613 45.09 -40.42 56.89
C TRP D 613 44.28 -39.25 57.44
N PHE D 614 44.87 -38.45 58.32
CA PHE D 614 44.21 -37.21 58.74
C PHE D 614 44.31 -36.15 57.65
N GLY D 615 45.31 -36.26 56.79
CA GLY D 615 45.51 -35.27 55.75
C GLY D 615 44.58 -35.44 54.57
N VAL D 616 43.80 -36.52 54.57
CA VAL D 616 42.86 -36.74 53.48
C VAL D 616 41.43 -36.62 53.96
N GLY D 617 41.10 -37.27 55.08
CA GLY D 617 39.73 -37.30 55.56
C GLY D 617 39.26 -35.95 56.08
N ALA D 618 40.18 -35.12 56.54
CA ALA D 618 39.82 -33.75 56.91
C ALA D 618 39.55 -32.91 55.68
N LEU D 619 40.28 -33.17 54.59
CA LEU D 619 40.08 -32.47 53.34
C LEU D 619 38.79 -32.91 52.68
N MET D 620 38.41 -34.17 52.88
CA MET D 620 37.24 -34.73 52.22
C MET D 620 35.94 -34.51 52.99
N GLN D 621 35.96 -33.66 54.02
CA GLN D 621 34.83 -33.31 54.88
C GLN D 621 34.23 -34.54 55.54
N GLN D 622 35.07 -35.39 56.12
CA GLN D 622 34.63 -36.65 56.70
C GLN D 622 35.04 -36.79 58.16
N GLY D 623 36.22 -36.28 58.51
CA GLY D 623 36.75 -36.46 59.85
C GLY D 623 37.46 -37.78 60.01
N SER D 624 38.00 -38.03 61.20
CA SER D 624 38.77 -39.23 61.49
C SER D 624 38.74 -39.46 62.99
N GLU D 625 39.64 -40.30 63.49
CA GLU D 625 39.77 -40.48 64.94
C GLU D 625 41.22 -40.24 65.32
N LEU D 626 41.63 -38.99 65.26
CA LEU D 626 43.02 -38.67 65.53
C LEU D 626 43.11 -37.36 66.29
N MET D 627 41.96 -36.67 66.38
CA MET D 627 41.74 -35.28 66.76
C MET D 627 42.48 -34.91 68.04
N PRO D 628 43.53 -34.09 67.93
CA PRO D 628 44.57 -34.07 68.96
C PRO D 628 44.22 -33.28 70.22
N LYS D 629 45.17 -33.17 71.14
CA LYS D 629 44.95 -32.42 72.37
C LYS D 629 46.06 -31.42 72.66
N ALA D 630 47.30 -31.74 72.30
CA ALA D 630 48.38 -30.78 72.47
C ALA D 630 48.29 -29.67 71.43
N LEU D 631 48.57 -28.43 71.89
CA LEU D 631 48.45 -27.21 71.09
C LEU D 631 49.23 -27.26 69.79
N SER D 632 50.38 -27.94 69.79
CA SER D 632 51.28 -27.96 68.64
C SER D 632 50.67 -28.73 67.47
N THR D 633 49.81 -29.70 67.78
CA THR D 633 49.14 -30.46 66.74
C THR D 633 47.70 -30.00 66.54
N ARG D 634 47.18 -29.17 67.44
CA ARG D 634 45.84 -28.61 67.27
C ARG D 634 45.80 -27.57 66.16
N ILE D 635 46.77 -26.65 66.17
CA ILE D 635 46.77 -25.50 65.26
C ILE D 635 47.03 -25.96 63.83
N VAL D 636 47.85 -27.01 63.66
CA VAL D 636 48.08 -27.62 62.36
C VAL D 636 46.77 -28.20 61.84
N GLY D 637 46.00 -28.84 62.72
CA GLY D 637 44.67 -29.27 62.36
C GLY D 637 43.69 -28.13 62.23
N GLY D 638 43.95 -27.02 62.92
CA GLY D 638 43.06 -25.88 62.84
C GLY D 638 43.17 -25.14 61.52
N ILE D 639 44.40 -24.83 61.11
CA ILE D 639 44.60 -24.06 59.89
C ILE D 639 44.31 -24.91 58.65
N TRP D 640 44.38 -26.24 58.79
CA TRP D 640 43.97 -27.12 57.70
C TRP D 640 42.46 -27.10 57.53
N TRP D 641 41.73 -26.95 58.62
CA TRP D 641 40.27 -26.89 58.57
C TRP D 641 39.78 -25.58 57.99
N PHE D 642 40.52 -24.50 58.20
CA PHE D 642 40.20 -23.26 57.51
C PHE D 642 40.61 -23.35 56.04
N PHE D 643 41.59 -24.18 55.74
CA PHE D 643 42.06 -24.33 54.36
C PHE D 643 41.05 -25.10 53.52
N THR D 644 40.27 -25.98 54.16
CA THR D 644 39.51 -26.94 53.37
C THR D 644 38.12 -26.42 53.01
N LEU D 645 37.72 -25.28 53.56
CA LEU D 645 36.49 -24.66 53.10
C LEU D 645 36.76 -23.68 51.97
N ILE D 646 37.97 -23.12 51.93
CA ILE D 646 38.31 -22.17 50.89
C ILE D 646 38.58 -22.91 49.58
N ILE D 647 38.99 -24.17 49.69
CA ILE D 647 39.18 -24.99 48.48
C ILE D 647 37.85 -25.45 47.93
N ILE D 648 37.06 -26.17 48.74
CA ILE D 648 35.88 -26.89 48.24
C ILE D 648 34.76 -25.95 47.83
N SER D 649 34.48 -24.93 48.64
CA SER D 649 33.40 -24.01 48.32
C SER D 649 33.71 -23.18 47.09
N SER D 650 34.98 -22.81 46.90
CA SER D 650 35.37 -22.15 45.66
C SER D 650 35.28 -23.11 44.48
N TYR D 651 35.59 -24.39 44.70
CA TYR D 651 35.40 -25.39 43.67
C TYR D 651 33.91 -25.59 43.37
N THR D 652 33.08 -25.46 44.40
CA THR D 652 31.64 -25.48 44.19
C THR D 652 31.18 -24.20 43.51
N ALA D 653 31.82 -23.08 43.86
CA ALA D 653 31.46 -21.80 43.25
C ALA D 653 31.85 -21.77 41.77
N ASN D 654 33.06 -22.23 41.46
CA ASN D 654 33.56 -22.15 40.09
C ASN D 654 32.83 -23.12 39.17
N LEU D 655 32.46 -24.30 39.69
CA LEU D 655 31.72 -25.24 38.87
C LEU D 655 30.26 -24.80 38.73
N ALA D 656 29.76 -24.02 39.68
CA ALA D 656 28.48 -23.35 39.48
C ALA D 656 28.65 -22.12 38.58
N ALA D 657 29.89 -21.64 38.44
CA ALA D 657 30.13 -20.49 37.59
C ALA D 657 30.31 -20.91 36.13
N PHE D 658 30.69 -22.17 35.89
CA PHE D 658 30.73 -22.65 34.51
C PHE D 658 29.35 -22.91 33.96
N LEU D 659 28.47 -23.51 34.75
CA LEU D 659 27.23 -24.08 34.22
C LEU D 659 26.13 -23.04 34.08
N THR D 660 26.48 -21.75 34.12
CA THR D 660 25.48 -20.71 33.97
C THR D 660 25.67 -19.89 32.69
N VAL D 661 26.93 -19.67 32.31
CA VAL D 661 27.23 -19.10 31.00
C VAL D 661 27.07 -20.15 29.92
N GLU D 662 27.10 -21.42 30.29
CA GLU D 662 26.90 -22.50 29.32
C GLU D 662 25.40 -22.70 29.07
N ARG D 663 24.58 -22.25 29.99
CA ARG D 663 23.14 -22.43 29.85
C ARG D 663 22.54 -21.41 28.89
N MET D 664 22.96 -20.16 29.03
CA MET D 664 22.38 -19.04 28.30
C MET D 664 22.77 -19.02 26.82
N GLU D 665 23.62 -19.95 26.38
CA GLU D 665 23.99 -20.06 24.99
C GLU D 665 22.78 -20.41 24.14
N SER D 666 22.52 -19.56 23.15
CA SER D 666 21.45 -19.80 22.20
C SER D 666 22.06 -20.18 20.87
N PRO D 667 22.12 -21.47 20.54
CA PRO D 667 22.63 -21.89 19.23
C PRO D 667 21.62 -21.54 18.15
N ILE D 668 21.72 -20.29 17.68
CA ILE D 668 20.62 -19.39 17.30
C ILE D 668 19.51 -20.10 16.53
N ASP D 669 18.28 -19.98 17.03
CA ASP D 669 17.21 -20.83 16.51
C ASP D 669 16.37 -20.10 15.46
N SER D 670 15.77 -18.98 15.83
CA SER D 670 14.97 -18.19 14.91
C SER D 670 15.81 -17.04 14.39
N ALA D 671 15.26 -16.30 13.43
CA ALA D 671 16.00 -15.24 12.79
C ALA D 671 16.14 -13.99 13.65
N ASP D 672 15.39 -13.89 14.76
CA ASP D 672 15.41 -12.68 15.57
C ASP D 672 16.73 -12.47 16.32
N ASP D 673 17.27 -13.51 16.94
CA ASP D 673 18.63 -13.44 17.46
C ASP D 673 19.64 -13.33 16.34
N LEU D 674 19.37 -14.01 15.22
CA LEU D 674 20.14 -13.91 13.98
C LEU D 674 20.01 -12.53 13.34
N ALA D 675 19.00 -11.75 13.72
CA ALA D 675 18.91 -10.34 13.34
C ALA D 675 19.74 -9.44 14.24
N LYS D 676 20.04 -9.89 15.46
CA LYS D 676 20.75 -9.04 16.41
C LYS D 676 22.26 -9.18 16.27
N GLN D 677 22.77 -10.42 16.26
CA GLN D 677 24.21 -10.65 16.27
C GLN D 677 24.82 -10.39 14.91
N THR D 678 25.56 -9.29 14.78
CA THR D 678 26.22 -8.92 13.54
C THR D 678 27.62 -9.53 13.45
N LYS D 679 28.00 -10.33 14.44
CA LYS D 679 29.29 -11.01 14.41
C LYS D 679 29.26 -12.13 13.40
N ILE D 680 28.34 -13.09 13.59
CA ILE D 680 28.03 -14.07 12.56
C ILE D 680 27.35 -13.35 11.39
N GLU D 681 27.52 -13.88 10.19
CA GLU D 681 27.08 -13.17 8.99
C GLU D 681 25.91 -13.88 8.33
N TYR D 682 25.08 -13.10 7.64
CA TYR D 682 23.93 -13.60 6.91
C TYR D 682 24.37 -14.21 5.59
N GLY D 683 23.42 -14.48 4.71
CA GLY D 683 23.77 -14.92 3.38
C GLY D 683 22.59 -15.02 2.45
N ALA D 684 22.81 -14.63 1.20
CA ALA D 684 21.78 -14.70 0.16
C ALA D 684 22.47 -14.75 -1.18
N VAL D 685 21.85 -15.46 -2.13
CA VAL D 685 22.27 -15.36 -3.51
C VAL D 685 21.95 -13.94 -3.97
N GLU D 686 22.91 -13.27 -4.61
CA GLU D 686 22.71 -11.87 -4.92
C GLU D 686 21.74 -11.72 -6.10
N ASP D 687 20.84 -10.74 -5.98
CA ASP D 687 19.76 -10.46 -6.91
C ASP D 687 18.90 -11.69 -7.15
N GLY D 688 18.59 -12.45 -6.10
CA GLY D 688 17.66 -13.55 -6.18
C GLY D 688 16.28 -13.18 -5.68
N ALA D 689 15.48 -14.20 -5.40
CA ALA D 689 14.19 -13.98 -4.78
C ALA D 689 14.33 -13.56 -3.33
N THR D 690 15.47 -13.89 -2.71
CA THR D 690 15.72 -13.53 -1.33
C THR D 690 15.98 -12.04 -1.17
N MET D 691 16.86 -11.47 -2.01
CA MET D 691 17.05 -10.02 -2.02
C MET D 691 15.80 -9.31 -2.49
N THR D 692 15.01 -9.96 -3.34
CA THR D 692 13.72 -9.41 -3.74
C THR D 692 12.77 -9.34 -2.56
N PHE D 693 12.84 -10.34 -1.66
CA PHE D 693 11.88 -10.40 -0.56
C PHE D 693 12.22 -9.42 0.56
N PHE D 694 13.42 -9.53 1.13
CA PHE D 694 13.76 -8.76 2.32
C PHE D 694 13.91 -7.27 2.06
N LYS D 695 14.05 -6.85 0.80
CA LYS D 695 13.91 -5.45 0.44
C LYS D 695 12.46 -5.00 0.46
N LYS D 696 11.57 -5.79 -0.15
CA LYS D 696 10.20 -5.37 -0.40
C LYS D 696 9.28 -5.70 0.76
N SER D 697 9.83 -6.32 1.81
CA SER D 697 9.09 -6.52 3.04
C SER D 697 9.31 -5.31 3.95
N LYS D 698 8.44 -5.17 4.95
CA LYS D 698 8.52 -4.03 5.84
C LYS D 698 8.57 -4.48 7.30
N ILE D 699 8.71 -5.79 7.51
CA ILE D 699 8.67 -6.41 8.83
C ILE D 699 9.85 -5.91 9.65
N SER D 700 9.61 -5.67 10.95
CA SER D 700 10.58 -5.02 11.82
C SER D 700 11.89 -5.79 11.94
N THR D 701 11.80 -7.11 12.12
CA THR D 701 12.99 -7.93 12.21
C THR D 701 13.70 -8.02 10.87
N TYR D 702 12.92 -8.18 9.79
CA TYR D 702 13.52 -8.46 8.50
C TYR D 702 14.10 -7.21 7.86
N ASP D 703 13.62 -6.03 8.25
CA ASP D 703 14.21 -4.78 7.76
C ASP D 703 15.59 -4.55 8.34
N LYS D 704 15.82 -4.99 9.58
CA LYS D 704 17.17 -4.99 10.14
C LYS D 704 18.07 -5.95 9.37
N MET D 705 17.51 -7.03 8.84
CA MET D 705 18.30 -7.96 8.04
C MET D 705 18.67 -7.35 6.71
N TRP D 706 17.77 -6.55 6.12
CA TRP D 706 18.08 -5.91 4.85
C TRP D 706 19.08 -4.76 5.03
N ALA D 707 19.09 -4.11 6.20
CA ALA D 707 20.04 -3.03 6.44
C ALA D 707 21.46 -3.55 6.54
N PHE D 708 21.62 -4.82 6.88
CA PHE D 708 22.92 -5.49 6.71
C PHE D 708 23.28 -5.61 5.24
N MET D 709 22.28 -5.96 4.40
CA MET D 709 22.56 -6.26 3.00
C MET D 709 23.00 -5.02 2.22
N SER D 710 22.52 -3.85 2.65
CA SER D 710 23.03 -2.60 2.10
C SER D 710 24.44 -2.32 2.62
N SER D 711 24.64 -2.46 3.93
CA SER D 711 25.91 -2.11 4.57
C SER D 711 27.03 -3.08 4.20
N ARG D 712 26.67 -4.31 3.84
CA ARG D 712 27.63 -5.30 3.39
C ARG D 712 27.31 -5.79 1.98
N ARG D 713 26.93 -4.86 1.10
CA ARG D 713 26.74 -5.17 -0.31
C ARG D 713 28.06 -5.56 -0.94
N GLN D 714 28.05 -6.64 -1.74
CA GLN D 714 29.20 -7.25 -2.40
C GLN D 714 30.24 -7.73 -1.39
N SER D 715 29.82 -8.02 -0.16
CA SER D 715 30.74 -8.46 0.89
C SER D 715 30.38 -9.86 1.36
N VAL D 716 29.07 -10.14 1.43
CA VAL D 716 28.60 -11.44 1.89
C VAL D 716 27.65 -12.02 0.84
N LEU D 717 27.47 -11.29 -0.25
CA LEU D 717 26.48 -11.63 -1.27
C LEU D 717 27.12 -12.59 -2.25
N VAL D 718 26.69 -13.85 -2.21
CA VAL D 718 27.15 -14.86 -3.16
C VAL D 718 26.25 -14.73 -4.39
N LYS D 719 26.68 -15.28 -5.53
CA LYS D 719 25.81 -15.29 -6.71
C LYS D 719 25.48 -16.70 -7.17
N SER D 720 25.82 -17.73 -6.41
CA SER D 720 25.46 -19.10 -6.74
C SER D 720 25.22 -19.87 -5.46
N ASN D 721 24.46 -20.96 -5.57
CA ASN D 721 24.07 -21.72 -4.39
C ASN D 721 25.25 -22.47 -3.80
N GLU D 722 25.96 -23.24 -4.63
CA GLU D 722 27.01 -24.12 -4.13
C GLU D 722 28.23 -23.36 -3.64
N GLU D 723 28.48 -22.17 -4.18
CA GLU D 723 29.52 -21.31 -3.63
C GLU D 723 29.11 -20.78 -2.25
N GLY D 724 27.81 -20.51 -2.08
CA GLY D 724 27.27 -20.23 -0.76
C GLY D 724 27.24 -21.42 0.18
N ILE D 725 27.02 -22.62 -0.36
CA ILE D 725 27.21 -23.85 0.42
C ILE D 725 28.66 -23.94 0.88
N GLN D 726 29.59 -23.57 0.00
CA GLN D 726 31.00 -23.53 0.36
C GLN D 726 31.27 -22.43 1.38
N ARG D 727 30.45 -21.38 1.40
CA ARG D 727 30.76 -20.22 2.24
C ARG D 727 30.29 -20.44 3.67
N VAL D 728 29.28 -21.28 3.88
CA VAL D 728 29.05 -21.78 5.23
C VAL D 728 30.17 -22.73 5.60
N LEU D 729 30.65 -23.52 4.63
CA LEU D 729 31.64 -24.54 4.88
C LEU D 729 33.00 -23.92 5.20
N THR D 730 33.20 -22.67 4.81
CA THR D 730 34.38 -21.93 5.25
C THR D 730 34.17 -21.27 6.60
N SER D 731 33.23 -20.33 6.69
CA SER D 731 33.20 -19.42 7.82
C SER D 731 31.77 -19.20 8.31
N ASP D 732 31.57 -18.19 9.14
CA ASP D 732 30.23 -17.87 9.65
C ASP D 732 29.36 -17.28 8.54
N TYR D 733 28.33 -18.04 8.15
CA TYR D 733 27.51 -17.70 6.99
C TYR D 733 26.16 -18.40 7.10
N ALA D 734 25.08 -17.72 6.72
CA ALA D 734 23.74 -18.21 7.06
C ALA D 734 22.93 -18.64 5.84
N PHE D 735 23.15 -17.98 4.70
CA PHE D 735 22.78 -18.47 3.36
C PHE D 735 21.27 -18.73 3.21
N LEU D 736 20.49 -17.64 3.21
CA LEU D 736 19.05 -17.73 3.03
C LEU D 736 18.67 -18.25 1.64
N MET D 737 17.94 -19.35 1.59
CA MET D 737 17.30 -19.82 0.36
C MET D 737 16.03 -20.55 0.74
N GLU D 738 15.40 -21.20 -0.23
CA GLU D 738 14.15 -21.89 0.01
C GLU D 738 14.42 -23.27 0.60
N SER D 739 13.42 -23.79 1.32
CA SER D 739 13.62 -24.99 2.13
C SER D 739 13.80 -26.24 1.29
N THR D 740 13.29 -26.25 0.06
CA THR D 740 13.38 -27.44 -0.78
C THR D 740 14.81 -27.74 -1.21
N THR D 741 15.58 -26.69 -1.51
CA THR D 741 17.00 -26.88 -1.76
C THR D 741 17.76 -27.12 -0.46
N ILE D 742 17.23 -26.63 0.66
CA ILE D 742 17.80 -26.93 1.97
C ILE D 742 17.60 -28.41 2.30
N GLU D 743 16.45 -28.96 1.88
CA GLU D 743 16.18 -30.39 2.08
C GLU D 743 17.14 -31.26 1.26
N PHE D 744 17.70 -30.69 0.20
CA PHE D 744 18.69 -31.44 -0.57
C PHE D 744 20.04 -31.49 0.15
N VAL D 745 20.59 -30.32 0.48
CA VAL D 745 21.97 -30.23 0.93
C VAL D 745 22.14 -30.85 2.32
N THR D 746 21.10 -30.73 3.15
CA THR D 746 21.12 -31.35 4.48
C THR D 746 21.10 -32.87 4.38
N GLN D 747 20.37 -33.42 3.42
CA GLN D 747 20.26 -34.87 3.32
C GLN D 747 21.36 -35.48 2.46
N ARG D 748 22.39 -34.71 2.12
CA ARG D 748 23.61 -35.27 1.53
C ARG D 748 24.84 -34.77 2.25
N ASN D 749 24.61 -34.17 3.42
CA ASN D 749 25.70 -33.67 4.25
C ASN D 749 25.25 -33.61 5.71
N CYS D 750 25.88 -34.40 6.58
CA CYS D 750 25.57 -34.34 8.01
C CYS D 750 26.36 -33.24 8.71
N ASN D 751 26.39 -32.03 8.13
CA ASN D 751 27.20 -30.95 8.65
C ASN D 751 26.48 -29.61 8.49
N LEU D 752 25.24 -29.63 8.00
CA LEU D 752 24.55 -28.42 7.57
C LEU D 752 23.07 -28.60 7.82
N THR D 753 22.59 -27.99 8.90
CA THR D 753 21.21 -28.21 9.33
C THR D 753 20.45 -26.90 9.16
N GLN D 754 19.22 -26.86 9.67
CA GLN D 754 18.26 -25.83 9.33
C GLN D 754 17.71 -25.19 10.60
N ILE D 755 18.27 -24.03 10.98
CA ILE D 755 17.70 -23.28 12.09
C ILE D 755 16.49 -22.50 11.59
N GLY D 756 15.43 -22.46 12.39
CA GLY D 756 14.15 -21.96 11.95
C GLY D 756 13.42 -22.99 11.10
N GLY D 757 12.13 -22.73 10.89
CA GLY D 757 11.35 -23.62 10.08
C GLY D 757 10.64 -22.96 8.91
N LEU D 758 10.36 -21.66 9.04
CA LEU D 758 9.51 -20.95 8.08
C LEU D 758 9.67 -19.45 8.22
N ILE D 759 9.77 -18.75 7.09
CA ILE D 759 9.79 -17.30 7.03
C ILE D 759 8.69 -16.75 6.13
N ASP D 760 8.63 -17.24 4.89
CA ASP D 760 7.68 -16.76 3.91
C ASP D 760 7.19 -17.92 3.08
N SER D 761 5.95 -18.34 3.33
CA SER D 761 5.40 -19.53 2.66
C SER D 761 4.99 -19.22 1.22
N LYS D 762 5.96 -19.17 0.33
CA LYS D 762 5.70 -19.00 -1.10
C LYS D 762 5.91 -20.33 -1.82
N GLY D 763 5.83 -20.34 -3.14
CA GLY D 763 5.97 -21.59 -3.87
C GLY D 763 6.42 -21.43 -5.31
N TYR D 764 7.00 -22.48 -5.88
CA TYR D 764 7.49 -22.47 -7.25
C TYR D 764 6.36 -22.44 -8.26
N GLY D 765 6.61 -21.89 -9.45
CA GLY D 765 5.61 -21.85 -10.49
C GLY D 765 6.18 -21.94 -11.88
N VAL D 766 5.43 -22.53 -12.81
CA VAL D 766 5.85 -22.59 -14.21
C VAL D 766 5.52 -21.26 -14.87
N GLY D 767 6.55 -20.49 -15.22
CA GLY D 767 6.37 -19.13 -15.68
C GLY D 767 5.96 -19.04 -17.13
N THR D 768 4.87 -18.30 -17.36
CA THR D 768 4.27 -18.15 -18.69
C THR D 768 4.24 -16.69 -19.12
N PRO D 769 4.70 -16.39 -20.33
CA PRO D 769 4.69 -15.00 -20.83
C PRO D 769 3.33 -14.44 -21.20
N MET D 770 2.52 -14.06 -20.20
CA MET D 770 1.34 -13.21 -20.36
C MET D 770 0.30 -13.74 -21.34
N GLY D 771 -0.28 -14.90 -21.06
CA GLY D 771 -1.16 -15.50 -22.04
C GLY D 771 -0.37 -16.13 -23.16
N SER D 772 0.57 -17.00 -22.78
CA SER D 772 1.42 -17.78 -23.66
C SER D 772 0.59 -18.81 -24.45
N PRO D 773 1.17 -19.48 -25.48
CA PRO D 773 0.49 -20.64 -26.05
C PRO D 773 0.24 -21.77 -25.06
N TYR D 774 1.05 -21.87 -24.01
CA TYR D 774 0.80 -22.88 -22.98
C TYR D 774 0.40 -22.24 -21.66
N ARG D 775 -0.20 -21.04 -21.71
CA ARG D 775 -0.78 -20.40 -20.53
C ARG D 775 -1.92 -21.22 -19.96
N ASP D 776 -2.99 -21.35 -20.74
CA ASP D 776 -4.10 -22.19 -20.33
C ASP D 776 -3.73 -23.65 -20.39
N LYS D 777 -2.81 -24.03 -21.29
CA LYS D 777 -2.58 -25.44 -21.57
C LYS D 777 -1.75 -26.12 -20.49
N ILE D 778 -0.99 -25.33 -19.71
CA ILE D 778 -0.37 -25.86 -18.50
C ILE D 778 -1.26 -25.63 -17.29
N THR D 779 -2.07 -24.57 -17.31
CA THR D 779 -3.23 -24.49 -16.41
C THR D 779 -4.19 -25.65 -16.64
N ILE D 780 -4.31 -26.11 -17.89
CA ILE D 780 -4.91 -27.42 -18.18
C ILE D 780 -4.09 -28.53 -17.54
N ALA D 781 -2.76 -28.51 -17.74
CA ALA D 781 -1.93 -29.67 -17.41
C ALA D 781 -1.84 -29.89 -15.92
N ILE D 782 -1.76 -28.81 -15.13
CA ILE D 782 -1.66 -28.99 -13.68
C ILE D 782 -3.05 -29.17 -13.07
N LEU D 783 -4.09 -29.18 -13.89
CA LEU D 783 -5.33 -29.83 -13.47
C LEU D 783 -5.22 -31.35 -13.59
N GLN D 784 -4.19 -31.84 -14.29
CA GLN D 784 -3.89 -33.27 -14.29
C GLN D 784 -2.59 -33.61 -13.57
N LEU D 785 -2.08 -32.75 -12.70
CA LEU D 785 -0.90 -33.08 -11.89
C LEU D 785 -1.26 -33.56 -10.50
N GLN D 786 -2.35 -33.03 -9.93
CA GLN D 786 -2.62 -33.27 -8.52
C GLN D 786 -3.24 -34.63 -8.26
N GLU D 787 -3.67 -35.35 -9.30
CA GLU D 787 -4.38 -36.60 -9.09
C GLU D 787 -3.43 -37.78 -8.89
N GLU D 788 -2.62 -38.08 -9.89
CA GLU D 788 -1.87 -39.33 -9.90
C GLU D 788 -0.61 -39.25 -9.04
N GLY D 789 -0.20 -38.03 -8.70
CA GLY D 789 0.96 -37.84 -7.85
C GLY D 789 2.28 -38.16 -8.51
N LYS D 790 2.49 -37.66 -9.72
CA LYS D 790 3.83 -37.72 -10.32
C LYS D 790 4.81 -36.86 -9.54
N LEU D 791 4.32 -35.78 -8.91
CA LEU D 791 5.17 -34.89 -8.13
C LEU D 791 5.74 -35.61 -6.92
N HIS D 792 4.93 -36.47 -6.30
CA HIS D 792 5.42 -37.22 -5.14
C HIS D 792 6.23 -38.45 -5.55
N MET D 793 5.91 -39.04 -6.71
CA MET D 793 6.71 -40.15 -7.22
C MET D 793 8.06 -39.65 -7.73
N MET D 794 8.14 -38.41 -8.18
CA MET D 794 9.42 -37.79 -8.50
C MET D 794 10.08 -37.13 -7.31
N LYS D 795 9.34 -36.97 -6.20
CA LYS D 795 9.94 -36.48 -4.96
C LYS D 795 10.94 -37.48 -4.39
N GLU D 796 10.71 -38.77 -4.59
CA GLU D 796 11.49 -39.83 -3.98
C GLU D 796 12.94 -39.88 -4.49
N LYS D 797 13.13 -39.99 -5.81
CA LYS D 797 14.47 -40.23 -6.32
C LYS D 797 15.34 -38.97 -6.39
N TRP D 798 14.86 -37.84 -5.90
CA TRP D 798 15.66 -36.61 -5.88
C TRP D 798 15.82 -36.05 -4.47
N TRP D 799 14.74 -35.94 -3.70
CA TRP D 799 14.87 -35.46 -2.33
C TRP D 799 15.38 -36.53 -1.38
N ARG D 800 14.88 -37.76 -1.51
CA ARG D 800 15.38 -38.84 -0.67
C ARG D 800 16.70 -39.38 -1.21
N GLY D 801 17.12 -40.51 -0.67
CA GLY D 801 18.52 -40.88 -0.74
C GLY D 801 19.17 -40.16 0.42
N ASN D 802 18.53 -40.30 1.59
CA ASN D 802 18.79 -39.48 2.76
C ASN D 802 20.19 -39.70 3.31
N GLY D 803 20.75 -38.67 3.96
CA GLY D 803 22.06 -38.80 4.57
C GLY D 803 22.03 -39.55 5.89
N CYS D 804 23.01 -39.29 6.76
CA CYS D 804 22.93 -39.92 8.07
C CYS D 804 21.87 -39.17 8.87
N PRO D 805 21.04 -39.87 9.64
CA PRO D 805 20.00 -39.18 10.42
C PRO D 805 20.56 -38.43 11.62
N GLU D 806 19.68 -37.92 12.47
CA GLU D 806 20.09 -37.21 13.67
C GLU D 806 20.82 -38.15 14.63
N GLU D 807 22.01 -37.73 15.08
CA GLU D 807 22.82 -38.56 15.96
C GLU D 807 22.76 -38.06 17.39
N GLU D 808 22.23 -36.86 17.58
CA GLU D 808 22.27 -36.20 18.87
C GLU D 808 21.17 -36.73 19.80
N SER D 809 19.90 -36.51 19.40
CA SER D 809 18.69 -36.80 20.17
C SER D 809 18.69 -36.13 21.55
N LYS D 810 19.38 -34.99 21.64
CA LYS D 810 19.62 -34.23 22.87
C LYS D 810 20.38 -32.96 22.50
N GLU D 811 20.51 -32.01 23.42
CA GLU D 811 21.64 -31.11 23.33
C GLU D 811 22.54 -31.28 24.56
N ALA D 812 21.99 -31.01 25.75
CA ALA D 812 22.42 -31.39 27.10
C ALA D 812 21.39 -30.80 28.05
N SER D 813 21.13 -31.43 29.19
CA SER D 813 20.39 -30.69 30.21
C SER D 813 20.98 -30.85 31.61
N ALA D 814 21.40 -32.07 31.96
CA ALA D 814 21.48 -32.46 33.36
C ALA D 814 22.70 -33.34 33.66
N LEU D 815 23.88 -32.93 33.17
CA LEU D 815 25.18 -33.43 33.64
C LEU D 815 25.41 -34.93 33.49
N GLY D 816 25.51 -35.41 32.24
CA GLY D 816 25.64 -36.82 31.93
C GLY D 816 27.08 -37.30 32.03
N VAL D 817 27.33 -38.45 31.41
CA VAL D 817 28.66 -39.08 31.37
C VAL D 817 29.59 -38.22 30.54
N GLN D 818 29.03 -37.57 29.50
CA GLN D 818 29.76 -36.63 28.66
C GLN D 818 30.28 -35.46 29.47
N ASN D 819 29.55 -35.08 30.53
CA ASN D 819 30.06 -34.08 31.45
C ASN D 819 30.88 -34.69 32.58
N ILE D 820 30.27 -35.52 33.41
CA ILE D 820 30.86 -35.86 34.70
C ILE D 820 31.45 -37.26 34.73
N GLY D 821 31.18 -38.08 33.71
CA GLY D 821 31.50 -39.50 33.71
C GLY D 821 32.93 -39.95 33.93
N GLY D 822 33.89 -39.03 33.80
CA GLY D 822 35.27 -39.34 34.07
C GLY D 822 35.60 -39.48 35.54
N ILE D 823 34.68 -39.05 36.42
CA ILE D 823 34.87 -39.28 37.85
C ILE D 823 34.69 -40.74 38.19
N PHE D 824 33.99 -41.50 37.34
CA PHE D 824 33.85 -42.93 37.56
C PHE D 824 35.11 -43.67 37.12
N ILE D 825 35.87 -43.08 36.20
CA ILE D 825 37.13 -43.67 35.75
C ILE D 825 38.17 -43.60 36.84
N VAL D 826 38.27 -42.44 37.52
CA VAL D 826 39.22 -42.33 38.63
C VAL D 826 38.69 -43.08 39.85
N LEU D 827 37.37 -43.33 39.89
CA LEU D 827 36.84 -44.29 40.84
C LEU D 827 37.22 -45.71 40.45
N ALA D 828 37.18 -46.02 39.16
CA ALA D 828 37.58 -47.34 38.69
C ALA D 828 39.09 -47.55 38.83
N ALA D 829 39.85 -46.46 38.76
CA ALA D 829 41.29 -46.54 38.97
C ALA D 829 41.61 -46.78 40.44
N GLY D 830 40.72 -46.35 41.33
CA GLY D 830 40.91 -46.54 42.75
C GLY D 830 40.69 -47.96 43.21
N LEU D 831 39.60 -48.59 42.74
CA LEU D 831 39.28 -49.95 43.15
C LEU D 831 40.28 -50.97 42.62
N VAL D 832 40.78 -50.77 41.41
CA VAL D 832 41.75 -51.70 40.84
C VAL D 832 43.10 -51.57 41.55
N LEU D 833 43.48 -50.34 41.92
CA LEU D 833 44.72 -50.14 42.66
C LEU D 833 44.59 -50.65 44.09
N SER D 834 43.37 -50.70 44.62
CA SER D 834 43.16 -51.14 45.99
C SER D 834 43.32 -52.66 46.13
N VAL D 835 42.86 -53.40 45.12
CA VAL D 835 43.01 -54.86 45.15
C VAL D 835 44.47 -55.25 44.90
N PHE D 836 45.18 -54.43 44.12
CA PHE D 836 46.59 -54.71 43.85
C PHE D 836 47.44 -54.48 45.09
N VAL D 837 47.07 -53.53 45.93
CA VAL D 837 47.81 -53.35 47.18
C VAL D 837 47.20 -54.20 48.29
N ALA D 838 46.06 -54.84 48.02
CA ALA D 838 45.52 -55.80 48.98
C ALA D 838 46.37 -57.05 49.03
N VAL D 839 46.83 -57.53 47.88
CA VAL D 839 47.70 -58.69 47.84
C VAL D 839 49.14 -58.26 48.14
N GLY D 840 49.42 -56.96 48.03
CA GLY D 840 50.74 -56.42 48.29
C GLY D 840 51.14 -56.51 49.75
N GLU D 841 50.18 -56.25 50.65
CA GLU D 841 50.45 -56.37 52.08
C GLU D 841 50.09 -57.76 52.59
N PHE D 842 49.36 -58.55 51.78
CA PHE D 842 48.93 -59.88 52.18
C PHE D 842 50.12 -60.83 52.26
N LEU D 843 50.93 -60.87 51.20
CA LEU D 843 52.14 -61.69 51.22
C LEU D 843 53.25 -61.03 52.02
N TYR D 844 53.11 -59.72 52.31
CA TYR D 844 54.03 -59.06 53.22
C TYR D 844 53.85 -59.57 54.65
N LYS D 845 52.61 -59.63 55.14
CA LYS D 845 52.32 -60.20 56.45
C LYS D 845 52.62 -61.70 56.47
N SER D 846 52.42 -62.37 55.34
CA SER D 846 52.82 -63.77 55.22
C SER D 846 54.33 -63.92 55.31
N LYS D 847 55.08 -62.88 54.91
CA LYS D 847 56.51 -62.85 55.16
C LYS D 847 56.81 -62.38 56.59
N LYS D 848 55.97 -61.48 57.12
CA LYS D 848 56.09 -61.10 58.53
C LYS D 848 55.72 -62.26 59.45
N ASN D 849 54.85 -63.15 58.98
CA ASN D 849 54.64 -64.41 59.69
C ASN D 849 55.84 -65.33 59.53
N ALA D 850 56.56 -65.22 58.41
CA ALA D 850 57.54 -66.24 58.03
C ALA D 850 58.87 -66.08 58.75
N GLN D 851 58.94 -65.16 59.72
CA GLN D 851 60.12 -65.02 60.58
C GLN D 851 60.17 -66.17 61.57
N LEU D 852 59.01 -66.60 62.06
CA LEU D 852 58.93 -67.73 62.99
C LEU D 852 58.25 -68.93 62.34
N GLU D 853 57.44 -68.69 61.31
CA GLU D 853 56.76 -69.77 60.61
C GLU D 853 57.63 -70.43 59.56
N LYS D 854 57.02 -71.30 58.76
CA LYS D 854 57.63 -71.97 57.63
C LYS D 854 57.35 -71.17 56.36
N ARG D 855 57.60 -71.77 55.18
CA ARG D 855 57.24 -71.23 53.87
C ARG D 855 55.81 -70.69 53.82
N SER D 856 55.62 -69.54 53.19
CA SER D 856 54.41 -68.75 53.38
C SER D 856 53.24 -69.20 52.50
N PHE D 857 53.28 -70.43 51.96
CA PHE D 857 52.14 -70.90 51.19
C PHE D 857 51.01 -71.38 52.10
N CYS D 858 51.31 -72.32 52.99
CA CYS D 858 50.26 -72.87 53.86
C CYS D 858 49.92 -71.92 54.99
N SER D 859 50.82 -70.98 55.30
CA SER D 859 50.46 -69.90 56.22
C SER D 859 49.45 -68.97 55.58
N ALA D 860 49.57 -68.74 54.27
CA ALA D 860 48.57 -67.97 53.54
C ALA D 860 47.29 -68.76 53.36
N MET D 861 47.38 -70.09 53.43
CA MET D 861 46.18 -70.92 53.37
C MET D 861 45.32 -70.71 54.62
N VAL D 862 45.98 -70.56 55.78
CA VAL D 862 45.27 -70.18 57.01
C VAL D 862 44.76 -68.75 56.88
N GLU D 863 45.50 -67.91 56.15
CA GLU D 863 45.04 -66.55 55.86
C GLU D 863 43.92 -66.56 54.82
N GLU D 864 43.72 -67.70 54.14
CA GLU D 864 42.57 -67.84 53.26
C GLU D 864 41.52 -68.78 53.85
N LEU D 865 41.89 -69.58 54.84
CA LEU D 865 40.90 -70.34 55.60
C LEU D 865 40.06 -69.40 56.45
N ARG D 866 40.67 -68.31 56.91
CA ARG D 866 39.94 -67.34 57.73
C ARG D 866 38.98 -66.52 56.88
N MET D 867 39.24 -66.40 55.58
CA MET D 867 38.32 -65.71 54.68
C MET D 867 37.09 -66.56 54.39
N SER D 868 37.24 -67.88 54.54
CA SER D 868 36.17 -68.79 54.13
C SER D 868 35.04 -68.87 55.14
N LEU D 869 35.38 -68.85 56.44
CA LEU D 869 34.36 -69.10 57.46
C LEU D 869 33.44 -67.90 57.69
N LYS D 870 33.93 -66.67 57.47
CA LYS D 870 33.20 -65.40 57.51
C LYS D 870 32.62 -65.03 58.89
N CYS D 871 32.84 -65.87 59.90
CA CYS D 871 32.52 -65.56 61.30
C CYS D 871 33.66 -66.18 62.13
N GLN D 872 34.69 -65.37 62.36
CA GLN D 872 35.95 -65.92 62.88
C GLN D 872 35.92 -66.13 64.39
N ARG D 873 35.72 -65.03 65.15
CA ARG D 873 35.77 -64.90 66.61
C ARG D 873 36.93 -65.67 67.26
N ARG D 874 38.06 -65.73 66.57
CA ARG D 874 39.24 -66.46 67.03
C ARG D 874 40.51 -65.69 66.70
C1 NAG E . 31.11 7.91 -24.46
C2 NAG E . 29.76 7.38 -23.96
C3 NAG E . 29.67 5.89 -24.17
C4 NAG E . 29.80 5.63 -25.67
C5 NAG E . 31.27 5.85 -26.03
C6 NAG E . 31.47 6.36 -27.44
C7 NAG E . 28.30 8.24 -22.15
C8 NAG E . 27.26 8.52 -23.21
N2 NAG E . 29.46 7.72 -22.58
O3 NAG E . 28.44 5.39 -23.63
O4 NAG E . 29.32 4.35 -26.06
O5 NAG E . 31.91 6.79 -25.12
O6 NAG E . 32.35 5.52 -28.18
O7 NAG E . 28.10 8.50 -20.97
C1 NAG E . 28.02 4.50 -26.72
C2 NAG E . 27.53 3.16 -27.33
C3 NAG E . 26.08 3.27 -27.83
C4 NAG E . 25.18 3.83 -26.74
C5 NAG E . 25.71 5.18 -26.30
C6 NAG E . 24.90 5.82 -25.20
C7 NAG E . 28.70 3.26 -29.55
C8 NAG E . 29.64 2.50 -30.45
N2 NAG E . 28.42 2.66 -28.38
O3 NAG E . 25.61 1.98 -28.22
O4 NAG E . 23.85 3.98 -27.23
O5 NAG E . 27.04 5.00 -25.78
O6 NAG E . 24.87 7.23 -25.31
O7 NAG E . 28.24 4.34 -29.89
C1 NAG F . 13.44 13.34 -54.33
C2 NAG F . 13.80 11.87 -53.97
C3 NAG F . 12.73 11.25 -53.08
C4 NAG F . 12.52 12.10 -51.84
C5 NAG F . 12.02 13.47 -52.29
C6 NAG F . 11.77 14.43 -51.15
C7 NAG F . 15.02 10.29 -55.43
C8 NAG F . 16.11 10.25 -54.38
N2 NAG F . 13.97 11.07 -55.18
O3 NAG F . 13.16 9.93 -52.70
O4 NAG F . 11.69 11.49 -50.85
O5 NAG F . 13.02 14.07 -53.12
O6 NAG F . 11.91 13.78 -49.89
O7 NAG F . 15.11 9.64 -56.47
C1 NAG F . 10.37 11.03 -51.21
C2 NAG F . 10.29 9.52 -50.92
C3 NAG F . 8.96 9.16 -50.21
C4 NAG F . 7.77 9.92 -50.79
C5 NAG F . 8.05 11.42 -50.85
C6 NAG F . 7.16 12.22 -49.91
C7 NAG F . 10.99 7.55 -52.20
C8 NAG F . 11.04 6.91 -53.56
N2 NAG F . 10.43 8.76 -52.15
O3 NAG F . 9.00 9.38 -48.79
O4 NAG F . 7.49 9.45 -52.10
O5 NAG F . 9.40 11.71 -50.45
O6 NAG F . 7.91 12.73 -48.82
O7 NAG F . 11.43 6.99 -51.20
C1 BMA F . 10.22 9.12 -48.05
C2 BMA F . 10.33 10.35 -47.10
C3 BMA F . 9.86 10.01 -45.64
C4 BMA F . 10.21 8.54 -45.13
C5 BMA F . 11.01 7.76 -46.15
C6 BMA F . 11.23 6.31 -45.74
O2 BMA F . 9.53 11.42 -47.56
O3 BMA F . 8.47 10.46 -45.37
O4 BMA F . 10.90 8.58 -43.89
O5 BMA F . 10.25 7.82 -47.39
O6 BMA F . 11.79 6.32 -44.43
C1 MAN F . 7.48 9.39 -45.36
C2 MAN F . 6.19 9.84 -46.13
C3 MAN F . 4.94 9.03 -45.71
C4 MAN F . 5.28 7.65 -45.10
C5 MAN F . 6.19 7.85 -43.87
C6 MAN F . 7.00 6.62 -43.48
O2 MAN F . 6.32 9.64 -47.54
O3 MAN F . 4.02 8.89 -46.79
O4 MAN F . 4.10 6.96 -44.73
O5 MAN F . 7.12 8.99 -44.03
O6 MAN F . 6.96 6.47 -42.08
C1 MAN F . 12.79 5.27 -44.35
C2 MAN F . 12.82 4.70 -42.87
C3 MAN F . 13.75 5.50 -41.95
C4 MAN F . 15.10 5.78 -42.61
C5 MAN F . 14.83 6.59 -43.88
C6 MAN F . 16.10 7.01 -44.60
O2 MAN F . 13.31 3.35 -42.84
O3 MAN F . 13.95 4.86 -40.69
O4 MAN F . 15.93 6.53 -41.74
O5 MAN F . 14.08 5.75 -44.79
O6 MAN F . 17.21 6.89 -43.70
C1 NAG G . -15.29 25.42 -24.13
C2 NAG G . -16.14 26.55 -24.75
C3 NAG G . -17.64 26.18 -24.78
C4 NAG G . -18.00 24.97 -23.91
C5 NAG G . -17.22 24.98 -22.58
C6 NAG G . -17.41 23.70 -21.80
C7 NAG G . -14.83 28.53 -24.08
C8 NAG G . -14.83 29.75 -23.22
N2 NAG G . -15.94 27.78 -24.01
O3 NAG G . -18.05 25.96 -26.12
O4 NAG G . -19.39 24.85 -23.67
O5 NAG G . -15.80 25.11 -22.79
O6 NAG G . -16.28 22.84 -21.97
O7 NAG G . -13.88 28.25 -24.82
C1 NAG G . -20.01 26.05 -23.17
C2 NAG G . -21.35 26.25 -23.88
C3 NAG G . -22.05 27.50 -23.35
C4 NAG G . -22.19 27.43 -21.83
C5 NAG G . -20.85 27.15 -21.17
C6 NAG G . -20.96 26.89 -19.68
C7 NAG G . -21.17 25.25 -26.12
C8 NAG G . -20.99 25.52 -27.58
N2 NAG G . -21.18 26.33 -25.32
O3 NAG G . -23.33 27.64 -23.96
O4 NAG G . -22.72 28.65 -21.33
O5 NAG G . -20.24 25.98 -21.74
O6 NAG G . -21.25 25.53 -19.43
O7 NAG G . -21.29 24.12 -25.68
C1 NAG H . 10.45 45.64 -29.96
C2 NAG H . 11.76 44.86 -29.94
C3 NAG H . 12.31 44.80 -28.50
C4 NAG H . 11.20 44.42 -27.51
C5 NAG H . 10.03 45.40 -27.65
C6 NAG H . 9.79 46.23 -26.41
C7 NAG H . 12.33 42.82 -31.24
C8 NAG H . 13.58 43.51 -31.70
N2 NAG H . 11.52 43.50 -30.42
O3 NAG H . 12.83 46.08 -28.15
O4 NAG H . 10.76 43.10 -27.87
O5 NAG H . 10.28 46.32 -28.72
O6 NAG H . 9.09 47.42 -26.73
O7 NAG H . 12.05 41.68 -31.60
C1 NAG H . 10.29 42.16 -26.85
C2 NAG H . 11.48 41.72 -25.95
C3 NAG H . 11.18 41.99 -24.47
C4 NAG H . 9.81 41.46 -24.05
C5 NAG H . 8.74 41.75 -25.09
C6 NAG H . 7.47 42.33 -24.50
C7 NAG H . 12.55 39.86 -27.16
C8 NAG H . 12.75 38.38 -27.23
N2 NAG H . 11.77 40.31 -26.17
O3 NAG H . 11.28 43.38 -24.21
O4 NAG H . 9.87 40.07 -23.78
O5 NAG H . 9.24 42.73 -26.02
O6 NAG H . 6.69 42.97 -25.51
O7 NAG H . 13.08 40.63 -27.97
C1 BMA H . 9.42 39.85 -22.41
C2 BMA H . 8.58 38.56 -22.33
C3 BMA H . 8.20 38.27 -20.88
C4 BMA H . 9.46 38.25 -19.98
C5 BMA H . 10.23 39.57 -20.13
C6 BMA H . 11.53 39.61 -19.34
O2 BMA H . 9.31 37.45 -22.80
O3 BMA H . 7.48 37.04 -20.78
O4 BMA H . 9.11 38.07 -18.62
O5 BMA H . 10.55 39.76 -21.54
O6 BMA H . 12.40 40.58 -19.91
C1 MAN H . 6.23 37.15 -20.03
C2 MAN H . 5.24 38.19 -20.71
C3 MAN H . 3.91 38.27 -19.92
C4 MAN H . 4.02 37.84 -18.40
C5 MAN H . 5.43 38.18 -17.84
C6 MAN H . 5.61 37.79 -16.39
O2 MAN H . 4.89 37.82 -22.02
O3 MAN H . 2.88 37.52 -20.57
O4 MAN H . 3.03 38.50 -17.63
O5 MAN H . 6.49 37.47 -18.62
O6 MAN H . 6.27 36.52 -16.34
C1 MAN H . 13.64 39.99 -20.40
C2 MAN H . 13.80 40.45 -21.90
C3 MAN H . 14.83 39.62 -22.72
C4 MAN H . 15.28 38.30 -22.03
C5 MAN H . 14.08 37.67 -21.30
C6 MAN H . 14.39 36.31 -20.72
O2 MAN H . 14.26 41.81 -21.98
O3 MAN H . 15.96 40.39 -23.12
O4 MAN H . 15.78 37.39 -22.99
O5 MAN H . 13.68 38.54 -20.19
O6 MAN H . 14.33 36.40 -19.30
C1 NAG I . -9.44 43.01 -16.93
C2 NAG I . -9.14 44.51 -16.69
C3 NAG I . -10.38 45.36 -16.99
C4 NAG I . -11.55 44.97 -16.09
C5 NAG I . -11.63 43.43 -15.93
C6 NAG I . -13.04 42.91 -16.01
C7 NAG I . -7.37 45.10 -15.06
C8 NAG I . -6.42 45.19 -16.23
N2 NAG I . -8.64 44.77 -15.35
O3 NAG I . -10.74 45.17 -18.35
O4 NAG I . -11.38 45.57 -14.81
O5 NAG I . -10.89 42.80 -16.99
O6 NAG I . -13.09 41.53 -15.65
O7 NAG I . -7.00 45.31 -13.91
C1 NAG I . -12.35 46.62 -14.48
C2 NAG I . -11.85 47.98 -15.00
C3 NAG I . -13.01 48.88 -15.45
C4 NAG I . -14.27 48.68 -14.60
C5 NAG I . -14.66 47.20 -14.48
C6 NAG I . -15.95 46.87 -15.19
C7 NAG I . -9.74 48.98 -14.18
C8 NAG I . -9.13 48.61 -15.51
N2 NAG I . -11.02 48.66 -14.00
O3 NAG I . -13.29 48.62 -16.81
O4 NAG I . -14.08 49.23 -13.30
O5 NAG I . -13.64 46.35 -15.04
O6 NAG I . -15.94 45.54 -15.69
O7 NAG I . -9.08 49.55 -13.31
C1 NAG J . 17.63 3.91 48.10
C2 NAG J . 18.63 4.97 48.58
C3 NAG J . 18.16 5.57 49.91
C4 NAG J . 16.72 6.07 49.82
C5 NAG J . 15.81 4.95 49.27
C6 NAG J . 14.38 5.38 49.06
C7 NAG J . 20.91 4.68 47.76
C8 NAG J . 22.26 4.06 48.04
N2 NAG J . 19.97 4.44 48.69
O3 NAG J . 19.08 6.63 50.20
O4 NAG J . 16.17 6.46 51.08
O5 NAG J . 16.31 4.49 48.01
O6 NAG J . 14.12 6.64 49.68
O7 NAG J . 20.69 5.34 46.75
C1 NAG J . 16.54 7.66 51.81
C2 NAG J . 16.01 9.02 51.26
C3 NAG J . 16.33 10.17 52.22
C4 NAG J . 15.86 9.84 53.64
C5 NAG J . 16.45 8.51 54.09
C6 NAG J . 15.94 8.09 55.45
C7 NAG J . 17.74 9.49 49.50
C8 NAG J . 17.92 9.81 48.04
N2 NAG J . 16.47 9.34 49.91
O3 NAG J . 15.71 11.37 51.77
O4 NAG J . 16.27 10.87 54.54
O5 NAG J . 16.08 7.47 53.18
O6 NAG J . 15.26 6.84 55.39
O7 NAG J . 18.71 9.40 50.26
C1 NAG K . -55.69 21.14 -25.98
C2 NAG K . -55.13 20.80 -24.58
C3 NAG K . -53.87 19.93 -24.70
C4 NAG K . -52.82 20.55 -25.62
C5 NAG K . -53.46 21.19 -26.85
C6 NAG K . -52.73 20.89 -28.12
C7 NAG K . -55.33 22.19 -22.58
C8 NAG K . -54.97 23.48 -21.92
N2 NAG K . -54.87 22.00 -23.81
O3 NAG K . -54.23 18.64 -25.17
O4 NAG K . -52.04 21.50 -24.93
O5 NAG K . -54.79 20.67 -26.99
O6 NAG K . -51.61 21.74 -28.30
O7 NAG K . -56.02 21.34 -22.00
C1 NAG K . -51.28 20.86 -23.89
C2 NAG K . -49.77 20.90 -24.20
C3 NAG K . -48.96 20.32 -23.03
C4 NAG K . -49.33 21.01 -21.73
C5 NAG K . -50.84 20.90 -21.52
C6 NAG K . -51.35 21.57 -20.26
C7 NAG K . -49.62 18.96 -25.80
C8 NAG K . -49.17 18.56 -27.18
N2 NAG K . -49.43 20.25 -25.46
O3 NAG K . -47.58 20.46 -23.35
O4 NAG K . -48.69 20.43 -20.59
O5 NAG K . -51.53 21.51 -22.63
O6 NAG K . -51.24 20.71 -19.14
O7 NAG K . -50.12 18.13 -25.04
C1 BMA K . -47.44 21.06 -20.23
C2 BMA K . -47.51 21.84 -18.85
C3 BMA K . -47.41 20.83 -17.70
C4 BMA K . -46.19 19.82 -17.87
C5 BMA K . -45.44 20.02 -19.19
C6 BMA K . -44.37 18.97 -19.50
O2 BMA K . -48.71 22.57 -18.69
O3 BMA K . -48.68 20.19 -17.53
O4 BMA K . -45.29 19.95 -16.78
O5 BMA K . -46.45 20.00 -20.24
O6 BMA K . -43.21 19.61 -20.07
C1 MAN K . -48.80 19.34 -16.37
C2 MAN K . -50.30 19.31 -15.93
C3 MAN K . -50.51 18.43 -14.67
C4 MAN K . -49.19 17.83 -14.05
C5 MAN K . -48.00 18.86 -14.08
C6 MAN K . -46.63 18.22 -14.07
O2 MAN K . -51.15 18.77 -16.95
O3 MAN K . -51.42 17.38 -14.94
O4 MAN K . -49.43 17.42 -12.72
O5 MAN K . -48.05 19.78 -15.23
O6 MAN K . -45.66 19.25 -14.13
C1 MAN K . -43.45 19.84 -21.48
C2 MAN K . -42.25 19.30 -22.34
C3 MAN K . -42.53 19.51 -23.86
C4 MAN K . -43.55 20.66 -24.18
C5 MAN K . -43.47 21.78 -23.11
C6 MAN K . -44.46 22.90 -23.34
O2 MAN K . -42.06 17.90 -22.17
O3 MAN K . -42.93 18.30 -24.48
O4 MAN K . -43.32 21.19 -25.47
O5 MAN K . -43.71 21.26 -21.75
O6 MAN K . -44.65 23.60 -22.10
C1 NAG L . 4.23 -23.89 27.68
C2 NAG L . 5.09 -24.89 26.91
C3 NAG L . 4.45 -25.18 25.55
C4 NAG L . 2.99 -25.59 25.69
C5 NAG L . 2.21 -24.70 26.68
C6 NAG L . 0.88 -25.29 27.08
C7 NAG L . 6.97 -23.39 26.17
C8 NAG L . 8.47 -23.24 26.21
N2 NAG L . 6.49 -24.48 26.78
O3 NAG L . 5.22 -26.21 24.91
O4 NAG L . 2.31 -25.44 24.45
O5 NAG L . 2.94 -24.45 27.90
O6 NAG L . 1.05 -26.35 28.01
O7 NAG L . 6.26 -22.55 25.62
C1 NAG L . 2.32 -26.52 23.50
C2 NAG L . 0.96 -27.22 23.41
C3 NAG L . 0.95 -28.25 22.28
C4 NAG L . 1.38 -27.61 20.96
C5 NAG L . 2.76 -26.96 21.13
C6 NAG L . 3.22 -26.22 19.91
C7 NAG L . -0.64 -27.97 25.11
C8 NAG L . -0.81 -28.65 26.43
N2 NAG L . 0.62 -27.84 24.67
O3 NAG L . -0.36 -28.79 22.12
O4 NAG L . 1.45 -28.59 19.93
O5 NAG L . 2.69 -25.99 22.20
O6 NAG L . 2.56 -26.69 18.73
O7 NAG L . -1.59 -27.55 24.47
C1 NAG M . -48.22 -17.36 -36.45
C2 NAG M . -47.02 -18.30 -36.16
C3 NAG M . -46.84 -18.51 -34.65
C4 NAG M . -46.89 -17.20 -33.87
C5 NAG M . -48.16 -16.46 -34.24
C6 NAG M . -48.31 -15.12 -33.55
C7 NAG M . -46.32 -20.20 -37.59
C8 NAG M . -45.00 -19.50 -37.78
N2 NAG M . -47.22 -19.58 -36.82
O3 NAG M . -45.60 -19.16 -34.42
O4 NAG M . -46.88 -17.45 -32.46
O5 NAG M . -48.13 -16.19 -35.65
O6 NAG M . -49.63 -14.60 -33.73
O7 NAG M . -46.55 -21.28 -38.11
C1 NAG M . -45.63 -17.04 -31.89
C2 NAG M . -45.87 -16.48 -30.48
C3 NAG M . -44.53 -16.11 -29.82
C4 NAG M . -43.58 -17.30 -29.84
C5 NAG M . -43.41 -17.81 -31.27
C6 NAG M . -42.56 -19.05 -31.35
C7 NAG M . -47.83 -15.16 -29.73
C8 NAG M . -48.12 -16.27 -28.75
N2 NAG M . -46.75 -15.33 -30.52
O3 NAG M . -44.78 -15.71 -28.47
O4 NAG M . -42.31 -16.90 -29.33
O5 NAG M . -44.69 -18.13 -31.82
O6 NAG M . -43.02 -20.05 -30.46
O7 NAG M . -48.53 -14.16 -29.80
C1 NAG N . 44.86 14.50 -64.52
C2 NAG N . 43.86 13.34 -64.34
C3 NAG N . 44.59 12.03 -64.04
C4 NAG N . 45.65 11.76 -65.10
C5 NAG N . 46.60 12.95 -65.21
C6 NAG N . 47.62 12.78 -66.31
C7 NAG N . 41.58 13.42 -63.43
C8 NAG N . 40.72 13.78 -62.26
N2 NAG N . 42.88 13.64 -63.29
O3 NAG N . 43.65 10.96 -64.00
O4 NAG N . 46.38 10.59 -64.77
O5 NAG N . 45.85 14.13 -65.51
O6 NAG N . 48.03 14.05 -66.81
O7 NAG N . 41.10 12.95 -64.46
C1 NAG O . 41.31 19.20 -79.50
C2 NAG O . 41.66 19.18 -81.00
C3 NAG O . 42.50 17.95 -81.34
C4 NAG O . 43.67 17.79 -80.37
C5 NAG O . 43.21 17.93 -78.91
C6 NAG O . 44.35 17.92 -77.91
C7 NAG O . 39.45 18.42 -81.93
C8 NAG O . 38.38 18.79 -82.92
N2 NAG O . 40.48 19.29 -81.85
O3 NAG O . 42.98 18.05 -82.67
O4 NAG O . 44.26 16.51 -80.52
O5 NAG O . 42.52 19.18 -78.73
O6 NAG O . 43.93 17.37 -76.67
O7 NAG O . 39.36 17.41 -81.25
C1 NAG P . 27.76 -2.38 -43.30
C2 NAG P . 26.75 -3.10 -44.22
C3 NAG P . 27.45 -3.98 -45.28
C4 NAG P . 28.82 -4.52 -44.84
C5 NAG P . 29.68 -3.49 -44.11
C6 NAG P . 30.96 -3.17 -44.84
C7 NAG P . 25.84 -4.84 -42.64
C8 NAG P . 24.57 -5.39 -42.08
N2 NAG P . 25.70 -3.83 -43.51
O3 NAG P . 27.58 -3.24 -46.48
O4 NAG P . 28.65 -5.65 -44.01
O5 NAG P . 28.99 -2.25 -43.96
O6 NAG P . 31.64 -4.35 -45.26
O7 NAG P . 26.93 -5.31 -42.34
C1 NAG Q . 46.63 -2.08 32.33
C2 NAG Q . 46.10 -1.90 33.76
C3 NAG Q . 46.57 -0.57 34.36
C4 NAG Q . 48.08 -0.58 34.45
C5 NAG Q . 48.72 -0.80 33.08
C6 NAG Q . 49.75 -1.90 33.05
C7 NAG Q . 43.71 -1.26 33.28
C8 NAG Q . 42.29 -1.64 33.56
N2 NAG Q . 44.64 -2.03 33.86
O3 NAG Q . 45.99 -0.40 35.64
O4 NAG Q . 48.54 0.64 34.99
O5 NAG Q . 47.73 -1.09 32.06
O6 NAG Q . 49.93 -2.42 31.74
O7 NAG Q . 43.98 -0.31 32.55
C1 NAG R . 51.26 1.37 27.99
C2 NAG R . 51.91 1.35 29.41
C3 NAG R . 53.27 0.63 29.43
C4 NAG R . 53.50 -0.23 28.19
C5 NAG R . 53.54 0.70 26.99
C6 NAG R . 53.68 -0.02 25.67
C7 NAG R . 51.99 2.94 31.27
C8 NAG R . 52.15 4.37 31.68
N2 NAG R . 52.03 2.69 29.95
O3 NAG R . 53.35 -0.18 30.60
O4 NAG R . 54.73 -0.93 28.29
O5 NAG R . 52.34 1.50 26.92
O6 NAG R . 54.30 -1.29 25.84
O7 NAG R . 51.83 2.05 32.09
C1 NAG S . -15.29 62.21 -42.29
C2 NAG S . -16.77 62.04 -42.64
C3 NAG S . -17.66 61.87 -41.39
C4 NAG S . -17.02 62.37 -40.09
C5 NAG S . -15.53 62.01 -39.95
C6 NAG S . -15.27 61.02 -38.84
C7 NAG S . -17.34 64.42 -43.25
C8 NAG S . -17.91 65.27 -44.34
N2 NAG S . -17.28 63.10 -43.52
O3 NAG S . -18.01 60.49 -41.25
O4 NAG S . -17.17 63.78 -40.00
O5 NAG S . -15.00 61.44 -41.15
O6 NAG S . -14.34 60.02 -39.25
O7 NAG S . -16.97 64.91 -42.18
C1 NAG T . -4.59 74.02 -48.17
C2 NAG T . -5.59 75.00 -47.54
C3 NAG T . -4.86 76.03 -46.67
C4 NAG T . -3.97 75.33 -45.65
C5 NAG T . -3.03 74.34 -46.36
C6 NAG T . -2.20 73.53 -45.39
C7 NAG T . -6.10 76.44 -49.54
C8 NAG T . -7.23 76.96 -50.39
N2 NAG T . -6.47 75.65 -48.52
O3 NAG T . -5.82 76.84 -46.00
O4 NAG T . -3.20 76.28 -44.93
O5 NAG T . -3.79 73.41 -47.14
O6 NAG T . -3.01 72.87 -44.43
O7 NAG T . -4.93 76.73 -49.79
C1 NAG U . 17.34 10.13 41.75
C2 NAG U . 17.95 11.40 41.17
C3 NAG U . 19.48 11.28 41.10
C4 NAG U . 20.05 10.90 42.47
C5 NAG U . 19.36 9.65 43.01
C6 NAG U . 19.78 9.30 44.42
C7 NAG U . 16.84 12.83 39.48
C8 NAG U . 16.76 13.90 40.53
N2 NAG U . 17.41 11.67 39.85
O3 NAG U . 20.04 12.51 40.67
O4 NAG U . 21.44 10.64 42.36
O5 NAG U . 17.94 9.86 43.05
O6 NAG U . 20.05 10.47 45.18
O7 NAG U . 16.41 13.01 38.35
C1 NAG V . -52.07 0.91 2.79
C2 NAG V . -51.13 2.03 3.28
C3 NAG V . -50.40 1.60 4.56
C4 NAG V . -51.39 1.08 5.61
C5 NAG V . -52.30 0.02 5.00
C6 NAG V . -53.37 -0.45 5.95
C7 NAG V . -49.24 1.76 1.64
C8 NAG V . -48.42 2.50 0.63
N2 NAG V . -50.20 2.48 2.25
O3 NAG V . -49.68 2.71 5.09
O4 NAG V . -50.67 0.51 6.69
O5 NAG V . -52.98 0.55 3.84
O6 NAG V . -54.59 -0.73 5.26
O7 NAG V . -49.04 0.57 1.88
C1 NAG W . -57.19 21.70 -1.96
C2 NAG W . -57.46 23.17 -2.38
C3 NAG W . -57.80 24.04 -1.15
C4 NAG W . -58.91 23.39 -0.33
C5 NAG W . -58.49 21.97 0.06
C6 NAG W . -59.55 21.25 0.85
C7 NAG W . -56.44 24.65 -4.05
C8 NAG W . -55.16 25.12 -4.67
N2 NAG W . -56.32 23.73 -3.09
O3 NAG W . -58.21 25.33 -1.58
O4 NAG W . -59.15 24.16 0.85
O5 NAG W . -58.28 21.22 -1.14
O6 NAG W . -58.99 20.59 1.98
O7 NAG W . -57.53 25.08 -4.40
C1 NAG X . -6.15 -24.26 32.33
C2 NAG X . -5.48 -25.55 31.83
C3 NAG X . -6.34 -26.75 32.22
C4 NAG X . -6.69 -26.73 33.71
C5 NAG X . -7.23 -25.37 34.14
C6 NAG X . -7.42 -25.24 35.64
C7 NAG X . -4.29 -26.20 29.78
C8 NAG X . -4.21 -26.04 28.30
N2 NAG X . -5.26 -25.51 30.40
O3 NAG X . -5.67 -27.97 31.90
O4 NAG X . -7.67 -27.72 33.98
O5 NAG X . -6.32 -24.33 33.75
O6 NAG X . -6.19 -24.99 36.29
O7 NAG X . -3.52 -26.92 30.40
C1 NAG Y . -53.43 -21.21 -72.75
C2 NAG Y . -53.43 -21.90 -74.11
C3 NAG Y . -53.65 -23.40 -73.94
C4 NAG Y . -52.59 -23.97 -73.00
C5 NAG Y . -52.63 -23.24 -71.66
C6 NAG Y . -51.53 -23.67 -70.73
C7 NAG Y . -54.16 -20.49 -75.98
C8 NAG Y . -55.32 -20.00 -76.78
N2 NAG Y . -54.45 -21.33 -74.98
O3 NAG Y . -53.56 -24.04 -75.21
O4 NAG Y . -52.82 -25.36 -72.79
O5 NAG Y . -52.46 -21.83 -71.88
O6 NAG Y . -50.25 -23.37 -71.27
O7 NAG Y . -53.01 -20.13 -76.21
C1 NAG Z . -19.15 -0.84 -34.61
C2 NAG Z . -17.73 -1.30 -34.22
C3 NAG Z . -17.77 -2.59 -33.39
C4 NAG Z . -18.55 -3.72 -34.07
C5 NAG Z . -19.69 -3.17 -34.93
C6 NAG Z . -20.90 -4.06 -34.97
C7 NAG Z . -15.93 -0.58 -35.77
C8 NAG Z . -15.76 0.64 -34.91
N2 NAG Z . -16.88 -1.46 -35.39
O3 NAG Z . -18.33 -2.32 -32.11
O4 NAG Z . -17.67 -4.51 -34.86
O5 NAG Z . -20.11 -1.91 -34.38
O6 NAG Z . -21.66 -3.81 -36.15
O7 NAG Z . -15.24 -0.78 -36.77
C1 NAG AA . -24.51 -19.52 -39.60
C2 NAG AA . -25.04 -20.79 -38.90
C3 NAG AA . -24.22 -22.01 -39.33
C4 NAG AA . -24.22 -22.14 -40.85
C5 NAG AA . -23.70 -20.86 -41.49
C6 NAG AA . -23.82 -20.87 -43.00
C7 NAG AA . -25.98 -21.08 -36.66
C8 NAG AA . -25.78 -20.85 -35.19
N2 NAG AA . -25.00 -20.64 -37.46
O3 NAG AA . -24.78 -23.18 -38.75
O4 NAG AA . -23.40 -23.24 -41.25
O5 NAG AA . -24.47 -19.73 -41.03
O6 NAG AA . -25.03 -20.27 -43.42
O7 NAG AA . -26.98 -21.64 -37.10
C1 NAG BA . 33.77 -26.39 15.95
C2 NAG BA . 34.14 -26.81 14.53
C3 NAG BA . 35.15 -25.83 13.94
C4 NAG BA . 34.64 -24.40 14.03
C5 NAG BA . 34.19 -24.06 15.46
C6 NAG BA . 33.51 -22.72 15.58
C7 NAG BA . 34.33 -29.04 13.53
C8 NAG BA . 34.95 -30.40 13.64
N2 NAG BA . 34.66 -28.17 14.48
O3 NAG BA . 35.42 -26.17 12.59
O4 NAG BA . 35.65 -23.48 13.63
O5 NAG BA . 33.26 -25.04 15.94
O6 NAG BA . 33.70 -22.17 16.87
O7 NAG BA . 33.58 -28.74 12.61
C1 NAG CA . 31.48 -31.09 7.04
C2 NAG CA . 33.01 -31.20 7.20
C3 NAG CA . 33.50 -32.64 7.06
C4 NAG CA . 32.55 -33.58 7.79
C5 NAG CA . 31.28 -33.66 6.96
C6 NAG CA . 30.09 -34.18 7.74
C7 NAG CA . 34.67 -29.45 6.61
C8 NAG CA . 35.00 -29.35 8.08
N2 NAG CA . 33.72 -30.33 6.26
O3 NAG CA . 34.81 -32.75 7.61
O4 NAG CA . 33.14 -34.87 7.91
O5 NAG CA . 30.92 -32.38 6.42
O6 NAG CA . 28.90 -34.11 6.97
O7 NAG CA . 35.23 -28.75 5.78
#